data_8JWN
#
_entry.id   8JWN
#
_cell.length_a   83.127
_cell.length_b   198.732
_cell.length_c   200.468
_cell.angle_alpha   90.000
_cell.angle_beta   90.000
_cell.angle_gamma   90.000
#
_symmetry.space_group_name_H-M   'P 2 21 21'
#
loop_
_entity.id
_entity.type
_entity.pdbx_description
1 polymer 'Aldo/keto reductase'
2 non-polymer 'NADPH DIHYDRO-NICOTINAMIDE-ADENINE-DINUCLEOTIDE PHOSPHATE'
3 water water
#
_entity_poly.entity_id   1
_entity_poly.type   'polypeptide(L)'
_entity_poly.pdbx_seq_one_letter_code
;MGSSHHHHHHSSGLVPRGSHMEYTQLGRIGLKVSRLVLGTMNFGPTTDEAESHAIMDAALDAGINFFDTANVYGWGENKG
RTEEILGSWFAQGGDRRDKVVLATKVYGNMGLDGPAWPNHDKLSALNIRRSVDASLKRLGTDHIDLYQFHHVDRDTPWDE
IWQAMDVLVRQGKILYVGSSNFAGWNIAQANETAARHGRLGLVSEQCLYNLCERRAEMEVVPAAREYGLGVIAWSPLHGG
LLGGAIRKEQEGGNRRAASGRAADALKDPQQREQIQRYEDLLDKHGLEPGEVALAWLLTRPGVTGPIVGPRTADQLASAV
RAAELTLTDEVLTALDEIFPGPGPSPEAFAW
;
_entity_poly.pdbx_strand_id   A,B,C,D,E,F,G,H
#
loop_
_chem_comp.id
_chem_comp.type
_chem_comp.name
_chem_comp.formula
NDP non-polymer 'NADPH DIHYDRO-NICOTINAMIDE-ADENINE-DINUCLEOTIDE PHOSPHATE' 'C21 H30 N7 O17 P3'
#
# COMPACT_ATOMS: atom_id res chain seq x y z
N MET A 21 15.31 33.96 -25.22
CA MET A 21 15.38 32.51 -24.97
C MET A 21 14.06 31.93 -24.49
N GLU A 22 13.67 30.78 -25.07
CA GLU A 22 12.43 30.10 -24.74
C GLU A 22 12.61 29.13 -23.57
N TYR A 23 11.64 29.12 -22.65
CA TYR A 23 11.70 28.23 -21.50
C TYR A 23 10.53 27.26 -21.50
N THR A 24 10.68 26.20 -20.68
CA THR A 24 9.66 25.19 -20.60
C THR A 24 9.86 24.35 -19.35
N GLN A 25 8.79 23.72 -18.91
CA GLN A 25 8.90 22.77 -17.81
C GLN A 25 9.61 21.50 -18.30
N LEU A 26 10.47 20.95 -17.44
CA LEU A 26 11.15 19.69 -17.76
C LEU A 26 10.16 18.55 -17.53
N GLY A 27 9.44 18.17 -18.59
CA GLY A 27 8.38 17.19 -18.43
C GLY A 27 7.33 17.66 -17.42
N ARG A 28 6.97 16.76 -16.50
CA ARG A 28 5.94 17.03 -15.49
C ARG A 28 6.45 17.80 -14.27
N ILE A 29 7.74 18.03 -14.13
CA ILE A 29 8.20 18.50 -12.83
C ILE A 29 8.22 20.02 -12.82
N GLY A 30 8.45 20.60 -11.63
CA GLY A 30 8.36 22.04 -11.46
C GLY A 30 9.58 22.82 -11.91
N LEU A 31 10.63 22.11 -12.33
CA LEU A 31 11.86 22.73 -12.82
C LEU A 31 11.65 23.35 -14.20
N LYS A 32 12.04 24.61 -14.34
CA LYS A 32 11.95 25.33 -15.60
C LYS A 32 13.33 25.38 -16.25
N VAL A 33 13.41 25.03 -17.55
CA VAL A 33 14.71 24.95 -18.24
C VAL A 33 14.63 25.66 -19.58
N SER A 34 15.78 26.17 -20.03
CA SER A 34 15.87 26.67 -21.40
C SER A 34 15.66 25.53 -22.39
N ARG A 35 15.13 25.87 -23.56
CA ARG A 35 14.95 24.85 -24.58
C ARG A 35 16.26 24.48 -25.26
N LEU A 36 17.33 25.24 -25.04
CA LEU A 36 18.68 24.81 -25.36
C LEU A 36 19.37 24.38 -24.08
N VAL A 37 19.91 23.16 -24.09
CA VAL A 37 20.74 22.66 -23.00
C VAL A 37 22.18 22.78 -23.45
N LEU A 38 23.03 23.31 -22.57
CA LEU A 38 24.45 23.46 -22.93
C LEU A 38 25.18 22.15 -22.66
N GLY A 39 25.54 21.43 -23.72
CA GLY A 39 26.39 20.25 -23.56
C GLY A 39 27.84 20.65 -23.38
N THR A 40 28.57 19.91 -22.55
CA THR A 40 29.93 20.30 -22.19
C THR A 40 30.99 19.27 -22.60
N MET A 41 30.63 18.27 -23.40
CA MET A 41 31.54 17.16 -23.70
C MET A 41 32.83 17.65 -24.37
N ASN A 42 32.75 18.68 -25.22
CA ASN A 42 33.92 19.29 -25.86
C ASN A 42 34.83 20.05 -24.89
N PHE A 43 34.36 20.40 -23.70
CA PHE A 43 35.13 21.28 -22.81
C PHE A 43 36.26 20.47 -22.19
N GLY A 44 37.48 20.65 -22.68
CA GLY A 44 38.60 19.85 -22.25
C GLY A 44 39.31 19.22 -23.43
N PRO A 45 38.66 18.26 -24.09
CA PRO A 45 39.34 17.56 -25.20
C PRO A 45 39.56 18.43 -26.42
N THR A 46 38.61 19.28 -26.71
CA THR A 46 38.50 19.97 -27.98
C THR A 46 38.48 21.48 -27.81
N THR A 47 37.98 21.96 -26.67
CA THR A 47 37.88 23.36 -26.28
C THR A 47 38.66 23.54 -24.99
N ASP A 48 39.54 24.53 -24.95
CA ASP A 48 40.38 24.64 -23.78
C ASP A 48 39.63 25.33 -22.65
N GLU A 49 40.26 25.37 -21.47
CA GLU A 49 39.54 25.78 -20.26
C GLU A 49 39.02 27.21 -20.39
N ALA A 50 39.85 28.14 -20.90
CA ALA A 50 39.43 29.54 -20.95
C ALA A 50 38.28 29.74 -21.93
N GLU A 51 38.35 29.08 -23.08
CA GLU A 51 37.27 29.20 -24.07
C GLU A 51 36.01 28.48 -23.59
N SER A 52 36.16 27.41 -22.80
CA SER A 52 34.99 26.74 -22.22
C SER A 52 34.27 27.66 -21.25
N HIS A 53 35.03 28.32 -20.37
CA HIS A 53 34.48 29.33 -19.48
C HIS A 53 33.76 30.43 -20.25
N ALA A 54 34.36 30.86 -21.36
CA ALA A 54 33.73 31.93 -22.13
C ALA A 54 32.44 31.47 -22.79
N ILE A 55 32.40 30.21 -23.24
CA ILE A 55 31.17 29.69 -23.80
C ILE A 55 30.08 29.60 -22.72
N MET A 56 30.46 29.25 -21.49
CA MET A 56 29.48 29.11 -20.43
C MET A 56 28.93 30.49 -20.03
N ASP A 57 29.81 31.48 -19.84
CA ASP A 57 29.34 32.85 -19.59
C ASP A 57 28.38 33.31 -20.69
N ALA A 58 28.71 33.00 -21.95
CA ALA A 58 27.84 33.40 -23.04
C ALA A 58 26.51 32.66 -23.02
N ALA A 59 26.52 31.40 -22.58
CA ALA A 59 25.28 30.66 -22.45
C ALA A 59 24.37 31.28 -21.38
N LEU A 60 24.94 31.66 -20.23
CA LEU A 60 24.17 32.36 -19.21
C LEU A 60 23.59 33.67 -19.78
N ASP A 61 24.45 34.50 -20.38
CA ASP A 61 23.99 35.77 -20.94
C ASP A 61 22.85 35.57 -21.91
N ALA A 62 22.89 34.50 -22.69
CA ALA A 62 21.78 34.17 -23.58
C ALA A 62 20.61 33.54 -22.85
N GLY A 63 20.70 33.31 -21.55
CA GLY A 63 19.59 32.77 -20.79
C GLY A 63 19.54 31.26 -20.67
N ILE A 64 20.60 30.55 -21.05
CA ILE A 64 20.65 29.10 -20.91
C ILE A 64 20.98 28.76 -19.47
N ASN A 65 20.09 28.02 -18.82
CA ASN A 65 20.21 27.76 -17.37
C ASN A 65 20.44 26.29 -17.06
N PHE A 66 20.70 25.46 -18.07
CA PHE A 66 20.69 24.02 -17.94
C PHE A 66 21.95 23.51 -18.63
N PHE A 67 22.87 22.94 -17.86
CA PHE A 67 24.16 22.44 -18.35
C PHE A 67 24.22 20.93 -18.17
N ASP A 68 24.73 20.22 -19.19
CA ASP A 68 24.88 18.77 -19.12
C ASP A 68 26.35 18.38 -19.17
N THR A 69 26.78 17.53 -18.24
CA THR A 69 28.15 17.06 -18.22
C THR A 69 28.13 15.59 -17.79
N ALA A 70 29.32 15.02 -17.58
CA ALA A 70 29.42 13.64 -17.13
C ALA A 70 30.76 13.50 -16.45
N ASN A 71 30.84 12.53 -15.52
CA ASN A 71 32.11 12.31 -14.84
C ASN A 71 33.16 11.83 -15.84
N VAL A 72 32.77 11.02 -16.83
CA VAL A 72 33.75 10.52 -17.79
C VAL A 72 34.29 11.59 -18.75
N TYR A 73 33.64 12.75 -18.89
CA TYR A 73 34.09 13.72 -19.89
C TYR A 73 35.48 14.27 -19.57
N GLY A 74 36.27 14.51 -20.62
CA GLY A 74 37.66 14.88 -20.48
C GLY A 74 38.61 14.00 -21.29
N TRP A 75 38.20 12.74 -21.50
CA TRP A 75 38.89 11.68 -22.26
C TRP A 75 40.15 11.12 -21.62
N GLY A 76 40.28 9.80 -21.69
CA GLY A 76 41.56 9.15 -21.47
C GLY A 76 42.03 9.32 -20.04
N GLU A 77 43.26 9.81 -19.91
CA GLU A 77 43.82 10.09 -18.60
C GLU A 77 43.13 11.28 -17.95
N ASN A 78 42.42 12.08 -18.73
CA ASN A 78 41.78 13.30 -18.24
C ASN A 78 40.27 13.13 -18.05
N LYS A 79 39.82 11.91 -17.81
CA LYS A 79 38.43 11.74 -17.43
C LYS A 79 38.15 12.54 -16.16
N GLY A 80 37.14 13.40 -16.20
CA GLY A 80 36.80 14.26 -15.09
C GLY A 80 37.21 15.71 -15.27
N ARG A 81 38.01 16.04 -16.29
CA ARG A 81 38.48 17.41 -16.46
C ARG A 81 37.32 18.32 -16.86
N THR A 82 36.34 17.78 -17.56
CA THR A 82 35.19 18.61 -17.89
C THR A 82 34.46 19.05 -16.61
N GLU A 83 34.24 18.12 -15.67
CA GLU A 83 33.66 18.52 -14.39
C GLU A 83 34.55 19.51 -13.67
N GLU A 84 35.88 19.34 -13.73
CA GLU A 84 36.77 20.30 -13.10
C GLU A 84 36.70 21.66 -13.78
N ILE A 85 36.52 21.68 -15.11
CA ILE A 85 36.41 22.96 -15.79
C ILE A 85 35.13 23.70 -15.36
N LEU A 86 34.03 22.97 -15.13
CA LEU A 86 32.86 23.61 -14.56
C LEU A 86 33.11 24.01 -13.11
N GLY A 87 33.81 23.15 -12.36
CA GLY A 87 34.16 23.52 -11.00
C GLY A 87 34.83 24.88 -10.93
N SER A 88 35.81 25.11 -11.81
CA SER A 88 36.54 26.37 -11.78
C SER A 88 35.72 27.53 -12.33
N TRP A 89 34.72 27.26 -13.17
CA TRP A 89 33.82 28.31 -13.62
C TRP A 89 32.89 28.76 -12.48
N PHE A 90 32.29 27.80 -11.77
CA PHE A 90 31.49 28.12 -10.59
C PHE A 90 32.32 28.90 -9.58
N ALA A 91 33.58 28.51 -9.39
CA ALA A 91 34.39 29.09 -8.33
C ALA A 91 34.69 30.56 -8.53
N GLN A 92 34.47 31.09 -9.74
CA GLN A 92 34.55 32.53 -9.98
C GLN A 92 33.40 33.29 -9.33
N GLY A 93 32.35 32.60 -8.88
CA GLY A 93 31.26 33.31 -8.22
C GLY A 93 30.38 34.00 -9.24
N GLY A 94 29.82 35.15 -8.86
CA GLY A 94 28.88 35.83 -9.73
C GLY A 94 27.57 35.10 -9.87
N ASP A 95 27.20 34.28 -8.89
CA ASP A 95 25.93 33.55 -8.85
C ASP A 95 25.81 32.48 -9.93
N ARG A 96 26.95 32.01 -10.45
CA ARG A 96 26.93 31.04 -11.54
C ARG A 96 26.29 29.71 -11.11
N ARG A 97 26.74 29.16 -9.98
CA ARG A 97 26.16 27.91 -9.48
C ARG A 97 24.66 28.06 -9.24
N ASP A 98 24.27 29.12 -8.51
CA ASP A 98 22.86 29.33 -8.17
C ASP A 98 21.96 29.50 -9.39
N LYS A 99 22.49 29.97 -10.51
CA LYS A 99 21.68 30.20 -11.69
C LYS A 99 21.58 28.98 -12.60
N VAL A 100 22.44 27.98 -12.42
CA VAL A 100 22.54 26.88 -13.36
C VAL A 100 21.91 25.63 -12.77
N VAL A 101 21.06 24.98 -13.57
CA VAL A 101 20.65 23.59 -13.31
C VAL A 101 21.80 22.69 -13.77
N LEU A 102 22.47 22.06 -12.82
CA LEU A 102 23.69 21.33 -13.10
C LEU A 102 23.37 19.84 -13.23
N ALA A 103 23.66 19.25 -14.39
CA ALA A 103 23.38 17.84 -14.60
C ALA A 103 24.69 17.09 -14.86
N THR A 104 24.85 15.92 -14.27
CA THR A 104 25.98 15.06 -14.63
C THR A 104 25.52 13.61 -14.57
N LYS A 105 26.47 12.66 -14.58
CA LYS A 105 26.17 11.29 -14.93
C LYS A 105 27.01 10.31 -14.12
N VAL A 106 26.43 9.14 -13.90
CA VAL A 106 27.12 7.99 -13.30
C VAL A 106 26.80 6.80 -14.18
N TYR A 107 27.77 5.87 -14.26
CA TYR A 107 27.74 4.58 -14.99
C TYR A 107 29.08 4.30 -15.63
N GLY A 108 29.66 5.30 -16.28
CA GLY A 108 30.84 5.07 -17.08
C GLY A 108 32.07 4.75 -16.24
N ASN A 109 33.07 4.19 -16.92
CA ASN A 109 34.33 3.82 -16.28
C ASN A 109 35.28 5.00 -16.27
N MET A 110 35.81 5.36 -15.11
CA MET A 110 36.71 6.50 -14.98
C MET A 110 38.18 6.19 -15.19
N GLY A 111 38.51 4.95 -15.46
CA GLY A 111 39.88 4.58 -15.74
C GLY A 111 40.14 4.53 -17.21
N LEU A 112 41.30 4.07 -17.62
CA LEU A 112 41.60 3.95 -19.04
C LEU A 112 41.14 2.63 -19.64
N GLY A 114 41.01 -0.36 -20.48
CA GLY A 114 39.81 -1.05 -20.93
C GLY A 114 38.86 -1.52 -19.84
N PRO A 115 38.83 -2.82 -19.58
CA PRO A 115 37.88 -3.38 -18.60
C PRO A 115 37.98 -2.79 -17.20
N ALA A 116 36.87 -2.29 -16.71
CA ALA A 116 36.87 -1.68 -15.40
C ALA A 116 36.94 -2.64 -14.24
N TRP A 117 37.49 -2.19 -13.14
CA TRP A 117 37.51 -2.99 -11.93
C TRP A 117 36.05 -3.19 -11.56
N PRO A 118 35.73 -4.37 -11.06
CA PRO A 118 34.35 -4.61 -10.67
C PRO A 118 33.72 -3.52 -9.82
N ASN A 119 32.51 -3.07 -10.17
CA ASN A 119 31.76 -2.09 -9.42
C ASN A 119 32.42 -0.71 -9.46
N HIS A 120 33.34 -0.48 -10.40
CA HIS A 120 33.82 0.86 -10.65
C HIS A 120 33.20 1.46 -11.91
N ASP A 121 32.23 0.75 -12.49
CA ASP A 121 31.32 1.26 -13.51
C ASP A 121 29.94 0.67 -13.21
N LYS A 122 28.97 0.95 -14.08
CA LYS A 122 27.56 0.52 -13.93
C LYS A 122 26.87 1.16 -12.73
N LEU A 123 25.67 0.65 -12.37
CA LEU A 123 24.72 1.35 -11.49
C LEU A 123 24.49 0.65 -10.14
N SER A 124 25.39 -0.24 -9.72
CA SER A 124 25.30 -0.74 -8.35
C SER A 124 25.34 0.42 -7.34
N ALA A 125 24.67 0.21 -6.20
CA ALA A 125 24.71 1.22 -5.15
C ALA A 125 26.14 1.55 -4.73
N LEU A 126 27.06 0.56 -4.83
CA LEU A 126 28.46 0.80 -4.51
C LEU A 126 29.08 1.82 -5.48
N ASN A 127 28.89 1.63 -6.79
CA ASN A 127 29.46 2.61 -7.72
C ASN A 127 28.76 3.98 -7.61
N ILE A 128 27.46 4.00 -7.29
CA ILE A 128 26.77 5.29 -7.19
C ILE A 128 27.37 6.10 -6.04
N ARG A 129 27.64 5.45 -4.91
CA ARG A 129 28.18 6.17 -3.75
C ARG A 129 29.53 6.82 -4.07
N ARG A 130 30.47 6.06 -4.64
CA ARG A 130 31.80 6.62 -4.90
C ARG A 130 31.78 7.61 -6.08
N SER A 131 30.91 7.40 -7.07
CA SER A 131 30.90 8.31 -8.22
C SER A 131 30.31 9.67 -7.88
N VAL A 132 29.26 9.71 -7.07
CA VAL A 132 28.71 11.01 -6.72
C VAL A 132 29.75 11.83 -5.94
N ASP A 133 30.49 11.19 -5.01
CA ASP A 133 31.44 11.95 -4.21
C ASP A 133 32.55 12.53 -5.08
N ALA A 134 33.10 11.71 -5.98
CA ALA A 134 34.12 12.21 -6.91
C ALA A 134 33.58 13.34 -7.77
N SER A 135 32.37 13.19 -8.31
CA SER A 135 31.80 14.25 -9.14
C SER A 135 31.60 15.54 -8.33
N LEU A 136 31.14 15.42 -7.09
CA LEU A 136 30.90 16.60 -6.26
C LEU A 136 32.22 17.30 -5.93
N LYS A 137 33.28 16.52 -5.69
CA LYS A 137 34.60 17.10 -5.46
C LYS A 137 35.13 17.82 -6.71
N ARG A 138 34.97 17.20 -7.88
CA ARG A 138 35.53 17.85 -9.07
C ARG A 138 34.73 19.09 -9.45
N LEU A 139 33.43 19.10 -9.19
CA LEU A 139 32.58 20.22 -9.54
C LEU A 139 32.64 21.34 -8.51
N GLY A 140 33.25 21.09 -7.35
CA GLY A 140 33.33 22.10 -6.32
C GLY A 140 31.98 22.62 -5.87
N THR A 141 31.01 21.72 -5.71
CA THR A 141 29.67 22.09 -5.26
C THR A 141 29.22 21.03 -4.27
N ASP A 142 28.34 21.44 -3.35
CA ASP A 142 27.79 20.46 -2.43
C ASP A 142 26.56 19.73 -2.99
N HIS A 143 26.08 20.05 -4.20
CA HIS A 143 24.95 19.28 -4.70
C HIS A 143 24.91 19.25 -6.24
N ILE A 144 24.35 18.16 -6.77
CA ILE A 144 24.05 18.04 -8.19
C ILE A 144 22.53 18.18 -8.37
N ASP A 145 22.11 19.00 -9.33
CA ASP A 145 20.66 19.18 -9.51
C ASP A 145 20.00 17.99 -10.20
N LEU A 146 20.60 17.48 -11.26
CA LEU A 146 20.01 16.41 -12.04
C LEU A 146 21.09 15.35 -12.22
N TYR A 147 20.96 14.26 -11.49
CA TYR A 147 21.96 13.20 -11.52
C TYR A 147 21.43 12.09 -12.44
N GLN A 148 22.18 11.77 -13.48
CA GLN A 148 21.65 10.95 -14.56
C GLN A 148 22.39 9.63 -14.65
N PHE A 149 21.63 8.56 -14.86
CA PHE A 149 22.22 7.29 -15.28
C PHE A 149 22.66 7.42 -16.75
N HIS A 150 23.95 7.22 -17.01
CA HIS A 150 24.49 7.38 -18.36
C HIS A 150 23.92 6.34 -19.34
N HIS A 151 23.51 5.18 -18.84
CA HIS A 151 23.05 4.08 -19.66
C HIS A 151 22.21 3.19 -18.77
N VAL A 152 21.28 2.45 -19.37
CA VAL A 152 20.60 1.40 -18.59
C VAL A 152 21.63 0.35 -18.19
N ASP A 153 21.51 -0.12 -16.95
CA ASP A 153 22.29 -1.25 -16.45
C ASP A 153 21.31 -2.39 -16.16
N ARG A 154 21.27 -3.36 -17.05
CA ARG A 154 20.33 -4.45 -16.88
C ARG A 154 20.63 -5.31 -15.66
N ASP A 155 21.81 -5.16 -15.05
CA ASP A 155 22.15 -6.04 -13.93
C ASP A 155 21.81 -5.46 -12.57
N THR A 156 21.33 -4.22 -12.49
CA THR A 156 21.01 -3.61 -11.21
C THR A 156 19.50 -3.41 -11.09
N PRO A 157 18.87 -4.01 -10.08
CA PRO A 157 17.41 -3.86 -9.93
C PRO A 157 17.05 -2.46 -9.44
N TRP A 158 15.80 -2.08 -9.75
CA TRP A 158 15.35 -0.73 -9.43
C TRP A 158 15.19 -0.49 -7.92
N ASP A 159 14.89 -1.51 -7.11
CA ASP A 159 14.86 -1.22 -5.68
C ASP A 159 16.27 -0.92 -5.13
N GLU A 160 17.32 -1.51 -5.72
CA GLU A 160 18.69 -1.12 -5.36
C GLU A 160 18.97 0.32 -5.81
N ILE A 161 18.69 0.62 -7.08
CA ILE A 161 18.98 1.95 -7.62
C ILE A 161 18.30 3.02 -6.79
N TRP A 162 16.99 2.86 -6.55
CA TRP A 162 16.24 3.92 -5.87
C TRP A 162 16.64 4.03 -4.39
N GLN A 163 17.09 2.94 -3.77
CA GLN A 163 17.73 3.07 -2.46
C GLN A 163 18.92 4.01 -2.57
N ALA A 164 19.78 3.79 -3.56
CA ALA A 164 20.99 4.59 -3.71
C ALA A 164 20.67 6.05 -3.95
N MET A 165 19.72 6.34 -4.84
CA MET A 165 19.40 7.74 -5.13
C MET A 165 18.68 8.39 -3.94
N ASP A 166 17.79 7.64 -3.28
CA ASP A 166 17.09 8.19 -2.13
C ASP A 166 18.05 8.56 -1.01
N VAL A 167 19.12 7.79 -0.80
CA VAL A 167 20.11 8.20 0.21
C VAL A 167 20.67 9.57 -0.14
N LEU A 168 20.98 9.79 -1.41
CA LEU A 168 21.56 11.06 -1.83
C LEU A 168 20.54 12.18 -1.78
N VAL A 169 19.28 11.91 -2.18
CA VAL A 169 18.24 12.94 -2.10
C VAL A 169 18.09 13.43 -0.66
N ARG A 170 17.99 12.49 0.29
CA ARG A 170 17.69 12.85 1.67
C ARG A 170 18.89 13.49 2.35
N GLN A 171 20.11 13.30 1.83
CA GLN A 171 21.28 14.01 2.31
C GLN A 171 21.45 15.38 1.66
N GLY A 172 20.63 15.74 0.68
CA GLY A 172 20.82 16.99 -0.03
C GLY A 172 21.91 16.99 -1.10
N LYS A 173 22.52 15.84 -1.41
CA LYS A 173 23.59 15.82 -2.41
C LYS A 173 23.06 15.87 -3.84
N ILE A 174 21.84 15.36 -4.10
CA ILE A 174 21.19 15.49 -5.40
C ILE A 174 19.75 15.94 -5.17
N LEU A 175 19.17 16.50 -6.23
CA LEU A 175 17.77 16.90 -6.22
C LEU A 175 16.91 15.96 -7.06
N TYR A 176 17.24 15.82 -8.35
CA TYR A 176 16.44 15.08 -9.28
C TYR A 176 17.25 13.93 -9.87
N VAL A 177 16.53 12.94 -10.40
CA VAL A 177 17.17 11.81 -11.05
C VAL A 177 16.68 11.76 -12.48
N GLY A 178 17.60 11.51 -13.42
CA GLY A 178 17.24 11.37 -14.81
C GLY A 178 17.87 10.13 -15.40
N SER A 179 17.39 9.76 -16.57
CA SER A 179 17.98 8.64 -17.29
C SER A 179 18.64 9.12 -18.57
N SER A 180 19.48 8.24 -19.11
CA SER A 180 20.05 8.41 -20.43
C SER A 180 20.24 7.04 -21.07
N ASN A 181 19.98 6.98 -22.38
CA ASN A 181 20.11 5.76 -23.15
C ASN A 181 19.35 4.62 -22.48
N PHE A 182 18.09 4.88 -22.13
CA PHE A 182 17.17 3.86 -21.67
C PHE A 182 16.35 3.36 -22.85
N ALA A 183 15.76 2.18 -22.69
CA ALA A 183 14.61 1.81 -23.51
C ALA A 183 13.34 2.35 -22.87
N GLY A 184 12.29 2.50 -23.69
CA GLY A 184 11.02 2.98 -23.17
C GLY A 184 10.51 2.20 -21.97
N TRP A 185 10.66 0.87 -22.00
CA TRP A 185 10.16 0.07 -20.89
C TRP A 185 11.04 0.19 -19.66
N ASN A 186 12.32 0.58 -19.80
CA ASN A 186 13.14 0.89 -18.63
C ASN A 186 12.60 2.11 -17.90
N ILE A 187 12.19 3.14 -18.66
CA ILE A 187 11.55 4.32 -18.07
C ILE A 187 10.27 3.92 -17.32
N ALA A 188 9.43 3.08 -17.94
CA ALA A 188 8.19 2.70 -17.28
C ALA A 188 8.48 1.94 -16.00
N GLN A 189 9.34 0.93 -16.07
CA GLN A 189 9.70 0.15 -14.89
C GLN A 189 10.32 1.02 -13.79
N ALA A 190 11.20 1.95 -14.16
CA ALA A 190 11.82 2.81 -13.15
C ALA A 190 10.78 3.65 -12.42
N ASN A 191 9.89 4.30 -13.16
CA ASN A 191 9.00 5.25 -12.52
C ASN A 191 7.84 4.57 -11.81
N GLU A 192 7.37 3.42 -12.30
CA GLU A 192 6.37 2.69 -11.54
C GLU A 192 6.95 2.22 -10.21
N THR A 193 8.20 1.75 -10.23
CA THR A 193 8.83 1.31 -9.00
C THR A 193 9.03 2.47 -8.04
N ALA A 194 9.42 3.63 -8.56
CA ALA A 194 9.53 4.80 -7.69
C ALA A 194 8.16 5.14 -7.09
N ALA A 195 7.12 5.17 -7.93
CA ALA A 195 5.80 5.61 -7.46
C ALA A 195 5.27 4.70 -6.35
N ARG A 196 5.62 3.41 -6.37
CA ARG A 196 5.11 2.49 -5.35
C ARG A 196 5.42 2.98 -3.93
N HIS A 197 6.50 3.72 -3.78
CA HIS A 197 6.93 4.10 -2.44
C HIS A 197 7.16 5.60 -2.34
N GLY A 198 6.33 6.37 -3.06
CA GLY A 198 6.29 7.80 -2.94
C GLY A 198 7.45 8.54 -3.55
N ARG A 199 8.43 7.85 -4.13
CA ARG A 199 9.61 8.49 -4.66
C ARG A 199 9.31 9.20 -5.99
N LEU A 200 9.89 10.38 -6.15
CA LEU A 200 9.88 11.06 -7.44
C LEU A 200 10.73 10.26 -8.42
N GLY A 201 10.15 9.92 -9.58
CA GLY A 201 10.84 9.04 -10.52
C GLY A 201 11.81 9.81 -11.38
N LEU A 202 12.19 9.19 -12.50
CA LEU A 202 12.98 9.89 -13.50
C LEU A 202 12.25 11.14 -13.96
N VAL A 203 12.96 12.26 -14.02
CA VAL A 203 12.36 13.50 -14.51
C VAL A 203 12.69 13.75 -15.98
N SER A 204 13.61 13.00 -16.56
CA SER A 204 14.02 13.26 -17.93
C SER A 204 14.75 12.05 -18.45
N GLU A 205 14.74 11.92 -19.77
CA GLU A 205 15.51 10.93 -20.51
C GLU A 205 16.39 11.67 -21.49
N GLN A 206 17.66 11.32 -21.53
CA GLN A 206 18.61 11.98 -22.44
C GLN A 206 18.88 10.95 -23.52
N CYS A 207 18.24 11.07 -24.68
CA CYS A 207 18.42 10.04 -25.69
C CYS A 207 19.01 10.64 -26.97
N LEU A 208 19.56 9.75 -27.79
CA LEU A 208 20.06 10.14 -29.11
C LEU A 208 18.87 10.38 -30.03
N TYR A 209 18.78 11.58 -30.59
CA TYR A 209 17.63 11.90 -31.42
C TYR A 209 18.00 13.07 -32.31
N ASN A 210 17.96 12.87 -33.61
CA ASN A 210 18.21 13.92 -34.58
C ASN A 210 17.68 13.46 -35.92
N LEU A 211 17.89 14.29 -36.95
CA LEU A 211 17.39 13.96 -38.28
C LEU A 211 17.90 12.61 -38.77
N CYS A 212 19.18 12.30 -38.52
CA CYS A 212 19.74 11.02 -39.00
C CYS A 212 19.23 9.82 -38.20
N GLU A 213 18.97 9.98 -36.90
CA GLU A 213 18.63 8.83 -36.05
C GLU A 213 17.33 9.13 -35.33
N ARG A 214 16.22 8.59 -35.82
CA ARG A 214 14.89 8.94 -35.31
C ARG A 214 14.22 7.79 -34.58
N ARG A 215 14.94 6.69 -34.35
CA ARG A 215 14.28 5.51 -33.80
C ARG A 215 13.91 5.67 -32.33
N ALA A 216 14.44 6.69 -31.63
CA ALA A 216 13.87 7.02 -30.33
C ALA A 216 12.37 7.29 -30.41
N GLU A 217 11.87 7.62 -31.60
CA GLU A 217 10.43 7.83 -31.81
C GLU A 217 9.60 6.57 -31.56
N MET A 218 10.22 5.39 -31.60
CA MET A 218 9.44 4.16 -31.58
C MET A 218 8.82 3.91 -30.22
N GLU A 219 9.62 4.08 -29.15
CA GLU A 219 9.17 3.73 -27.80
C GLU A 219 9.75 4.65 -26.73
N VAL A 220 11.02 5.04 -26.86
CA VAL A 220 11.67 5.85 -25.83
C VAL A 220 10.88 7.14 -25.60
N VAL A 221 10.67 7.90 -26.66
CA VAL A 221 9.95 9.17 -26.53
C VAL A 221 8.49 8.96 -26.17
N PRO A 222 7.77 8.02 -26.81
CA PRO A 222 6.39 7.78 -26.36
C PRO A 222 6.30 7.42 -24.88
N ALA A 223 7.19 6.55 -24.39
CA ALA A 223 7.19 6.22 -22.97
C ALA A 223 7.54 7.43 -22.11
N ALA A 224 8.56 8.21 -22.52
CA ALA A 224 8.88 9.41 -21.78
C ALA A 224 7.68 10.34 -21.70
N ARG A 225 6.96 10.51 -22.80
CA ARG A 225 5.80 11.39 -22.77
C ARG A 225 4.70 10.85 -21.86
N GLU A 226 4.48 9.54 -21.87
CA GLU A 226 3.45 8.97 -21.01
C GLU A 226 3.78 9.19 -19.53
N TYR A 227 5.04 8.99 -19.15
CA TYR A 227 5.43 9.13 -17.77
C TYR A 227 5.83 10.55 -17.39
N GLY A 228 5.67 11.51 -18.31
CA GLY A 228 5.96 12.90 -18.01
C GLY A 228 7.42 13.24 -17.77
N LEU A 229 8.34 12.57 -18.47
CA LEU A 229 9.76 12.94 -18.45
C LEU A 229 10.04 14.02 -19.49
N GLY A 230 10.98 14.91 -19.17
CA GLY A 230 11.61 15.69 -20.21
C GLY A 230 12.38 14.79 -21.17
N VAL A 231 12.51 15.23 -22.42
CA VAL A 231 13.31 14.56 -23.43
C VAL A 231 14.35 15.56 -23.92
N ILE A 232 15.63 15.27 -23.64
CA ILE A 232 16.71 16.15 -24.07
C ILE A 232 17.63 15.36 -25.00
N ALA A 233 17.89 15.92 -26.18
CA ALA A 233 18.46 15.13 -27.26
C ALA A 233 19.98 15.30 -27.27
N TRP A 234 20.72 14.20 -27.04
CA TRP A 234 22.16 14.35 -27.16
C TRP A 234 22.60 14.12 -28.61
N SER A 235 23.85 14.56 -28.92
CA SER A 235 24.37 14.77 -30.27
C SER A 235 23.25 15.18 -31.22
N PRO A 236 22.68 16.37 -31.06
CA PRO A 236 21.58 16.81 -31.94
C PRO A 236 22.01 17.06 -33.38
N LEU A 237 23.30 17.19 -33.66
CA LEU A 237 23.82 17.26 -35.02
C LEU A 237 24.45 15.96 -35.44
N HIS A 238 24.15 14.87 -34.72
CA HIS A 238 24.74 13.56 -35.02
C HIS A 238 26.26 13.62 -35.04
N GLY A 239 26.83 14.20 -33.98
CA GLY A 239 28.27 14.31 -33.87
C GLY A 239 28.90 15.29 -34.83
N GLY A 240 28.16 16.29 -35.31
CA GLY A 240 28.67 17.25 -36.25
C GLY A 240 28.27 16.98 -37.69
N LEU A 241 27.76 15.78 -37.97
CA LEU A 241 27.35 15.45 -39.34
C LEU A 241 26.41 16.48 -39.92
N LEU A 242 25.46 16.95 -39.12
CA LEU A 242 24.38 17.78 -39.63
C LEU A 242 24.72 19.26 -39.67
N GLY A 243 25.93 19.65 -39.30
CA GLY A 243 26.25 21.06 -39.23
C GLY A 243 27.08 21.56 -40.39
N GLY A 244 26.84 21.04 -41.59
CA GLY A 244 27.63 21.42 -42.75
C GLY A 244 28.97 20.72 -42.86
N ALA A 245 29.03 19.42 -42.56
CA ALA A 245 30.31 18.72 -42.53
C ALA A 245 30.87 18.43 -43.93
N ILE A 246 30.02 18.22 -44.93
CA ILE A 246 30.51 18.04 -46.30
C ILE A 246 31.14 19.34 -46.81
N ARG A 247 30.38 20.43 -46.76
CA ARG A 247 30.88 21.75 -47.12
C ARG A 247 32.22 22.01 -46.46
N LYS A 248 32.38 21.59 -45.21
CA LYS A 248 33.59 21.91 -44.50
C LYS A 248 34.73 20.95 -44.79
N GLU A 249 34.48 19.82 -45.47
CA GLU A 249 35.55 18.89 -45.76
C GLU A 249 36.61 19.52 -46.63
N GLN A 250 36.20 20.34 -47.61
CA GLN A 250 37.13 20.98 -48.52
C GLN A 250 37.95 22.05 -47.82
N GLU A 251 37.35 22.79 -46.90
CA GLU A 251 38.07 23.83 -46.19
C GLU A 251 38.70 23.36 -44.89
N GLY A 252 38.60 22.08 -44.56
CA GLY A 252 39.16 21.59 -43.29
C GLY A 252 38.63 22.25 -42.04
N GLY A 253 37.33 22.53 -42.00
CA GLY A 253 36.75 23.03 -40.78
C GLY A 253 36.26 21.97 -39.82
N ASN A 254 36.36 20.69 -40.19
CA ASN A 254 35.80 19.63 -39.37
C ASN A 254 36.76 19.21 -38.27
N ARG A 255 36.23 19.18 -37.04
CA ARG A 255 36.96 18.69 -35.88
C ARG A 255 36.23 17.48 -35.33
N ARG A 256 35.22 17.69 -34.47
CA ARG A 256 34.39 16.58 -34.03
C ARG A 256 33.72 15.89 -35.23
N ALA A 257 33.31 16.66 -36.24
CA ALA A 257 32.71 16.04 -37.42
C ALA A 257 33.66 15.14 -38.21
N ALA A 258 34.95 15.05 -37.84
CA ALA A 258 35.91 14.24 -38.57
C ALA A 258 36.14 12.86 -37.95
N SER A 259 35.67 12.62 -36.72
CA SER A 259 35.71 11.30 -36.08
C SER A 259 34.30 10.81 -35.81
N GLY A 260 34.22 9.61 -35.24
CA GLY A 260 33.00 9.06 -34.67
C GLY A 260 31.87 8.93 -35.66
N ARG A 261 30.65 9.16 -35.14
CA ARG A 261 29.42 9.01 -35.89
C ARG A 261 29.50 9.70 -37.24
N ALA A 262 30.01 10.93 -37.25
CA ALA A 262 29.96 11.74 -38.46
C ALA A 262 30.86 11.13 -39.54
N ALA A 263 32.10 10.79 -39.19
CA ALA A 263 33.01 10.20 -40.17
C ALA A 263 32.48 8.85 -40.67
N ASP A 264 31.99 8.01 -39.76
CA ASP A 264 31.42 6.74 -40.18
C ASP A 264 30.27 6.94 -41.15
N ALA A 265 29.40 7.92 -40.87
CA ALA A 265 28.27 8.16 -41.77
C ALA A 265 28.73 8.66 -43.15
N LEU A 266 29.72 9.56 -43.17
CA LEU A 266 30.18 10.12 -44.43
C LEU A 266 30.88 9.07 -45.31
N LYS A 267 31.46 8.05 -44.68
CA LYS A 267 32.09 6.97 -45.42
C LYS A 267 31.05 6.08 -46.12
N ASP A 268 29.82 6.04 -45.62
CA ASP A 268 28.80 5.20 -46.23
C ASP A 268 28.10 5.93 -47.36
N PRO A 269 28.14 5.41 -48.59
CA PRO A 269 27.55 6.13 -49.72
C PRO A 269 26.11 6.58 -49.52
N GLN A 270 25.26 5.74 -48.93
CA GLN A 270 23.87 6.14 -48.81
C GLN A 270 23.71 7.27 -47.80
N GLN A 271 24.40 7.19 -46.67
CA GLN A 271 24.23 8.23 -45.66
C GLN A 271 24.83 9.54 -46.14
N ARG A 272 26.00 9.47 -46.79
CA ARG A 272 26.65 10.66 -47.32
C ARG A 272 25.74 11.41 -48.29
N GLU A 273 25.06 10.69 -49.18
CA GLU A 273 24.21 11.37 -50.14
C GLU A 273 23.01 12.01 -49.43
N GLN A 274 22.51 11.37 -48.37
CA GLN A 274 21.48 11.97 -47.52
C GLN A 274 21.93 13.34 -47.02
N ILE A 275 23.14 13.41 -46.45
CA ILE A 275 23.67 14.69 -45.99
C ILE A 275 23.84 15.65 -47.17
N GLN A 276 24.22 15.14 -48.34
CA GLN A 276 24.45 16.02 -49.49
C GLN A 276 23.16 16.69 -49.93
N ARG A 277 22.08 15.90 -50.09
CA ARG A 277 20.78 16.50 -50.38
C ARG A 277 20.40 17.50 -49.31
N TYR A 278 20.80 17.26 -48.06
CA TYR A 278 20.44 18.15 -46.97
C TYR A 278 21.15 19.50 -47.11
N GLU A 279 22.48 19.46 -47.26
CA GLU A 279 23.22 20.71 -47.43
C GLU A 279 22.79 21.43 -48.70
N ASP A 280 22.44 20.68 -49.76
CA ASP A 280 22.00 21.33 -50.99
C ASP A 280 20.66 22.03 -50.78
N LEU A 281 19.71 21.33 -50.18
CA LEU A 281 18.39 21.92 -49.93
C LEU A 281 18.50 23.19 -49.09
N LEU A 282 19.41 23.19 -48.11
CA LEU A 282 19.53 24.37 -47.28
C LEU A 282 20.25 25.49 -48.02
N ASP A 283 21.18 25.15 -48.91
CA ASP A 283 21.74 26.15 -49.80
C ASP A 283 20.64 26.85 -50.59
N LYS A 284 19.71 26.07 -51.15
CA LYS A 284 18.62 26.65 -51.91
C LYS A 284 17.77 27.59 -51.04
N HIS A 285 17.48 27.19 -49.81
CA HIS A 285 16.65 27.98 -48.91
C HIS A 285 17.45 29.00 -48.11
N GLY A 286 18.75 29.10 -48.30
CA GLY A 286 19.51 30.11 -47.58
C GLY A 286 19.57 29.93 -46.09
N LEU A 287 19.56 28.68 -45.60
CA LEU A 287 19.56 28.34 -44.19
C LEU A 287 20.86 27.63 -43.78
N GLU A 288 21.29 27.86 -42.54
CA GLU A 288 22.48 27.20 -42.01
C GLU A 288 22.14 25.78 -41.56
N PRO A 289 22.98 24.78 -41.89
CA PRO A 289 22.58 23.39 -41.62
C PRO A 289 22.58 23.00 -40.15
N GLY A 290 23.52 23.51 -39.35
CA GLY A 290 23.50 23.20 -37.93
C GLY A 290 22.27 23.78 -37.25
N GLU A 291 21.85 24.98 -37.69
CA GLU A 291 20.71 25.65 -37.07
C GLU A 291 19.40 24.97 -37.43
N VAL A 292 19.29 24.48 -38.67
CA VAL A 292 18.07 23.77 -39.07
C VAL A 292 17.94 22.48 -38.28
N ALA A 293 19.06 21.78 -38.03
CA ALA A 293 18.96 20.52 -37.30
C ALA A 293 18.49 20.76 -35.88
N LEU A 294 19.07 21.75 -35.20
CA LEU A 294 18.62 22.13 -33.87
C LEU A 294 17.16 22.57 -33.89
N ALA A 295 16.82 23.48 -34.79
CA ALA A 295 15.45 23.98 -34.85
C ALA A 295 14.48 22.85 -35.15
N TRP A 296 14.91 21.85 -35.91
CA TRP A 296 14.05 20.72 -36.24
C TRP A 296 13.69 19.92 -34.99
N LEU A 297 14.66 19.77 -34.07
CA LEU A 297 14.34 19.02 -32.86
C LEU A 297 13.34 19.78 -31.99
N LEU A 298 13.41 21.12 -32.01
CA LEU A 298 12.50 21.91 -31.18
C LEU A 298 11.05 21.80 -31.64
N THR A 299 10.80 21.32 -32.86
CA THR A 299 9.44 21.08 -33.32
C THR A 299 8.89 19.69 -32.96
N ARG A 300 9.71 18.80 -32.43
CA ARG A 300 9.27 17.41 -32.26
C ARG A 300 8.42 17.28 -31.01
N PRO A 301 7.23 16.69 -31.10
CA PRO A 301 6.37 16.59 -29.90
C PRO A 301 7.11 15.85 -28.77
N GLY A 302 7.08 16.45 -27.59
CA GLY A 302 7.66 15.85 -26.41
C GLY A 302 9.13 16.14 -26.17
N VAL A 303 9.82 16.79 -27.09
CA VAL A 303 11.25 17.08 -26.91
C VAL A 303 11.40 18.37 -26.11
N THR A 304 12.02 18.26 -24.95
CA THR A 304 12.34 19.47 -24.19
C THR A 304 13.25 20.37 -25.00
N GLY A 305 14.33 19.83 -25.51
CA GLY A 305 15.19 20.56 -26.41
C GLY A 305 16.45 19.79 -26.70
N PRO A 306 17.23 20.25 -27.66
CA PRO A 306 18.52 19.60 -27.93
C PRO A 306 19.56 19.98 -26.89
N ILE A 307 20.49 19.07 -26.65
CA ILE A 307 21.70 19.42 -25.91
C ILE A 307 22.73 19.84 -26.95
N VAL A 308 22.93 21.15 -27.08
CA VAL A 308 23.84 21.67 -28.10
C VAL A 308 25.28 21.37 -27.69
N GLY A 309 26.13 21.16 -28.69
CA GLY A 309 27.50 20.79 -28.44
C GLY A 309 28.49 21.73 -29.08
N PRO A 310 28.55 22.98 -28.62
CA PRO A 310 29.42 23.95 -29.27
C PRO A 310 30.86 23.70 -28.87
N ARG A 311 31.73 23.87 -29.85
CA ARG A 311 33.17 23.88 -29.62
C ARG A 311 33.74 25.29 -29.53
N THR A 312 33.06 26.27 -30.15
CA THR A 312 33.42 27.69 -30.13
C THR A 312 32.24 28.53 -29.65
N ALA A 313 32.54 29.75 -29.18
CA ALA A 313 31.46 30.68 -28.85
C ALA A 313 30.59 30.99 -30.07
N ASP A 314 31.17 30.99 -31.26
CA ASP A 314 30.37 31.27 -32.45
C ASP A 314 29.38 30.14 -32.75
N GLN A 315 29.73 28.91 -32.38
CA GLN A 315 28.78 27.82 -32.54
C GLN A 315 27.64 27.93 -31.51
N LEU A 316 27.93 28.44 -30.32
CA LEU A 316 26.85 28.69 -29.36
C LEU A 316 25.90 29.75 -29.86
N ALA A 317 26.43 30.89 -30.32
CA ALA A 317 25.59 31.94 -30.92
C ALA A 317 24.81 31.39 -32.11
N SER A 318 25.41 30.51 -32.88
CA SER A 318 24.66 29.88 -33.96
C SER A 318 23.48 29.09 -33.38
N ALA A 319 23.70 28.35 -32.29
CA ALA A 319 22.62 27.63 -31.66
C ALA A 319 21.54 28.57 -31.13
N VAL A 320 21.96 29.69 -30.54
CA VAL A 320 20.99 30.66 -30.02
C VAL A 320 20.08 31.15 -31.15
N ARG A 321 20.66 31.51 -32.30
CA ARG A 321 19.85 31.89 -33.45
C ARG A 321 18.94 30.76 -33.89
N ALA A 322 19.39 29.51 -33.77
CA ALA A 322 18.53 28.39 -34.18
C ALA A 322 17.28 28.30 -33.32
N ALA A 323 17.40 28.66 -32.03
CA ALA A 323 16.26 28.61 -31.15
C ALA A 323 15.16 29.58 -31.57
N GLU A 324 15.49 30.57 -32.42
CA GLU A 324 14.56 31.57 -32.95
C GLU A 324 14.14 31.29 -34.39
N LEU A 325 14.83 30.41 -35.09
CA LEU A 325 14.43 30.02 -36.44
C LEU A 325 13.00 29.51 -36.44
N THR A 326 12.28 29.80 -37.51
CA THR A 326 10.99 29.17 -37.78
C THR A 326 11.11 28.46 -39.11
N LEU A 327 10.96 27.14 -39.09
CA LEU A 327 11.04 26.36 -40.30
C LEU A 327 9.68 26.37 -40.98
N THR A 328 9.67 26.49 -42.30
CA THR A 328 8.43 26.47 -43.05
C THR A 328 7.94 25.04 -43.21
N ASP A 329 6.64 24.90 -43.41
CA ASP A 329 6.08 23.57 -43.69
C ASP A 329 6.76 22.92 -44.89
N GLU A 330 7.20 23.72 -45.87
CA GLU A 330 7.84 23.13 -47.04
C GLU A 330 9.19 22.49 -46.67
N VAL A 331 10.00 23.18 -45.86
CA VAL A 331 11.26 22.59 -45.42
C VAL A 331 11.02 21.38 -44.52
N LEU A 332 10.03 21.48 -43.64
CA LEU A 332 9.74 20.37 -42.73
C LEU A 332 9.37 19.11 -43.50
N THR A 333 8.55 19.23 -44.54
CA THR A 333 8.20 18.05 -45.32
C THR A 333 9.36 17.57 -46.18
N ALA A 334 10.21 18.50 -46.66
CA ALA A 334 11.41 18.09 -47.39
C ALA A 334 12.37 17.33 -46.47
N LEU A 335 12.63 17.88 -45.29
CA LEU A 335 13.45 17.18 -44.31
C LEU A 335 12.88 15.80 -43.98
N ASP A 336 11.56 15.70 -43.85
CA ASP A 336 10.95 14.40 -43.62
C ASP A 336 11.23 13.46 -44.77
N GLU A 337 11.29 13.97 -45.99
CA GLU A 337 11.48 13.13 -47.16
C GLU A 337 12.92 12.62 -47.24
N ILE A 338 13.89 13.44 -46.82
CA ILE A 338 15.28 13.01 -46.79
C ILE A 338 15.55 12.12 -45.59
N PHE A 339 14.94 12.43 -44.44
CA PHE A 339 15.23 11.77 -43.17
C PHE A 339 13.94 11.21 -42.57
N PRO A 340 13.37 10.15 -43.15
CA PRO A 340 12.10 9.64 -42.63
C PRO A 340 12.29 9.00 -41.27
N GLY A 341 11.22 9.05 -40.46
CA GLY A 341 11.21 8.42 -39.17
C GLY A 341 10.26 7.23 -39.12
N PRO A 342 10.39 6.36 -38.11
CA PRO A 342 9.50 5.21 -38.02
C PRO A 342 8.18 5.51 -37.32
N GLY A 343 8.10 6.56 -36.53
CA GLY A 343 6.96 6.76 -35.67
C GLY A 343 6.86 5.69 -34.60
N PRO A 344 5.75 5.69 -33.87
CA PRO A 344 5.62 4.83 -32.69
C PRO A 344 5.38 3.36 -33.02
N SER A 345 5.91 2.49 -32.13
CA SER A 345 5.53 1.09 -32.05
C SER A 345 4.17 1.00 -31.35
N PRO A 346 3.33 0.00 -31.70
CA PRO A 346 3.56 -1.10 -32.66
C PRO A 346 3.38 -0.74 -34.14
N GLU A 347 2.75 0.41 -34.45
CA GLU A 347 2.47 0.73 -35.86
C GLU A 347 3.73 0.76 -36.70
N ALA A 348 4.87 1.10 -36.11
CA ALA A 348 6.11 1.22 -36.88
C ALA A 348 6.48 -0.07 -37.61
N PHE A 349 6.18 -1.23 -37.02
CA PHE A 349 6.54 -2.49 -37.67
C PHE A 349 5.39 -3.47 -37.85
N ALA A 350 4.23 -3.24 -37.24
CA ALA A 350 3.08 -4.14 -37.38
C ALA A 350 1.89 -3.41 -37.99
N TRP A 351 0.83 -3.14 -37.22
CA TRP A 351 -0.26 -2.29 -37.73
C TRP A 351 -0.86 -1.41 -36.64
N MET B 21 -5.58 35.52 26.91
CA MET B 21 -5.52 35.07 25.51
C MET B 21 -6.13 33.69 25.29
N GLU B 22 -7.04 33.59 24.30
CA GLU B 22 -7.62 32.31 23.93
C GLU B 22 -6.65 31.50 23.05
N TYR B 23 -6.59 30.19 23.30
CA TYR B 23 -5.71 29.28 22.59
C TYR B 23 -6.55 28.20 21.94
N THR B 24 -6.05 27.63 20.85
CA THR B 24 -6.75 26.54 20.18
C THR B 24 -5.73 25.67 19.46
N GLN B 25 -6.16 24.47 19.08
CA GLN B 25 -5.31 23.62 18.28
C GLN B 25 -5.29 24.15 16.84
N LEU B 26 -4.17 23.99 16.18
CA LEU B 26 -4.11 24.34 14.76
C LEU B 26 -4.72 23.18 13.97
N GLY B 27 -5.99 23.32 13.58
CA GLY B 27 -6.68 22.23 12.92
C GLY B 27 -6.56 20.96 13.74
N ARG B 28 -6.17 19.88 13.08
CA ARG B 28 -6.12 18.55 13.69
C ARG B 28 -4.81 18.24 14.43
N ILE B 29 -3.78 19.10 14.37
CA ILE B 29 -2.48 18.67 14.89
C ILE B 29 -2.26 19.06 16.37
N GLY B 30 -1.19 18.54 16.97
CA GLY B 30 -0.91 18.75 18.38
C GLY B 30 -0.44 20.16 18.75
N LEU B 31 -0.17 21.00 17.77
CA LEU B 31 0.32 22.35 18.01
C LEU B 31 -0.78 23.26 18.53
N LYS B 32 -0.51 23.93 19.65
CA LYS B 32 -1.45 24.88 20.23
C LYS B 32 -0.97 26.29 19.95
N VAL B 33 -1.83 27.10 19.33
CA VAL B 33 -1.55 28.47 18.96
C VAL B 33 -2.59 29.41 19.55
N SER B 34 -2.13 30.63 19.88
CA SER B 34 -3.04 31.72 20.18
C SER B 34 -3.93 32.02 18.97
N ARG B 35 -5.15 32.44 19.25
CA ARG B 35 -6.12 32.71 18.19
C ARG B 35 -5.88 34.06 17.51
N LEU B 36 -4.96 34.88 18.01
CA LEU B 36 -4.40 35.98 17.23
C LEU B 36 -3.03 35.54 16.73
N VAL B 37 -2.83 35.57 15.41
CA VAL B 37 -1.55 35.28 14.81
C VAL B 37 -0.88 36.59 14.49
N LEU B 38 0.36 36.79 14.95
CA LEU B 38 1.06 38.04 14.65
C LEU B 38 1.58 38.03 13.21
N GLY B 39 1.06 38.91 12.36
CA GLY B 39 1.65 39.15 11.06
C GLY B 39 2.74 40.21 11.12
N THR B 40 3.73 40.06 10.26
CA THR B 40 4.92 40.92 10.31
C THR B 40 5.15 41.68 9.01
N MET B 41 4.21 41.63 8.05
CA MET B 41 4.46 42.20 6.72
C MET B 41 4.78 43.70 6.81
N ASN B 42 4.19 44.41 7.78
CA ASN B 42 4.52 45.81 7.96
C ASN B 42 5.94 46.04 8.50
N PHE B 43 6.61 45.01 9.01
CA PHE B 43 7.89 45.23 9.72
C PHE B 43 9.00 45.44 8.70
N GLY B 44 9.42 46.69 8.54
CA GLY B 44 10.37 47.03 7.52
C GLY B 44 9.86 48.19 6.71
N PRO B 45 8.93 47.92 5.79
CA PRO B 45 8.48 48.97 4.88
C PRO B 45 7.62 50.03 5.54
N THR B 46 7.05 49.75 6.69
CA THR B 46 5.94 50.55 7.18
C THR B 46 6.15 50.83 8.66
N THR B 47 6.82 49.90 9.33
CA THR B 47 7.17 49.96 10.74
C THR B 47 8.66 49.73 10.86
N ASP B 48 9.38 50.63 11.53
CA ASP B 48 10.83 50.48 11.58
C ASP B 48 11.21 49.35 12.54
N GLU B 49 12.51 49.03 12.57
CA GLU B 49 12.95 47.87 13.34
C GLU B 49 12.65 48.03 14.82
N ALA B 50 12.90 49.23 15.37
CA ALA B 50 12.66 49.46 16.79
C ALA B 50 11.19 49.22 17.14
N GLU B 51 10.26 49.88 16.42
CA GLU B 51 8.85 49.65 16.70
C GLU B 51 8.44 48.20 16.40
N SER B 52 9.01 47.57 15.36
CA SER B 52 8.71 46.16 15.11
C SER B 52 9.10 45.27 16.29
N HIS B 53 10.24 45.56 16.92
CA HIS B 53 10.66 44.79 18.08
C HIS B 53 9.73 45.03 19.27
N ALA B 54 9.33 46.29 19.48
CA ALA B 54 8.39 46.58 20.54
C ALA B 54 7.07 45.87 20.31
N ILE B 55 6.61 45.81 19.07
CA ILE B 55 5.35 45.11 18.81
C ILE B 55 5.51 43.63 19.14
N MET B 56 6.66 43.06 18.84
CA MET B 56 6.81 41.63 19.10
C MET B 56 6.92 41.34 20.59
N ASP B 57 7.68 42.17 21.33
CA ASP B 57 7.69 42.06 22.80
C ASP B 57 6.26 42.08 23.34
N ALA B 58 5.47 43.04 22.89
CA ALA B 58 4.11 43.17 23.43
C ALA B 58 3.22 42.00 23.00
N ALA B 59 3.46 41.42 21.82
CA ALA B 59 2.65 40.27 21.42
C ALA B 59 2.95 39.05 22.28
N LEU B 60 4.24 38.81 22.55
CA LEU B 60 4.63 37.76 23.48
C LEU B 60 4.07 38.04 24.86
N ASP B 61 4.13 39.31 25.30
CA ASP B 61 3.55 39.69 26.60
C ASP B 61 2.06 39.39 26.66
N ALA B 62 1.31 39.61 25.58
CA ALA B 62 -0.11 39.26 25.59
C ALA B 62 -0.38 37.77 25.36
N GLY B 63 0.65 36.93 25.28
CA GLY B 63 0.43 35.51 25.09
C GLY B 63 0.36 35.04 23.65
N ILE B 64 0.64 35.90 22.69
CA ILE B 64 0.68 35.48 21.29
C ILE B 64 1.96 34.70 21.07
N ASN B 65 1.82 33.47 20.56
CA ASN B 65 2.97 32.57 20.40
C ASN B 65 3.19 32.17 18.95
N PHE B 66 2.56 32.86 18.01
CA PHE B 66 2.46 32.36 16.64
C PHE B 66 2.71 33.54 15.70
N PHE B 67 3.87 33.56 15.02
CA PHE B 67 4.29 34.69 14.19
C PHE B 67 4.36 34.29 12.72
N ASP B 68 3.78 35.11 11.84
CA ASP B 68 3.78 34.85 10.40
C ASP B 68 4.68 35.84 9.69
N THR B 69 5.57 35.33 8.85
CA THR B 69 6.42 36.17 8.02
C THR B 69 6.60 35.49 6.68
N ALA B 70 7.49 36.03 5.86
CA ALA B 70 7.74 35.50 4.52
C ALA B 70 9.11 35.98 4.08
N ASN B 71 9.72 35.24 3.16
CA ASN B 71 11.05 35.65 2.69
C ASN B 71 10.99 36.97 1.94
N VAL B 72 9.90 37.23 1.20
CA VAL B 72 9.83 38.45 0.40
C VAL B 72 9.50 39.69 1.22
N TYR B 73 9.07 39.55 2.45
CA TYR B 73 8.62 40.74 3.16
C TYR B 73 9.80 41.69 3.38
N GLY B 74 9.52 42.99 3.29
CA GLY B 74 10.53 44.04 3.23
C GLY B 74 10.40 44.95 2.01
N TRP B 75 9.94 44.40 0.88
CA TRP B 75 9.62 45.11 -0.36
C TRP B 75 10.86 45.46 -1.18
N GLY B 76 10.74 45.28 -2.50
CA GLY B 76 11.74 45.80 -3.43
C GLY B 76 13.16 45.32 -3.16
N GLU B 77 14.05 46.29 -2.99
CA GLU B 77 15.45 46.00 -2.71
C GLU B 77 15.68 45.51 -1.28
N ASN B 78 14.64 45.52 -0.44
CA ASN B 78 14.72 45.13 0.96
C ASN B 78 13.93 43.87 1.26
N LYS B 79 13.64 43.06 0.24
CA LYS B 79 13.09 41.73 0.48
C LYS B 79 14.06 40.92 1.32
N GLY B 80 13.56 40.34 2.41
CA GLY B 80 14.36 39.68 3.41
C GLY B 80 14.51 40.49 4.70
N ARG B 81 14.21 41.79 4.66
CA ARG B 81 14.39 42.63 5.85
C ARG B 81 13.48 42.18 6.99
N THR B 82 12.20 41.84 6.69
CA THR B 82 11.32 41.40 7.76
C THR B 82 11.90 40.20 8.48
N GLU B 83 12.41 39.23 7.73
CA GLU B 83 12.98 38.05 8.38
C GLU B 83 14.21 38.43 9.19
N GLU B 84 15.00 39.39 8.69
CA GLU B 84 16.18 39.86 9.42
C GLU B 84 15.77 40.57 10.70
N ILE B 85 14.67 41.31 10.67
CA ILE B 85 14.19 41.99 11.87
C ILE B 85 13.75 40.98 12.94
N LEU B 86 13.09 39.89 12.52
CA LEU B 86 12.79 38.82 13.46
C LEU B 86 14.07 38.15 13.94
N GLY B 87 15.03 37.97 13.05
CA GLY B 87 16.29 37.37 13.46
C GLY B 87 16.96 38.16 14.58
N SER B 88 16.98 39.50 14.44
CA SER B 88 17.63 40.32 15.47
C SER B 88 16.77 40.37 16.72
N TRP B 89 15.45 40.16 16.59
CA TRP B 89 14.62 40.00 17.78
C TRP B 89 14.97 38.72 18.53
N PHE B 90 14.98 37.57 17.84
CA PHE B 90 15.37 36.32 18.47
C PHE B 90 16.77 36.41 19.08
N ALA B 91 17.67 37.14 18.43
CA ALA B 91 19.03 37.27 18.94
C ALA B 91 19.08 38.00 20.29
N GLN B 92 18.03 38.74 20.68
CA GLN B 92 18.00 39.29 22.04
C GLN B 92 17.69 38.23 23.14
N GLY B 93 17.72 36.92 22.83
CA GLY B 93 17.67 35.89 23.88
C GLY B 93 16.32 35.82 24.55
N GLY B 94 16.33 35.58 25.86
CA GLY B 94 15.13 35.71 26.69
C GLY B 94 14.02 34.73 26.38
N ASP B 95 14.35 33.53 25.90
CA ASP B 95 13.40 32.46 25.59
C ASP B 95 12.57 32.73 24.35
N ARG B 96 12.96 33.70 23.52
CA ARG B 96 12.05 34.19 22.49
C ARG B 96 11.82 33.13 21.40
N ARG B 97 12.90 32.59 20.82
CA ARG B 97 12.78 31.57 19.79
C ARG B 97 12.03 30.34 20.32
N ASP B 98 12.38 29.89 21.53
CA ASP B 98 11.73 28.72 22.11
C ASP B 98 10.24 28.94 22.34
N LYS B 99 9.82 30.17 22.56
CA LYS B 99 8.45 30.45 22.92
C LYS B 99 7.53 30.66 21.71
N VAL B 100 8.09 30.95 20.53
CA VAL B 100 7.32 31.39 19.38
C VAL B 100 7.21 30.25 18.36
N VAL B 101 6.02 30.04 17.83
CA VAL B 101 5.85 29.19 16.65
C VAL B 101 6.15 30.07 15.45
N LEU B 102 7.25 29.77 14.76
CA LEU B 102 7.77 30.66 13.73
C LEU B 102 7.33 30.11 12.38
N ALA B 103 6.58 30.91 11.62
CA ALA B 103 6.13 30.52 10.28
C ALA B 103 6.69 31.49 9.24
N THR B 104 7.21 30.94 8.15
CA THR B 104 7.58 31.80 7.03
C THR B 104 7.14 31.10 5.75
N LYS B 105 7.62 31.59 4.60
CA LYS B 105 7.04 31.18 3.32
C LYS B 105 8.11 31.03 2.23
N VAL B 106 7.78 30.23 1.23
CA VAL B 106 8.59 30.08 0.01
C VAL B 106 7.64 30.09 -1.17
N TYR B 107 8.08 30.72 -2.29
CA TYR B 107 7.44 30.80 -3.61
C TYR B 107 7.83 32.11 -4.28
N GLY B 108 7.84 33.19 -3.48
CA GLY B 108 8.07 34.51 -4.03
C GLY B 108 9.46 34.68 -4.63
N ASN B 109 9.55 35.64 -5.56
CA ASN B 109 10.81 36.06 -6.13
C ASN B 109 11.51 37.03 -5.19
N MET B 110 12.78 36.74 -4.87
CA MET B 110 13.54 37.59 -3.96
C MET B 110 14.24 38.74 -4.66
N GLY B 111 14.42 38.66 -5.98
CA GLY B 111 14.95 39.78 -6.74
C GLY B 111 14.01 40.98 -6.75
N LEU B 112 14.55 42.10 -7.24
CA LEU B 112 13.85 43.38 -7.14
C LEU B 112 12.59 43.39 -7.98
N ASP B 113 12.73 43.36 -9.30
CA ASP B 113 11.60 43.59 -10.19
C ASP B 113 11.64 42.59 -11.34
N GLY B 114 10.57 42.56 -12.12
CA GLY B 114 10.52 41.78 -13.33
C GLY B 114 10.40 40.30 -13.08
N PRO B 115 10.45 39.50 -14.15
CA PRO B 115 10.34 38.04 -14.00
C PRO B 115 11.57 37.46 -13.31
N ALA B 116 11.35 36.42 -12.52
CA ALA B 116 12.46 35.83 -11.81
C ALA B 116 13.32 35.01 -12.77
N TRP B 117 14.61 34.91 -12.44
CA TRP B 117 15.43 33.90 -13.07
C TRP B 117 14.74 32.55 -12.87
N PRO B 118 14.78 31.66 -13.85
CA PRO B 118 14.08 30.37 -13.70
C PRO B 118 14.48 29.64 -12.42
N ASN B 119 13.48 29.15 -11.71
CA ASN B 119 13.64 28.36 -10.49
C ASN B 119 14.15 29.16 -9.31
N HIS B 120 14.15 30.50 -9.41
CA HIS B 120 14.34 31.38 -8.25
C HIS B 120 13.01 31.89 -7.68
N ASP B 121 11.89 31.39 -8.20
CA ASP B 121 10.57 31.51 -7.58
C ASP B 121 9.86 30.17 -7.74
N LYS B 122 8.58 30.13 -7.32
CA LYS B 122 7.71 28.95 -7.45
C LYS B 122 8.21 27.82 -6.55
N LEU B 123 7.73 26.58 -6.78
CA LEU B 123 7.86 25.55 -5.74
C LEU B 123 8.67 24.33 -6.20
N SER B 124 9.54 24.48 -7.19
CA SER B 124 10.44 23.37 -7.50
C SER B 124 11.28 23.02 -6.29
N ALA B 125 11.64 21.73 -6.20
CA ALA B 125 12.57 21.31 -5.17
C ALA B 125 13.84 22.17 -5.17
N LEU B 126 14.25 22.67 -6.34
CA LEU B 126 15.43 23.51 -6.42
C LEU B 126 15.23 24.83 -5.67
N ASN B 127 14.13 25.53 -5.95
CA ASN B 127 13.90 26.80 -5.23
C ASN B 127 13.60 26.56 -3.76
N ILE B 128 12.95 25.46 -3.42
CA ILE B 128 12.70 25.16 -2.02
C ILE B 128 14.02 25.01 -1.26
N ARG B 129 14.98 24.27 -1.82
CA ARG B 129 16.28 24.10 -1.20
C ARG B 129 16.95 25.46 -0.92
N ARG B 130 17.03 26.33 -1.92
CA ARG B 130 17.75 27.58 -1.71
C ARG B 130 16.95 28.56 -0.85
N SER B 131 15.62 28.56 -0.97
CA SER B 131 14.81 29.53 -0.22
C SER B 131 14.85 29.23 1.28
N VAL B 132 14.85 27.96 1.67
CA VAL B 132 14.82 27.68 3.10
C VAL B 132 16.17 28.00 3.75
N ASP B 133 17.30 27.80 3.04
CA ASP B 133 18.59 28.16 3.62
C ASP B 133 18.72 29.67 3.78
N ALA B 134 18.26 30.43 2.79
CA ALA B 134 18.34 31.89 2.94
C ALA B 134 17.41 32.36 4.07
N SER B 135 16.21 31.78 4.16
CA SER B 135 15.32 32.13 5.27
C SER B 135 15.95 31.77 6.61
N LEU B 136 16.48 30.54 6.73
CA LEU B 136 17.07 30.15 8.00
C LEU B 136 18.20 31.09 8.40
N LYS B 137 19.02 31.52 7.43
CA LYS B 137 20.13 32.42 7.73
C LYS B 137 19.62 33.78 8.20
N ARG B 138 18.68 34.37 7.44
CA ARG B 138 18.15 35.68 7.84
C ARG B 138 17.48 35.59 9.20
N LEU B 139 16.72 34.51 9.46
CA LEU B 139 16.04 34.38 10.74
C LEU B 139 16.99 34.02 11.86
N GLY B 140 18.23 33.65 11.54
CA GLY B 140 19.19 33.29 12.58
C GLY B 140 18.73 32.14 13.45
N THR B 141 18.14 31.10 12.84
CA THR B 141 17.62 29.97 13.58
C THR B 141 17.94 28.69 12.81
N ASP B 142 17.97 27.58 13.53
CA ASP B 142 18.23 26.32 12.84
C ASP B 142 16.96 25.60 12.38
N HIS B 143 15.76 26.08 12.73
CA HIS B 143 14.55 25.45 12.22
C HIS B 143 13.43 26.48 12.13
N ILE B 144 12.54 26.26 11.14
CA ILE B 144 11.26 26.94 10.99
C ILE B 144 10.16 25.98 11.46
N ASP B 145 9.22 26.46 12.26
CA ASP B 145 8.19 25.56 12.77
C ASP B 145 7.13 25.27 11.72
N LEU B 146 6.73 26.29 10.97
CA LEU B 146 5.67 26.19 9.98
C LEU B 146 6.19 26.79 8.67
N TYR B 147 6.55 25.94 7.72
CA TYR B 147 7.08 26.37 6.44
C TYR B 147 5.93 26.32 5.43
N GLN B 148 5.60 27.46 4.82
CA GLN B 148 4.37 27.60 4.07
C GLN B 148 4.65 27.90 2.60
N PHE B 149 3.88 27.23 1.73
CA PHE B 149 3.81 27.63 0.34
C PHE B 149 3.01 28.93 0.24
N HIS B 150 3.63 29.98 -0.31
CA HIS B 150 2.97 31.29 -0.36
C HIS B 150 1.77 31.28 -1.29
N HIS B 151 1.78 30.36 -2.26
CA HIS B 151 0.80 30.34 -3.33
C HIS B 151 0.89 28.95 -3.94
N VAL B 152 -0.25 28.49 -4.49
CA VAL B 152 -0.23 27.26 -5.26
C VAL B 152 0.70 27.45 -6.46
N ASP B 153 1.47 26.42 -6.77
CA ASP B 153 2.26 26.37 -7.99
C ASP B 153 1.70 25.20 -8.79
N ARG B 154 0.93 25.51 -9.85
CA ARG B 154 0.29 24.50 -10.66
C ARG B 154 1.28 23.71 -11.49
N ASP B 155 2.54 24.17 -11.61
CA ASP B 155 3.50 23.46 -12.45
C ASP B 155 4.34 22.45 -11.69
N THR B 156 4.33 22.44 -10.35
CA THR B 156 5.12 21.49 -9.58
C THR B 156 4.20 20.39 -9.05
N PRO B 157 4.49 19.11 -9.29
CA PRO B 157 3.62 18.04 -8.75
C PRO B 157 3.94 17.73 -7.30
N TRP B 158 2.97 17.09 -6.63
CA TRP B 158 3.05 16.91 -5.19
C TRP B 158 4.09 15.86 -4.77
N ASP B 159 4.45 14.91 -5.63
CA ASP B 159 5.51 14.02 -5.19
C ASP B 159 6.88 14.73 -5.21
N GLU B 160 7.07 15.72 -6.09
CA GLU B 160 8.26 16.56 -6.01
C GLU B 160 8.23 17.45 -4.77
N ILE B 161 7.10 18.12 -4.52
CA ILE B 161 6.97 19.02 -3.38
C ILE B 161 7.25 18.26 -2.08
N TRP B 162 6.53 17.15 -1.87
CA TRP B 162 6.66 16.43 -0.60
C TRP B 162 8.03 15.80 -0.46
N GLN B 163 8.69 15.46 -1.58
CA GLN B 163 10.09 15.03 -1.46
C GLN B 163 10.93 16.14 -0.83
N ALA B 164 10.85 17.37 -1.37
CA ALA B 164 11.67 18.47 -0.84
C ALA B 164 11.30 18.82 0.60
N MET B 165 10.01 18.77 0.94
CA MET B 165 9.61 19.04 2.33
C MET B 165 10.08 17.92 3.25
N ASP B 166 10.02 16.68 2.79
CA ASP B 166 10.41 15.57 3.65
C ASP B 166 11.90 15.57 3.92
N VAL B 167 12.71 15.98 2.92
CA VAL B 167 14.13 16.17 3.17
C VAL B 167 14.35 17.13 4.35
N LEU B 168 13.63 18.26 4.36
CA LEU B 168 13.83 19.23 5.44
C LEU B 168 13.29 18.72 6.78
N VAL B 169 12.17 18.00 6.76
CA VAL B 169 11.62 17.45 8.00
C VAL B 169 12.63 16.51 8.65
N ARG B 170 13.19 15.59 7.86
CA ARG B 170 14.09 14.56 8.42
C ARG B 170 15.42 15.16 8.85
N GLN B 171 15.86 16.24 8.22
CA GLN B 171 17.03 16.97 8.67
C GLN B 171 16.74 17.84 9.90
N GLY B 172 15.48 17.92 10.33
CA GLY B 172 15.16 18.81 11.43
C GLY B 172 15.15 20.28 11.11
N LYS B 173 15.13 20.66 9.82
CA LYS B 173 15.07 22.08 9.47
C LYS B 173 13.65 22.66 9.47
N ILE B 174 12.61 21.85 9.24
CA ILE B 174 11.24 22.29 9.50
C ILE B 174 10.52 21.22 10.30
N LEU B 175 9.44 21.62 10.95
CA LEU B 175 8.54 20.68 11.62
C LEU B 175 7.27 20.44 10.81
N TYR B 176 6.62 21.52 10.40
CA TYR B 176 5.28 21.48 9.83
C TYR B 176 5.26 22.19 8.49
N VAL B 177 4.38 21.72 7.61
CA VAL B 177 4.17 22.33 6.31
C VAL B 177 2.76 22.88 6.27
N GLY B 178 2.61 24.10 5.71
CA GLY B 178 1.31 24.68 5.50
C GLY B 178 1.17 25.23 4.10
N SER B 179 -0.06 25.64 3.76
CA SER B 179 -0.35 26.21 2.47
C SER B 179 -0.88 27.63 2.62
N SER B 180 -0.90 28.34 1.52
CA SER B 180 -1.43 29.69 1.52
C SER B 180 -1.86 30.01 0.10
N ASN B 181 -2.98 30.70 -0.05
CA ASN B 181 -3.58 30.95 -1.36
C ASN B 181 -3.62 29.68 -2.22
N PHE B 182 -4.23 28.64 -1.66
CA PHE B 182 -4.55 27.42 -2.40
C PHE B 182 -6.03 27.42 -2.74
N ALA B 183 -6.39 26.66 -3.78
CA ALA B 183 -7.79 26.26 -3.94
C ALA B 183 -8.06 25.04 -3.07
N GLY B 184 -9.35 24.84 -2.75
CA GLY B 184 -9.70 23.71 -1.90
C GLY B 184 -9.22 22.38 -2.46
N TRP B 185 -9.28 22.24 -3.77
CA TRP B 185 -8.85 20.98 -4.35
C TRP B 185 -7.34 20.79 -4.28
N ASN B 186 -6.55 21.88 -4.29
CA ASN B 186 -5.11 21.74 -4.03
C ASN B 186 -4.86 21.18 -2.63
N ILE B 187 -5.61 21.67 -1.63
CA ILE B 187 -5.49 21.16 -0.26
C ILE B 187 -5.77 19.65 -0.25
N ALA B 188 -6.88 19.24 -0.84
CA ALA B 188 -7.23 17.83 -0.89
C ALA B 188 -6.15 17.02 -1.60
N GLN B 189 -5.72 17.47 -2.78
CA GLN B 189 -4.71 16.71 -3.51
C GLN B 189 -3.41 16.61 -2.70
N ALA B 190 -2.98 17.72 -2.10
CA ALA B 190 -1.76 17.68 -1.29
C ALA B 190 -1.86 16.66 -0.16
N ASN B 191 -2.91 16.75 0.65
CA ASN B 191 -2.94 15.88 1.83
C ASN B 191 -3.25 14.43 1.47
N GLU B 192 -4.05 14.18 0.44
CA GLU B 192 -4.20 12.80 -0.02
C GLU B 192 -2.86 12.24 -0.48
N THR B 193 -2.06 13.07 -1.19
CA THR B 193 -0.78 12.57 -1.66
C THR B 193 0.16 12.27 -0.49
N ALA B 194 0.22 13.17 0.49
CA ALA B 194 1.08 12.93 1.64
C ALA B 194 0.66 11.69 2.42
N ALA B 195 -0.66 11.50 2.60
CA ALA B 195 -1.16 10.44 3.46
C ALA B 195 -0.86 9.04 2.89
N ARG B 196 -0.82 8.91 1.55
CA ARG B 196 -0.49 7.63 0.93
C ARG B 196 0.89 7.11 1.33
N HIS B 197 1.77 7.96 1.83
CA HIS B 197 3.09 7.48 2.22
C HIS B 197 3.46 7.86 3.64
N GLY B 198 2.46 8.06 4.50
CA GLY B 198 2.73 8.29 5.90
C GLY B 198 3.40 9.61 6.22
N ARG B 199 3.23 10.61 5.35
CA ARG B 199 3.68 11.96 5.65
C ARG B 199 2.55 12.76 6.29
N LEU B 200 2.90 13.58 7.28
CA LEU B 200 1.98 14.61 7.74
C LEU B 200 1.78 15.60 6.61
N GLY B 201 0.54 15.87 6.25
CA GLY B 201 0.25 16.79 5.16
C GLY B 201 0.25 18.23 5.60
N LEU B 202 -0.43 19.08 4.82
CA LEU B 202 -0.61 20.47 5.21
C LEU B 202 -1.30 20.51 6.57
N VAL B 203 -0.84 21.41 7.44
CA VAL B 203 -1.47 21.59 8.75
C VAL B 203 -2.31 22.84 8.81
N SER B 204 -2.21 23.73 7.83
CA SER B 204 -2.99 24.94 7.90
C SER B 204 -3.00 25.52 6.50
N GLU B 205 -4.04 26.30 6.22
CA GLU B 205 -4.13 27.10 5.02
C GLU B 205 -4.27 28.55 5.45
N GLN B 206 -3.49 29.42 4.82
CA GLN B 206 -3.45 30.85 5.10
C GLN B 206 -4.15 31.49 3.90
N CYS B 207 -5.39 31.90 4.08
CA CYS B 207 -6.18 32.38 2.94
C CYS B 207 -6.77 33.74 3.27
N LEU B 208 -7.11 34.47 2.21
CA LEU B 208 -7.70 35.79 2.38
C LEU B 208 -9.16 35.60 2.80
N TYR B 209 -9.52 36.17 3.94
CA TYR B 209 -10.85 35.97 4.50
C TYR B 209 -11.14 37.13 5.43
N ASN B 210 -12.22 37.86 5.16
CA ASN B 210 -12.64 38.99 5.97
C ASN B 210 -14.04 39.39 5.50
N LEU B 211 -14.64 40.36 6.19
CA LEU B 211 -16.01 40.77 5.88
C LEU B 211 -16.17 41.11 4.41
N CYS B 212 -15.16 41.76 3.83
CA CYS B 212 -15.24 42.24 2.46
C CYS B 212 -15.07 41.11 1.44
N GLU B 213 -14.22 40.13 1.74
CA GLU B 213 -13.96 39.04 0.81
C GLU B 213 -14.27 37.72 1.49
N ARG B 214 -15.37 37.10 1.08
CA ARG B 214 -15.87 35.91 1.76
C ARG B 214 -15.85 34.67 0.87
N ARG B 215 -15.31 34.75 -0.34
CA ARG B 215 -15.43 33.62 -1.25
C ARG B 215 -14.53 32.43 -0.87
N ALA B 216 -13.65 32.59 0.12
CA ALA B 216 -12.97 31.43 0.69
C ALA B 216 -13.97 30.45 1.31
N GLU B 217 -15.17 30.92 1.67
CA GLU B 217 -16.22 30.03 2.17
C GLU B 217 -16.71 29.06 1.11
N MET B 218 -16.55 29.38 -0.17
CA MET B 218 -17.07 28.51 -1.22
C MET B 218 -16.45 27.13 -1.14
N GLU B 219 -15.11 27.07 -1.12
CA GLU B 219 -14.45 25.78 -1.25
C GLU B 219 -13.15 25.66 -0.44
N VAL B 220 -12.42 26.76 -0.20
CA VAL B 220 -11.13 26.68 0.50
C VAL B 220 -11.34 26.27 1.96
N VAL B 221 -12.17 27.01 2.70
CA VAL B 221 -12.41 26.65 4.11
C VAL B 221 -13.09 25.29 4.25
N PRO B 222 -14.16 24.96 3.49
CA PRO B 222 -14.69 23.58 3.55
C PRO B 222 -13.63 22.50 3.35
N ALA B 223 -12.79 22.59 2.30
CA ALA B 223 -11.76 21.58 2.13
C ALA B 223 -10.81 21.58 3.31
N ALA B 224 -10.42 22.76 3.80
CA ALA B 224 -9.52 22.82 4.95
C ALA B 224 -10.14 22.16 6.18
N ARG B 225 -11.44 22.36 6.38
CA ARG B 225 -12.10 21.72 7.51
C ARG B 225 -12.18 20.22 7.33
N GLU B 226 -12.55 19.76 6.14
CA GLU B 226 -12.59 18.32 5.88
C GLU B 226 -11.25 17.67 6.20
N TYR B 227 -10.15 18.28 5.76
CA TYR B 227 -8.85 17.67 5.94
C TYR B 227 -8.18 18.07 7.25
N GLY B 228 -8.88 18.82 8.10
CA GLY B 228 -8.39 19.10 9.43
C GLY B 228 -7.23 20.07 9.46
N LEU B 229 -7.22 21.03 8.55
CA LEU B 229 -6.23 22.09 8.53
C LEU B 229 -6.71 23.25 9.39
N GLY B 230 -5.77 23.90 10.07
CA GLY B 230 -6.05 25.23 10.55
C GLY B 230 -6.35 26.17 9.42
N VAL B 231 -7.09 27.24 9.73
CA VAL B 231 -7.36 28.31 8.78
C VAL B 231 -6.93 29.60 9.47
N ILE B 232 -5.92 30.28 8.92
CA ILE B 232 -5.48 31.56 9.47
C ILE B 232 -5.70 32.61 8.38
N ALA B 233 -6.48 33.65 8.71
CA ALA B 233 -6.96 34.60 7.69
C ALA B 233 -5.97 35.76 7.52
N TRP B 234 -5.42 35.92 6.31
CA TRP B 234 -4.55 37.07 6.07
C TRP B 234 -5.36 38.28 5.59
N SER B 235 -4.76 39.47 5.73
CA SER B 235 -5.42 40.75 5.58
C SER B 235 -6.83 40.71 6.21
N PRO B 236 -6.92 40.48 7.51
CA PRO B 236 -8.25 40.34 8.14
C PRO B 236 -9.03 41.65 8.19
N LEU B 237 -8.37 42.78 7.91
CA LEU B 237 -9.03 44.06 7.77
C LEU B 237 -9.13 44.46 6.31
N HIS B 238 -8.89 43.51 5.41
CA HIS B 238 -8.82 43.77 3.97
C HIS B 238 -7.82 44.89 3.70
N GLY B 239 -6.61 44.74 4.25
CA GLY B 239 -5.56 45.70 4.04
C GLY B 239 -5.78 47.02 4.74
N GLY B 240 -6.51 47.03 5.85
CA GLY B 240 -6.83 48.26 6.56
C GLY B 240 -8.17 48.86 6.21
N LEU B 241 -8.81 48.40 5.13
CA LEU B 241 -10.09 48.98 4.73
C LEU B 241 -11.11 48.98 5.87
N LEU B 242 -11.10 47.94 6.71
CA LEU B 242 -12.11 47.72 7.73
C LEU B 242 -11.72 48.28 9.09
N GLY B 243 -10.62 49.04 9.16
CA GLY B 243 -10.20 49.57 10.44
C GLY B 243 -10.54 51.04 10.64
N GLY B 244 -11.54 51.53 9.92
CA GLY B 244 -11.90 52.94 9.97
C GLY B 244 -11.30 53.79 8.88
N ALA B 245 -11.08 53.24 7.68
CA ALA B 245 -10.34 53.96 6.66
C ALA B 245 -11.08 55.22 6.21
N ILE B 246 -12.42 55.19 6.19
CA ILE B 246 -13.19 56.35 5.75
C ILE B 246 -13.05 57.49 6.76
N ARG B 247 -13.29 57.20 8.04
CA ARG B 247 -13.03 58.22 9.07
C ARG B 247 -11.63 58.80 8.94
N LYS B 248 -10.61 57.94 8.83
CA LYS B 248 -9.26 58.46 8.78
C LYS B 248 -8.94 59.19 7.47
N GLU B 249 -9.79 59.08 6.43
CA GLU B 249 -9.53 59.84 5.20
C GLU B 249 -9.59 61.35 5.44
N GLN B 250 -10.38 61.82 6.40
CA GLN B 250 -10.44 63.25 6.68
C GLN B 250 -9.67 63.64 7.94
N GLU B 251 -9.63 62.77 8.95
CA GLU B 251 -8.77 63.05 10.09
C GLU B 251 -7.29 62.86 9.78
N GLY B 252 -6.95 62.26 8.63
CA GLY B 252 -5.63 61.74 8.41
C GLY B 252 -5.45 60.38 9.06
N GLY B 253 -4.35 59.72 8.74
CA GLY B 253 -3.97 58.51 9.46
C GLY B 253 -3.93 57.24 8.65
N ASN B 254 -4.45 57.22 7.42
CA ASN B 254 -4.31 56.02 6.59
C ASN B 254 -2.88 55.86 6.08
N ARG B 255 -2.35 54.65 6.22
CA ARG B 255 -1.04 54.33 5.70
C ARG B 255 -1.22 53.15 4.76
N ARG B 256 -1.27 51.94 5.31
CA ARG B 256 -1.56 50.78 4.47
C ARG B 256 -2.94 50.92 3.83
N ALA B 257 -3.93 51.43 4.57
CA ALA B 257 -5.26 51.64 4.00
C ALA B 257 -5.27 52.67 2.87
N ALA B 258 -4.15 53.34 2.57
CA ALA B 258 -4.12 54.28 1.45
C ALA B 258 -3.79 53.61 0.13
N SER B 259 -3.26 52.40 0.15
CA SER B 259 -2.84 51.74 -1.08
C SER B 259 -3.54 50.40 -1.21
N GLY B 260 -3.21 49.71 -2.30
CA GLY B 260 -3.57 48.32 -2.46
C GLY B 260 -5.06 48.04 -2.41
N ARG B 261 -5.38 46.89 -1.80
CA ARG B 261 -6.74 46.38 -1.69
C ARG B 261 -7.72 47.46 -1.22
N ALA B 262 -7.34 48.18 -0.17
CA ALA B 262 -8.27 49.10 0.47
C ALA B 262 -8.54 50.30 -0.43
N ALA B 263 -7.50 50.81 -1.09
CA ALA B 263 -7.67 51.95 -1.96
C ALA B 263 -8.54 51.61 -3.16
N ASP B 264 -8.28 50.45 -3.77
CA ASP B 264 -9.13 49.97 -4.85
C ASP B 264 -10.59 49.85 -4.40
N ALA B 265 -10.81 49.22 -3.24
CA ALA B 265 -12.18 49.00 -2.79
C ALA B 265 -12.94 50.31 -2.64
N LEU B 266 -12.30 51.35 -2.09
CA LEU B 266 -12.94 52.64 -1.95
C LEU B 266 -13.07 53.38 -3.27
N LYS B 267 -12.32 52.99 -4.30
CA LYS B 267 -12.51 53.56 -5.62
C LYS B 267 -13.79 53.04 -6.29
N ASP B 268 -14.37 51.97 -5.74
CA ASP B 268 -15.59 51.39 -6.26
C ASP B 268 -16.76 51.88 -5.43
N PRO B 269 -17.73 52.58 -6.02
CA PRO B 269 -18.81 53.17 -5.20
C PRO B 269 -19.62 52.14 -4.42
N GLN B 270 -19.84 50.94 -4.95
CA GLN B 270 -20.62 49.96 -4.20
C GLN B 270 -19.85 49.44 -2.99
N GLN B 271 -18.54 49.23 -3.13
CA GLN B 271 -17.74 48.76 -2.00
C GLN B 271 -17.55 49.88 -0.99
N ARG B 272 -17.41 51.11 -1.46
CA ARG B 272 -17.26 52.22 -0.51
C ARG B 272 -18.52 52.41 0.32
N GLU B 273 -19.70 52.14 -0.27
CA GLU B 273 -20.93 52.26 0.50
C GLU B 273 -21.02 51.16 1.55
N GLN B 274 -20.56 49.94 1.23
CA GLN B 274 -20.49 48.89 2.23
C GLN B 274 -19.68 49.35 3.43
N ILE B 275 -18.53 49.97 3.17
CA ILE B 275 -17.65 50.42 4.25
C ILE B 275 -18.31 51.56 5.00
N GLN B 276 -19.00 52.45 4.30
CA GLN B 276 -19.72 53.54 4.96
C GLN B 276 -20.77 53.00 5.92
N ARG B 277 -21.65 52.13 5.41
CA ARG B 277 -22.65 51.50 6.29
C ARG B 277 -22.00 50.77 7.45
N TYR B 278 -20.83 50.15 7.21
CA TYR B 278 -20.08 49.49 8.27
C TYR B 278 -19.65 50.46 9.36
N GLU B 279 -19.02 51.56 8.96
CA GLU B 279 -18.55 52.52 9.96
C GLU B 279 -19.74 53.21 10.65
N ASP B 280 -20.79 53.54 9.88
CA ASP B 280 -22.01 54.08 10.48
C ASP B 280 -22.57 53.12 11.51
N LEU B 281 -22.67 51.84 11.15
CA LEU B 281 -23.26 50.84 12.04
C LEU B 281 -22.53 50.78 13.38
N LEU B 282 -21.19 50.85 13.34
CA LEU B 282 -20.42 50.69 14.57
C LEU B 282 -20.30 51.98 15.36
N ASP B 283 -20.33 53.13 14.70
CA ASP B 283 -20.47 54.38 15.46
C ASP B 283 -21.65 54.28 16.41
N LYS B 284 -22.74 53.68 15.95
CA LYS B 284 -23.97 53.68 16.72
C LYS B 284 -23.92 52.65 17.83
N HIS B 285 -23.26 51.53 17.59
CA HIS B 285 -23.11 50.54 18.65
C HIS B 285 -21.93 50.83 19.57
N GLY B 286 -21.16 51.88 19.33
CA GLY B 286 -20.01 52.18 20.19
C GLY B 286 -18.89 51.16 20.12
N LEU B 287 -18.57 50.69 18.92
CA LEU B 287 -17.59 49.62 18.72
C LEU B 287 -16.52 50.10 17.75
N GLU B 288 -15.29 49.56 17.90
CA GLU B 288 -14.18 49.97 17.02
C GLU B 288 -14.14 49.10 15.77
N PRO B 289 -13.99 49.69 14.58
CA PRO B 289 -14.19 48.90 13.34
C PRO B 289 -13.14 47.83 13.10
N GLY B 290 -11.86 48.13 13.35
CA GLY B 290 -10.85 47.10 13.25
C GLY B 290 -11.09 45.97 14.24
N GLU B 291 -11.51 46.31 15.46
CA GLU B 291 -11.77 45.29 16.46
C GLU B 291 -12.95 44.41 16.07
N VAL B 292 -13.99 44.98 15.47
CA VAL B 292 -15.14 44.18 15.06
C VAL B 292 -14.73 43.23 13.94
N ALA B 293 -13.89 43.68 13.02
CA ALA B 293 -13.51 42.83 11.91
C ALA B 293 -12.74 41.61 12.39
N LEU B 294 -11.77 41.82 13.30
CA LEU B 294 -11.07 40.71 13.93
C LEU B 294 -12.02 39.77 14.67
N ALA B 295 -12.93 40.33 15.49
CA ALA B 295 -13.83 39.50 16.30
C ALA B 295 -14.78 38.71 15.42
N TRP B 296 -15.21 39.31 14.31
CA TRP B 296 -16.08 38.60 13.38
C TRP B 296 -15.38 37.36 12.83
N LEU B 297 -14.08 37.47 12.53
CA LEU B 297 -13.37 36.30 12.02
C LEU B 297 -13.30 35.20 13.08
N LEU B 298 -13.12 35.58 14.35
CA LEU B 298 -13.06 34.62 15.44
C LEU B 298 -14.35 33.83 15.63
N THR B 299 -15.48 34.29 15.05
CA THR B 299 -16.72 33.55 15.12
C THR B 299 -16.93 32.57 13.96
N ARG B 300 -16.10 32.64 12.92
CA ARG B 300 -16.39 31.89 11.70
C ARG B 300 -15.95 30.44 11.87
N PRO B 301 -16.84 29.49 11.61
CA PRO B 301 -16.49 28.09 11.86
C PRO B 301 -15.30 27.67 10.99
N GLY B 302 -14.40 26.89 11.60
CA GLY B 302 -13.18 26.44 10.95
C GLY B 302 -12.02 27.40 11.04
N VAL B 303 -12.25 28.64 11.45
CA VAL B 303 -11.21 29.66 11.42
C VAL B 303 -10.40 29.58 12.72
N THR B 304 -9.10 29.27 12.59
CA THR B 304 -8.20 29.31 13.75
C THR B 304 -8.12 30.72 14.33
N GLY B 305 -7.81 31.70 13.49
CA GLY B 305 -7.81 33.08 13.91
C GLY B 305 -7.36 33.99 12.78
N PRO B 306 -7.48 35.30 12.99
CA PRO B 306 -6.92 36.24 12.01
C PRO B 306 -5.42 36.40 12.23
N ILE B 307 -4.72 36.69 11.13
CA ILE B 307 -3.33 37.11 11.23
C ILE B 307 -3.36 38.63 11.35
N VAL B 308 -3.24 39.16 12.56
CA VAL B 308 -3.36 40.61 12.70
C VAL B 308 -2.17 41.28 12.02
N GLY B 309 -2.41 42.49 11.48
CA GLY B 309 -1.38 43.26 10.82
C GLY B 309 -1.08 44.60 11.47
N PRO B 310 -0.69 44.61 12.74
CA PRO B 310 -0.45 45.90 13.40
C PRO B 310 0.70 46.66 12.74
N ARG B 311 0.50 47.97 12.56
CA ARG B 311 1.59 48.88 12.22
C ARG B 311 2.22 49.52 13.46
N THR B 312 1.49 49.58 14.56
CA THR B 312 1.91 50.27 15.77
C THR B 312 1.59 49.41 16.97
N ALA B 313 2.28 49.68 18.08
CA ALA B 313 1.97 49.00 19.33
C ALA B 313 0.49 49.15 19.70
N ASP B 314 -0.08 50.34 19.47
CA ASP B 314 -1.48 50.56 19.88
C ASP B 314 -2.44 49.80 18.98
N GLN B 315 -2.06 49.55 17.73
CA GLN B 315 -2.88 48.67 16.90
C GLN B 315 -2.82 47.23 17.39
N LEU B 316 -1.70 46.81 17.97
CA LEU B 316 -1.66 45.47 18.55
C LEU B 316 -2.54 45.39 19.80
N ALA B 317 -2.48 46.41 20.66
CA ALA B 317 -3.33 46.42 21.85
C ALA B 317 -4.80 46.39 21.46
N SER B 318 -5.15 47.10 20.39
CA SER B 318 -6.52 47.08 19.88
C SER B 318 -6.92 45.66 19.49
N ALA B 319 -6.06 44.98 18.73
CA ALA B 319 -6.32 43.59 18.32
C ALA B 319 -6.57 42.68 19.53
N VAL B 320 -5.79 42.86 20.60
CA VAL B 320 -5.94 42.01 21.77
C VAL B 320 -7.29 42.24 22.44
N ARG B 321 -7.77 43.49 22.43
CA ARG B 321 -9.09 43.76 22.99
C ARG B 321 -10.16 43.09 22.15
N ALA B 322 -9.99 43.12 20.81
CA ALA B 322 -10.92 42.44 19.91
C ALA B 322 -11.02 40.95 20.18
N ALA B 323 -9.97 40.34 20.74
CA ALA B 323 -10.06 38.91 21.05
C ALA B 323 -10.86 38.64 22.32
N GLU B 324 -11.15 39.68 23.11
CA GLU B 324 -12.04 39.59 24.27
C GLU B 324 -13.46 40.06 23.96
N LEU B 325 -13.67 40.69 22.81
CA LEU B 325 -14.98 41.18 22.45
C LEU B 325 -15.99 40.03 22.33
N THR B 326 -17.26 40.34 22.54
CA THR B 326 -18.36 39.45 22.17
C THR B 326 -19.33 40.23 21.30
N LEU B 327 -19.53 39.78 20.06
CA LEU B 327 -20.43 40.46 19.15
C LEU B 327 -21.84 39.91 19.34
N THR B 328 -22.81 40.80 19.50
CA THR B 328 -24.17 40.34 19.74
C THR B 328 -24.74 39.72 18.47
N ASP B 329 -25.79 38.92 18.66
CA ASP B 329 -26.48 38.38 17.49
C ASP B 329 -27.03 39.49 16.61
N GLU B 330 -27.36 40.63 17.21
CA GLU B 330 -27.86 41.77 16.44
C GLU B 330 -26.77 42.31 15.51
N VAL B 331 -25.56 42.51 16.04
CA VAL B 331 -24.47 43.01 15.21
C VAL B 331 -24.11 42.01 14.12
N LEU B 332 -23.95 40.74 14.51
CA LEU B 332 -23.61 39.69 13.55
C LEU B 332 -24.59 39.70 12.38
N THR B 333 -25.88 39.89 12.68
CA THR B 333 -26.90 39.92 11.64
C THR B 333 -26.79 41.18 10.79
N ALA B 334 -26.45 42.31 11.41
CA ALA B 334 -26.25 43.54 10.64
C ALA B 334 -25.06 43.41 9.69
N LEU B 335 -23.94 42.87 10.19
CA LEU B 335 -22.76 42.68 9.35
C LEU B 335 -23.06 41.74 8.19
N ASP B 336 -23.83 40.68 8.44
CA ASP B 336 -24.17 39.77 7.37
C ASP B 336 -25.03 40.43 6.30
N GLU B 337 -25.83 41.39 6.69
CA GLU B 337 -26.64 42.11 5.73
C GLU B 337 -25.78 43.01 4.86
N ILE B 338 -24.81 43.67 5.48
CA ILE B 338 -23.90 44.52 4.71
C ILE B 338 -22.95 43.68 3.85
N PHE B 339 -22.38 42.61 4.43
CA PHE B 339 -21.33 41.81 3.81
C PHE B 339 -21.82 40.37 3.63
N PRO B 340 -22.71 40.13 2.66
CA PRO B 340 -23.21 38.75 2.49
C PRO B 340 -22.11 37.84 1.99
N GLY B 341 -22.12 36.60 2.49
CA GLY B 341 -21.19 35.58 2.03
C GLY B 341 -21.84 34.67 1.02
N PRO B 342 -21.04 33.92 0.27
CA PRO B 342 -21.63 32.97 -0.69
C PRO B 342 -22.00 31.63 -0.08
N GLY B 343 -21.40 31.24 1.04
CA GLY B 343 -21.55 29.88 1.52
C GLY B 343 -20.82 28.88 0.64
N PRO B 344 -21.02 27.60 0.91
CA PRO B 344 -20.26 26.57 0.20
C PRO B 344 -20.79 26.30 -1.20
N SER B 345 -19.86 25.84 -2.06
CA SER B 345 -20.16 25.18 -3.32
C SER B 345 -20.58 23.74 -3.07
N PRO B 346 -21.50 23.21 -3.88
CA PRO B 346 -22.08 23.84 -5.06
C PRO B 346 -23.26 24.75 -4.76
N GLU B 347 -23.81 24.72 -3.53
CA GLU B 347 -25.00 25.51 -3.21
C GLU B 347 -24.82 26.99 -3.54
N ALA B 348 -23.57 27.47 -3.54
CA ALA B 348 -23.33 28.90 -3.78
C ALA B 348 -23.71 29.33 -5.20
N PHE B 349 -23.53 28.46 -6.19
CA PHE B 349 -23.91 28.85 -7.54
C PHE B 349 -24.91 27.90 -8.20
N ALA B 350 -25.22 26.75 -7.59
CA ALA B 350 -26.07 25.76 -8.24
C ALA B 350 -27.27 25.51 -7.34
N TRP B 351 -27.33 24.39 -6.63
CA TRP B 351 -28.36 24.15 -5.60
C TRP B 351 -27.88 23.18 -4.49
N MET C 21 -13.16 -35.85 23.68
CA MET C 21 -12.39 -35.38 22.51
C MET C 21 -11.79 -33.97 22.71
N GLU C 22 -10.48 -33.84 22.51
CA GLU C 22 -9.83 -32.55 22.61
C GLU C 22 -10.03 -31.77 21.31
N TYR C 23 -10.29 -30.47 21.44
CA TYR C 23 -10.40 -29.56 20.32
C TYR C 23 -9.30 -28.51 20.40
N THR C 24 -9.02 -27.89 19.25
CA THR C 24 -8.05 -26.81 19.20
C THR C 24 -8.42 -25.90 18.05
N GLN C 25 -7.87 -24.69 18.08
CA GLN C 25 -7.95 -23.81 16.93
C GLN C 25 -6.98 -24.27 15.85
N LEU C 26 -7.40 -24.23 14.59
CA LEU C 26 -6.51 -24.55 13.47
C LEU C 26 -5.56 -23.37 13.29
N GLY C 27 -4.37 -23.47 13.87
CA GLY C 27 -3.44 -22.36 13.79
C GLY C 27 -4.03 -21.10 14.37
N ARG C 28 -3.94 -20.02 13.60
CA ARG C 28 -4.34 -18.69 14.04
C ARG C 28 -5.81 -18.39 13.75
N ILE C 29 -6.50 -19.23 12.99
CA ILE C 29 -7.81 -18.85 12.49
C ILE C 29 -8.92 -19.27 13.45
N GLY C 30 -10.14 -18.78 13.19
CA GLY C 30 -11.27 -19.01 14.08
C GLY C 30 -11.84 -20.41 14.07
N LEU C 31 -11.42 -21.23 13.11
CA LEU C 31 -11.95 -22.59 12.97
C LEU C 31 -11.47 -23.48 14.13
N LYS C 32 -12.42 -24.13 14.79
CA LYS C 32 -12.11 -25.06 15.87
C LYS C 32 -12.26 -26.48 15.34
N VAL C 33 -11.24 -27.30 15.56
CA VAL C 33 -11.22 -28.66 15.00
C VAL C 33 -10.86 -29.65 16.08
N SER C 34 -11.35 -30.87 15.91
CA SER C 34 -10.89 -32.01 16.70
C SER C 34 -9.41 -32.27 16.46
N ARG C 35 -8.69 -32.69 17.50
CA ARG C 35 -7.26 -32.95 17.38
C ARG C 35 -6.99 -34.26 16.67
N LEU C 36 -8.03 -35.02 16.34
CA LEU C 36 -7.93 -36.11 15.38
C LEU C 36 -8.63 -35.66 14.11
N VAL C 37 -7.96 -35.83 12.98
CA VAL C 37 -8.53 -35.54 11.66
C VAL C 37 -8.82 -36.87 11.00
N LEU C 38 -10.06 -37.07 10.58
CA LEU C 38 -10.45 -38.32 9.94
C LEU C 38 -9.96 -38.32 8.50
N GLY C 39 -8.94 -39.12 8.20
CA GLY C 39 -8.53 -39.29 6.81
C GLY C 39 -9.37 -40.34 6.10
N THR C 40 -9.58 -40.13 4.81
CA THR C 40 -10.52 -40.94 4.05
C THR C 40 -9.87 -41.70 2.90
N MET C 41 -8.53 -41.67 2.79
CA MET C 41 -7.87 -42.30 1.66
C MET C 41 -8.16 -43.80 1.58
N ASN C 42 -8.33 -44.48 2.72
CA ASN C 42 -8.68 -45.90 2.70
C ASN C 42 -10.07 -46.15 2.13
N PHE C 43 -10.95 -45.15 2.14
CA PHE C 43 -12.34 -45.36 1.77
C PHE C 43 -12.39 -45.52 0.25
N GLY C 44 -12.57 -46.75 -0.22
CA GLY C 44 -12.68 -47.02 -1.63
C GLY C 44 -11.82 -48.19 -2.05
N PRO C 45 -10.49 -48.00 -2.00
CA PRO C 45 -9.58 -49.08 -2.39
C PRO C 45 -9.28 -50.08 -1.30
N THR C 46 -9.69 -49.82 -0.06
CA THR C 46 -9.28 -50.65 1.06
C THR C 46 -10.46 -50.92 1.97
N THR C 47 -11.30 -49.90 2.18
CA THR C 47 -12.52 -50.01 2.96
C THR C 47 -13.69 -49.76 2.03
N ASP C 48 -14.70 -50.62 2.08
CA ASP C 48 -15.81 -50.47 1.14
C ASP C 48 -16.70 -49.32 1.58
N GLU C 49 -17.66 -48.99 0.72
CA GLU C 49 -18.53 -47.85 0.96
C GLU C 49 -19.36 -48.01 2.23
N ALA C 50 -19.91 -49.20 2.45
CA ALA C 50 -20.72 -49.46 3.64
C ALA C 50 -19.92 -49.22 4.91
N GLU C 51 -18.72 -49.79 5.00
CA GLU C 51 -17.96 -49.61 6.21
C GLU C 51 -17.38 -48.21 6.35
N SER C 52 -17.03 -47.56 5.23
CA SER C 52 -16.56 -46.17 5.32
C SER C 52 -17.62 -45.27 5.91
N HIS C 53 -18.89 -45.48 5.54
CA HIS C 53 -19.97 -44.72 6.15
C HIS C 53 -20.06 -44.97 7.65
N ALA C 54 -19.77 -46.20 8.07
CA ALA C 54 -19.84 -46.51 9.50
C ALA C 54 -18.75 -45.76 10.24
N ILE C 55 -17.53 -45.79 9.69
CA ILE C 55 -16.41 -45.08 10.30
C ILE C 55 -16.73 -43.59 10.40
N MET C 56 -17.39 -43.04 9.39
CA MET C 56 -17.68 -41.60 9.42
C MET C 56 -18.77 -41.29 10.44
N ASP C 57 -19.78 -42.15 10.52
CA ASP C 57 -20.77 -42.01 11.59
C ASP C 57 -20.12 -42.13 12.95
N ALA C 58 -19.20 -43.09 13.12
CA ALA C 58 -18.58 -43.25 14.42
C ALA C 58 -17.71 -42.05 14.77
N ALA C 59 -17.00 -41.50 13.78
CA ALA C 59 -16.14 -40.34 14.01
C ALA C 59 -16.96 -39.15 14.49
N LEU C 60 -18.09 -38.89 13.83
CA LEU C 60 -18.97 -37.83 14.27
C LEU C 60 -19.48 -38.09 15.67
N ASP C 61 -19.80 -39.36 15.99
CA ASP C 61 -20.26 -39.68 17.33
C ASP C 61 -19.16 -39.44 18.35
N ALA C 62 -17.91 -39.64 17.97
CA ALA C 62 -16.80 -39.37 18.86
C ALA C 62 -16.43 -37.90 18.94
N GLY C 63 -17.10 -37.03 18.18
CA GLY C 63 -16.77 -35.63 18.18
C GLY C 63 -15.72 -35.19 17.17
N ILE C 64 -15.32 -36.08 16.26
CA ILE C 64 -14.38 -35.70 15.20
C ILE C 64 -15.15 -34.93 14.14
N ASN C 65 -14.68 -33.73 13.81
CA ASN C 65 -15.47 -32.83 13.00
C ASN C 65 -14.74 -32.35 11.75
N PHE C 66 -13.60 -32.95 11.45
CA PHE C 66 -12.64 -32.45 10.49
C PHE C 66 -12.22 -33.65 9.65
N PHE C 67 -12.67 -33.70 8.38
CA PHE C 67 -12.41 -34.82 7.48
C PHE C 67 -11.47 -34.38 6.37
N ASP C 68 -10.48 -35.21 6.05
CA ASP C 68 -9.60 -34.94 4.91
C ASP C 68 -9.85 -35.94 3.79
N THR C 69 -10.06 -35.44 2.58
CA THR C 69 -10.12 -36.28 1.39
C THR C 69 -9.31 -35.63 0.29
N ALA C 70 -9.32 -36.23 -0.90
CA ALA C 70 -8.66 -35.66 -2.07
C ALA C 70 -9.39 -36.13 -3.31
N ASN C 71 -9.30 -35.33 -4.38
CA ASN C 71 -10.03 -35.70 -5.58
C ASN C 71 -9.50 -37.02 -6.15
N VAL C 72 -8.21 -37.29 -5.98
CA VAL C 72 -7.62 -38.48 -6.60
C VAL C 72 -7.78 -39.73 -5.74
N TYR C 73 -8.40 -39.65 -4.58
CA TYR C 73 -8.54 -40.83 -3.73
C TYR C 73 -9.56 -41.77 -4.34
N GLY C 74 -9.32 -43.07 -4.22
CA GLY C 74 -10.06 -44.06 -4.97
C GLY C 74 -9.08 -44.89 -5.77
N TRP C 75 -8.02 -44.23 -6.24
CA TRP C 75 -6.87 -44.79 -6.95
C TRP C 75 -7.20 -45.22 -8.38
N GLY C 76 -6.23 -45.05 -9.27
CA GLY C 76 -6.31 -45.60 -10.62
C GLY C 76 -7.54 -45.12 -11.39
N GLU C 77 -8.22 -46.06 -12.04
CA GLU C 77 -9.43 -45.71 -12.77
C GLU C 77 -10.58 -45.35 -11.84
N ASN C 78 -10.44 -45.56 -10.52
CA ASN C 78 -11.46 -45.15 -9.56
C ASN C 78 -11.15 -43.83 -8.87
N LYS C 79 -10.20 -43.05 -9.38
CA LYS C 79 -9.96 -41.71 -8.84
C LYS C 79 -11.27 -40.93 -8.78
N GLY C 80 -11.57 -40.39 -7.60
CA GLY C 80 -12.84 -39.72 -7.36
C GLY C 80 -13.82 -40.51 -6.53
N ARG C 81 -13.59 -41.81 -6.36
CA ARG C 81 -14.54 -42.65 -5.64
C ARG C 81 -14.69 -42.20 -4.18
N THR C 82 -13.57 -41.85 -3.53
CA THR C 82 -13.61 -41.46 -2.13
C THR C 82 -14.50 -40.24 -1.92
N GLU C 83 -14.34 -39.21 -2.76
CA GLU C 83 -15.24 -38.06 -2.70
C GLU C 83 -16.70 -38.49 -2.88
N GLU C 84 -16.95 -39.45 -3.79
CA GLU C 84 -18.32 -39.91 -4.02
C GLU C 84 -18.88 -40.65 -2.82
N ILE C 85 -18.03 -41.39 -2.11
CA ILE C 85 -18.45 -42.04 -0.87
C ILE C 85 -18.85 -40.99 0.16
N LEU C 86 -18.04 -39.93 0.30
CA LEU C 86 -18.45 -38.84 1.17
C LEU C 86 -19.73 -38.19 0.68
N GLY C 87 -19.88 -38.07 -0.65
CA GLY C 87 -21.09 -37.51 -1.20
C GLY C 87 -22.34 -38.28 -0.79
N SER C 88 -22.28 -39.61 -0.82
CA SER C 88 -23.47 -40.38 -0.45
C SER C 88 -23.68 -40.36 1.05
N TRP C 89 -22.61 -40.24 1.82
CA TRP C 89 -22.75 -40.06 3.26
C TRP C 89 -23.46 -38.76 3.58
N PHE C 90 -23.03 -37.65 2.96
CA PHE C 90 -23.71 -36.37 3.21
C PHE C 90 -25.18 -36.42 2.79
N ALA C 91 -25.47 -37.07 1.65
CA ALA C 91 -26.83 -37.05 1.10
C ALA C 91 -27.83 -37.75 2.00
N GLN C 92 -27.37 -38.59 2.93
CA GLN C 92 -28.24 -39.18 3.92
C GLN C 92 -28.93 -38.14 4.80
N GLY C 93 -28.40 -36.93 4.87
CA GLY C 93 -28.96 -35.89 5.72
C GLY C 93 -28.46 -35.98 7.15
N GLY C 94 -29.32 -35.69 8.12
CA GLY C 94 -28.92 -35.85 9.51
C GLY C 94 -27.87 -34.87 10.00
N ASP C 95 -27.80 -33.67 9.42
CA ASP C 95 -26.86 -32.62 9.81
C ASP C 95 -25.40 -32.98 9.53
N ARG C 96 -25.15 -34.00 8.71
CA ARG C 96 -23.78 -34.44 8.47
C ARG C 96 -22.92 -33.34 7.83
N ARG C 97 -23.39 -32.78 6.70
CA ARG C 97 -22.60 -31.75 6.04
C ARG C 97 -22.37 -30.56 6.97
N ASP C 98 -23.41 -30.14 7.69
CA ASP C 98 -23.30 -28.94 8.52
C ASP C 98 -22.32 -29.12 9.68
N LYS C 99 -22.13 -30.33 10.15
CA LYS C 99 -21.23 -30.57 11.28
C LYS C 99 -19.78 -30.77 10.87
N VAL C 100 -19.52 -31.16 9.62
CA VAL C 100 -18.18 -31.56 9.20
C VAL C 100 -17.45 -30.39 8.57
N VAL C 101 -16.21 -30.17 8.98
CA VAL C 101 -15.29 -29.30 8.27
C VAL C 101 -14.68 -30.14 7.15
N LEU C 102 -15.04 -29.85 5.92
CA LEU C 102 -14.79 -30.74 4.79
C LEU C 102 -13.60 -30.23 4.01
N ALA C 103 -12.51 -31.01 4.00
CA ALA C 103 -11.31 -30.63 3.28
C ALA C 103 -11.07 -31.57 2.12
N THR C 104 -10.76 -31.01 0.95
CA THR C 104 -10.25 -31.87 -0.10
C THR C 104 -9.04 -31.21 -0.75
N LYS C 105 -8.65 -31.66 -1.94
CA LYS C 105 -7.39 -31.20 -2.52
C LYS C 105 -7.49 -31.08 -4.03
N VAL C 106 -6.54 -30.30 -4.57
CA VAL C 106 -6.34 -30.10 -6.00
C VAL C 106 -4.83 -30.12 -6.25
N TYR C 107 -4.43 -30.67 -7.40
CA TYR C 107 -3.08 -30.77 -7.96
C TYR C 107 -2.94 -32.06 -8.75
N GLY C 108 -3.50 -33.15 -8.26
CA GLY C 108 -3.27 -34.45 -8.87
C GLY C 108 -3.99 -34.61 -10.18
N ASN C 109 -3.45 -35.48 -11.01
CA ASN C 109 -4.09 -35.83 -12.28
C ASN C 109 -5.30 -36.74 -12.03
N MET C 110 -6.45 -36.35 -12.58
CA MET C 110 -7.69 -37.09 -12.43
C MET C 110 -8.02 -37.98 -13.64
N GLY C 111 -7.22 -37.92 -14.71
CA GLY C 111 -7.39 -38.76 -15.87
C GLY C 111 -6.65 -40.05 -15.72
N LEU C 112 -6.39 -40.71 -16.85
CA LEU C 112 -5.67 -41.97 -16.84
C LEU C 112 -4.26 -41.81 -16.26
N ASP C 113 -3.90 -42.68 -15.32
CA ASP C 113 -2.55 -42.68 -14.74
C ASP C 113 -1.51 -42.59 -15.85
N GLY C 114 -0.36 -42.02 -15.51
CA GLY C 114 0.66 -41.75 -16.49
C GLY C 114 0.76 -40.27 -16.76
N PRO C 115 1.50 -39.87 -17.80
CA PRO C 115 1.71 -38.44 -18.06
C PRO C 115 0.39 -37.70 -18.28
N ALA C 116 0.20 -36.64 -17.50
CA ALA C 116 -1.06 -35.92 -17.54
C ALA C 116 -1.14 -35.01 -18.75
N TRP C 117 -2.36 -34.83 -19.26
CA TRP C 117 -2.58 -33.84 -20.29
C TRP C 117 -2.31 -32.46 -19.71
N PRO C 118 -1.67 -31.56 -20.46
CA PRO C 118 -1.22 -30.30 -19.85
C PRO C 118 -2.37 -29.52 -19.22
N ASN C 119 -2.10 -29.00 -18.01
CA ASN C 119 -3.05 -28.24 -17.20
C ASN C 119 -4.22 -29.08 -16.70
N HIS C 120 -4.05 -30.40 -16.66
CA HIS C 120 -4.96 -31.29 -15.95
C HIS C 120 -4.32 -31.84 -14.69
N ASP C 121 -3.12 -31.36 -14.37
CA ASP C 121 -2.52 -31.50 -13.05
C ASP C 121 -1.94 -30.14 -12.65
N LYS C 122 -1.41 -30.06 -11.42
CA LYS C 122 -0.70 -28.89 -10.90
C LYS C 122 -1.66 -27.74 -10.64
N LEU C 123 -1.13 -26.54 -10.37
CA LEU C 123 -1.97 -25.52 -9.76
C LEU C 123 -2.20 -24.31 -10.65
N SER C 124 -2.12 -24.46 -11.97
CA SER C 124 -2.61 -23.40 -12.86
C SER C 124 -4.04 -23.03 -12.51
N ALA C 125 -4.38 -21.77 -12.73
CA ALA C 125 -5.75 -21.32 -12.51
C ALA C 125 -6.73 -22.11 -13.37
N LEU C 126 -6.29 -22.57 -14.54
CA LEU C 126 -7.14 -23.42 -15.37
C LEU C 126 -7.47 -24.75 -14.65
N ASN C 127 -6.45 -25.43 -14.11
CA ASN C 127 -6.74 -26.70 -13.45
C ASN C 127 -7.49 -26.50 -12.14
N ILE C 128 -7.29 -25.36 -11.46
CA ILE C 128 -8.01 -25.12 -10.23
C ILE C 128 -9.50 -24.98 -10.51
N ARG C 129 -9.84 -24.20 -11.54
CA ARG C 129 -11.22 -24.08 -11.99
C ARG C 129 -11.86 -25.44 -12.21
N ARG C 130 -11.22 -26.29 -13.02
CA ARG C 130 -11.88 -27.54 -13.38
C ARG C 130 -11.86 -28.57 -12.26
N SER C 131 -10.83 -28.56 -11.40
CA SER C 131 -10.80 -29.55 -10.34
C SER C 131 -11.86 -29.30 -9.29
N VAL C 132 -12.11 -28.04 -8.97
CA VAL C 132 -12.99 -27.77 -7.84
C VAL C 132 -14.45 -27.99 -8.22
N ASP C 133 -14.82 -27.71 -9.47
CA ASP C 133 -16.17 -28.06 -9.90
C ASP C 133 -16.37 -29.57 -9.87
N ALA C 134 -15.39 -30.33 -10.37
CA ALA C 134 -15.46 -31.80 -10.30
C ALA C 134 -15.56 -32.28 -8.86
N SER C 135 -14.71 -31.76 -7.97
CA SER C 135 -14.81 -32.17 -6.56
C SER C 135 -16.17 -31.82 -5.97
N LEU C 136 -16.74 -30.69 -6.35
CA LEU C 136 -18.00 -30.26 -5.74
C LEU C 136 -19.16 -31.16 -6.18
N LYS C 137 -19.18 -31.57 -7.46
CA LYS C 137 -20.27 -32.44 -7.88
C LYS C 137 -20.14 -33.84 -7.26
N ARG C 138 -18.92 -34.39 -7.19
CA ARG C 138 -18.76 -35.71 -6.58
C ARG C 138 -19.16 -35.71 -5.10
N LEU C 139 -18.79 -34.65 -4.36
CA LEU C 139 -19.12 -34.53 -2.95
C LEU C 139 -20.58 -34.19 -2.70
N GLY C 140 -21.33 -33.79 -3.73
CA GLY C 140 -22.72 -33.46 -3.53
C GLY C 140 -22.96 -32.23 -2.67
N THR C 141 -22.04 -31.28 -2.67
CA THR C 141 -22.14 -30.09 -1.82
C THR C 141 -21.80 -28.84 -2.64
N ASP C 142 -22.28 -27.71 -2.16
CA ASP C 142 -21.99 -26.44 -2.83
C ASP C 142 -20.75 -25.72 -2.28
N HIS C 143 -20.03 -26.30 -1.32
CA HIS C 143 -18.85 -25.59 -0.86
C HIS C 143 -17.92 -26.54 -0.12
N ILE C 144 -16.62 -26.29 -0.27
CA ILE C 144 -15.57 -27.00 0.45
C ILE C 144 -15.04 -26.06 1.53
N ASP C 145 -14.87 -26.57 2.75
CA ASP C 145 -14.42 -25.71 3.81
C ASP C 145 -12.93 -25.42 3.74
N LEU C 146 -12.11 -26.43 3.43
CA LEU C 146 -10.67 -26.27 3.35
C LEU C 146 -10.22 -26.88 2.02
N TYR C 147 -9.90 -26.04 1.05
CA TYR C 147 -9.40 -26.49 -0.24
C TYR C 147 -7.89 -26.42 -0.18
N GLN C 148 -7.22 -27.55 -0.43
CA GLN C 148 -5.80 -27.66 -0.17
C GLN C 148 -5.03 -27.98 -1.44
N PHE C 149 -3.90 -27.30 -1.62
CA PHE C 149 -2.94 -27.72 -2.63
C PHE C 149 -2.28 -29.02 -2.15
N HIS C 150 -2.41 -30.07 -2.98
CA HIS C 150 -1.84 -31.36 -2.65
C HIS C 150 -0.32 -31.32 -2.56
N HIS C 151 0.31 -30.44 -3.32
CA HIS C 151 1.76 -30.38 -3.41
C HIS C 151 2.13 -28.99 -3.88
N VAL C 152 3.34 -28.53 -3.51
CA VAL C 152 3.84 -27.28 -4.07
C VAL C 152 3.93 -27.42 -5.59
N ASP C 153 3.58 -26.37 -6.31
CA ASP C 153 3.82 -26.29 -7.74
C ASP C 153 4.75 -25.11 -8.00
N ARG C 154 6.02 -25.41 -8.26
CA ARG C 154 7.02 -24.37 -8.44
C ARG C 154 6.83 -23.55 -9.73
N ASP C 155 6.01 -24.00 -10.66
CA ASP C 155 5.80 -23.28 -11.90
C ASP C 155 4.62 -22.32 -11.87
N THR C 156 3.78 -22.34 -10.83
CA THR C 156 2.69 -21.38 -10.78
C THR C 156 3.01 -20.30 -9.75
N PRO C 157 2.98 -19.03 -10.12
CA PRO C 157 3.29 -17.97 -9.14
C PRO C 157 2.09 -17.71 -8.24
N TRP C 158 2.39 -17.11 -7.07
CA TRP C 158 1.36 -16.93 -6.05
C TRP C 158 0.29 -15.93 -6.46
N ASP C 159 0.60 -14.94 -7.31
CA ASP C 159 -0.49 -14.04 -7.69
C ASP C 159 -1.49 -14.74 -8.61
N GLU C 160 -1.06 -15.75 -9.37
CA GLU C 160 -2.01 -16.56 -10.11
C GLU C 160 -2.84 -17.45 -9.17
N ILE C 161 -2.17 -18.19 -8.28
CA ILE C 161 -2.89 -19.06 -7.36
C ILE C 161 -3.89 -18.26 -6.54
N TRP C 162 -3.45 -17.15 -5.95
CA TRP C 162 -4.37 -16.41 -5.09
C TRP C 162 -5.49 -15.75 -5.88
N GLN C 163 -5.26 -15.42 -7.16
CA GLN C 163 -6.40 -15.01 -7.99
C GLN C 163 -7.42 -16.15 -8.08
N ALA C 164 -6.98 -17.36 -8.42
CA ALA C 164 -7.93 -18.47 -8.57
C ALA C 164 -8.64 -18.78 -7.25
N MET C 165 -7.89 -18.86 -6.15
CA MET C 165 -8.53 -19.14 -4.87
C MET C 165 -9.51 -18.05 -4.50
N ASP C 166 -9.13 -16.78 -4.75
CA ASP C 166 -10.00 -15.67 -4.40
C ASP C 166 -11.30 -15.67 -5.21
N VAL C 167 -11.27 -16.14 -6.46
CA VAL C 167 -12.50 -16.24 -7.23
C VAL C 167 -13.45 -17.22 -6.54
N LEU C 168 -12.92 -18.35 -6.09
CA LEU C 168 -13.75 -19.34 -5.41
C LEU C 168 -14.27 -18.83 -4.07
N VAL C 169 -13.40 -18.14 -3.29
CA VAL C 169 -13.82 -17.59 -2.01
C VAL C 169 -14.99 -16.63 -2.18
N ARG C 170 -14.91 -15.76 -3.19
CA ARG C 170 -15.93 -14.74 -3.38
C ARG C 170 -17.23 -15.33 -3.92
N GLN C 171 -17.16 -16.38 -4.73
CA GLN C 171 -18.36 -17.13 -5.12
C GLN C 171 -18.91 -17.96 -3.98
N GLY C 172 -18.21 -18.03 -2.85
CA GLY C 172 -18.62 -18.89 -1.76
C GLY C 172 -18.44 -20.36 -2.02
N LYS C 173 -17.61 -20.74 -2.99
CA LYS C 173 -17.37 -22.15 -3.27
C LYS C 173 -16.36 -22.78 -2.32
N ILE C 174 -15.45 -22.00 -1.72
CA ILE C 174 -14.56 -22.47 -0.66
C ILE C 174 -14.49 -21.41 0.43
N LEU C 175 -13.99 -21.81 1.59
CA LEU C 175 -13.86 -20.90 2.72
C LEU C 175 -12.39 -20.62 3.01
N TYR C 176 -11.63 -21.68 3.24
CA TYR C 176 -10.25 -21.59 3.65
C TYR C 176 -9.38 -22.31 2.64
N VAL C 177 -8.11 -21.92 2.58
CA VAL C 177 -7.13 -22.51 1.71
C VAL C 177 -6.03 -23.08 2.59
N GLY C 178 -5.55 -24.27 2.24
CA GLY C 178 -4.47 -24.90 2.98
C GLY C 178 -3.43 -25.41 2.01
N SER C 179 -2.28 -25.77 2.55
CA SER C 179 -1.25 -26.33 1.71
C SER C 179 -1.00 -27.77 2.15
N SER C 180 -0.27 -28.51 1.31
CA SER C 180 0.18 -29.84 1.67
C SER C 180 1.47 -30.10 0.92
N ASN C 181 2.43 -30.76 1.57
CA ASN C 181 3.76 -31.02 0.99
C ASN C 181 4.38 -29.75 0.41
N PHE C 182 4.48 -28.74 1.26
CA PHE C 182 5.20 -27.51 0.97
C PHE C 182 6.54 -27.53 1.68
N ALA C 183 7.50 -26.79 1.13
CA ALA C 183 8.63 -26.39 1.97
C ALA C 183 8.22 -25.22 2.86
N GLY C 184 9.00 -25.01 3.93
CA GLY C 184 8.70 -23.89 4.81
C GLY C 184 8.71 -22.55 4.08
N TRP C 185 9.71 -22.36 3.19
CA TRP C 185 9.78 -21.09 2.48
C TRP C 185 8.60 -20.91 1.52
N ASN C 186 7.99 -22.01 1.05
CA ASN C 186 6.76 -21.86 0.27
C ASN C 186 5.62 -21.30 1.11
N ILE C 187 5.48 -21.78 2.34
CA ILE C 187 4.47 -21.26 3.26
C ILE C 187 4.66 -19.76 3.46
N ALA C 188 5.90 -19.34 3.76
CA ALA C 188 6.19 -17.93 3.99
C ALA C 188 5.82 -17.09 2.76
N GLN C 189 6.31 -17.48 1.58
CA GLN C 189 6.00 -16.72 0.36
C GLN C 189 4.51 -16.62 0.12
N ALA C 190 3.79 -17.74 0.27
CA ALA C 190 2.36 -17.74 -0.02
C ALA C 190 1.62 -16.75 0.89
N ASN C 191 1.94 -16.78 2.18
CA ASN C 191 1.14 -15.99 3.11
C ASN C 191 1.54 -14.53 3.09
N GLU C 192 2.83 -14.24 2.88
CA GLU C 192 3.21 -12.86 2.64
C GLU C 192 2.51 -12.30 1.41
N THR C 193 2.47 -13.09 0.33
CA THR C 193 1.78 -12.62 -0.87
C THR C 193 0.29 -12.37 -0.60
N ALA C 194 -0.35 -13.29 0.12
CA ALA C 194 -1.77 -13.11 0.43
C ALA C 194 -2.01 -11.85 1.24
N ALA C 195 -1.17 -11.63 2.27
CA ALA C 195 -1.40 -10.53 3.19
C ALA C 195 -1.17 -9.17 2.54
N ARG C 196 -0.28 -9.11 1.54
CA ARG C 196 -0.08 -7.87 0.77
C ARG C 196 -1.39 -7.27 0.32
N HIS C 197 -2.36 -8.10 -0.02
CA HIS C 197 -3.59 -7.60 -0.64
C HIS C 197 -4.84 -8.02 0.13
N GLY C 198 -4.73 -8.18 1.44
CA GLY C 198 -5.88 -8.40 2.28
C GLY C 198 -6.44 -9.81 2.29
N ARG C 199 -5.90 -10.74 1.51
CA ARG C 199 -6.42 -12.10 1.49
C ARG C 199 -5.94 -12.91 2.69
N LEU C 200 -6.86 -13.72 3.24
CA LEU C 200 -6.46 -14.74 4.21
C LEU C 200 -5.56 -15.76 3.54
N GLY C 201 -4.40 -16.01 4.13
CA GLY C 201 -3.46 -16.92 3.52
C GLY C 201 -3.76 -18.37 3.86
N LEU C 202 -2.75 -19.21 3.67
CA LEU C 202 -2.83 -20.60 4.09
C LEU C 202 -3.20 -20.69 5.57
N VAL C 203 -4.13 -21.58 5.89
CA VAL C 203 -4.50 -21.81 7.29
C VAL C 203 -3.90 -23.08 7.87
N SER C 204 -3.26 -23.90 7.07
CA SER C 204 -2.83 -25.18 7.56
C SER C 204 -1.94 -25.78 6.51
N GLU C 205 -0.94 -26.51 6.96
CA GLU C 205 -0.08 -27.30 6.10
C GLU C 205 -0.30 -28.76 6.48
N GLN C 206 -0.46 -29.61 5.47
CA GLN C 206 -0.61 -31.05 5.67
C GLN C 206 0.73 -31.69 5.29
N CYS C 207 1.55 -32.09 6.27
CA CYS C 207 2.85 -32.64 5.93
C CYS C 207 3.01 -34.06 6.48
N LEU C 208 3.94 -34.78 5.86
CA LEU C 208 4.36 -36.07 6.39
C LEU C 208 5.18 -35.86 7.67
N TYR C 209 4.70 -36.42 8.78
CA TYR C 209 5.32 -36.24 10.10
C TYR C 209 4.90 -37.38 11.01
N ASN C 210 5.86 -38.14 11.51
CA ASN C 210 5.59 -39.25 12.42
C ASN C 210 6.93 -39.67 13.03
N LEU C 211 6.90 -40.69 13.87
CA LEU C 211 8.13 -41.14 14.52
C LEU C 211 9.25 -41.48 13.53
N CYS C 212 8.91 -42.12 12.39
CA CYS C 212 9.92 -42.52 11.40
C CYS C 212 10.49 -41.36 10.59
N GLU C 213 9.68 -40.34 10.29
CA GLU C 213 10.10 -39.23 9.41
C GLU C 213 9.90 -37.92 10.14
N ARG C 214 10.98 -37.35 10.66
CA ARG C 214 10.88 -36.15 11.49
C ARG C 214 11.48 -34.91 10.82
N ARG C 215 11.83 -34.99 9.53
CA ARG C 215 12.52 -33.88 8.87
C ARG C 215 11.63 -32.66 8.62
N ALA C 216 10.30 -32.78 8.73
CA ALA C 216 9.45 -31.59 8.79
C ALA C 216 9.81 -30.69 9.96
N GLU C 217 10.55 -31.19 10.95
CA GLU C 217 10.95 -30.33 12.06
C GLU C 217 11.97 -29.29 11.63
N MET C 218 12.67 -29.51 10.52
CA MET C 218 13.77 -28.61 10.15
C MET C 218 13.25 -27.22 9.81
N GLU C 219 12.25 -27.14 8.93
CA GLU C 219 11.77 -25.87 8.42
C GLU C 219 10.26 -25.81 8.19
N VAL C 220 9.60 -26.91 7.81
CA VAL C 220 8.17 -26.86 7.49
C VAL C 220 7.36 -26.43 8.71
N VAL C 221 7.57 -27.08 9.84
CA VAL C 221 6.77 -26.82 11.03
C VAL C 221 7.17 -25.48 11.65
N PRO C 222 8.47 -25.16 11.82
CA PRO C 222 8.83 -23.80 12.28
C PRO C 222 8.16 -22.70 11.45
N ALA C 223 8.23 -22.80 10.11
CA ALA C 223 7.59 -21.81 9.24
C ALA C 223 6.10 -21.76 9.49
N ALA C 224 5.46 -22.93 9.56
CA ALA C 224 4.01 -22.98 9.78
C ALA C 224 3.65 -22.35 11.12
N ARG C 225 4.48 -22.61 12.14
CA ARG C 225 4.21 -22.01 13.45
C ARG C 225 4.42 -20.50 13.42
N GLU C 226 5.47 -20.03 12.75
CA GLU C 226 5.68 -18.60 12.62
C GLU C 226 4.47 -17.92 11.96
N TYR C 227 3.94 -18.52 10.89
CA TYR C 227 2.82 -17.92 10.18
C TYR C 227 1.47 -18.33 10.72
N GLY C 228 1.43 -19.04 11.85
CA GLY C 228 0.14 -19.39 12.43
C GLY C 228 -0.72 -20.34 11.61
N LEU C 229 -0.10 -21.28 10.90
CA LEU C 229 -0.84 -22.34 10.24
C LEU C 229 -1.04 -23.52 11.19
N GLY C 230 -2.17 -24.21 11.05
CA GLY C 230 -2.28 -25.54 11.60
C GLY C 230 -1.29 -26.49 10.93
N VAL C 231 -0.94 -27.56 11.65
CA VAL C 231 -0.06 -28.62 11.13
C VAL C 231 -0.85 -29.92 11.31
N ILE C 232 -1.24 -30.55 10.20
CA ILE C 232 -1.96 -31.81 10.25
C ILE C 232 -1.12 -32.87 9.55
N ALA C 233 -0.80 -33.94 10.27
CA ALA C 233 0.24 -34.87 9.83
C ALA C 233 -0.40 -36.02 9.06
N TRP C 234 -0.01 -36.20 7.80
CA TRP C 234 -0.52 -37.36 7.09
C TRP C 234 0.40 -38.55 7.26
N SER C 235 -0.13 -39.75 6.93
CA SER C 235 0.41 -41.05 7.31
C SER C 235 1.09 -40.98 8.68
N PRO C 236 0.33 -40.66 9.74
CA PRO C 236 0.93 -40.56 11.07
C PRO C 236 1.45 -41.90 11.61
N LEU C 237 1.07 -43.03 11.02
CA LEU C 237 1.65 -44.32 11.37
C LEU C 237 2.65 -44.79 10.33
N HIS C 238 3.06 -43.91 9.42
CA HIS C 238 3.96 -44.27 8.31
C HIS C 238 3.38 -45.38 7.44
N GLY C 239 2.11 -45.21 7.07
CA GLY C 239 1.43 -46.25 6.31
C GLY C 239 1.24 -47.55 7.06
N GLY C 240 1.00 -47.48 8.37
CA GLY C 240 0.78 -48.68 9.17
C GLY C 240 2.04 -49.34 9.70
N LEU C 241 3.21 -48.83 9.33
CA LEU C 241 4.47 -49.36 9.86
C LEU C 241 4.53 -49.27 11.38
N LEU C 242 3.89 -48.26 11.97
CA LEU C 242 4.00 -48.00 13.40
C LEU C 242 2.83 -48.58 14.16
N GLY C 243 1.96 -49.34 13.51
CA GLY C 243 0.77 -49.87 14.16
C GLY C 243 0.86 -51.32 14.61
N GLY C 244 2.08 -51.82 14.75
CA GLY C 244 2.29 -53.22 15.06
C GLY C 244 2.76 -54.07 13.89
N ALA C 245 3.39 -53.46 12.88
CA ALA C 245 3.56 -54.13 11.60
C ALA C 245 4.38 -55.42 11.72
N ILE C 246 5.44 -55.41 12.55
CA ILE C 246 6.26 -56.62 12.70
C ILE C 246 5.46 -57.74 13.38
N ARG C 247 4.76 -57.43 14.48
CA ARG C 247 3.96 -58.45 15.15
C ARG C 247 2.89 -59.02 14.24
N LYS C 248 2.32 -58.18 13.38
CA LYS C 248 1.27 -58.62 12.45
C LYS C 248 1.83 -58.96 11.08
N GLU C 249 3.15 -59.08 10.94
CA GLU C 249 3.78 -59.23 9.62
C GLU C 249 3.27 -60.42 8.84
N GLN C 250 2.88 -61.50 9.53
CA GLN C 250 2.46 -62.72 8.86
C GLN C 250 0.96 -62.91 8.90
N GLU C 251 0.22 -61.87 9.30
CA GLU C 251 -1.24 -61.89 9.32
C GLU C 251 -1.79 -61.61 7.92
N GLY C 252 -3.08 -61.86 7.76
CA GLY C 252 -3.79 -61.52 6.56
C GLY C 252 -4.72 -60.33 6.73
N GLY C 253 -5.54 -60.13 5.72
CA GLY C 253 -6.29 -58.90 5.50
C GLY C 253 -5.76 -58.16 4.28
N ASN C 254 -6.47 -57.09 3.90
CA ASN C 254 -5.84 -56.14 3.00
C ASN C 254 -5.21 -55.04 3.84
N ARG C 255 -4.13 -55.44 4.51
CA ARG C 255 -3.43 -54.58 5.44
C ARG C 255 -2.56 -53.58 4.67
N ARG C 256 -2.79 -52.29 4.92
CA ARG C 256 -1.93 -51.27 4.32
C ARG C 256 -0.45 -51.51 4.68
N ALA C 257 -0.21 -52.07 5.87
CA ALA C 257 1.15 -52.33 6.31
C ALA C 257 1.86 -53.41 5.50
N ALA C 258 1.12 -54.21 4.70
CA ALA C 258 1.71 -55.28 3.91
C ALA C 258 2.28 -54.81 2.57
N SER C 259 2.00 -53.58 2.15
CA SER C 259 2.61 -53.06 0.93
C SER C 259 3.11 -51.63 1.13
N GLY C 260 3.49 -50.97 0.04
CA GLY C 260 3.83 -49.57 0.10
C GLY C 260 4.97 -49.25 1.04
N ARG C 261 4.85 -48.10 1.69
CA ARG C 261 5.93 -47.56 2.50
C ARG C 261 6.29 -48.49 3.65
N ALA C 262 5.29 -49.04 4.33
CA ALA C 262 5.55 -49.94 5.45
C ALA C 262 6.36 -51.16 5.02
N ALA C 263 5.87 -51.87 3.99
CA ALA C 263 6.55 -53.08 3.51
C ALA C 263 7.97 -52.79 3.04
N ASP C 264 8.19 -51.67 2.36
CA ASP C 264 9.53 -51.33 1.93
C ASP C 264 10.47 -51.16 3.13
N ALA C 265 10.00 -50.44 4.16
CA ALA C 265 10.84 -50.21 5.32
C ALA C 265 11.21 -51.51 6.03
N LEU C 266 10.31 -52.49 6.01
CA LEU C 266 10.55 -53.74 6.74
C LEU C 266 11.58 -54.63 6.05
N LYS C 267 11.95 -54.34 4.80
CA LYS C 267 13.03 -55.06 4.13
C LYS C 267 14.40 -54.46 4.42
N ASP C 268 14.47 -53.15 4.58
CA ASP C 268 15.70 -52.49 5.03
C ASP C 268 16.06 -52.96 6.43
N PRO C 269 17.22 -53.59 6.63
CA PRO C 269 17.60 -54.00 7.98
C PRO C 269 17.55 -52.87 9.00
N GLN C 270 18.09 -51.70 8.64
CA GLN C 270 18.19 -50.61 9.60
C GLN C 270 16.80 -50.15 10.06
N GLN C 271 15.86 -49.99 9.12
CA GLN C 271 14.56 -49.50 9.52
C GLN C 271 13.77 -50.58 10.23
N ARG C 272 13.96 -51.84 9.85
CA ARG C 272 13.27 -52.91 10.56
C ARG C 272 13.74 -52.97 12.01
N GLU C 273 15.05 -52.80 12.23
CA GLU C 273 15.58 -52.74 13.59
C GLU C 273 14.85 -51.70 14.40
N GLN C 274 14.70 -50.49 13.84
CA GLN C 274 13.99 -49.42 14.51
C GLN C 274 12.58 -49.82 14.91
N ILE C 275 11.87 -50.49 14.01
CA ILE C 275 10.50 -50.83 14.34
C ILE C 275 10.47 -51.98 15.34
N GLN C 276 11.47 -52.86 15.30
CA GLN C 276 11.61 -53.88 16.35
C GLN C 276 11.84 -53.24 17.71
N ARG C 277 12.80 -52.32 17.80
CA ARG C 277 13.00 -51.56 19.03
C ARG C 277 11.69 -50.96 19.54
N TYR C 278 10.92 -50.34 18.64
CA TYR C 278 9.68 -49.69 19.02
C TYR C 278 8.71 -50.68 19.66
N GLU C 279 8.45 -51.78 18.96
CA GLU C 279 7.45 -52.72 19.45
C GLU C 279 7.92 -53.40 20.72
N ASP C 280 9.22 -53.66 20.85
CA ASP C 280 9.74 -54.29 22.05
C ASP C 280 9.63 -53.36 23.24
N LEU C 281 9.90 -52.08 23.01
CA LEU C 281 9.80 -51.09 24.08
C LEU C 281 8.37 -50.96 24.57
N LEU C 282 7.39 -51.02 23.65
CA LEU C 282 6.01 -50.81 24.06
C LEU C 282 5.46 -52.01 24.84
N ASP C 283 5.79 -53.23 24.41
CA ASP C 283 5.47 -54.44 25.19
C ASP C 283 5.90 -54.29 26.65
N LYS C 284 7.06 -53.70 26.91
CA LYS C 284 7.49 -53.52 28.28
C LYS C 284 6.65 -52.50 29.05
N HIS C 285 5.79 -51.75 28.37
CA HIS C 285 5.00 -50.71 29.02
C HIS C 285 3.49 -50.89 28.84
N GLY C 286 3.06 -52.01 28.27
CA GLY C 286 1.62 -52.23 28.12
C GLY C 286 0.94 -51.26 27.20
N LEU C 287 1.65 -50.72 26.21
CA LEU C 287 1.09 -49.72 25.31
C LEU C 287 0.92 -50.27 23.89
N GLU C 288 -0.09 -49.80 23.20
CA GLU C 288 -0.32 -50.23 21.83
C GLU C 288 0.46 -49.34 20.85
N PRO C 289 1.16 -49.93 19.87
CA PRO C 289 2.05 -49.12 19.00
C PRO C 289 1.32 -48.07 18.17
N GLY C 290 0.21 -48.43 17.51
CA GLY C 290 -0.53 -47.44 16.76
C GLY C 290 -1.00 -46.29 17.62
N GLU C 291 -1.40 -46.58 18.86
CA GLU C 291 -1.90 -45.53 19.73
C GLU C 291 -0.77 -44.60 20.18
N VAL C 292 0.41 -45.15 20.46
CA VAL C 292 1.53 -44.33 20.91
C VAL C 292 1.99 -43.39 19.80
N ALA C 293 1.98 -43.86 18.55
CA ALA C 293 2.46 -43.00 17.47
C ALA C 293 1.53 -41.82 17.25
N LEU C 294 0.21 -42.06 17.28
CA LEU C 294 -0.74 -40.96 17.28
C LEU C 294 -0.54 -40.05 18.49
N ALA C 295 -0.46 -40.64 19.68
CA ALA C 295 -0.27 -39.86 20.90
C ALA C 295 1.02 -39.05 20.86
N TRP C 296 2.07 -39.60 20.27
CA TRP C 296 3.34 -38.88 20.25
C TRP C 296 3.22 -37.63 19.38
N LEU C 297 2.51 -37.72 18.25
CA LEU C 297 2.32 -36.52 17.43
C LEU C 297 1.56 -35.44 18.19
N LEU C 298 0.62 -35.84 19.05
CA LEU C 298 -0.14 -34.84 19.79
C LEU C 298 0.71 -34.12 20.84
N THR C 299 1.90 -34.61 21.16
CA THR C 299 2.80 -33.85 22.03
C THR C 299 3.71 -32.89 21.26
N ARG C 300 3.69 -32.90 19.94
CA ARG C 300 4.73 -32.14 19.26
C ARG C 300 4.30 -30.67 19.13
N PRO C 301 5.17 -29.72 19.49
CA PRO C 301 4.77 -28.31 19.42
C PRO C 301 4.40 -27.89 18.00
N GLY C 302 3.23 -27.27 17.87
CA GLY C 302 2.73 -26.81 16.60
C GLY C 302 1.81 -27.78 15.89
N VAL C 303 1.75 -29.04 16.31
CA VAL C 303 0.96 -30.03 15.59
C VAL C 303 -0.50 -29.90 16.05
N THR C 304 -1.37 -29.53 15.12
CA THR C 304 -2.80 -29.58 15.38
C THR C 304 -3.22 -31.00 15.76
N GLY C 305 -2.84 -31.98 14.94
CA GLY C 305 -3.23 -33.35 15.18
C GLY C 305 -2.86 -34.26 14.03
N PRO C 306 -2.90 -35.57 14.29
CA PRO C 306 -2.69 -36.53 13.20
C PRO C 306 -3.94 -36.66 12.35
N ILE C 307 -3.73 -36.96 11.07
CA ILE C 307 -4.83 -37.36 10.18
C ILE C 307 -4.87 -38.88 10.25
N VAL C 308 -5.71 -39.41 11.12
CA VAL C 308 -5.72 -40.86 11.28
C VAL C 308 -6.26 -41.50 9.99
N GLY C 309 -5.72 -42.68 9.65
CA GLY C 309 -6.19 -43.43 8.50
C GLY C 309 -6.70 -44.81 8.90
N PRO C 310 -7.84 -44.86 9.59
CA PRO C 310 -8.38 -46.17 10.02
C PRO C 310 -8.86 -46.99 8.83
N ARG C 311 -8.56 -48.29 8.88
CA ARG C 311 -9.16 -49.23 7.94
C ARG C 311 -10.51 -49.75 8.42
N THR C 312 -10.70 -49.86 9.75
CA THR C 312 -11.92 -50.39 10.34
C THR C 312 -12.47 -49.41 11.36
N ALA C 313 -13.71 -49.66 11.79
CA ALA C 313 -14.26 -48.91 12.91
C ALA C 313 -13.44 -49.13 14.18
N ASP C 314 -12.93 -50.35 14.39
CA ASP C 314 -12.12 -50.62 15.57
C ASP C 314 -10.88 -49.74 15.61
N GLN C 315 -10.28 -49.49 14.44
CA GLN C 315 -9.07 -48.67 14.40
C GLN C 315 -9.38 -47.19 14.72
N LEU C 316 -10.54 -46.71 14.30
CA LEU C 316 -10.99 -45.39 14.71
C LEU C 316 -11.16 -45.31 16.23
N ALA C 317 -11.86 -46.30 16.81
CA ALA C 317 -11.95 -46.41 18.25
C ALA C 317 -10.57 -46.36 18.90
N SER C 318 -9.60 -47.06 18.31
CA SER C 318 -8.26 -47.10 18.86
C SER C 318 -7.58 -45.72 18.79
N ALA C 319 -7.83 -44.95 17.72
CA ALA C 319 -7.29 -43.59 17.64
C ALA C 319 -7.91 -42.70 18.71
N VAL C 320 -9.22 -42.84 18.93
CA VAL C 320 -9.91 -42.09 19.99
C VAL C 320 -9.28 -42.39 21.36
N ARG C 321 -8.91 -43.64 21.63
CA ARG C 321 -8.18 -43.95 22.86
C ARG C 321 -6.83 -43.25 22.87
N ALA C 322 -6.15 -43.21 21.73
CA ALA C 322 -4.81 -42.65 21.67
C ALA C 322 -4.79 -41.18 22.07
N ALA C 323 -5.82 -40.43 21.69
CA ALA C 323 -5.89 -39.01 22.03
C ALA C 323 -6.17 -38.77 23.52
N GLU C 324 -6.65 -39.78 24.24
CA GLU C 324 -6.78 -39.70 25.68
C GLU C 324 -5.57 -40.27 26.42
N LEU C 325 -4.63 -40.88 25.70
CA LEU C 325 -3.45 -41.45 26.32
C LEU C 325 -2.47 -40.35 26.75
N THR C 326 -1.85 -40.51 27.91
CA THR C 326 -0.78 -39.61 28.34
C THR C 326 0.52 -40.39 28.35
N LEU C 327 1.48 -39.96 27.53
CA LEU C 327 2.78 -40.61 27.48
C LEU C 327 3.69 -40.08 28.59
N THR C 328 4.36 -41.00 29.28
CA THR C 328 5.24 -40.59 30.36
C THR C 328 6.55 -40.03 29.79
N ASP C 329 7.20 -39.19 30.62
CA ASP C 329 8.50 -38.65 30.23
C ASP C 329 9.48 -39.76 29.89
N GLU C 330 9.44 -40.85 30.66
CA GLU C 330 10.29 -42.01 30.37
C GLU C 330 10.03 -42.52 28.96
N VAL C 331 8.77 -42.71 28.58
CA VAL C 331 8.49 -43.26 27.26
C VAL C 331 8.88 -42.26 26.18
N LEU C 332 8.55 -40.98 26.36
CA LEU C 332 8.92 -39.96 25.38
C LEU C 332 10.43 -39.95 25.16
N THR C 333 11.20 -39.93 26.24
CA THR C 333 12.65 -39.96 26.15
C THR C 333 13.14 -41.21 25.43
N ALA C 334 12.46 -42.34 25.67
CA ALA C 334 12.87 -43.58 25.01
C ALA C 334 12.52 -43.54 23.53
N LEU C 335 11.35 -43.00 23.18
CA LEU C 335 10.99 -42.81 21.79
C LEU C 335 12.01 -41.93 21.06
N ASP C 336 12.57 -40.93 21.77
CA ASP C 336 13.55 -40.06 21.13
C ASP C 336 14.84 -40.80 20.80
N GLU C 337 15.22 -41.77 21.64
CA GLU C 337 16.43 -42.54 21.37
C GLU C 337 16.24 -43.47 20.18
N ILE C 338 15.05 -44.04 20.05
CA ILE C 338 14.76 -44.89 18.90
C ILE C 338 14.64 -44.05 17.62
N PHE C 339 13.86 -42.96 17.67
CA PHE C 339 13.52 -42.16 16.50
C PHE C 339 14.02 -40.72 16.67
N PRO C 340 15.33 -40.49 16.63
CA PRO C 340 15.81 -39.12 16.85
C PRO C 340 15.35 -38.20 15.72
N GLY C 341 15.20 -36.92 16.05
CA GLY C 341 14.82 -35.93 15.07
C GLY C 341 15.91 -34.90 14.85
N PRO C 342 15.86 -34.16 13.74
CA PRO C 342 16.94 -33.20 13.46
C PRO C 342 16.80 -31.88 14.19
N GLY C 343 15.62 -31.51 14.68
CA GLY C 343 15.41 -30.16 15.17
C GLY C 343 15.46 -29.15 14.04
N PRO C 344 15.34 -27.86 14.36
CA PRO C 344 15.24 -26.83 13.32
C PRO C 344 16.58 -26.48 12.66
N SER C 345 16.51 -26.08 11.39
CA SER C 345 17.61 -25.38 10.74
C SER C 345 17.64 -23.93 11.22
N PRO C 346 18.83 -23.29 11.21
CA PRO C 346 20.11 -23.82 10.73
C PRO C 346 20.83 -24.71 11.75
N GLU C 347 20.39 -24.77 13.01
CA GLU C 347 21.09 -25.57 14.02
C GLU C 347 21.24 -27.02 13.58
N ALA C 348 20.25 -27.56 12.85
CA ALA C 348 20.25 -28.98 12.55
C ALA C 348 21.46 -29.40 11.72
N PHE C 349 22.05 -28.49 10.97
CA PHE C 349 23.20 -28.82 10.14
C PHE C 349 24.34 -27.83 10.24
N ALA C 350 24.16 -26.67 10.88
CA ALA C 350 25.21 -25.67 10.93
C ALA C 350 25.50 -25.39 12.40
N TRP C 351 24.98 -24.30 12.96
CA TRP C 351 25.07 -24.02 14.39
C TRP C 351 23.98 -23.02 14.76
N MET D 21 -39.89 13.20 15.89
CA MET D 21 -38.82 12.22 16.15
C MET D 21 -37.44 12.68 15.65
N GLU D 22 -36.45 12.60 16.52
CA GLU D 22 -35.12 13.08 16.21
C GLU D 22 -34.28 12.03 15.48
N TYR D 23 -33.47 12.49 14.55
CA TYR D 23 -32.60 11.64 13.74
C TYR D 23 -31.16 12.09 13.88
N THR D 24 -30.25 11.24 13.43
CA THR D 24 -28.82 11.49 13.50
C THR D 24 -28.16 10.52 12.55
N GLN D 25 -26.91 10.83 12.19
CA GLN D 25 -26.11 9.87 11.46
C GLN D 25 -25.63 8.80 12.41
N LEU D 26 -25.48 7.58 11.90
CA LEU D 26 -24.90 6.48 12.68
C LEU D 26 -23.39 6.68 12.62
N GLY D 27 -22.84 7.36 13.63
CA GLY D 27 -21.43 7.68 13.58
C GLY D 27 -21.10 8.43 12.31
N ARG D 28 -20.04 7.97 11.62
CA ARG D 28 -19.47 8.65 10.46
C ARG D 28 -20.13 8.28 9.14
N ILE D 29 -21.01 7.28 9.12
CA ILE D 29 -21.48 6.79 7.82
C ILE D 29 -22.74 7.54 7.38
N GLY D 30 -23.19 7.30 6.14
CA GLY D 30 -24.28 8.07 5.58
C GLY D 30 -25.66 7.65 6.03
N LEU D 31 -25.76 6.51 6.69
CA LEU D 31 -27.02 6.01 7.22
C LEU D 31 -27.59 6.95 8.30
N LYS D 32 -28.84 7.37 8.10
CA LYS D 32 -29.57 8.20 9.05
C LYS D 32 -30.52 7.30 9.85
N VAL D 33 -30.44 7.37 11.18
CA VAL D 33 -31.30 6.55 12.02
C VAL D 33 -32.01 7.41 13.07
N SER D 34 -33.18 6.93 13.47
CA SER D 34 -33.87 7.48 14.62
C SER D 34 -33.03 7.27 15.88
N ARG D 35 -33.01 8.27 16.76
CA ARG D 35 -32.26 8.11 18.01
C ARG D 35 -32.91 7.13 18.96
N LEU D 36 -34.07 6.59 18.61
CA LEU D 36 -34.60 5.41 19.29
C LEU D 36 -34.44 4.23 18.35
N VAL D 37 -33.70 3.21 18.79
CA VAL D 37 -33.59 1.95 18.06
C VAL D 37 -34.60 0.99 18.66
N LEU D 38 -35.41 0.34 17.82
CA LEU D 38 -36.41 -0.60 18.34
C LEU D 38 -35.75 -1.94 18.64
N GLY D 39 -35.62 -2.28 19.92
CA GLY D 39 -35.16 -3.63 20.27
C GLY D 39 -36.31 -4.61 20.18
N THR D 40 -35.99 -5.84 19.79
CA THR D 40 -37.00 -6.85 19.53
C THR D 40 -36.82 -8.08 20.39
N MET D 41 -35.88 -8.06 21.36
CA MET D 41 -35.59 -9.26 22.14
C MET D 41 -36.84 -9.77 22.86
N ASN D 42 -37.78 -8.88 23.19
CA ASN D 42 -38.99 -9.28 23.89
C ASN D 42 -39.94 -10.06 22.98
N PHE D 43 -39.87 -9.83 21.67
CA PHE D 43 -40.87 -10.35 20.74
C PHE D 43 -40.70 -11.85 20.63
N GLY D 44 -41.54 -12.61 21.35
CA GLY D 44 -41.47 -14.05 21.37
C GLY D 44 -41.67 -14.60 22.76
N PRO D 45 -40.62 -14.51 23.58
CA PRO D 45 -40.73 -15.05 24.95
C PRO D 45 -41.56 -14.21 25.89
N THR D 46 -41.85 -12.97 25.55
CA THR D 46 -42.42 -11.99 26.47
C THR D 46 -43.56 -11.22 25.84
N THR D 47 -43.49 -10.95 24.55
CA THR D 47 -44.54 -10.30 23.79
C THR D 47 -44.93 -11.24 22.65
N ASP D 48 -46.23 -11.49 22.49
CA ASP D 48 -46.63 -12.47 21.48
C ASP D 48 -46.57 -11.83 20.09
N GLU D 49 -46.81 -12.65 19.07
CA GLU D 49 -46.65 -12.19 17.71
C GLU D 49 -47.50 -10.94 17.44
N ALA D 50 -48.79 -11.00 17.79
CA ALA D 50 -49.72 -9.92 17.42
C ALA D 50 -49.31 -8.57 18.05
N GLU D 51 -48.97 -8.57 19.34
CA GLU D 51 -48.53 -7.33 19.95
C GLU D 51 -47.17 -6.89 19.40
N SER D 52 -46.29 -7.87 19.10
CA SER D 52 -45.02 -7.54 18.45
C SER D 52 -45.24 -6.78 17.15
N HIS D 53 -46.09 -7.31 16.26
CA HIS D 53 -46.44 -6.59 15.04
C HIS D 53 -47.00 -5.21 15.36
N ALA D 54 -47.79 -5.11 16.43
CA ALA D 54 -48.41 -3.82 16.74
C ALA D 54 -47.37 -2.82 17.21
N ILE D 55 -46.39 -3.29 17.98
CA ILE D 55 -45.33 -2.39 18.40
C ILE D 55 -44.52 -1.91 17.20
N MET D 56 -44.28 -2.79 16.23
CA MET D 56 -43.45 -2.39 15.09
C MET D 56 -44.18 -1.39 14.20
N ASP D 57 -45.48 -1.61 13.97
CA ASP D 57 -46.29 -0.60 13.28
C ASP D 57 -46.28 0.72 14.03
N ALA D 58 -46.45 0.68 15.36
CA ALA D 58 -46.39 1.91 16.14
C ALA D 58 -45.00 2.55 16.06
N ALA D 59 -43.96 1.70 16.04
CA ALA D 59 -42.60 2.22 15.90
C ALA D 59 -42.46 2.96 14.58
N LEU D 60 -42.89 2.34 13.49
CA LEU D 60 -42.80 2.96 12.16
C LEU D 60 -43.60 4.26 12.10
N ASP D 61 -44.81 4.28 12.68
CA ASP D 61 -45.63 5.48 12.61
C ASP D 61 -45.00 6.64 13.38
N ALA D 62 -44.22 6.34 14.42
CA ALA D 62 -43.48 7.38 15.14
C ALA D 62 -42.18 7.78 14.45
N GLY D 63 -41.84 7.19 13.31
CA GLY D 63 -40.63 7.51 12.58
C GLY D 63 -39.40 6.74 13.01
N ILE D 64 -39.55 5.74 13.86
CA ILE D 64 -38.46 4.82 14.17
C ILE D 64 -38.19 3.96 12.96
N ASN D 65 -36.95 4.00 12.45
CA ASN D 65 -36.59 3.26 11.24
C ASN D 65 -35.47 2.23 11.47
N PHE D 66 -35.11 1.94 12.71
CA PHE D 66 -33.91 1.19 13.02
C PHE D 66 -34.32 0.07 13.99
N PHE D 67 -34.33 -1.17 13.52
CA PHE D 67 -34.75 -2.32 14.32
C PHE D 67 -33.53 -3.19 14.65
N ASP D 68 -33.40 -3.60 15.91
CA ASP D 68 -32.36 -4.54 16.28
C ASP D 68 -32.96 -5.88 16.68
N THR D 69 -32.35 -6.96 16.19
CA THR D 69 -32.75 -8.31 16.54
C THR D 69 -31.52 -9.19 16.59
N ALA D 70 -31.73 -10.50 16.71
CA ALA D 70 -30.63 -11.45 16.74
C ALA D 70 -31.16 -12.81 16.34
N ASN D 71 -30.29 -13.62 15.71
CA ASN D 71 -30.69 -14.98 15.39
C ASN D 71 -31.13 -15.74 16.64
N VAL D 72 -30.48 -15.48 17.79
CA VAL D 72 -30.76 -16.24 19.00
C VAL D 72 -32.02 -15.80 19.74
N TYR D 73 -32.63 -14.68 19.36
CA TYR D 73 -33.78 -14.21 20.13
C TYR D 73 -35.01 -15.08 19.86
N GLY D 74 -35.83 -15.29 20.90
CA GLY D 74 -36.87 -16.28 20.90
C GLY D 74 -36.64 -17.20 22.07
N TRP D 75 -35.36 -17.46 22.36
CA TRP D 75 -34.88 -18.17 23.54
C TRP D 75 -35.11 -19.69 23.45
N GLY D 76 -34.13 -20.46 23.90
CA GLY D 76 -34.25 -21.89 24.06
C GLY D 76 -34.53 -22.65 22.79
N GLU D 77 -35.56 -23.50 22.83
CA GLU D 77 -36.00 -24.22 21.64
C GLU D 77 -36.68 -23.31 20.64
N ASN D 78 -36.94 -22.06 21.00
CA ASN D 78 -37.55 -21.09 20.10
C ASN D 78 -36.57 -20.05 19.57
N LYS D 79 -35.26 -20.32 19.66
CA LYS D 79 -34.29 -19.43 19.04
C LYS D 79 -34.60 -19.32 17.55
N GLY D 80 -34.59 -18.10 17.03
CA GLY D 80 -35.05 -17.79 15.70
C GLY D 80 -36.46 -17.25 15.62
N ARG D 81 -37.26 -17.40 16.68
CA ARG D 81 -38.67 -17.02 16.57
C ARG D 81 -38.81 -15.52 16.36
N THR D 82 -37.97 -14.73 17.02
CA THR D 82 -38.01 -13.27 16.84
C THR D 82 -37.80 -12.91 15.38
N GLU D 83 -36.76 -13.46 14.76
CA GLU D 83 -36.52 -13.15 13.35
C GLU D 83 -37.72 -13.57 12.51
N GLU D 84 -38.36 -14.68 12.87
CA GLU D 84 -39.56 -15.11 12.14
C GLU D 84 -40.71 -14.13 12.35
N ILE D 85 -40.90 -13.66 13.58
CA ILE D 85 -41.94 -12.66 13.82
C ILE D 85 -41.68 -11.42 12.98
N LEU D 86 -40.40 -11.00 12.88
CA LEU D 86 -40.08 -9.85 12.03
C LEU D 86 -40.34 -10.17 10.56
N GLY D 87 -39.96 -11.35 10.10
CA GLY D 87 -40.21 -11.67 8.70
C GLY D 87 -41.70 -11.77 8.39
N SER D 88 -42.46 -12.29 9.35
CA SER D 88 -43.91 -12.31 9.23
C SER D 88 -44.48 -10.90 9.15
N TRP D 89 -43.82 -9.93 9.79
CA TRP D 89 -44.27 -8.55 9.72
C TRP D 89 -43.93 -7.91 8.38
N PHE D 90 -42.74 -8.22 7.83
CA PHE D 90 -42.37 -7.69 6.51
C PHE D 90 -43.27 -8.25 5.42
N ALA D 91 -43.66 -9.52 5.55
CA ALA D 91 -44.47 -10.19 4.53
C ALA D 91 -45.84 -9.53 4.37
N GLN D 92 -46.29 -8.79 5.38
CA GLN D 92 -47.49 -7.99 5.26
C GLN D 92 -47.38 -6.90 4.20
N GLY D 93 -46.15 -6.58 3.74
CA GLY D 93 -46.00 -5.56 2.70
C GLY D 93 -46.10 -4.15 3.26
N GLY D 94 -46.59 -3.24 2.43
CA GLY D 94 -46.78 -1.87 2.88
C GLY D 94 -45.50 -1.08 3.07
N ASP D 95 -44.45 -1.39 2.31
CA ASP D 95 -43.17 -0.68 2.36
C ASP D 95 -42.45 -0.87 3.69
N ARG D 96 -42.83 -1.88 4.45
CA ARG D 96 -42.24 -2.08 5.77
C ARG D 96 -40.75 -2.42 5.66
N ARG D 97 -40.38 -3.34 4.76
CA ARG D 97 -38.98 -3.70 4.64
C ARG D 97 -38.15 -2.57 4.04
N ASP D 98 -38.73 -1.85 3.09
CA ASP D 98 -38.03 -0.74 2.46
C ASP D 98 -37.75 0.39 3.45
N LYS D 99 -38.63 0.57 4.43
CA LYS D 99 -38.52 1.70 5.34
C LYS D 99 -37.57 1.42 6.51
N VAL D 100 -37.27 0.17 6.79
CA VAL D 100 -36.60 -0.23 8.02
C VAL D 100 -35.12 -0.50 7.75
N VAL D 101 -34.27 -0.04 8.66
CA VAL D 101 -32.87 -0.46 8.72
C VAL D 101 -32.83 -1.71 9.58
N LEU D 102 -32.64 -2.86 8.94
CA LEU D 102 -32.78 -4.15 9.61
C LEU D 102 -31.42 -4.61 10.12
N ALA D 103 -31.29 -4.76 11.44
CA ALA D 103 -30.06 -5.20 12.08
C ALA D 103 -30.29 -6.52 12.79
N THR D 104 -29.41 -7.51 12.57
CA THR D 104 -29.42 -8.75 13.35
C THR D 104 -27.98 -9.11 13.72
N LYS D 105 -27.78 -10.32 14.25
CA LYS D 105 -26.50 -10.67 14.86
C LYS D 105 -26.07 -12.09 14.49
N VAL D 106 -24.74 -12.31 14.53
CA VAL D 106 -24.14 -13.64 14.45
C VAL D 106 -23.16 -13.76 15.61
N TYR D 107 -22.98 -14.97 16.17
CA TYR D 107 -22.02 -15.36 17.25
C TYR D 107 -22.67 -16.51 18.01
N GLY D 108 -23.93 -16.39 18.32
CA GLY D 108 -24.60 -17.37 19.13
C GLY D 108 -24.98 -18.73 18.62
N ASN D 109 -25.00 -19.70 19.52
CA ASN D 109 -25.42 -21.02 19.16
C ASN D 109 -26.90 -21.01 18.87
N MET D 110 -27.29 -21.63 17.77
CA MET D 110 -28.67 -21.69 17.37
C MET D 110 -29.20 -23.09 17.58
N GLY D 111 -28.37 -23.96 18.10
CA GLY D 111 -28.80 -25.30 18.38
C GLY D 111 -29.20 -25.55 19.82
N ASP D 113 -29.37 -25.84 23.25
CA ASP D 113 -28.75 -25.05 24.31
C ASP D 113 -27.80 -25.83 25.18
N GLY D 114 -26.65 -25.26 25.43
CA GLY D 114 -25.63 -25.96 26.17
C GLY D 114 -24.38 -25.82 25.34
N PRO D 115 -23.43 -26.72 25.52
CA PRO D 115 -22.20 -26.67 24.75
C PRO D 115 -22.44 -26.79 23.25
N ALA D 116 -21.91 -25.84 22.50
CA ALA D 116 -22.11 -25.83 21.07
C ALA D 116 -21.20 -26.71 20.27
N TRP D 117 -21.71 -27.21 19.16
CA TRP D 117 -20.90 -27.99 18.29
C TRP D 117 -19.84 -27.07 17.74
N PRO D 118 -18.65 -27.60 17.54
CA PRO D 118 -17.60 -26.80 16.96
C PRO D 118 -18.00 -25.96 15.76
N ASN D 119 -17.70 -24.66 15.78
CA ASN D 119 -17.97 -23.74 14.68
C ASN D 119 -19.46 -23.56 14.42
N HIS D 120 -20.31 -23.93 15.37
CA HIS D 120 -21.72 -23.53 15.31
C HIS D 120 -22.02 -22.42 16.28
N ASP D 121 -20.98 -21.81 16.85
CA ASP D 121 -21.08 -20.53 17.54
C ASP D 121 -19.85 -19.73 17.13
N LYS D 122 -19.71 -18.52 17.69
CA LYS D 122 -18.53 -17.67 17.49
C LYS D 122 -18.38 -17.19 16.04
N LEU D 123 -17.18 -16.73 15.64
CA LEU D 123 -17.07 -15.87 14.46
C LEU D 123 -16.17 -16.43 13.35
N SER D 124 -15.91 -17.74 13.30
CA SER D 124 -15.24 -18.31 12.13
C SER D 124 -16.03 -17.97 10.87
N ALA D 125 -15.31 -17.91 9.74
CA ALA D 125 -15.98 -17.73 8.45
C ALA D 125 -17.01 -18.83 8.22
N LEU D 126 -16.79 -20.01 8.80
CA LEU D 126 -17.75 -21.10 8.66
C LEU D 126 -19.09 -20.74 9.33
N ASN D 127 -19.07 -20.30 10.60
CA ASN D 127 -20.33 -20.01 11.28
C ASN D 127 -20.99 -18.75 10.72
N ILE D 128 -20.20 -17.80 10.20
CA ILE D 128 -20.78 -16.60 9.59
C ILE D 128 -21.59 -16.99 8.34
N ARG D 129 -21.02 -17.86 7.51
CA ARG D 129 -21.73 -18.32 6.31
C ARG D 129 -23.07 -18.96 6.68
N ARG D 130 -23.06 -19.94 7.58
CA ARG D 130 -24.31 -20.62 7.90
C ARG D 130 -25.27 -19.73 8.71
N SER D 131 -24.75 -18.83 9.55
CA SER D 131 -25.67 -18.02 10.36
C SER D 131 -26.44 -17.04 9.51
N VAL D 132 -25.77 -16.38 8.55
CA VAL D 132 -26.44 -15.35 7.77
C VAL D 132 -27.50 -15.96 6.85
N ASP D 133 -27.21 -17.14 6.27
CA ASP D 133 -28.26 -17.78 5.45
C ASP D 133 -29.49 -18.09 6.29
N ALA D 134 -29.29 -18.66 7.49
CA ALA D 134 -30.43 -18.97 8.37
C ALA D 134 -31.20 -17.71 8.75
N SER D 135 -30.50 -16.67 9.22
CA SER D 135 -31.17 -15.41 9.54
C SER D 135 -31.98 -14.87 8.36
N LEU D 136 -31.37 -14.86 7.17
CA LEU D 136 -32.05 -14.29 6.01
C LEU D 136 -33.33 -15.07 5.68
N LYS D 137 -33.32 -16.38 5.91
CA LYS D 137 -34.50 -17.18 5.63
C LYS D 137 -35.61 -16.94 6.66
N ARG D 138 -35.27 -16.89 7.94
CA ARG D 138 -36.29 -16.59 8.95
C ARG D 138 -36.86 -15.20 8.72
N LEU D 139 -35.98 -14.22 8.43
CA LEU D 139 -36.43 -12.85 8.23
C LEU D 139 -37.19 -12.67 6.92
N GLY D 140 -37.11 -13.65 6.01
CA GLY D 140 -37.81 -13.51 4.75
C GLY D 140 -37.39 -12.30 3.93
N THR D 141 -36.09 -12.05 3.83
CA THR D 141 -35.58 -10.94 3.05
C THR D 141 -34.28 -11.37 2.40
N ASP D 142 -33.89 -10.66 1.33
CA ASP D 142 -32.64 -10.98 0.66
C ASP D 142 -31.46 -10.15 1.17
N HIS D 143 -31.63 -9.26 2.14
CA HIS D 143 -30.45 -8.59 2.67
C HIS D 143 -30.66 -8.15 4.11
N ILE D 144 -29.55 -8.06 4.83
CA ILE D 144 -29.52 -7.48 6.16
C ILE D 144 -28.80 -6.15 6.06
N ASP D 145 -29.39 -5.10 6.62
CA ASP D 145 -28.76 -3.80 6.50
C ASP D 145 -27.53 -3.69 7.40
N LEU D 146 -27.65 -4.13 8.65
CA LEU D 146 -26.56 -4.06 9.62
C LEU D 146 -26.37 -5.44 10.22
N TYR D 147 -25.29 -6.11 9.87
CA TYR D 147 -24.97 -7.42 10.40
C TYR D 147 -23.91 -7.26 11.48
N GLN D 148 -24.24 -7.65 12.70
CA GLN D 148 -23.44 -7.35 13.87
C GLN D 148 -22.84 -8.60 14.51
N PHE D 149 -21.59 -8.50 14.93
CA PHE D 149 -21.01 -9.52 15.78
C PHE D 149 -21.62 -9.37 17.16
N HIS D 150 -22.21 -10.46 17.67
CA HIS D 150 -22.90 -10.39 18.96
C HIS D 150 -21.92 -10.19 20.12
N HIS D 151 -20.67 -10.58 19.93
CA HIS D 151 -19.67 -10.56 20.98
C HIS D 151 -18.31 -10.67 20.31
N VAL D 152 -17.27 -10.10 20.95
CA VAL D 152 -15.94 -10.30 20.43
C VAL D 152 -15.61 -11.79 20.49
N ASP D 153 -14.95 -12.29 19.43
CA ASP D 153 -14.42 -13.65 19.44
C ASP D 153 -12.89 -13.52 19.27
N ARG D 154 -12.17 -13.68 20.39
CA ARG D 154 -10.74 -13.46 20.42
C ARG D 154 -9.96 -14.50 19.64
N ASP D 155 -10.62 -15.57 19.17
CA ASP D 155 -9.91 -16.63 18.46
C ASP D 155 -10.02 -16.50 16.96
N THR D 156 -10.82 -15.57 16.45
CA THR D 156 -10.86 -15.36 15.02
C THR D 156 -10.13 -14.06 14.67
N PRO D 157 -9.13 -14.10 13.78
CA PRO D 157 -8.43 -12.88 13.38
C PRO D 157 -9.26 -12.07 12.39
N TRP D 158 -8.93 -10.77 12.35
CA TRP D 158 -9.76 -9.84 11.60
C TRP D 158 -9.65 -10.02 10.10
N ASP D 159 -8.54 -10.57 9.58
CA ASP D 159 -8.53 -10.78 8.14
C ASP D 159 -9.45 -11.95 7.74
N GLU D 160 -9.64 -12.93 8.62
CA GLU D 160 -10.66 -13.95 8.35
C GLU D 160 -12.05 -13.35 8.43
N ILE D 161 -12.36 -12.65 9.54
CA ILE D 161 -13.66 -12.01 9.68
C ILE D 161 -13.97 -11.09 8.49
N TRP D 162 -13.03 -10.20 8.15
CA TRP D 162 -13.30 -9.27 7.05
C TRP D 162 -13.41 -9.98 5.71
N GLN D 163 -12.77 -11.14 5.53
CA GLN D 163 -13.04 -11.91 4.33
C GLN D 163 -14.51 -12.34 4.29
N ALA D 164 -15.00 -12.96 5.36
CA ALA D 164 -16.37 -13.47 5.36
C ALA D 164 -17.38 -12.33 5.14
N MET D 165 -17.20 -11.20 5.82
CA MET D 165 -18.15 -10.11 5.65
C MET D 165 -18.04 -9.51 4.25
N ASP D 166 -16.83 -9.45 3.70
CA ASP D 166 -16.68 -8.89 2.37
C ASP D 166 -17.39 -9.75 1.33
N VAL D 167 -17.35 -11.07 1.47
CA VAL D 167 -18.09 -11.94 0.56
C VAL D 167 -19.56 -11.56 0.58
N LEU D 168 -20.11 -11.40 1.77
CA LEU D 168 -21.52 -11.05 1.90
C LEU D 168 -21.80 -9.67 1.31
N VAL D 169 -20.91 -8.70 1.55
CA VAL D 169 -21.14 -7.35 1.04
C VAL D 169 -21.22 -7.36 -0.48
N ARG D 170 -20.34 -8.11 -1.13
CA ARG D 170 -20.30 -8.10 -2.59
C ARG D 170 -21.39 -8.96 -3.23
N GLN D 171 -21.93 -9.93 -2.51
CA GLN D 171 -23.13 -10.62 -2.97
C GLN D 171 -24.40 -9.80 -2.76
N GLY D 172 -24.34 -8.70 -2.00
CA GLY D 172 -25.53 -7.95 -1.66
C GLY D 172 -26.34 -8.50 -0.51
N LYS D 173 -25.81 -9.47 0.22
CA LYS D 173 -26.57 -10.04 1.33
C LYS D 173 -26.54 -9.15 2.57
N ILE D 174 -25.50 -8.32 2.72
CA ILE D 174 -25.42 -7.35 3.80
C ILE D 174 -24.88 -6.03 3.24
N LEU D 175 -25.15 -4.96 3.98
CA LEU D 175 -24.69 -3.63 3.61
C LEU D 175 -23.58 -3.17 4.55
N TYR D 176 -23.86 -3.11 5.84
CA TYR D 176 -22.97 -2.59 6.87
C TYR D 176 -22.63 -3.68 7.88
N VAL D 177 -21.52 -3.45 8.58
CA VAL D 177 -21.05 -4.35 9.63
C VAL D 177 -20.90 -3.58 10.92
N GLY D 178 -21.34 -4.20 12.02
CA GLY D 178 -21.23 -3.56 13.31
C GLY D 178 -20.79 -4.57 14.35
N SER D 179 -20.39 -4.03 15.50
CA SER D 179 -19.95 -4.85 16.61
C SER D 179 -20.98 -4.77 17.74
N SER D 180 -20.82 -5.68 18.70
CA SER D 180 -21.53 -5.64 19.96
C SER D 180 -20.67 -6.31 21.02
N ASN D 181 -20.67 -5.75 22.22
CA ASN D 181 -19.85 -6.29 23.30
C ASN D 181 -18.40 -6.47 22.85
N PHE D 182 -17.81 -5.37 22.39
CA PHE D 182 -16.39 -5.29 22.10
C PHE D 182 -15.69 -4.52 23.20
N ALA D 183 -14.38 -4.71 23.31
CA ALA D 183 -13.54 -3.75 24.01
C ALA D 183 -13.15 -2.63 23.06
N GLY D 184 -12.73 -1.49 23.64
CA GLY D 184 -12.30 -0.39 22.80
C GLY D 184 -11.21 -0.80 21.82
N TRP D 185 -10.25 -1.61 22.29
CA TRP D 185 -9.15 -1.97 21.41
C TRP D 185 -9.59 -2.95 20.31
N ASN D 186 -10.65 -3.72 20.53
CA ASN D 186 -11.18 -4.56 19.44
C ASN D 186 -11.75 -3.69 18.32
N ILE D 187 -12.42 -2.59 18.68
CA ILE D 187 -12.96 -1.67 17.68
C ILE D 187 -11.82 -1.07 16.85
N ALA D 188 -10.74 -0.69 17.52
CA ALA D 188 -9.64 -0.05 16.80
C ALA D 188 -8.95 -1.07 15.90
N GLN D 189 -8.68 -2.25 16.42
CA GLN D 189 -8.04 -3.29 15.61
C GLN D 189 -8.89 -3.64 14.41
N ALA D 190 -10.20 -3.83 14.62
CA ALA D 190 -11.07 -4.21 13.51
C ALA D 190 -11.05 -3.15 12.41
N ASN D 191 -11.23 -1.88 12.78
CA ASN D 191 -11.38 -0.85 11.74
C ASN D 191 -10.05 -0.51 11.09
N GLU D 192 -8.95 -0.52 11.86
CA GLU D 192 -7.65 -0.34 11.22
C GLU D 192 -7.38 -1.45 10.22
N THR D 193 -7.79 -2.69 10.55
CA THR D 193 -7.59 -3.81 9.63
C THR D 193 -8.42 -3.64 8.36
N ALA D 194 -9.68 -3.24 8.51
CA ALA D 194 -10.53 -2.96 7.36
C ALA D 194 -9.94 -1.85 6.50
N ALA D 195 -9.41 -0.80 7.13
CA ALA D 195 -9.01 0.38 6.38
C ALA D 195 -7.77 0.11 5.51
N ARG D 196 -6.84 -0.74 5.96
CA ARG D 196 -5.68 -1.04 5.12
C ARG D 196 -6.07 -1.55 3.74
N HIS D 197 -7.29 -2.06 3.56
CA HIS D 197 -7.68 -2.57 2.25
C HIS D 197 -8.97 -1.95 1.73
N GLY D 198 -9.29 -0.72 2.13
CA GLY D 198 -10.45 -0.04 1.59
C GLY D 198 -11.80 -0.59 1.99
N ARG D 199 -11.87 -1.52 2.93
CA ARG D 199 -13.17 -1.98 3.42
C ARG D 199 -13.75 -1.00 4.45
N LEU D 200 -15.02 -0.67 4.28
CA LEU D 200 -15.77 0.03 5.34
C LEU D 200 -15.72 -0.79 6.62
N GLY D 201 -15.35 -0.16 7.72
CA GLY D 201 -15.17 -0.89 8.97
C GLY D 201 -16.47 -1.11 9.73
N LEU D 202 -16.32 -1.41 11.02
CA LEU D 202 -17.47 -1.30 11.92
C LEU D 202 -18.11 0.07 11.80
N VAL D 203 -19.44 0.09 11.73
CA VAL D 203 -20.19 1.34 11.68
C VAL D 203 -20.85 1.69 13.02
N SER D 204 -20.84 0.76 13.98
CA SER D 204 -21.58 0.93 15.21
C SER D 204 -21.10 -0.12 16.20
N GLU D 205 -21.12 0.24 17.48
CA GLU D 205 -20.87 -0.69 18.57
C GLU D 205 -22.12 -0.71 19.43
N GLN D 206 -22.60 -1.90 19.77
CA GLN D 206 -23.80 -2.06 20.56
C GLN D 206 -23.35 -2.50 21.96
N CYS D 207 -23.40 -1.59 22.93
CA CYS D 207 -22.78 -1.93 24.21
C CYS D 207 -23.75 -1.66 25.34
N LEU D 208 -23.55 -2.39 26.42
CA LEU D 208 -24.32 -2.20 27.63
C LEU D 208 -23.94 -0.86 28.23
N TYR D 209 -24.92 0.05 28.33
CA TYR D 209 -24.68 1.41 28.79
C TYR D 209 -26.00 1.94 29.35
N ASN D 210 -26.00 2.33 30.63
CA ASN D 210 -27.17 2.92 31.29
C ASN D 210 -26.70 3.49 32.62
N LEU D 211 -27.62 4.11 33.37
CA LEU D 211 -27.23 4.75 34.62
C LEU D 211 -26.56 3.76 35.57
N CYS D 212 -27.03 2.51 35.57
CA CYS D 212 -26.49 1.50 36.49
C CYS D 212 -25.08 1.06 36.10
N GLU D 213 -24.82 0.91 34.79
CA GLU D 213 -23.57 0.34 34.28
C GLU D 213 -22.94 1.32 33.30
N ARG D 214 -21.92 2.04 33.75
CA ARG D 214 -21.33 3.11 32.94
C ARG D 214 -19.87 2.82 32.56
N ARG D 215 -19.37 1.61 32.81
CA ARG D 215 -17.96 1.37 32.55
C ARG D 215 -17.61 1.34 31.05
N ALA D 216 -18.61 1.36 30.16
CA ALA D 216 -18.30 1.58 28.75
C ALA D 216 -17.70 2.95 28.50
N GLU D 217 -17.82 3.87 29.47
CA GLU D 217 -17.22 5.19 29.31
C GLU D 217 -15.70 5.15 29.33
N MET D 218 -15.12 4.10 29.90
CA MET D 218 -13.67 4.06 30.09
C MET D 218 -12.95 3.99 28.75
N GLU D 219 -13.37 3.08 27.87
CA GLU D 219 -12.62 2.81 26.65
C GLU D 219 -13.52 2.50 25.46
N VAL D 220 -14.60 1.76 25.66
CA VAL D 220 -15.46 1.37 24.55
C VAL D 220 -15.98 2.61 23.82
N VAL D 221 -16.67 3.49 24.54
CA VAL D 221 -17.24 4.66 23.88
C VAL D 221 -16.16 5.62 23.37
N PRO D 222 -15.09 5.93 24.14
CA PRO D 222 -14.03 6.77 23.56
C PRO D 222 -13.42 6.20 22.29
N ALA D 223 -13.25 4.88 22.20
CA ALA D 223 -12.71 4.30 20.97
C ALA D 223 -13.73 4.34 19.85
N ALA D 224 -14.99 4.05 20.14
CA ALA D 224 -16.01 4.19 19.12
C ALA D 224 -16.06 5.62 18.60
N ARG D 225 -15.91 6.60 19.50
CA ARG D 225 -15.93 7.98 19.06
C ARG D 225 -14.74 8.29 18.17
N GLU D 226 -13.55 7.82 18.55
CA GLU D 226 -12.37 8.09 17.72
C GLU D 226 -12.54 7.51 16.33
N TYR D 227 -13.13 6.31 16.23
CA TYR D 227 -13.26 5.64 14.94
C TYR D 227 -14.59 5.92 14.26
N GLY D 228 -15.40 6.83 14.80
CA GLY D 228 -16.59 7.25 14.10
C GLY D 228 -17.64 6.17 13.99
N LEU D 229 -17.75 5.31 15.00
CA LEU D 229 -18.84 4.35 15.09
C LEU D 229 -20.04 4.98 15.75
N GLY D 230 -21.24 4.59 15.33
CA GLY D 230 -22.39 4.78 16.18
C GLY D 230 -22.23 4.02 17.48
N VAL D 231 -22.94 4.49 18.51
CA VAL D 231 -23.01 3.82 19.81
C VAL D 231 -24.48 3.61 20.15
N ILE D 232 -24.93 2.37 20.14
CA ILE D 232 -26.32 2.06 20.47
C ILE D 232 -26.33 1.19 21.72
N ALA D 233 -27.04 1.62 22.74
CA ALA D 233 -26.88 1.07 24.08
C ALA D 233 -27.96 0.01 24.31
N TRP D 234 -27.53 -1.20 24.64
CA TRP D 234 -28.52 -2.23 24.89
C TRP D 234 -28.86 -2.32 26.39
N SER D 235 -30.05 -2.85 26.68
CA SER D 235 -30.70 -2.79 27.98
C SER D 235 -30.56 -1.37 28.56
N PRO D 236 -31.11 -0.36 27.89
CA PRO D 236 -31.02 1.00 28.42
C PRO D 236 -31.70 1.16 29.77
N LEU D 237 -32.61 0.26 30.15
CA LEU D 237 -33.22 0.33 31.47
C LEU D 237 -32.63 -0.71 32.42
N HIS D 238 -31.48 -1.29 32.06
CA HIS D 238 -30.86 -2.35 32.85
C HIS D 238 -31.85 -3.50 33.08
N GLY D 239 -32.57 -3.87 32.02
CA GLY D 239 -33.53 -4.96 32.07
C GLY D 239 -34.80 -4.64 32.81
N GLY D 240 -35.24 -3.38 32.79
CA GLY D 240 -36.42 -2.96 33.50
C GLY D 240 -36.17 -2.48 34.91
N LEU D 241 -34.95 -2.63 35.42
CA LEU D 241 -34.63 -2.10 36.74
C LEU D 241 -34.89 -0.60 36.84
N LEU D 242 -34.67 0.15 35.76
CA LEU D 242 -34.76 1.60 35.76
C LEU D 242 -36.13 2.10 35.29
N GLY D 243 -37.11 1.21 35.18
CA GLY D 243 -38.41 1.62 34.67
C GLY D 243 -39.46 1.64 35.76
N GLY D 244 -39.01 1.71 37.00
CA GLY D 244 -39.94 1.80 38.10
C GLY D 244 -40.11 0.44 38.74
N ALA D 245 -39.02 -0.31 38.79
CA ALA D 245 -39.09 -1.69 39.27
C ALA D 245 -39.62 -1.75 40.71
N ILE D 246 -39.14 -0.87 41.59
CA ILE D 246 -39.54 -0.94 42.99
C ILE D 246 -41.03 -0.62 43.13
N ARG D 247 -41.48 0.48 42.52
CA ARG D 247 -42.89 0.83 42.63
C ARG D 247 -43.79 -0.29 42.07
N LYS D 248 -43.28 -1.07 41.13
CA LYS D 248 -44.06 -2.12 40.52
C LYS D 248 -43.69 -3.51 41.03
N GLU D 249 -42.89 -3.60 42.11
CA GLU D 249 -42.30 -4.88 42.51
C GLU D 249 -43.37 -5.93 42.83
N GLN D 250 -44.47 -5.52 43.44
CA GLN D 250 -45.54 -6.43 43.82
C GLN D 250 -46.50 -6.73 42.67
N GLU D 251 -46.27 -6.17 41.48
CA GLU D 251 -47.16 -6.36 40.35
C GLU D 251 -46.97 -7.72 39.73
N GLY D 252 -47.98 -8.15 38.97
CA GLY D 252 -47.97 -9.40 38.27
C GLY D 252 -47.65 -9.24 36.80
N GLY D 253 -48.05 -10.23 36.01
CA GLY D 253 -47.69 -10.27 34.61
C GLY D 253 -46.34 -10.92 34.42
N ASN D 254 -45.96 -11.06 33.15
CA ASN D 254 -44.60 -11.51 32.83
C ASN D 254 -43.74 -10.27 32.65
N ARG D 255 -43.36 -9.67 33.74
CA ARG D 255 -42.54 -8.49 33.66
C ARG D 255 -41.07 -8.87 33.61
N ARG D 256 -40.34 -8.32 32.66
CA ARG D 256 -38.90 -8.55 32.58
C ARG D 256 -38.20 -8.11 33.86
N ALA D 257 -38.70 -7.05 34.52
CA ALA D 257 -38.11 -6.59 35.77
C ALA D 257 -38.29 -7.60 36.91
N ALA D 258 -39.25 -8.51 36.79
CA ALA D 258 -39.46 -9.56 37.79
C ALA D 258 -38.44 -10.69 37.67
N SER D 259 -37.51 -10.63 36.72
CA SER D 259 -36.57 -11.72 36.48
C SER D 259 -35.23 -11.11 36.07
N GLY D 260 -34.27 -11.97 35.75
CA GLY D 260 -33.01 -11.57 35.15
C GLY D 260 -32.21 -10.59 36.00
N ARG D 261 -31.50 -9.69 35.32
CA ARG D 261 -30.56 -8.82 36.04
C ARG D 261 -31.29 -7.83 36.95
N ALA D 262 -32.51 -7.43 36.59
CA ALA D 262 -33.28 -6.53 37.45
C ALA D 262 -33.59 -7.19 38.80
N ALA D 263 -34.20 -8.38 38.75
CA ALA D 263 -34.51 -9.11 39.97
C ALA D 263 -33.28 -9.33 40.83
N ASP D 264 -32.15 -9.66 40.20
CA ASP D 264 -30.93 -9.88 40.98
C ASP D 264 -30.43 -8.60 41.62
N ALA D 265 -30.61 -7.46 40.94
CA ALA D 265 -30.15 -6.21 41.51
C ALA D 265 -30.96 -5.84 42.75
N LEU D 266 -32.28 -6.08 42.73
CA LEU D 266 -33.16 -5.67 43.82
C LEU D 266 -32.93 -6.47 45.10
N LYS D 267 -32.33 -7.66 45.00
CA LYS D 267 -31.99 -8.44 46.17
C LYS D 267 -30.69 -8.00 46.82
N ASP D 268 -29.85 -7.27 46.11
CA ASP D 268 -28.65 -6.70 46.72
C ASP D 268 -29.06 -5.45 47.50
N PRO D 269 -28.78 -5.38 48.80
CA PRO D 269 -29.21 -4.20 49.57
C PRO D 269 -28.71 -2.88 48.98
N GLN D 270 -27.47 -2.84 48.50
CA GLN D 270 -26.87 -1.56 48.10
C GLN D 270 -27.29 -1.17 46.70
N GLN D 271 -27.65 -2.13 45.87
CA GLN D 271 -28.18 -1.79 44.55
C GLN D 271 -29.66 -1.41 44.64
N ARG D 272 -30.42 -2.13 45.47
CA ARG D 272 -31.80 -1.74 45.73
C ARG D 272 -31.87 -0.29 46.22
N GLU D 273 -31.03 0.05 47.20
CA GLU D 273 -30.98 1.41 47.70
C GLU D 273 -30.83 2.41 46.57
N GLN D 274 -29.95 2.09 45.61
CA GLN D 274 -29.67 3.00 44.51
C GLN D 274 -30.91 3.23 43.67
N ILE D 275 -31.66 2.15 43.36
CA ILE D 275 -32.86 2.31 42.55
C ILE D 275 -33.94 3.04 43.35
N GLN D 276 -33.94 2.84 44.66
CA GLN D 276 -34.89 3.54 45.52
C GLN D 276 -34.61 5.04 45.52
N ARG D 277 -33.34 5.44 45.64
CA ARG D 277 -33.02 6.87 45.55
C ARG D 277 -33.48 7.46 44.24
N TYR D 278 -33.26 6.71 43.14
CA TYR D 278 -33.61 7.17 41.81
C TYR D 278 -35.11 7.42 41.69
N GLU D 279 -35.92 6.44 42.12
CA GLU D 279 -37.37 6.58 42.01
C GLU D 279 -37.88 7.69 42.92
N ASP D 280 -37.27 7.85 44.10
CA ASP D 280 -37.63 8.97 44.98
C ASP D 280 -37.26 10.31 44.35
N LEU D 281 -36.07 10.39 43.74
CA LEU D 281 -35.66 11.64 43.09
C LEU D 281 -36.65 12.04 42.01
N LEU D 282 -37.11 11.07 41.23
CA LEU D 282 -37.97 11.39 40.10
C LEU D 282 -39.39 11.76 40.52
N ASP D 283 -39.89 11.15 41.60
CA ASP D 283 -41.17 11.57 42.15
C ASP D 283 -41.16 13.04 42.54
N LYS D 284 -40.02 13.51 43.05
CA LYS D 284 -39.88 14.92 43.42
C LYS D 284 -39.91 15.85 42.21
N HIS D 285 -39.68 15.31 41.02
CA HIS D 285 -39.61 16.16 39.84
C HIS D 285 -40.70 15.88 38.80
N GLY D 286 -41.68 15.06 39.17
CA GLY D 286 -42.75 14.74 38.23
C GLY D 286 -42.29 14.07 36.95
N LEU D 287 -41.36 13.13 37.05
CA LEU D 287 -40.76 12.47 35.88
C LEU D 287 -40.95 10.95 35.96
N GLU D 288 -41.05 10.31 34.78
CA GLU D 288 -41.17 8.85 34.77
C GLU D 288 -39.79 8.20 34.72
N PRO D 289 -39.58 7.17 35.55
CA PRO D 289 -38.24 6.58 35.64
C PRO D 289 -37.77 5.91 34.36
N GLY D 290 -38.65 5.24 33.64
CA GLY D 290 -38.25 4.70 32.35
C GLY D 290 -37.85 5.79 31.39
N GLU D 291 -38.70 6.80 31.26
CA GLU D 291 -38.43 7.85 30.29
C GLU D 291 -37.15 8.59 30.63
N VAL D 292 -36.83 8.73 31.92
CA VAL D 292 -35.63 9.46 32.31
C VAL D 292 -34.38 8.65 31.96
N ALA D 293 -34.42 7.33 32.18
CA ALA D 293 -33.27 6.50 31.83
C ALA D 293 -32.97 6.56 30.34
N LEU D 294 -34.00 6.64 29.50
CA LEU D 294 -33.76 6.73 28.06
C LEU D 294 -33.25 8.11 27.69
N ALA D 295 -33.94 9.16 28.17
CA ALA D 295 -33.51 10.54 27.94
C ALA D 295 -32.07 10.76 28.40
N TRP D 296 -31.68 10.14 29.51
CA TRP D 296 -30.32 10.32 30.02
C TRP D 296 -29.29 9.79 29.04
N LEU D 297 -29.54 8.61 28.48
CA LEU D 297 -28.61 8.07 27.49
C LEU D 297 -28.47 9.03 26.30
N LEU D 298 -29.55 9.71 25.90
CA LEU D 298 -29.48 10.60 24.75
C LEU D 298 -28.65 11.86 25.01
N THR D 299 -28.31 12.18 26.26
CA THR D 299 -27.40 13.30 26.53
C THR D 299 -25.93 12.89 26.56
N ARG D 300 -25.64 11.61 26.50
CA ARG D 300 -24.25 11.17 26.64
C ARG D 300 -23.50 11.35 25.33
N PRO D 301 -22.33 12.01 25.35
CA PRO D 301 -21.64 12.29 24.09
C PRO D 301 -21.26 11.01 23.36
N GLY D 302 -21.54 10.99 22.05
CA GLY D 302 -21.25 9.84 21.24
C GLY D 302 -22.33 8.78 21.18
N VAL D 303 -23.33 8.81 22.06
CA VAL D 303 -24.37 7.79 22.01
C VAL D 303 -25.35 8.10 20.88
N THR D 304 -25.45 7.20 19.91
CA THR D 304 -26.46 7.35 18.87
C THR D 304 -27.85 7.36 19.48
N GLY D 305 -28.12 6.39 20.35
CA GLY D 305 -29.39 6.29 21.02
C GLY D 305 -29.51 4.99 21.81
N PRO D 306 -30.53 4.89 22.66
CA PRO D 306 -30.78 3.63 23.33
C PRO D 306 -31.55 2.70 22.40
N ILE D 307 -31.36 1.39 22.60
CA ILE D 307 -32.18 0.39 21.92
C ILE D 307 -33.34 0.10 22.85
N VAL D 308 -34.50 0.69 22.59
CA VAL D 308 -35.59 0.52 23.54
C VAL D 308 -36.07 -0.93 23.52
N GLY D 309 -36.48 -1.43 24.67
CA GLY D 309 -36.99 -2.78 24.75
C GLY D 309 -38.42 -2.85 25.24
N PRO D 310 -39.36 -2.28 24.48
CA PRO D 310 -40.76 -2.27 24.92
C PRO D 310 -41.32 -3.68 25.03
N ARG D 311 -42.12 -3.90 26.07
CA ARG D 311 -42.91 -5.11 26.17
C ARG D 311 -44.35 -4.90 25.68
N THR D 312 -44.81 -3.65 25.65
CA THR D 312 -46.15 -3.31 25.16
C THR D 312 -46.08 -2.10 24.24
N ALA D 313 -47.14 -1.91 23.45
CA ALA D 313 -47.27 -0.70 22.64
C ALA D 313 -47.23 0.55 23.50
N ASP D 314 -47.74 0.45 24.72
CA ASP D 314 -47.74 1.55 25.67
C ASP D 314 -46.33 1.98 26.04
N GLN D 315 -45.44 1.01 26.28
CA GLN D 315 -44.07 1.32 26.65
C GLN D 315 -43.30 1.93 25.49
N LEU D 316 -43.65 1.57 24.25
CA LEU D 316 -43.08 2.24 23.08
C LEU D 316 -43.48 3.72 23.04
N ALA D 317 -44.77 4.01 23.21
CA ALA D 317 -45.23 5.41 23.28
C ALA D 317 -44.53 6.19 24.39
N SER D 318 -44.21 5.53 25.51
CA SER D 318 -43.47 6.22 26.58
C SER D 318 -42.02 6.51 26.16
N ALA D 319 -41.38 5.58 25.45
CA ALA D 319 -40.05 5.84 24.94
C ALA D 319 -40.06 7.03 23.98
N VAL D 320 -41.06 7.09 23.09
CA VAL D 320 -41.17 8.23 22.20
C VAL D 320 -41.31 9.53 22.98
N ARG D 321 -42.05 9.49 24.10
CA ARG D 321 -42.11 10.66 24.98
C ARG D 321 -40.75 10.94 25.61
N ALA D 322 -39.99 9.88 25.94
CA ALA D 322 -38.68 10.06 26.54
C ALA D 322 -37.73 10.80 25.60
N ALA D 323 -37.85 10.54 24.29
CA ALA D 323 -37.02 11.20 23.29
C ALA D 323 -37.28 12.71 23.18
N GLU D 324 -38.46 13.18 23.59
CA GLU D 324 -38.79 14.60 23.59
C GLU D 324 -38.50 15.28 24.92
N LEU D 325 -38.17 14.51 25.95
CA LEU D 325 -37.90 15.05 27.27
C LEU D 325 -36.60 15.85 27.27
N THR D 326 -36.58 16.96 28.01
CA THR D 326 -35.35 17.68 28.30
C THR D 326 -35.09 17.60 29.80
N LEU D 327 -33.95 17.04 30.18
CA LEU D 327 -33.56 16.93 31.57
C LEU D 327 -32.84 18.20 31.99
N THR D 328 -33.24 18.75 33.13
CA THR D 328 -32.57 19.92 33.65
C THR D 328 -31.16 19.58 34.13
N ASP D 329 -30.31 20.59 34.18
CA ASP D 329 -29.00 20.45 34.82
C ASP D 329 -29.13 19.91 36.23
N GLU D 330 -30.15 20.36 36.96
CA GLU D 330 -30.30 19.91 38.34
C GLU D 330 -30.48 18.40 38.42
N VAL D 331 -31.37 17.86 37.58
CA VAL D 331 -31.61 16.42 37.60
C VAL D 331 -30.39 15.65 37.11
N LEU D 332 -29.75 16.16 36.04
CA LEU D 332 -28.53 15.49 35.56
C LEU D 332 -27.49 15.39 36.66
N THR D 333 -27.30 16.45 37.43
CA THR D 333 -26.33 16.42 38.52
C THR D 333 -26.78 15.49 39.64
N ALA D 334 -28.08 15.50 39.94
CA ALA D 334 -28.61 14.55 40.91
C ALA D 334 -28.39 13.11 40.43
N LEU D 335 -28.63 12.84 39.14
CA LEU D 335 -28.42 11.50 38.61
C LEU D 335 -26.96 11.10 38.73
N ASP D 336 -26.04 12.05 38.46
CA ASP D 336 -24.63 11.74 38.54
C ASP D 336 -24.20 11.41 39.96
N GLU D 337 -24.84 12.01 40.96
CA GLU D 337 -24.56 11.69 42.36
C GLU D 337 -25.00 10.27 42.70
N ILE D 338 -26.17 9.86 42.23
CA ILE D 338 -26.62 8.51 42.51
C ILE D 338 -25.83 7.50 41.69
N PHE D 339 -25.55 7.81 40.42
CA PHE D 339 -24.98 6.86 39.48
C PHE D 339 -23.66 7.36 38.93
N PRO D 340 -22.61 7.46 39.74
CA PRO D 340 -21.33 7.97 39.22
C PRO D 340 -20.76 7.08 38.12
N GLY D 341 -20.10 7.72 37.17
CA GLY D 341 -19.41 7.04 36.11
C GLY D 341 -17.91 7.17 36.25
N PRO D 342 -17.16 6.29 35.58
CA PRO D 342 -15.70 6.29 35.73
C PRO D 342 -15.01 7.36 34.90
N GLY D 343 -15.61 7.78 33.80
CA GLY D 343 -14.92 8.61 32.84
C GLY D 343 -13.91 7.78 32.07
N PRO D 344 -13.11 8.42 31.21
CA PRO D 344 -12.23 7.64 30.32
C PRO D 344 -10.97 7.15 31.02
N SER D 345 -10.48 6.00 30.54
CA SER D 345 -9.11 5.67 30.89
C SER D 345 -8.16 6.51 30.03
N PRO D 346 -6.92 6.75 30.50
CA PRO D 346 -6.33 6.23 31.75
C PRO D 346 -6.73 7.02 32.98
N GLU D 347 -7.32 8.21 32.80
CA GLU D 347 -7.70 9.02 33.95
C GLU D 347 -8.55 8.25 34.95
N ALA D 348 -9.37 7.29 34.47
CA ALA D 348 -10.32 6.62 35.35
C ALA D 348 -9.62 5.90 36.51
N PHE D 349 -8.40 5.41 36.30
CA PHE D 349 -7.67 4.70 37.35
C PHE D 349 -6.24 5.18 37.57
N ALA D 350 -5.68 6.04 36.71
CA ALA D 350 -4.30 6.47 36.85
C ALA D 350 -4.31 7.96 37.06
N TRP D 351 -3.95 8.79 36.06
CA TRP D 351 -4.03 10.26 36.14
C TRP D 351 -4.20 11.02 34.79
N MET E 21 19.26 -13.26 38.48
CA MET E 21 18.23 -12.39 37.91
C MET E 21 17.51 -13.00 36.69
N GLU E 22 16.18 -12.97 36.70
CA GLU E 22 15.39 -13.46 35.57
C GLU E 22 15.27 -12.39 34.48
N TYR E 23 15.45 -12.81 33.23
CA TYR E 23 15.33 -11.93 32.07
C TYR E 23 14.20 -12.40 31.18
N THR E 24 13.72 -11.47 30.35
CA THR E 24 12.65 -11.76 29.40
C THR E 24 12.77 -10.78 28.24
N GLN E 25 12.14 -11.15 27.13
CA GLN E 25 12.00 -10.19 26.04
C GLN E 25 11.00 -9.10 26.43
N LEU E 26 11.30 -7.85 26.04
CA LEU E 26 10.34 -6.76 26.19
C LEU E 26 9.23 -6.94 25.16
N GLY E 27 8.08 -7.49 25.57
CA GLY E 27 7.05 -7.92 24.64
C GLY E 27 7.61 -8.69 23.44
N ARG E 28 7.30 -8.22 22.24
CA ARG E 28 7.62 -8.91 21.00
C ARG E 28 9.01 -8.56 20.45
N ILE E 29 9.73 -7.59 21.01
CA ILE E 29 10.91 -7.08 20.32
C ILE E 29 12.16 -7.81 20.80
N GLY E 30 13.30 -7.60 20.10
CA GLY E 30 14.52 -8.32 20.38
C GLY E 30 15.25 -7.87 21.63
N LEU E 31 14.78 -6.80 22.25
CA LEU E 31 15.40 -6.28 23.46
C LEU E 31 15.12 -7.18 24.64
N LYS E 32 16.16 -7.49 25.41
CA LYS E 32 16.12 -8.34 26.59
C LYS E 32 16.32 -7.48 27.83
N VAL E 33 15.38 -7.59 28.77
CA VAL E 33 15.42 -6.76 29.98
C VAL E 33 15.21 -7.64 31.20
N SER E 34 15.85 -7.23 32.31
CA SER E 34 15.56 -7.84 33.60
C SER E 34 14.10 -7.59 33.99
N ARG E 35 13.47 -8.59 34.61
CA ARG E 35 12.08 -8.48 35.04
C ARG E 35 11.90 -7.54 36.22
N LEU E 36 12.98 -7.04 36.78
CA LEU E 36 12.93 -5.88 37.66
C LEU E 36 13.39 -4.68 36.85
N VAL E 37 12.62 -3.59 36.88
CA VAL E 37 12.98 -2.36 36.20
C VAL E 37 13.28 -1.34 37.28
N LEU E 38 14.46 -0.73 37.22
CA LEU E 38 14.86 0.21 38.26
C LEU E 38 14.20 1.56 37.98
N GLY E 39 13.23 1.94 38.82
CA GLY E 39 12.70 3.29 38.78
C GLY E 39 13.61 4.28 39.50
N THR E 40 13.63 5.52 39.03
CA THR E 40 14.55 6.52 39.55
C THR E 40 13.83 7.76 40.10
N MET E 41 12.50 7.71 40.23
CA MET E 41 11.76 8.89 40.61
C MET E 41 12.14 9.39 42.02
N ASN E 42 12.49 8.47 42.93
CA ASN E 42 12.99 8.87 44.24
C ASN E 42 14.31 9.64 44.19
N PHE E 43 15.09 9.47 43.11
CA PHE E 43 16.44 10.01 43.05
C PHE E 43 16.35 11.52 42.88
N GLY E 44 16.72 12.26 43.92
CA GLY E 44 16.61 13.70 43.90
C GLY E 44 15.80 14.20 45.09
N PRO E 45 14.48 14.07 45.01
CA PRO E 45 13.62 14.65 46.07
C PRO E 45 13.46 13.78 47.30
N THR E 46 13.77 12.49 47.22
CA THR E 46 13.62 11.54 48.31
C THR E 46 14.94 10.89 48.70
N THR E 47 15.75 10.55 47.70
CA THR E 47 17.04 9.89 47.87
C THR E 47 18.11 10.81 47.28
N ASP E 48 19.21 11.01 48.00
CA ASP E 48 20.16 12.02 47.54
C ASP E 48 21.07 11.40 46.46
N GLU E 49 21.95 12.23 45.89
CA GLU E 49 22.67 11.80 44.69
C GLU E 49 23.60 10.63 45.00
N ALA E 50 24.35 10.73 46.10
CA ALA E 50 25.32 9.68 46.42
C ALA E 50 24.62 8.35 46.64
N GLU E 51 23.50 8.37 47.34
CA GLU E 51 22.75 7.13 47.59
C GLU E 51 22.11 6.60 46.30
N SER E 52 21.68 7.51 45.41
CA SER E 52 21.09 7.10 44.14
C SER E 52 22.13 6.38 43.27
N HIS E 53 23.34 6.94 43.21
CA HIS E 53 24.42 6.25 42.53
C HIS E 53 24.68 4.88 43.14
N ALA E 54 24.56 4.78 44.47
CA ALA E 54 24.82 3.50 45.11
C ALA E 54 23.74 2.49 44.75
N ILE E 55 22.48 2.92 44.73
CA ILE E 55 21.39 2.04 44.32
C ILE E 55 21.62 1.56 42.88
N MET E 56 22.07 2.46 42.00
CA MET E 56 22.24 2.09 40.59
C MET E 56 23.40 1.11 40.43
N ASP E 57 24.48 1.31 41.19
CA ASP E 57 25.59 0.35 41.16
C ASP E 57 25.14 -1.01 41.67
N ALA E 58 24.31 -1.03 42.72
CA ALA E 58 23.79 -2.30 43.21
C ALA E 58 22.78 -2.91 42.25
N ALA E 59 21.95 -2.08 41.61
CA ALA E 59 21.07 -2.60 40.56
C ALA E 59 21.86 -3.31 39.49
N LEU E 60 22.89 -2.65 38.94
CA LEU E 60 23.69 -3.25 37.88
C LEU E 60 24.38 -4.53 38.36
N ASP E 61 24.97 -4.50 39.57
CA ASP E 61 25.60 -5.71 40.15
C ASP E 61 24.64 -6.88 40.22
N ALA E 62 23.34 -6.63 40.46
CA ALA E 62 22.36 -7.69 40.55
C ALA E 62 21.81 -8.09 39.18
N GLY E 63 22.35 -7.53 38.10
CA GLY E 63 21.92 -7.85 36.76
C GLY E 63 20.74 -7.05 36.22
N ILE E 64 20.26 -6.04 36.95
CA ILE E 64 19.22 -5.16 36.44
C ILE E 64 19.84 -4.25 35.37
N ASN E 65 19.30 -4.33 34.14
CA ASN E 65 19.85 -3.62 32.99
C ASN E 65 18.88 -2.59 32.40
N PHE E 66 17.84 -2.21 33.12
CA PHE E 66 16.71 -1.48 32.56
C PHE E 66 16.34 -0.40 33.58
N PHE E 67 16.60 0.87 33.25
CA PHE E 67 16.35 1.98 34.15
C PHE E 67 15.24 2.87 33.59
N ASP E 68 14.32 3.29 34.44
CA ASP E 68 13.25 4.21 34.05
C ASP E 68 13.46 5.57 34.72
N THR E 69 13.40 6.63 33.92
CA THR E 69 13.43 7.97 34.49
C THR E 69 12.45 8.83 33.69
N ALA E 70 12.51 10.14 33.90
CA ALA E 70 11.64 11.04 33.16
C ALA E 70 12.24 12.42 33.27
N ASN E 71 11.90 13.29 32.30
CA ASN E 71 12.48 14.63 32.36
C ASN E 71 11.96 15.38 33.58
N VAL E 72 10.66 15.26 33.88
CA VAL E 72 10.08 15.98 35.01
C VAL E 72 10.60 15.51 36.37
N TYR E 73 11.31 14.37 36.46
CA TYR E 73 11.66 13.86 37.77
C TYR E 73 12.71 14.73 38.44
N GLY E 74 12.60 14.86 39.77
CA GLY E 74 13.28 15.90 40.54
C GLY E 74 12.30 16.84 41.20
N TRP E 75 11.13 17.03 40.60
CA TRP E 75 9.99 17.72 41.19
C TRP E 75 10.20 19.23 41.27
N GLY E 76 9.18 19.99 40.89
CA GLY E 76 9.17 21.43 41.17
C GLY E 76 10.28 22.19 40.46
N GLU E 77 10.85 23.16 41.19
CA GLU E 77 11.99 23.91 40.67
C GLU E 77 13.17 23.03 40.32
N ASN E 78 13.16 21.77 40.75
CA ASN E 78 14.28 20.86 40.52
C ASN E 78 13.95 19.80 39.47
N LYS E 79 12.95 20.04 38.62
CA LYS E 79 12.69 19.14 37.50
C LYS E 79 13.92 19.02 36.59
N GLY E 80 14.29 17.78 36.25
CA GLY E 80 15.49 17.49 35.49
C GLY E 80 16.61 16.93 36.33
N ARG E 81 16.51 17.06 37.65
CA ARG E 81 17.61 16.66 38.53
C ARG E 81 17.89 15.15 38.43
N THR E 82 16.83 14.34 38.38
CA THR E 82 17.00 12.89 38.25
C THR E 82 17.77 12.53 36.99
N GLU E 83 17.42 13.12 35.84
CA GLU E 83 18.22 12.88 34.65
C GLU E 83 19.67 13.32 34.89
N GLU E 84 19.86 14.44 35.57
CA GLU E 84 21.23 14.88 35.85
C GLU E 84 21.93 13.90 36.76
N ILE E 85 21.21 13.34 37.73
CA ILE E 85 21.83 12.38 38.63
C ILE E 85 22.24 11.13 37.88
N LEU E 86 21.36 10.63 36.98
CA LEU E 86 21.74 9.52 36.11
C LEU E 86 22.95 9.90 35.26
N GLY E 87 23.03 11.14 34.83
CA GLY E 87 24.11 11.54 33.95
C GLY E 87 25.46 11.51 34.62
N SER E 88 25.53 11.96 35.88
CA SER E 88 26.80 11.90 36.59
C SER E 88 27.14 10.47 37.00
N TRP E 89 26.16 9.59 37.02
CA TRP E 89 26.45 8.17 37.18
C TRP E 89 27.14 7.61 35.95
N PHE E 90 26.53 7.79 34.76
CA PHE E 90 27.14 7.32 33.51
C PHE E 90 28.54 7.88 33.33
N ALA E 91 28.75 9.15 33.71
CA ALA E 91 30.05 9.80 33.50
C ALA E 91 31.19 9.14 34.28
N GLN E 92 30.88 8.29 35.28
CA GLN E 92 31.92 7.54 35.97
C GLN E 92 32.52 6.43 35.12
N GLY E 93 32.06 6.24 33.89
CA GLY E 93 32.65 5.21 33.03
C GLY E 93 32.29 3.80 33.47
N GLY E 94 33.23 2.88 33.26
CA GLY E 94 33.04 1.51 33.68
C GLY E 94 31.93 0.78 32.94
N ASP E 95 31.62 1.18 31.71
CA ASP E 95 30.61 0.53 30.87
C ASP E 95 29.18 0.69 31.38
N ARG E 96 28.89 1.70 32.21
CA ARG E 96 27.54 1.84 32.75
C ARG E 96 26.53 2.15 31.63
N ARG E 97 26.86 3.11 30.75
CA ARG E 97 25.92 3.47 29.69
C ARG E 97 25.70 2.32 28.73
N ASP E 98 26.77 1.61 28.35
CA ASP E 98 26.64 0.53 27.41
C ASP E 98 25.86 -0.65 27.99
N LYS E 99 25.81 -0.78 29.31
CA LYS E 99 25.12 -1.90 29.94
C LYS E 99 23.64 -1.65 30.18
N VAL E 100 23.23 -0.38 30.29
CA VAL E 100 21.87 -0.04 30.71
C VAL E 100 20.98 0.21 29.49
N VAL E 101 19.79 -0.37 29.50
CA VAL E 101 18.71 0.10 28.64
C VAL E 101 18.12 1.32 29.34
N LEU E 102 18.38 2.50 28.79
CA LEU E 102 18.01 3.78 29.40
C LEU E 102 16.68 4.29 28.85
N ALA E 103 15.71 4.50 29.74
CA ALA E 103 14.38 4.97 29.35
C ALA E 103 14.05 6.30 30.02
N THR E 104 13.57 7.28 29.23
CA THR E 104 13.06 8.50 29.84
C THR E 104 11.73 8.88 29.17
N LYS E 105 11.22 10.09 29.43
CA LYS E 105 9.87 10.40 29.06
C LYS E 105 9.77 11.81 28.51
N VAL E 106 8.74 12.02 27.67
CA VAL E 106 8.31 13.34 27.20
C VAL E 106 6.80 13.44 27.36
N TYR E 107 6.33 14.65 27.73
CA TYR E 107 4.94 15.09 27.86
C TYR E 107 4.82 16.15 28.96
N GLY E 108 5.54 15.95 30.08
CA GLY E 108 5.38 16.83 31.22
C GLY E 108 5.91 18.24 30.99
N ASN E 109 5.30 19.18 31.69
CA ASN E 109 5.79 20.55 31.68
C ASN E 109 7.10 20.64 32.46
N MET E 110 8.13 21.22 31.84
CA MET E 110 9.44 21.35 32.46
C MET E 110 9.73 22.74 33.01
N GLY E 111 8.83 23.69 32.83
CA GLY E 111 9.04 25.04 33.33
C GLY E 111 8.46 25.26 34.71
N ASP E 113 6.14 25.54 37.63
CA ASP E 113 4.94 24.80 38.00
C ASP E 113 3.66 25.63 37.85
N GLY E 114 2.70 25.08 37.13
CA GLY E 114 1.52 25.81 36.74
C GLY E 114 1.15 25.45 35.32
N PRO E 115 0.26 26.23 34.70
CA PRO E 115 -0.06 25.97 33.29
C PRO E 115 1.14 26.25 32.41
N ALA E 116 1.51 25.27 31.59
CA ALA E 116 2.69 25.38 30.75
C ALA E 116 2.49 26.41 29.63
N TRP E 117 3.60 27.06 29.25
CA TRP E 117 3.61 27.78 27.98
C TRP E 117 3.17 26.84 26.87
N PRO E 118 2.32 27.29 25.95
CA PRO E 118 1.80 26.39 24.91
C PRO E 118 2.93 25.70 24.13
N ASN E 119 2.78 24.38 23.97
CA ASN E 119 3.71 23.50 23.26
C ASN E 119 5.01 23.30 24.02
N HIS E 120 5.00 23.61 25.30
CA HIS E 120 6.10 23.25 26.18
C HIS E 120 5.73 22.06 27.06
N ASP E 121 4.51 21.54 26.88
CA ASP E 121 4.13 20.22 27.37
C ASP E 121 3.42 19.50 26.22
N LYS E 122 3.03 18.25 26.50
CA LYS E 122 2.27 17.38 25.59
C LYS E 122 3.09 16.94 24.39
N LEU E 123 2.44 16.38 23.35
CA LEU E 123 3.16 15.54 22.39
C LEU E 123 3.25 16.13 20.98
N SER E 124 3.14 17.44 20.82
CA SER E 124 3.41 18.03 19.50
C SER E 124 4.84 17.71 19.04
N ALA E 125 5.01 17.60 17.72
CA ALA E 125 6.36 17.50 17.18
C ALA E 125 7.26 18.63 17.70
N LEU E 126 6.68 19.80 17.98
CA LEU E 126 7.46 20.89 18.53
C LEU E 126 8.03 20.54 19.89
N ASN E 127 7.17 20.13 20.84
CA ASN E 127 7.64 19.79 22.19
C ASN E 127 8.50 18.53 22.21
N ILE E 128 8.22 17.56 21.33
CA ILE E 128 9.07 16.37 21.30
C ILE E 128 10.50 16.75 20.96
N ARG E 129 10.67 17.64 19.96
CA ARG E 129 11.99 18.04 19.50
C ARG E 129 12.78 18.71 20.62
N ARG E 130 12.19 19.69 21.30
CA ARG E 130 12.90 20.41 22.34
C ARG E 130 13.09 19.53 23.60
N SER E 131 12.13 18.64 23.89
CA SER E 131 12.23 17.85 25.10
C SER E 131 13.37 16.85 25.02
N VAL E 132 13.56 16.22 23.85
CA VAL E 132 14.54 15.15 23.78
C VAL E 132 15.96 15.71 23.85
N ASP E 133 16.20 16.87 23.22
CA ASP E 133 17.54 17.45 23.30
C ASP E 133 17.86 17.85 24.73
N ALA E 134 16.90 18.46 25.43
CA ALA E 134 17.09 18.76 26.85
C ALA E 134 17.34 17.48 27.67
N SER E 135 16.59 16.41 27.40
CA SER E 135 16.85 15.16 28.11
C SER E 135 18.24 14.59 27.80
N LEU E 136 18.63 14.56 26.52
CA LEU E 136 19.96 14.05 26.18
C LEU E 136 21.06 14.85 26.89
N LYS E 137 20.92 16.17 26.95
CA LYS E 137 21.96 16.98 27.57
C LYS E 137 22.07 16.71 29.08
N ARG E 138 20.94 16.61 29.78
CA ARG E 138 20.99 16.35 31.21
C ARG E 138 21.55 14.97 31.49
N LEU E 139 21.19 13.99 30.64
CA LEU E 139 21.65 12.62 30.78
C LEU E 139 23.10 12.45 30.34
N GLY E 140 23.63 13.39 29.57
CA GLY E 140 24.99 13.29 29.05
C GLY E 140 25.23 12.05 28.22
N THR E 141 24.38 11.83 27.22
CA THR E 141 24.43 10.66 26.36
C THR E 141 23.95 11.09 24.99
N ASP E 142 24.41 10.42 23.96
CA ASP E 142 23.94 10.79 22.62
C ASP E 142 22.72 9.99 22.18
N HIS E 143 22.23 9.04 22.98
CA HIS E 143 20.99 8.37 22.60
C HIS E 143 20.22 7.89 23.82
N ILE E 144 18.90 7.84 23.66
CA ILE E 144 17.97 7.26 24.62
C ILE E 144 17.52 5.94 24.04
N ASP E 145 17.52 4.87 24.85
CA ASP E 145 17.14 3.57 24.31
C ASP E 145 15.63 3.46 24.17
N LEU E 146 14.89 3.94 25.17
CA LEU E 146 13.44 3.80 25.19
C LEU E 146 12.85 5.17 25.53
N TYR E 147 12.35 5.86 24.53
CA TYR E 147 11.74 7.18 24.70
C TYR E 147 10.23 6.98 24.78
N GLN E 148 9.64 7.41 25.89
CA GLN E 148 8.26 7.07 26.22
C GLN E 148 7.38 8.30 26.35
N PHE E 149 6.18 8.22 25.78
CA PHE E 149 5.15 9.21 26.07
C PHE E 149 4.69 9.03 27.50
N HIS E 150 4.73 10.12 28.29
CA HIS E 150 4.32 10.03 29.68
C HIS E 150 2.82 9.81 29.83
N HIS E 151 2.04 10.18 28.82
CA HIS E 151 0.60 10.15 28.92
C HIS E 151 0.04 10.25 27.51
N VAL E 152 -1.13 9.64 27.27
CA VAL E 152 -1.79 9.86 26.00
C VAL E 152 -2.02 11.36 25.83
N ASP E 153 -1.83 11.86 24.61
CA ASP E 153 -2.19 13.23 24.26
C ASP E 153 -3.29 13.17 23.20
N ARG E 154 -4.53 13.40 23.61
CA ARG E 154 -5.67 13.27 22.69
C ARG E 154 -5.66 14.31 21.58
N ASP E 155 -4.84 15.36 21.68
CA ASP E 155 -4.86 16.44 20.70
C ASP E 155 -3.80 16.28 19.61
N THR E 156 -2.90 15.30 19.72
CA THR E 156 -1.87 15.10 18.71
C THR E 156 -2.14 13.82 17.95
N PRO E 157 -2.29 13.87 16.63
CA PRO E 157 -2.58 12.66 15.86
C PRO E 157 -1.32 11.83 15.66
N TRP E 158 -1.54 10.55 15.39
CA TRP E 158 -0.42 9.61 15.35
C TRP E 158 0.50 9.84 14.14
N ASP E 159 0.01 10.37 13.02
CA ASP E 159 0.96 10.64 11.95
C ASP E 159 1.89 11.82 12.31
N GLU E 160 1.44 12.77 13.12
CA GLU E 160 2.40 13.75 13.63
C GLU E 160 3.39 13.14 14.62
N ILE E 161 2.89 12.33 15.57
CA ILE E 161 3.79 11.75 16.57
C ILE E 161 4.86 10.90 15.88
N TRP E 162 4.41 9.99 15.01
CA TRP E 162 5.37 9.07 14.38
C TRP E 162 6.33 9.81 13.46
N GLN E 163 5.93 10.91 12.83
CA GLN E 163 6.90 11.75 12.12
C GLN E 163 8.03 12.15 13.08
N ALA E 164 7.67 12.75 14.21
CA ALA E 164 8.69 13.26 15.13
C ALA E 164 9.56 12.14 15.68
N MET E 165 8.97 10.96 15.97
CA MET E 165 9.78 9.87 16.50
C MET E 165 10.71 9.30 15.44
N ASP E 166 10.25 9.27 14.20
CA ASP E 166 11.05 8.71 13.12
C ASP E 166 12.23 9.62 12.80
N VAL E 167 12.04 10.94 12.89
CA VAL E 167 13.18 11.84 12.81
C VAL E 167 14.26 11.42 13.81
N LEU E 168 13.85 11.18 15.05
CA LEU E 168 14.82 10.85 16.10
C LEU E 168 15.47 9.50 15.86
N VAL E 169 14.69 8.52 15.41
CA VAL E 169 15.22 7.19 15.15
C VAL E 169 16.31 7.25 14.08
N ARG E 170 16.02 7.98 13.00
CA ARG E 170 16.90 8.00 11.84
C ARG E 170 18.17 8.82 12.11
N GLN E 171 18.06 9.79 13.02
CA GLN E 171 19.24 10.50 13.49
C GLN E 171 20.01 9.71 14.54
N GLY E 172 19.45 8.61 15.05
CA GLY E 172 20.10 7.84 16.07
C GLY E 172 19.98 8.39 17.48
N LYS E 173 19.08 9.34 17.72
CA LYS E 173 18.93 9.89 19.06
C LYS E 173 18.09 8.97 19.96
N ILE E 174 17.23 8.13 19.38
CA ILE E 174 16.44 7.15 20.12
C ILE E 174 16.43 5.85 19.33
N LEU E 175 16.15 4.75 20.05
CA LEU E 175 16.05 3.41 19.49
C LEU E 175 14.60 2.94 19.43
N TYR E 176 13.95 2.87 20.57
CA TYR E 176 12.60 2.36 20.70
C TYR E 176 11.69 3.43 21.25
N VAL E 177 10.40 3.27 20.97
CA VAL E 177 9.37 4.16 21.49
C VAL E 177 8.44 3.34 22.36
N GLY E 178 7.97 3.93 23.46
CA GLY E 178 7.00 3.27 24.31
C GLY E 178 5.96 4.27 24.80
N SER E 179 4.92 3.71 25.41
CA SER E 179 3.79 4.48 25.92
C SER E 179 3.74 4.39 27.44
N SER E 180 2.98 5.30 28.02
CA SER E 180 2.72 5.28 29.45
C SER E 180 1.39 5.97 29.67
N ASN E 181 0.57 5.39 30.54
CA ASN E 181 -0.77 5.91 30.79
C ASN E 181 -1.55 6.11 29.49
N PHE E 182 -1.65 5.02 28.74
CA PHE E 182 -2.49 4.95 27.55
C PHE E 182 -3.76 4.16 27.86
N ALA E 183 -4.82 4.41 27.11
CA ALA E 183 -5.88 3.42 27.06
C ALA E 183 -5.51 2.34 26.06
N GLY E 184 -6.12 1.16 26.22
CA GLY E 184 -5.82 0.07 25.29
C GLY E 184 -6.01 0.45 23.83
N TRP E 185 -7.06 1.22 23.54
CA TRP E 185 -7.29 1.59 22.16
C TRP E 185 -6.27 2.61 21.65
N ASN E 186 -5.63 3.39 22.53
CA ASN E 186 -4.52 4.24 22.09
C ASN E 186 -3.37 3.40 21.60
N ILE E 187 -3.07 2.32 22.31
CA ILE E 187 -2.03 1.37 21.92
C ILE E 187 -2.34 0.79 20.54
N ALA E 188 -3.56 0.26 20.38
CA ALA E 188 -3.94 -0.28 19.08
C ALA E 188 -3.78 0.76 17.99
N GLN E 189 -4.32 1.96 18.22
CA GLN E 189 -4.28 2.96 17.17
C GLN E 189 -2.85 3.35 16.81
N ALA E 190 -2.01 3.57 17.83
CA ALA E 190 -0.61 3.89 17.61
C ALA E 190 0.09 2.84 16.75
N ASN E 191 -0.04 1.57 17.12
CA ASN E 191 0.78 0.56 16.44
C ASN E 191 0.22 0.19 15.08
N GLU E 192 -1.10 0.21 14.92
CA GLU E 192 -1.64 0.08 13.57
C GLU E 192 -1.12 1.20 12.66
N THR E 193 -1.06 2.43 13.18
CA THR E 193 -0.61 3.54 12.34
C THR E 193 0.86 3.39 11.99
N ALA E 194 1.68 3.00 12.98
CA ALA E 194 3.09 2.73 12.69
C ALA E 194 3.24 1.62 11.65
N ALA E 195 2.49 0.53 11.80
CA ALA E 195 2.69 -0.63 10.93
C ALA E 195 2.32 -0.32 9.47
N ARG E 196 1.33 0.56 9.26
CA ARG E 196 0.94 0.97 7.92
C ARG E 196 2.13 1.43 7.08
N HIS E 197 3.13 2.02 7.71
CA HIS E 197 4.22 2.60 6.92
C HIS E 197 5.57 2.05 7.38
N GLY E 198 5.58 0.83 7.89
CA GLY E 198 6.82 0.14 8.21
C GLY E 198 7.56 0.59 9.44
N ARG E 199 6.98 1.42 10.30
CA ARG E 199 7.63 1.84 11.53
C ARG E 199 7.38 0.84 12.66
N LEU E 200 8.43 0.56 13.43
CA LEU E 200 8.28 -0.15 14.69
C LEU E 200 7.36 0.64 15.60
N GLY E 201 6.26 0.04 16.05
CA GLY E 201 5.35 0.74 16.93
C GLY E 201 5.86 0.84 18.35
N LEU E 202 4.93 1.12 19.26
CA LEU E 202 5.22 1.04 20.68
C LEU E 202 5.74 -0.35 21.02
N VAL E 203 6.83 -0.40 21.82
CA VAL E 203 7.38 -1.65 22.30
C VAL E 203 6.98 -1.95 23.75
N SER E 204 6.39 -0.99 24.46
CA SER E 204 6.03 -1.23 25.85
C SER E 204 5.01 -0.19 26.28
N GLU E 205 4.17 -0.58 27.24
CA GLU E 205 3.25 0.32 27.90
C GLU E 205 3.56 0.31 29.39
N GLN E 206 3.69 1.50 29.95
CA GLN E 206 4.03 1.68 31.37
C GLN E 206 2.76 2.14 32.08
N CYS E 207 2.10 1.23 32.79
CA CYS E 207 0.79 1.52 33.37
C CYS E 207 0.84 1.27 34.87
N LEU E 208 -0.08 1.95 35.57
CA LEU E 208 -0.27 1.72 36.98
C LEU E 208 -0.96 0.37 37.16
N TYR E 209 -0.32 -0.53 37.90
CA TYR E 209 -0.80 -1.89 38.03
C TYR E 209 -0.17 -2.47 39.29
N ASN E 210 -1.00 -2.87 40.24
CA ASN E 210 -0.57 -3.44 41.51
C ASN E 210 -1.81 -4.02 42.18
N LEU E 211 -1.62 -4.61 43.38
CA LEU E 211 -2.73 -5.30 44.04
C LEU E 211 -3.89 -4.33 44.32
N CYS E 212 -3.57 -3.07 44.66
CA CYS E 212 -4.60 -2.11 45.00
C CYS E 212 -5.36 -1.63 43.76
N GLU E 213 -4.70 -1.58 42.58
CA GLU E 213 -5.31 -1.00 41.39
C GLU E 213 -5.15 -1.95 40.20
N ARG E 214 -6.21 -2.66 39.85
CA ARG E 214 -6.11 -3.74 38.88
C ARG E 214 -6.88 -3.44 37.60
N ARG E 215 -7.37 -2.21 37.41
CA ARG E 215 -8.23 -1.95 36.26
C ARG E 215 -7.48 -1.89 34.92
N ALA E 216 -6.14 -1.83 34.91
CA ALA E 216 -5.42 -2.04 33.66
C ALA E 216 -5.70 -3.42 33.08
N GLU E 217 -6.23 -4.35 33.87
CA GLU E 217 -6.56 -5.67 33.35
C GLU E 217 -7.74 -5.64 32.40
N MET E 218 -8.56 -4.58 32.46
CA MET E 218 -9.78 -4.55 31.64
C MET E 218 -9.42 -4.49 30.17
N GLU E 219 -8.53 -3.58 29.79
CA GLU E 219 -8.29 -3.28 28.37
C GLU E 219 -6.84 -2.88 28.06
N VAL E 220 -6.12 -2.18 28.96
CA VAL E 220 -4.75 -1.78 28.68
C VAL E 220 -3.85 -3.00 28.46
N VAL E 221 -3.86 -3.94 29.40
CA VAL E 221 -2.99 -5.12 29.29
C VAL E 221 -3.46 -6.04 28.16
N PRO E 222 -4.75 -6.39 28.06
CA PRO E 222 -5.20 -7.15 26.87
C PRO E 222 -4.74 -6.54 25.56
N ALA E 223 -4.92 -5.23 25.38
CA ALA E 223 -4.45 -4.57 24.16
C ALA E 223 -2.94 -4.68 24.02
N ALA E 224 -2.21 -4.42 25.11
CA ALA E 224 -0.77 -4.51 25.03
C ALA E 224 -0.32 -5.92 24.65
N ARG E 225 -1.04 -6.93 25.12
CA ARG E 225 -0.66 -8.31 24.81
C ARG E 225 -0.98 -8.66 23.36
N GLU E 226 -2.10 -8.17 22.85
CA GLU E 226 -2.43 -8.43 21.45
C GLU E 226 -1.38 -7.86 20.52
N TYR E 227 -0.90 -6.65 20.81
CA TYR E 227 0.06 -5.94 19.96
C TYR E 227 1.50 -6.24 20.35
N GLY E 228 1.70 -7.13 21.31
CA GLY E 228 3.04 -7.58 21.66
C GLY E 228 3.90 -6.53 22.33
N LEU E 229 3.29 -5.65 23.12
CA LEU E 229 4.05 -4.69 23.95
C LEU E 229 4.47 -5.33 25.27
N GLY E 230 5.66 -4.97 25.73
CA GLY E 230 5.96 -5.16 27.13
C GLY E 230 4.99 -4.39 28.01
N VAL E 231 4.82 -4.87 29.23
CA VAL E 231 4.00 -4.17 30.22
C VAL E 231 4.86 -3.99 31.46
N ILE E 232 5.15 -2.75 31.81
CA ILE E 232 5.99 -2.46 32.96
C ILE E 232 5.17 -1.62 33.94
N ALA E 233 5.08 -2.10 35.18
CA ALA E 233 4.10 -1.57 36.13
C ALA E 233 4.75 -0.50 37.00
N TRP E 234 4.22 0.72 36.96
CA TRP E 234 4.72 1.75 37.84
C TRP E 234 3.93 1.80 39.14
N SER E 235 4.53 2.40 40.16
CA SER E 235 4.07 2.35 41.55
C SER E 235 3.60 0.93 41.89
N PRO E 236 4.47 -0.07 41.73
CA PRO E 236 4.03 -1.46 41.98
C PRO E 236 3.67 -1.73 43.42
N LEU E 237 4.14 -0.89 44.35
CA LEU E 237 3.72 -0.94 45.75
C LEU E 237 2.62 0.06 46.05
N HIS E 238 2.03 0.68 45.03
CA HIS E 238 1.04 1.73 45.22
C HIS E 238 1.60 2.86 46.08
N GLY E 239 2.81 3.29 45.73
CA GLY E 239 3.48 4.39 46.42
C GLY E 239 3.89 4.06 47.84
N GLY E 240 4.30 2.82 48.10
CA GLY E 240 4.66 2.39 49.44
C GLY E 240 3.54 1.89 50.30
N LEU E 241 2.28 2.09 49.90
CA LEU E 241 1.15 1.55 50.66
C LEU E 241 1.28 0.04 50.90
N LEU E 242 1.77 -0.70 49.91
CA LEU E 242 1.88 -2.15 50.00
C LEU E 242 3.21 -2.61 50.59
N GLY E 243 4.04 -1.69 51.08
CA GLY E 243 5.35 -2.08 51.60
C GLY E 243 5.42 -2.21 53.12
N GLY E 244 4.28 -2.45 53.76
CA GLY E 244 4.19 -2.52 55.22
C GLY E 244 3.83 -1.20 55.87
N ALA E 245 2.90 -0.45 55.26
CA ALA E 245 2.71 0.93 55.65
C ALA E 245 1.96 1.09 56.98
N ILE E 246 1.04 0.18 57.31
CA ILE E 246 0.35 0.25 58.59
C ILE E 246 1.32 -0.02 59.73
N ARG E 247 2.08 -1.11 59.63
CA ARG E 247 3.05 -1.44 60.68
C ARG E 247 4.03 -0.30 60.92
N LYS E 248 4.43 0.44 59.89
CA LYS E 248 5.40 1.50 60.11
C LYS E 248 4.78 2.88 59.99
N GLU E 249 3.50 3.01 60.33
CA GLU E 249 2.79 4.28 60.17
C GLU E 249 3.35 5.38 61.06
N GLN E 250 4.00 5.03 62.18
CA GLN E 250 4.48 6.04 63.11
C GLN E 250 6.01 6.14 63.13
N GLU E 251 6.67 5.86 62.01
CA GLU E 251 8.13 6.03 61.93
C GLU E 251 8.55 7.30 61.21
N GLY E 253 11.22 9.65 59.03
CA GLY E 253 12.02 9.75 57.82
C GLY E 253 11.26 10.28 56.61
N ASN E 254 11.96 10.34 55.47
CA ASN E 254 11.42 10.77 54.18
C ASN E 254 10.64 9.66 53.50
N ARG E 255 9.68 9.06 54.20
CA ARG E 255 9.02 7.88 53.66
C ARG E 255 7.92 8.27 52.68
N ARG E 256 7.95 7.65 51.48
CA ARG E 256 6.95 7.93 50.48
C ARG E 256 5.56 7.53 50.96
N ALA E 257 5.46 6.48 51.78
CA ALA E 257 4.17 6.02 52.27
C ALA E 257 3.53 6.97 53.27
N ALA E 258 4.31 7.87 53.89
CA ALA E 258 3.78 8.92 54.76
C ALA E 258 3.12 10.05 53.99
N SER E 259 3.12 10.01 52.66
CA SER E 259 2.58 11.09 51.87
C SER E 259 1.85 10.49 50.68
N GLY E 260 1.31 11.36 49.83
CA GLY E 260 0.88 10.93 48.52
C GLY E 260 -0.26 9.94 48.60
N ARG E 261 -0.26 9.00 47.65
CA ARG E 261 -1.41 8.12 47.49
C ARG E 261 -1.50 7.09 48.61
N ALA E 262 -0.37 6.67 49.17
CA ALA E 262 -0.42 5.75 50.30
C ALA E 262 -1.12 6.40 51.48
N ALA E 263 -0.77 7.66 51.77
CA ALA E 263 -1.34 8.35 52.91
C ALA E 263 -2.84 8.59 52.73
N ASP E 264 -3.26 8.98 51.53
CA ASP E 264 -4.69 9.13 51.26
C ASP E 264 -5.40 7.81 51.49
N ALA E 265 -4.84 6.71 50.97
CA ALA E 265 -5.50 5.42 51.07
C ALA E 265 -5.68 5.01 52.53
N LEU E 266 -4.69 5.31 53.37
CA LEU E 266 -4.72 4.87 54.77
C LEU E 266 -5.72 5.67 55.60
N LYS E 267 -6.10 6.87 55.13
CA LYS E 267 -7.13 7.67 55.77
C LYS E 267 -8.54 7.25 55.39
N ASP E 268 -8.70 6.32 54.44
CA ASP E 268 -10.01 5.81 54.08
C ASP E 268 -10.26 4.46 54.74
N PRO E 269 -11.33 4.30 55.52
CA PRO E 269 -11.52 3.03 56.26
C PRO E 269 -11.47 1.76 55.42
N GLN E 270 -12.13 1.69 54.27
CA GLN E 270 -12.15 0.40 53.58
C GLN E 270 -10.80 0.09 52.95
N GLN E 271 -10.17 1.08 52.30
CA GLN E 271 -8.84 0.86 51.77
C GLN E 271 -7.88 0.43 52.87
N ARG E 272 -7.96 1.12 54.02
CA ARG E 272 -7.13 0.75 55.16
C ARG E 272 -7.37 -0.70 55.59
N GLU E 273 -8.63 -1.12 55.61
CA GLU E 273 -8.96 -2.48 56.03
C GLU E 273 -8.42 -3.52 55.06
N GLN E 274 -8.29 -3.15 53.77
CA GLN E 274 -7.65 -4.03 52.80
C GLN E 274 -6.19 -4.25 53.14
N ILE E 275 -5.45 -3.17 53.36
CA ILE E 275 -4.03 -3.31 53.69
C ILE E 275 -3.85 -4.06 55.00
N GLN E 276 -4.74 -3.82 55.97
CA GLN E 276 -4.67 -4.50 57.26
C GLN E 276 -4.82 -6.01 57.09
N ARG E 277 -5.81 -6.45 56.30
CA ARG E 277 -5.93 -7.87 55.99
C ARG E 277 -4.70 -8.36 55.23
N TYR E 278 -4.10 -7.48 54.42
CA TYR E 278 -2.92 -7.84 53.66
C TYR E 278 -1.73 -8.07 54.58
N GLU E 279 -1.48 -7.12 55.49
CA GLU E 279 -0.35 -7.29 56.40
C GLU E 279 -0.61 -8.42 57.40
N ASP E 280 -1.86 -8.64 57.80
CA ASP E 280 -2.17 -9.78 58.65
C ASP E 280 -1.93 -11.10 57.92
N LEU E 281 -2.38 -11.17 56.66
CA LEU E 281 -2.19 -12.38 55.87
C LEU E 281 -0.72 -12.77 55.79
N LEU E 282 0.16 -11.79 55.57
CA LEU E 282 1.57 -12.09 55.38
C LEU E 282 2.29 -12.29 56.71
N ASP E 283 1.71 -11.81 57.83
CA ASP E 283 2.19 -12.23 59.14
C ASP E 283 2.02 -13.72 59.33
N LYS E 284 0.89 -14.27 58.84
CA LYS E 284 0.64 -15.71 58.99
C LYS E 284 1.70 -16.54 58.27
N HIS E 285 1.98 -16.24 57.00
CA HIS E 285 2.96 -17.00 56.25
C HIS E 285 4.39 -16.46 56.37
N GLY E 286 4.63 -15.52 57.28
CA GLY E 286 5.99 -15.02 57.48
C GLY E 286 6.65 -14.38 56.28
N LEU E 287 5.91 -13.59 55.50
CA LEU E 287 6.38 -13.03 54.24
C LEU E 287 6.38 -11.51 54.28
N GLU E 288 7.28 -10.90 53.52
CA GLU E 288 7.43 -9.44 53.52
C GLU E 288 6.40 -8.79 52.58
N PRO E 289 5.69 -7.76 53.04
CA PRO E 289 4.66 -7.15 52.18
C PRO E 289 5.19 -6.54 50.90
N GLY E 290 6.30 -5.80 50.95
CA GLY E 290 6.84 -5.22 49.74
C GLY E 290 7.27 -6.28 48.75
N GLU E 291 7.96 -7.31 49.23
CA GLU E 291 8.42 -8.37 48.35
C GLU E 291 7.25 -9.13 47.75
N VAL E 292 6.21 -9.40 48.53
CA VAL E 292 5.07 -10.14 48.01
C VAL E 292 4.35 -9.33 46.93
N ALA E 293 4.24 -8.01 47.11
CA ALA E 293 3.57 -7.19 46.10
C ALA E 293 4.30 -7.23 44.76
N LEU E 294 5.63 -7.10 44.80
CA LEU E 294 6.43 -7.25 43.58
C LEU E 294 6.26 -8.64 42.98
N ALA E 295 6.54 -9.68 43.77
CA ALA E 295 6.38 -11.05 43.29
C ALA E 295 5.00 -11.31 42.70
N TRP E 296 3.97 -10.64 43.21
CA TRP E 296 2.64 -10.87 42.65
C TRP E 296 2.56 -10.34 41.23
N LEU E 297 3.11 -9.15 40.97
CA LEU E 297 3.07 -8.63 39.61
C LEU E 297 3.78 -9.55 38.65
N LEU E 298 4.85 -10.19 39.10
CA LEU E 298 5.63 -11.07 38.25
C LEU E 298 4.85 -12.32 37.84
N THR E 299 3.74 -12.63 38.50
CA THR E 299 2.91 -13.76 38.10
C THR E 299 1.82 -13.37 37.12
N ARG E 300 1.61 -12.07 36.91
CA ARG E 300 0.48 -11.62 36.12
C ARG E 300 0.78 -11.79 34.64
N PRO E 301 -0.12 -12.42 33.87
CA PRO E 301 0.17 -12.66 32.46
C PRO E 301 0.38 -11.36 31.71
N GLY E 302 1.41 -11.35 30.86
CA GLY E 302 1.72 -10.17 30.09
C GLY E 302 2.55 -9.13 30.80
N VAL E 303 2.75 -9.24 32.10
CA VAL E 303 3.56 -8.24 32.80
C VAL E 303 5.05 -8.53 32.56
N THR E 304 5.76 -7.55 31.99
CA THR E 304 7.20 -7.70 31.86
C THR E 304 7.84 -7.70 33.24
N GLY E 305 7.41 -6.79 34.10
CA GLY E 305 7.84 -6.76 35.47
C GLY E 305 7.49 -5.45 36.13
N PRO E 306 7.70 -5.36 37.44
CA PRO E 306 7.43 -4.10 38.16
C PRO E 306 8.57 -3.13 37.96
N ILE E 307 8.24 -1.84 37.96
CA ILE E 307 9.24 -0.79 38.04
C ILE E 307 9.44 -0.51 39.53
N VAL E 308 10.50 -1.06 40.12
CA VAL E 308 10.69 -0.94 41.55
C VAL E 308 11.12 0.48 41.89
N GLY E 309 10.65 1.00 43.03
CA GLY E 309 11.00 2.33 43.47
C GLY E 309 11.74 2.37 44.79
N PRO E 310 12.93 1.77 44.84
CA PRO E 310 13.69 1.77 46.09
C PRO E 310 14.03 3.20 46.53
N ARG E 311 13.85 3.45 47.82
CA ARG E 311 14.37 4.65 48.46
C ARG E 311 15.80 4.44 48.95
N THR E 312 16.16 3.19 49.26
CA THR E 312 17.45 2.84 49.85
C THR E 312 18.02 1.62 49.15
N ALA E 313 19.31 1.36 49.41
CA ALA E 313 19.95 0.15 48.88
C ALA E 313 19.32 -1.12 49.43
N ASP E 314 18.89 -1.11 50.70
CA ASP E 314 18.27 -2.32 51.25
C ASP E 314 16.88 -2.54 50.65
N GLN E 315 16.18 -1.48 50.26
CA GLN E 315 14.92 -1.70 49.55
C GLN E 315 15.16 -2.32 48.18
N LEU E 316 16.31 -2.03 47.55
CA LEU E 316 16.64 -2.68 46.28
C LEU E 316 16.98 -4.16 46.48
N ALA E 317 17.80 -4.47 47.49
CA ALA E 317 18.09 -5.87 47.79
C ALA E 317 16.81 -6.63 48.09
N SER E 318 15.87 -5.98 48.76
CA SER E 318 14.58 -6.60 49.00
C SER E 318 13.84 -6.89 47.69
N ALA E 319 13.86 -5.92 46.76
CA ALA E 319 13.27 -6.16 45.45
C ALA E 319 13.90 -7.35 44.75
N VAL E 320 15.22 -7.51 44.87
CA VAL E 320 15.92 -8.63 44.26
C VAL E 320 15.48 -9.95 44.89
N ARG E 321 15.28 -9.97 46.21
CA ARG E 321 14.75 -11.18 46.83
C ARG E 321 13.31 -11.42 46.41
N ALA E 322 12.55 -10.35 46.19
CA ALA E 322 11.17 -10.53 45.75
C ALA E 322 11.12 -11.23 44.39
N ALA E 323 12.12 -11.00 43.54
CA ALA E 323 12.12 -11.58 42.21
C ALA E 323 12.39 -13.07 42.22
N GLU E 324 13.02 -13.57 43.30
CA GLU E 324 13.30 -14.99 43.52
C GLU E 324 12.20 -15.72 44.28
N LEU E 325 11.18 -15.00 44.76
CA LEU E 325 10.13 -15.57 45.60
C LEU E 325 9.15 -16.40 44.77
N THR E 326 8.65 -17.49 45.35
CA THR E 326 7.59 -18.27 44.72
C THR E 326 6.37 -18.25 45.61
N LEU E 327 5.36 -17.49 45.22
CA LEU E 327 4.13 -17.42 45.99
C LEU E 327 3.31 -18.68 45.76
N THR E 328 2.91 -19.34 46.85
CA THR E 328 2.14 -20.56 46.75
C THR E 328 0.72 -20.26 46.29
N ASP E 329 0.05 -21.31 45.81
CA ASP E 329 -1.30 -21.12 45.32
C ASP E 329 -2.23 -20.64 46.44
N GLU E 330 -1.96 -21.05 47.69
CA GLU E 330 -2.79 -20.59 48.80
C GLU E 330 -2.65 -19.07 48.97
N VAL E 331 -1.42 -18.55 48.95
CA VAL E 331 -1.22 -17.12 49.12
C VAL E 331 -1.83 -16.35 47.95
N LEU E 332 -1.65 -16.84 46.72
CA LEU E 332 -2.22 -16.16 45.57
C LEU E 332 -3.72 -16.07 45.67
N THR E 333 -4.37 -17.14 46.12
CA THR E 333 -5.82 -17.14 46.21
C THR E 333 -6.31 -16.22 47.32
N ALA E 334 -5.57 -16.19 48.44
CA ALA E 334 -5.89 -15.24 49.49
C ALA E 334 -5.79 -13.80 48.99
N LEU E 335 -4.74 -13.48 48.21
CA LEU E 335 -4.61 -12.12 47.68
C LEU E 335 -5.77 -11.79 46.76
N ASP E 336 -6.21 -12.77 45.97
CA ASP E 336 -7.35 -12.55 45.09
C ASP E 336 -8.58 -12.11 45.88
N GLU E 337 -8.81 -12.72 47.06
CA GLU E 337 -9.98 -12.39 47.86
C GLU E 337 -9.89 -10.98 48.45
N ILE E 338 -8.70 -10.57 48.88
CA ILE E 338 -8.55 -9.23 49.44
C ILE E 338 -8.58 -8.17 48.32
N PHE E 339 -7.95 -8.46 47.17
CA PHE E 339 -7.73 -7.48 46.11
C PHE E 339 -8.28 -8.01 44.78
N PRO E 340 -9.59 -8.21 44.66
CA PRO E 340 -10.11 -8.75 43.39
C PRO E 340 -9.89 -7.78 42.24
N GLY E 341 -9.73 -8.35 41.06
CA GLY E 341 -9.61 -7.59 39.85
C GLY E 341 -10.82 -7.82 38.96
N PRO E 342 -10.99 -6.99 37.94
CA PRO E 342 -12.19 -7.08 37.09
C PRO E 342 -12.07 -8.02 35.92
N GLY E 343 -10.88 -8.53 35.61
CA GLY E 343 -10.67 -9.22 34.37
C GLY E 343 -10.96 -8.32 33.17
N PRO E 344 -11.00 -8.92 31.98
CA PRO E 344 -11.05 -8.14 30.75
C PRO E 344 -12.44 -7.64 30.40
N SER E 345 -12.46 -6.52 29.65
CA SER E 345 -13.69 -6.08 28.99
C SER E 345 -13.88 -6.84 27.67
N PRO E 346 -15.12 -7.06 27.24
CA PRO E 346 -16.40 -6.61 27.79
C PRO E 346 -16.94 -7.45 28.97
N GLU E 347 -16.33 -8.60 29.26
CA GLU E 347 -16.90 -9.47 30.28
C GLU E 347 -16.92 -8.82 31.65
N ALA E 348 -16.02 -7.86 31.90
CA ALA E 348 -15.98 -7.24 33.23
C ALA E 348 -17.26 -6.49 33.54
N PHE E 349 -17.97 -5.97 32.53
CA PHE E 349 -19.20 -5.25 32.81
C PHE E 349 -20.40 -5.72 32.01
N ALA E 350 -20.23 -6.55 30.97
CA ALA E 350 -21.34 -6.99 30.14
C ALA E 350 -21.47 -8.52 30.28
N TRP E 351 -21.02 -9.30 29.30
CA TRP E 351 -21.03 -10.79 29.40
C TRP E 351 -20.00 -11.43 28.45
N MET F 21 40.37 -14.50 -13.42
CA MET F 21 39.34 -14.64 -12.37
C MET F 21 37.92 -14.52 -12.93
N GLU F 22 37.04 -15.42 -12.50
CA GLU F 22 35.65 -15.42 -12.93
C GLU F 22 34.82 -14.54 -12.00
N TYR F 23 33.87 -13.79 -12.58
CA TYR F 23 33.02 -12.87 -11.84
C TYR F 23 31.56 -13.18 -12.07
N THR F 24 30.72 -12.84 -11.09
CA THR F 24 29.29 -13.03 -11.24
C THR F 24 28.56 -11.93 -10.45
N GLN F 25 27.27 -11.77 -10.74
CA GLN F 25 26.43 -10.93 -9.90
C GLN F 25 26.11 -11.66 -8.59
N LEU F 26 26.16 -10.92 -7.48
CA LEU F 26 25.72 -11.45 -6.20
C LEU F 26 24.20 -11.57 -6.27
N GLY F 27 23.69 -12.76 -6.61
CA GLY F 27 22.25 -12.92 -6.83
C GLY F 27 21.69 -11.91 -7.81
N ARG F 28 20.62 -11.25 -7.40
CA ARG F 28 19.85 -10.34 -8.24
C ARG F 28 20.36 -8.90 -8.23
N ILE F 29 21.31 -8.54 -7.36
CA ILE F 29 21.68 -7.13 -7.28
C ILE F 29 22.80 -6.79 -8.28
N GLY F 30 23.06 -5.50 -8.45
CA GLY F 30 24.03 -5.00 -9.41
C GLY F 30 25.48 -5.12 -8.99
N LEU F 31 25.72 -5.58 -7.77
CA LEU F 31 27.06 -5.80 -7.27
C LEU F 31 27.70 -7.00 -7.98
N LYS F 32 28.93 -6.81 -8.47
CA LYS F 32 29.68 -7.85 -9.17
C LYS F 32 30.82 -8.31 -8.26
N VAL F 33 30.88 -9.63 -7.99
CA VAL F 33 31.89 -10.15 -7.08
C VAL F 33 32.65 -11.29 -7.75
N SER F 34 33.91 -11.48 -7.34
CA SER F 34 34.66 -12.67 -7.72
C SER F 34 33.97 -13.93 -7.20
N ARG F 35 34.11 -15.04 -7.92
CA ARG F 35 33.50 -16.29 -7.47
C ARG F 35 34.30 -16.98 -6.37
N LEU F 36 35.50 -16.51 -6.06
CA LEU F 36 36.15 -16.81 -4.79
C LEU F 36 35.90 -15.62 -3.88
N VAL F 37 35.45 -15.90 -2.66
CA VAL F 37 35.35 -14.90 -1.61
C VAL F 37 36.48 -15.14 -0.61
N LEU F 38 37.25 -14.10 -0.32
CA LEU F 38 38.37 -14.24 0.61
C LEU F 38 37.84 -14.25 2.04
N GLY F 39 37.93 -15.39 2.72
CA GLY F 39 37.63 -15.43 4.16
C GLY F 39 38.83 -14.97 4.98
N THR F 40 38.54 -14.31 6.10
CA THR F 40 39.60 -13.75 6.93
C THR F 40 39.65 -14.36 8.32
N MET F 41 38.88 -15.42 8.59
CA MET F 41 38.78 -15.97 9.94
C MET F 41 40.14 -16.44 10.46
N ASN F 42 40.99 -16.97 9.59
CA ASN F 42 42.33 -17.38 10.04
C ASN F 42 43.21 -16.19 10.42
N PHE F 43 42.91 -14.98 9.95
CA PHE F 43 43.82 -13.84 10.12
C PHE F 43 43.82 -13.41 11.57
N GLY F 44 44.92 -13.67 12.29
CA GLY F 44 45.03 -13.36 13.69
C GLY F 44 45.31 -14.56 14.56
N PRO F 45 44.33 -15.46 14.70
CA PRO F 45 44.54 -16.63 15.57
C PRO F 45 45.33 -17.76 14.92
N THR F 46 45.40 -17.80 13.60
CA THR F 46 46.10 -18.84 12.87
C THR F 46 47.18 -18.29 11.96
N THR F 47 46.94 -17.12 11.38
CA THR F 47 47.84 -16.48 10.43
C THR F 47 48.14 -15.09 10.94
N ASP F 48 49.42 -14.76 11.12
CA ASP F 48 49.75 -13.50 11.76
C ASP F 48 49.47 -12.32 10.81
N GLU F 49 49.71 -11.11 11.33
CA GLU F 49 49.30 -9.90 10.62
C GLU F 49 50.00 -9.78 9.27
N ALA F 50 51.31 -9.98 9.24
CA ALA F 50 52.08 -9.77 8.00
C ALA F 50 51.66 -10.75 6.92
N GLU F 51 51.52 -12.02 7.27
CA GLU F 51 51.10 -13.02 6.30
C GLU F 51 49.65 -12.78 5.85
N SER F 52 48.79 -12.27 6.75
CA SER F 52 47.43 -11.92 6.36
C SER F 52 47.42 -10.79 5.33
N HIS F 53 48.21 -9.75 5.62
CA HIS F 53 48.40 -8.68 4.65
C HIS F 53 48.91 -9.21 3.32
N ALA F 54 49.85 -10.17 3.37
CA ALA F 54 50.36 -10.74 2.13
C ALA F 54 49.25 -11.47 1.38
N ILE F 55 48.44 -12.26 2.09
CA ILE F 55 47.38 -13.00 1.41
C ILE F 55 46.36 -12.02 0.80
N MET F 56 46.10 -10.89 1.45
CA MET F 56 45.13 -9.94 0.92
C MET F 56 45.70 -9.19 -0.29
N ASP F 57 46.98 -8.82 -0.27
CA ASP F 57 47.59 -8.27 -1.49
C ASP F 57 47.52 -9.29 -2.62
N ALA F 58 47.79 -10.57 -2.30
CA ALA F 58 47.76 -11.60 -3.33
C ALA F 58 46.35 -11.79 -3.86
N ALA F 59 45.35 -11.71 -2.98
CA ALA F 59 43.96 -11.81 -3.44
C ALA F 59 43.60 -10.67 -4.38
N LEU F 60 44.00 -9.45 -4.03
CA LEU F 60 43.74 -8.31 -4.90
C LEU F 60 44.43 -8.50 -6.25
N ASP F 61 45.67 -9.00 -6.23
CA ASP F 61 46.39 -9.21 -7.48
C ASP F 61 45.69 -10.26 -8.34
N ALA F 62 45.14 -11.30 -7.71
CA ALA F 62 44.42 -12.34 -8.46
C ALA F 62 43.04 -11.90 -8.88
N GLY F 63 42.59 -10.71 -8.49
CA GLY F 63 41.28 -10.20 -8.90
C GLY F 63 40.14 -10.45 -7.94
N ILE F 64 40.40 -10.96 -6.74
CA ILE F 64 39.35 -11.16 -5.74
C ILE F 64 38.99 -9.82 -5.12
N ASN F 65 37.73 -9.43 -5.24
CA ASN F 65 37.28 -8.12 -4.77
C ASN F 65 36.35 -8.23 -3.57
N PHE F 66 36.18 -9.42 -3.01
CA PHE F 66 35.11 -9.70 -2.07
C PHE F 66 35.75 -10.35 -0.83
N PHE F 67 35.79 -9.62 0.28
CA PHE F 67 36.41 -10.07 1.53
C PHE F 67 35.32 -10.27 2.59
N ASP F 68 35.37 -11.41 3.27
CA ASP F 68 34.45 -11.66 4.39
C ASP F 68 35.20 -11.63 5.72
N THR F 69 34.63 -10.93 6.69
CA THR F 69 35.18 -10.97 8.03
C THR F 69 34.02 -10.97 9.02
N ALA F 70 34.33 -10.84 10.30
CA ALA F 70 33.31 -10.74 11.33
C ALA F 70 33.90 -9.99 12.49
N ASN F 71 33.02 -9.38 13.30
CA ASN F 71 33.50 -8.68 14.47
C ASN F 71 34.16 -9.64 15.45
N VAL F 72 33.61 -10.86 15.58
CA VAL F 72 34.16 -11.77 16.59
C VAL F 72 35.49 -12.40 16.18
N TYR F 73 35.91 -12.29 14.93
CA TYR F 73 37.12 -13.02 14.52
C TYR F 73 38.37 -12.48 15.22
N GLY F 74 39.27 -13.38 15.56
CA GLY F 74 40.36 -13.06 16.46
C GLY F 74 40.35 -14.05 17.61
N TRP F 75 39.13 -14.46 17.99
CA TRP F 75 38.83 -15.46 19.01
C TRP F 75 39.14 -14.97 20.43
N GLY F 76 38.25 -15.34 21.35
CA GLY F 76 38.44 -15.14 22.77
C GLY F 76 38.81 -13.73 23.15
N GLU F 77 39.88 -13.63 23.93
CA GLU F 77 40.44 -12.37 24.37
C GLU F 77 40.74 -11.43 23.22
N ASN F 78 40.88 -11.96 22.00
CA ASN F 78 41.34 -11.19 20.86
C ASN F 78 40.24 -10.97 19.81
N LYS F 79 38.98 -11.15 20.18
CA LYS F 79 37.88 -10.79 19.28
C LYS F 79 38.01 -9.34 18.86
N GLY F 80 37.85 -9.09 17.56
CA GLY F 80 38.14 -7.80 16.96
C GLY F 80 39.48 -7.72 16.25
N ARG F 81 40.40 -8.63 16.57
CA ARG F 81 41.73 -8.59 15.97
C ARG F 81 41.68 -8.66 14.44
N THR F 82 40.90 -9.59 13.90
CA THR F 82 40.80 -9.71 12.45
C THR F 82 40.36 -8.39 11.80
N GLU F 83 39.29 -7.80 12.31
CA GLU F 83 38.85 -6.52 11.74
C GLU F 83 39.96 -5.49 11.80
N GLU F 84 40.76 -5.50 12.89
CA GLU F 84 41.88 -4.57 13.02
C GLU F 84 42.96 -4.89 11.99
N ILE F 85 43.22 -6.17 11.73
CA ILE F 85 44.19 -6.51 10.71
C ILE F 85 43.75 -5.97 9.36
N LEU F 86 42.47 -6.07 9.05
CA LEU F 86 41.98 -5.50 7.80
C LEU F 86 42.08 -3.98 7.84
N GLY F 87 41.85 -3.37 9.01
CA GLY F 87 42.00 -1.93 9.12
C GLY F 87 43.41 -1.46 8.82
N SER F 88 44.41 -2.14 9.38
CA SER F 88 45.79 -1.74 9.13
C SER F 88 46.17 -2.00 7.67
N TRP F 89 45.59 -3.03 7.04
CA TRP F 89 45.78 -3.27 5.62
C TRP F 89 45.24 -2.11 4.78
N PHE F 90 43.99 -1.71 5.04
CA PHE F 90 43.40 -0.62 4.27
C PHE F 90 44.17 0.68 4.45
N ALA F 91 44.64 0.94 5.68
CA ALA F 91 45.38 2.15 6.00
C ALA F 91 46.72 2.22 5.28
N GLN F 92 47.18 1.13 4.64
CA GLN F 92 48.36 1.26 3.79
C GLN F 92 48.06 2.02 2.51
N GLY F 93 46.80 2.25 2.20
CA GLY F 93 46.45 3.06 1.05
C GLY F 93 46.45 2.27 -0.24
N GLY F 94 46.82 2.96 -1.32
CA GLY F 94 46.91 2.34 -2.64
C GLY F 94 45.64 1.72 -3.17
N ASP F 95 44.48 2.37 -2.95
CA ASP F 95 43.19 1.99 -3.51
C ASP F 95 42.60 0.71 -2.90
N ARG F 96 43.13 0.21 -1.78
CA ARG F 96 42.68 -1.10 -1.30
C ARG F 96 41.20 -1.07 -0.90
N ARG F 97 40.80 -0.07 -0.09
CA ARG F 97 39.41 0.04 0.36
C ARG F 97 38.46 0.26 -0.81
N ASP F 98 38.86 1.10 -1.77
CA ASP F 98 38.02 1.36 -2.92
C ASP F 98 37.83 0.14 -3.80
N LYS F 99 38.79 -0.79 -3.79
CA LYS F 99 38.67 -1.97 -4.64
C LYS F 99 37.87 -3.10 -4.00
N VAL F 100 37.74 -3.12 -2.68
CA VAL F 100 37.28 -4.30 -1.98
C VAL F 100 35.81 -4.12 -1.59
N VAL F 101 35.02 -5.14 -1.88
CA VAL F 101 33.68 -5.26 -1.31
C VAL F 101 33.85 -5.83 0.09
N LEU F 102 33.66 -5.02 1.09
CA LEU F 102 34.01 -5.39 2.45
C LEU F 102 32.76 -5.87 3.19
N ALA F 103 32.78 -7.11 3.66
CA ALA F 103 31.67 -7.69 4.38
C ALA F 103 32.08 -8.02 5.81
N THR F 104 31.27 -7.62 6.79
CA THR F 104 31.48 -8.14 8.14
C THR F 104 30.14 -8.58 8.75
N LYS F 105 30.11 -8.82 10.07
CA LYS F 105 28.96 -9.48 10.68
C LYS F 105 28.60 -8.86 12.03
N VAL F 106 27.33 -9.02 12.39
CA VAL F 106 26.79 -8.66 13.70
C VAL F 106 25.92 -9.80 14.17
N TYR F 107 25.97 -10.08 15.49
CA TYR F 107 25.22 -11.10 16.23
C TYR F 107 26.06 -11.59 17.41
N GLY F 108 27.33 -11.91 17.15
CA GLY F 108 28.14 -12.57 18.17
C GLY F 108 28.45 -11.69 19.37
N ASN F 109 28.72 -12.37 20.48
CA ASN F 109 29.16 -11.69 21.70
C ASN F 109 30.59 -11.17 21.52
N MET F 110 30.78 -9.87 21.65
CA MET F 110 32.13 -9.31 21.57
C MET F 110 32.81 -9.20 22.92
N GLY F 111 32.11 -9.55 24.00
CA GLY F 111 32.66 -9.49 25.34
C GLY F 111 33.36 -10.78 25.71
N LEU F 112 33.53 -10.98 27.02
CA LEU F 112 34.20 -12.18 27.49
C LEU F 112 33.41 -13.43 27.11
N ASP F 113 34.12 -14.46 26.63
CA ASP F 113 33.49 -15.74 26.30
C ASP F 113 32.65 -16.23 27.48
N GLY F 114 31.43 -16.68 27.19
CA GLY F 114 30.47 -17.04 28.21
C GLY F 114 29.11 -16.40 27.94
N PRO F 115 28.20 -16.43 28.92
CA PRO F 115 26.90 -15.77 28.70
C PRO F 115 27.07 -14.27 28.51
N ALA F 116 26.55 -13.77 27.38
CA ALA F 116 26.72 -12.36 27.08
C ALA F 116 25.82 -11.52 27.98
N TRP F 117 26.29 -10.33 28.33
CA TRP F 117 25.42 -9.35 28.92
C TRP F 117 24.20 -9.10 28.02
N PRO F 118 23.00 -9.00 28.58
CA PRO F 118 21.81 -8.83 27.73
C PRO F 118 21.95 -7.71 26.71
N ASN F 119 21.57 -8.02 25.47
CA ASN F 119 21.67 -7.10 24.33
C ASN F 119 23.10 -6.78 23.92
N HIS F 120 24.09 -7.52 24.40
CA HIS F 120 25.44 -7.44 23.86
C HIS F 120 25.75 -8.59 22.90
N ASP F 121 24.73 -9.36 22.54
CA ASP F 121 24.75 -10.26 21.39
C ASP F 121 23.36 -10.18 20.76
N LYS F 122 23.15 -10.99 19.70
CA LYS F 122 21.88 -11.10 18.96
C LYS F 122 21.56 -9.85 18.15
N LEU F 123 20.33 -9.72 17.62
CA LEU F 123 20.05 -8.74 16.57
C LEU F 123 19.10 -7.61 16.99
N SER F 124 18.98 -7.33 18.29
CA SER F 124 18.20 -6.17 18.68
C SER F 124 18.76 -4.90 18.05
N ALA F 125 17.88 -3.90 17.86
CA ALA F 125 18.35 -2.63 17.34
C ALA F 125 19.46 -2.04 18.21
N LEU F 126 19.46 -2.37 19.52
CA LEU F 126 20.47 -1.89 20.45
C LEU F 126 21.84 -2.52 20.16
N ASN F 127 21.89 -3.83 20.00
CA ASN F 127 23.18 -4.45 19.68
C ASN F 127 23.65 -4.08 18.27
N ILE F 128 22.72 -3.87 17.33
CA ILE F 128 23.14 -3.51 15.97
C ILE F 128 23.83 -2.17 15.98
N ARG F 129 23.27 -1.18 16.70
CA ARG F 129 23.90 0.13 16.76
C ARG F 129 25.31 0.03 17.34
N ARG F 130 25.45 -0.63 18.49
CA ARG F 130 26.76 -0.65 19.13
C ARG F 130 27.76 -1.51 18.36
N SER F 131 27.30 -2.58 17.69
CA SER F 131 28.24 -3.46 17.00
C SER F 131 28.81 -2.80 15.74
N VAL F 132 27.97 -2.13 14.95
CA VAL F 132 28.44 -1.57 13.68
C VAL F 132 29.43 -0.43 13.93
N ASP F 133 29.20 0.38 14.97
CA ASP F 133 30.14 1.45 15.29
C ASP F 133 31.49 0.85 15.67
N ALA F 134 31.49 -0.17 16.54
CA ALA F 134 32.76 -0.82 16.90
C ALA F 134 33.42 -1.45 15.69
N SER F 135 32.65 -2.11 14.81
CA SER F 135 33.26 -2.69 13.63
C SER F 135 33.89 -1.60 12.76
N LEU F 136 33.17 -0.50 12.54
CA LEU F 136 33.66 0.56 11.68
C LEU F 136 34.98 1.13 12.18
N LYS F 137 35.11 1.28 13.52
CA LYS F 137 36.35 1.81 14.09
C LYS F 137 37.51 0.83 13.94
N ARG F 138 37.27 -0.46 14.17
CA ARG F 138 38.37 -1.42 14.04
C ARG F 138 38.85 -1.51 12.59
N LEU F 139 37.92 -1.47 11.64
CA LEU F 139 38.26 -1.55 10.22
C LEU F 139 38.82 -0.24 9.66
N GLY F 140 38.72 0.86 10.40
CA GLY F 140 39.26 2.13 9.91
C GLY F 140 38.60 2.63 8.62
N THR F 141 37.30 2.45 8.49
CA THR F 141 36.57 2.87 7.30
C THR F 141 35.27 3.51 7.72
N ASP F 142 34.69 4.32 6.83
CA ASP F 142 33.42 4.94 7.18
C ASP F 142 32.20 4.16 6.67
N HIS F 143 32.36 3.08 5.92
CA HIS F 143 31.20 2.31 5.52
C HIS F 143 31.56 0.83 5.35
N ILE F 144 30.58 -0.04 5.64
CA ILE F 144 30.68 -1.47 5.37
C ILE F 144 29.84 -1.75 4.13
N ASP F 145 30.36 -2.57 3.21
CA ASP F 145 29.62 -2.82 1.97
C ASP F 145 28.52 -3.85 2.17
N LEU F 146 28.82 -4.94 2.86
CA LEU F 146 27.87 -6.01 3.10
C LEU F 146 27.88 -6.32 4.59
N TYR F 147 26.83 -5.90 5.30
CA TYR F 147 26.73 -6.09 6.74
C TYR F 147 25.78 -7.25 6.98
N GLN F 148 26.28 -8.31 7.60
CA GLN F 148 25.59 -9.59 7.60
C GLN F 148 25.18 -9.98 9.01
N PHE F 149 23.99 -10.52 9.14
CA PHE F 149 23.61 -11.15 10.39
C PHE F 149 24.35 -12.46 10.48
N HIS F 150 25.06 -12.68 11.60
CA HIS F 150 25.85 -13.89 11.71
C HIS F 150 24.99 -15.14 11.86
N HIS F 151 23.73 -14.98 12.25
CA HIS F 151 22.85 -16.09 12.61
C HIS F 151 21.44 -15.53 12.73
N VAL F 152 20.43 -16.37 12.45
CA VAL F 152 19.07 -15.94 12.72
C VAL F 152 18.90 -15.66 14.21
N ASP F 153 18.15 -14.60 14.52
CA ASP F 153 17.70 -14.32 15.88
C ASP F 153 16.16 -14.38 15.87
N ARG F 154 15.63 -15.52 16.32
CA ARG F 154 14.18 -15.74 16.38
C ARG F 154 13.48 -14.80 17.36
N ASP F 155 14.19 -14.08 18.21
CA ASP F 155 13.52 -13.20 19.16
C ASP F 155 13.37 -11.76 18.68
N THR F 156 14.00 -11.38 17.56
CA THR F 156 13.89 -10.02 17.06
C THR F 156 13.00 -10.02 15.83
N PRO F 157 11.93 -9.24 15.77
CA PRO F 157 11.09 -9.22 14.56
C PRO F 157 11.73 -8.39 13.46
N TRP F 158 11.28 -8.65 12.24
CA TRP F 158 11.91 -8.01 11.10
C TRP F 158 11.61 -6.52 10.98
N ASP F 159 10.51 -6.03 11.55
CA ASP F 159 10.35 -4.58 11.43
C ASP F 159 11.30 -3.84 12.36
N GLU F 160 11.74 -4.47 13.47
CA GLU F 160 12.81 -3.87 14.26
C GLU F 160 14.17 -4.00 13.55
N ILE F 161 14.46 -5.17 12.98
CA ILE F 161 15.75 -5.35 12.31
C ILE F 161 15.88 -4.40 11.12
N TRP F 162 14.84 -4.34 10.28
CA TRP F 162 14.95 -3.46 9.11
C TRP F 162 14.99 -1.97 9.51
N GLN F 163 14.36 -1.58 10.62
CA GLN F 163 14.52 -0.21 11.08
C GLN F 163 16.00 0.08 11.38
N ALA F 164 16.64 -0.81 12.15
CA ALA F 164 18.04 -0.62 12.48
C ALA F 164 18.92 -0.56 11.25
N MET F 165 18.68 -1.46 10.28
CA MET F 165 19.53 -1.50 9.10
C MET F 165 19.26 -0.31 8.18
N ASP F 166 18.01 0.14 8.13
CA ASP F 166 17.67 1.27 7.29
C ASP F 166 18.26 2.57 7.84
N VAL F 167 18.34 2.70 9.16
CA VAL F 167 19.04 3.85 9.74
C VAL F 167 20.48 3.89 9.24
N LEU F 168 21.14 2.75 9.20
CA LEU F 168 22.53 2.68 8.75
C LEU F 168 22.63 2.93 7.23
N VAL F 169 21.66 2.44 6.45
CA VAL F 169 21.69 2.69 5.02
C VAL F 169 21.58 4.19 4.75
N ARG F 170 20.61 4.86 5.38
CA ARG F 170 20.37 6.25 5.03
C ARG F 170 21.50 7.15 5.50
N GLN F 171 22.27 6.70 6.50
CA GLN F 171 23.44 7.38 7.03
C GLN F 171 24.69 7.08 6.21
N GLY F 172 24.59 6.18 5.24
CA GLY F 172 25.75 5.81 4.46
C GLY F 172 26.74 4.95 5.19
N LYS F 173 26.35 4.38 6.32
CA LYS F 173 27.29 3.53 7.05
C LYS F 173 27.36 2.11 6.49
N ILE F 174 26.28 1.60 5.87
CA ILE F 174 26.31 0.31 5.18
C ILE F 174 25.61 0.47 3.84
N LEU F 175 25.90 -0.44 2.92
CA LEU F 175 25.23 -0.42 1.63
C LEU F 175 24.24 -1.58 1.50
N TYR F 176 24.70 -2.80 1.70
CA TYR F 176 23.86 -3.97 1.52
C TYR F 176 23.72 -4.73 2.83
N VAL F 177 22.67 -5.53 2.91
CA VAL F 177 22.43 -6.39 4.06
C VAL F 177 22.42 -7.85 3.59
N GLY F 178 23.07 -8.72 4.36
CA GLY F 178 23.04 -10.13 4.06
C GLY F 178 22.73 -10.94 5.31
N SER F 179 22.38 -12.20 5.09
CA SER F 179 22.17 -13.12 6.19
C SER F 179 23.25 -14.20 6.18
N SER F 180 23.35 -14.88 7.31
CA SER F 180 24.20 -16.05 7.46
C SER F 180 23.48 -17.01 8.41
N ASN F 181 23.60 -18.31 8.13
CA ASN F 181 22.98 -19.33 8.99
C ASN F 181 21.52 -19.00 9.26
N PHE F 182 20.77 -18.85 8.17
CA PHE F 182 19.33 -18.67 8.21
C PHE F 182 18.63 -19.97 7.77
N ALA F 183 17.40 -20.17 8.22
CA ALA F 183 16.55 -21.11 7.52
C ALA F 183 15.98 -20.44 6.28
N GLY F 184 15.65 -21.24 5.27
CA GLY F 184 15.09 -20.68 4.05
C GLY F 184 13.87 -19.82 4.31
N TRP F 185 13.04 -20.23 5.28
CA TRP F 185 11.84 -19.45 5.52
C TRP F 185 12.16 -18.12 6.20
N ASN F 186 13.30 -18.02 6.93
CA ASN F 186 13.77 -16.73 7.40
C ASN F 186 14.11 -15.82 6.23
N ILE F 187 14.81 -16.33 5.22
CA ILE F 187 15.11 -15.53 4.04
C ILE F 187 13.83 -14.98 3.44
N ALA F 188 12.81 -15.83 3.30
CA ALA F 188 11.57 -15.39 2.65
C ALA F 188 10.87 -14.31 3.48
N GLN F 189 10.71 -14.56 4.77
CA GLN F 189 10.05 -13.57 5.63
C GLN F 189 10.84 -12.26 5.66
N ALA F 190 12.18 -12.35 5.76
CA ALA F 190 12.96 -11.11 5.80
C ALA F 190 12.72 -10.25 4.57
N ASN F 191 12.76 -10.88 3.38
CA ASN F 191 12.72 -10.11 2.15
C ASN F 191 11.31 -9.66 1.78
N GLU F 192 10.30 -10.50 2.05
CA GLU F 192 8.93 -10.02 1.89
C GLU F 192 8.66 -8.83 2.80
N THR F 193 9.17 -8.87 4.05
CA THR F 193 8.96 -7.74 4.95
C THR F 193 9.67 -6.49 4.43
N ALA F 194 10.89 -6.65 3.94
CA ALA F 194 11.59 -5.50 3.37
C ALA F 194 10.86 -4.94 2.16
N ALA F 195 10.38 -5.81 1.26
CA ALA F 195 9.79 -5.32 0.00
C ALA F 195 8.48 -4.58 0.24
N ARG F 196 7.73 -4.95 1.28
CA ARG F 196 6.52 -4.21 1.64
C ARG F 196 6.74 -2.69 1.68
N HIS F 197 7.87 -2.25 2.21
CA HIS F 197 8.07 -0.82 2.38
C HIS F 197 9.23 -0.31 1.54
N GLY F 198 9.49 -0.98 0.41
CA GLY F 198 10.44 -0.49 -0.56
C GLY F 198 11.88 -0.51 -0.12
N ARG F 199 12.25 -1.41 0.78
CA ARG F 199 13.64 -1.57 1.18
C ARG F 199 14.26 -2.72 0.40
N LEU F 200 15.52 -2.54 0.00
CA LEU F 200 16.27 -3.65 -0.56
C LEU F 200 16.39 -4.73 0.52
N GLY F 201 16.05 -5.97 0.18
CA GLY F 201 16.14 -7.03 1.16
C GLY F 201 17.54 -7.61 1.30
N LEU F 202 17.59 -8.83 1.84
CA LEU F 202 18.82 -9.61 1.88
C LEU F 202 19.37 -9.79 0.46
N VAL F 203 20.67 -9.52 0.29
CA VAL F 203 21.31 -9.75 -1.01
C VAL F 203 22.12 -11.03 -1.06
N SER F 204 22.35 -11.69 0.08
CA SER F 204 23.11 -12.92 0.05
C SER F 204 22.81 -13.68 1.33
N GLU F 205 22.98 -14.99 1.28
CA GLU F 205 22.99 -15.85 2.46
C GLU F 205 24.34 -16.54 2.49
N GLN F 206 24.97 -16.54 3.66
CA GLN F 206 26.25 -17.20 3.88
C GLN F 206 25.96 -18.45 4.70
N CYS F 207 26.03 -19.62 4.07
CA CYS F 207 25.59 -20.85 4.73
C CYS F 207 26.71 -21.88 4.67
N LEU F 208 26.65 -22.82 5.61
CA LEU F 208 27.53 -23.98 5.55
C LEU F 208 27.09 -24.88 4.39
N TYR F 209 28.00 -25.10 3.43
CA TYR F 209 27.70 -25.89 2.25
C TYR F 209 29.01 -26.43 1.66
N ASN F 210 29.17 -27.75 1.64
CA ASN F 210 30.32 -28.40 1.03
C ASN F 210 29.95 -29.84 0.71
N LEU F 211 30.94 -30.63 0.26
CA LEU F 211 30.69 -32.02 -0.10
C LEU F 211 30.20 -32.83 1.10
N CYS F 212 30.71 -32.53 2.28
CA CYS F 212 30.36 -33.26 3.49
C CYS F 212 29.01 -32.86 4.07
N GLU F 213 28.52 -31.66 3.77
CA GLU F 213 27.31 -31.14 4.40
C GLU F 213 26.46 -30.48 3.32
N ARG F 214 25.45 -31.18 2.83
CA ARG F 214 24.68 -30.69 1.69
C ARG F 214 23.25 -30.33 2.06
N ARG F 215 22.90 -30.31 3.34
CA ARG F 215 21.49 -30.18 3.69
C ARG F 215 20.96 -28.76 3.44
N ALA F 216 21.83 -27.77 3.27
CA ALA F 216 21.37 -26.49 2.76
C ALA F 216 20.62 -26.63 1.45
N GLU F 217 20.78 -27.76 0.75
CA GLU F 217 20.05 -27.94 -0.50
C GLU F 217 18.55 -28.16 -0.29
N MET F 218 18.14 -28.58 0.91
CA MET F 218 16.72 -28.87 1.14
C MET F 218 15.88 -27.61 0.98
N GLU F 219 16.28 -26.52 1.64
CA GLU F 219 15.41 -25.35 1.70
C GLU F 219 16.17 -24.02 1.68
N VAL F 220 17.37 -23.96 2.28
CA VAL F 220 18.13 -22.72 2.34
C VAL F 220 18.48 -22.22 0.94
N VAL F 221 19.13 -23.06 0.14
CA VAL F 221 19.53 -22.65 -1.20
C VAL F 221 18.30 -22.40 -2.08
N PRO F 222 17.30 -23.31 -2.12
CA PRO F 222 16.10 -23.00 -2.93
C PRO F 222 15.42 -21.69 -2.55
N ALA F 223 15.29 -21.37 -1.25
CA ALA F 223 14.71 -20.08 -0.87
C ALA F 223 15.59 -18.93 -1.35
N ALA F 224 16.91 -19.00 -1.11
CA ALA F 224 17.81 -17.99 -1.63
C ALA F 224 17.64 -17.79 -3.14
N ARG F 225 17.48 -18.88 -3.89
CA ARG F 225 17.36 -18.72 -5.33
C ARG F 225 16.03 -18.09 -5.71
N GLU F 226 14.96 -18.45 -5.02
CA GLU F 226 13.67 -17.83 -5.30
C GLU F 226 13.75 -16.33 -5.10
N TYR F 227 14.36 -15.89 -3.99
CA TYR F 227 14.41 -14.47 -3.67
C TYR F 227 15.60 -13.76 -4.28
N GLY F 228 16.35 -14.42 -5.16
CA GLY F 228 17.47 -13.77 -5.81
C GLY F 228 18.60 -13.36 -4.88
N LEU F 229 18.92 -14.18 -3.88
CA LEU F 229 20.07 -13.94 -3.02
C LEU F 229 21.30 -14.64 -3.59
N GLY F 230 22.46 -14.00 -3.45
CA GLY F 230 23.69 -14.73 -3.58
C GLY F 230 23.80 -15.81 -2.51
N VAL F 231 24.59 -16.84 -2.82
CA VAL F 231 24.86 -17.92 -1.88
C VAL F 231 26.37 -18.05 -1.79
N ILE F 232 26.93 -17.77 -0.63
CA ILE F 232 28.37 -17.86 -0.43
C ILE F 232 28.61 -18.89 0.65
N ALA F 233 29.41 -19.91 0.34
CA ALA F 233 29.49 -21.09 1.20
C ALA F 233 30.62 -20.94 2.19
N TRP F 234 30.32 -21.02 3.48
CA TRP F 234 31.42 -20.95 4.43
C TRP F 234 31.90 -22.36 4.79
N SER F 235 33.12 -22.43 5.33
CA SER F 235 33.91 -23.65 5.46
C SER F 235 33.72 -24.57 4.25
N PRO F 236 34.09 -24.13 3.04
CA PRO F 236 33.90 -24.98 1.86
C PRO F 236 34.76 -26.24 1.88
N LEU F 237 35.77 -26.32 2.74
CA LEU F 237 36.56 -27.53 2.90
C LEU F 237 36.23 -28.26 4.19
N HIS F 238 35.05 -27.97 4.77
CA HIS F 238 34.67 -28.54 6.07
C HIS F 238 35.79 -28.36 7.09
N GLY F 239 36.30 -27.13 7.15
CA GLY F 239 37.32 -26.80 8.12
C GLY F 239 38.67 -27.40 7.84
N GLY F 240 39.01 -27.65 6.56
CA GLY F 240 40.24 -28.32 6.21
C GLY F 240 40.13 -29.83 6.06
N LEU F 241 38.96 -30.42 6.36
CA LEU F 241 38.79 -31.86 6.20
C LEU F 241 38.94 -32.30 4.76
N LEU F 242 38.47 -31.48 3.82
CA LEU F 242 38.44 -31.85 2.41
C LEU F 242 39.71 -31.44 1.67
N GLY F 243 40.75 -31.04 2.39
CA GLY F 243 41.96 -30.57 1.74
C GLY F 243 43.11 -31.54 1.89
N GLY F 244 42.81 -32.84 1.94
CA GLY F 244 43.84 -33.84 2.13
C GLY F 244 44.18 -34.11 3.58
N ALA F 245 43.20 -34.00 4.48
CA ALA F 245 43.46 -34.08 5.92
C ALA F 245 43.93 -35.46 6.37
N ILE F 246 43.62 -36.51 5.62
CA ILE F 246 44.12 -37.84 5.94
C ILE F 246 45.60 -37.95 5.59
N ARG F 247 45.94 -37.72 4.32
CA ARG F 247 47.32 -37.68 3.89
C ARG F 247 48.19 -36.93 4.90
N LYS F 248 47.74 -35.75 5.32
CA LYS F 248 48.54 -34.91 6.21
C LYS F 248 48.20 -35.10 7.67
N GLU F 249 47.54 -36.21 8.04
CA GLU F 249 47.08 -36.36 9.42
C GLU F 249 48.22 -36.34 10.42
N GLN F 250 49.41 -36.80 10.01
CA GLN F 250 50.51 -36.97 10.95
C GLN F 250 51.32 -35.70 11.15
N GLU F 251 51.16 -34.71 10.27
CA GLU F 251 51.89 -33.46 10.37
C GLU F 251 51.38 -32.60 11.52
N GLY F 252 52.17 -31.61 11.89
CA GLY F 252 51.80 -30.69 12.95
C GLY F 252 51.81 -29.24 12.51
N ASN F 254 50.07 -25.63 13.35
CA ASN F 254 48.88 -24.83 13.61
C ASN F 254 47.77 -25.15 12.60
N ARG F 255 47.79 -26.35 12.04
CA ARG F 255 46.81 -26.76 11.05
C ARG F 255 45.39 -26.62 11.60
N ARG F 256 44.50 -26.09 10.75
CA ARG F 256 43.10 -26.07 11.11
C ARG F 256 42.50 -27.48 11.13
N ALA F 257 42.92 -28.33 10.17
CA ALA F 257 42.42 -29.70 10.08
C ALA F 257 42.84 -30.55 11.28
N ALA F 258 43.80 -30.08 12.07
CA ALA F 258 44.19 -30.79 13.28
C ALA F 258 43.18 -30.63 14.42
N SER F 259 42.28 -29.64 14.34
CA SER F 259 41.27 -29.45 15.38
C SER F 259 39.88 -29.27 14.77
N GLY F 260 38.93 -28.84 15.59
CA GLY F 260 37.64 -28.44 15.07
C GLY F 260 36.81 -29.56 14.48
N ARG F 261 35.87 -29.15 13.62
CA ARG F 261 34.95 -30.11 13.01
C ARG F 261 35.71 -31.17 12.20
N ALA F 262 36.89 -30.84 11.68
CA ALA F 262 37.66 -31.79 10.88
C ALA F 262 38.22 -32.92 11.74
N ALA F 263 38.90 -32.57 12.83
CA ALA F 263 39.42 -33.58 13.75
C ALA F 263 38.28 -34.44 14.29
N ASP F 264 37.14 -33.82 14.62
CA ASP F 264 35.99 -34.58 15.11
C ASP F 264 35.48 -35.52 14.03
N ALA F 265 35.48 -35.08 12.77
CA ALA F 265 35.00 -35.91 11.69
C ALA F 265 35.95 -37.06 11.38
N LEU F 266 37.25 -36.90 11.65
CA LEU F 266 38.18 -37.98 11.36
C LEU F 266 38.21 -39.03 12.47
N LYS F 267 37.64 -38.71 13.63
CA LYS F 267 37.41 -39.70 14.68
C LYS F 267 36.14 -40.52 14.46
N ASP F 268 35.26 -40.14 13.51
CA ASP F 268 34.06 -40.89 13.19
C ASP F 268 34.29 -41.78 11.99
N PRO F 269 34.24 -43.12 12.16
CA PRO F 269 34.44 -44.07 11.05
C PRO F 269 33.76 -43.76 9.73
N GLN F 270 32.45 -43.44 9.74
CA GLN F 270 31.80 -43.36 8.44
C GLN F 270 32.12 -42.05 7.71
N GLN F 271 32.32 -40.95 8.45
CA GLN F 271 32.86 -39.75 7.82
C GLN F 271 34.30 -39.97 7.39
N ARG F 272 35.10 -40.67 8.20
CA ARG F 272 36.49 -40.88 7.85
C ARG F 272 36.63 -41.79 6.62
N GLU F 273 35.81 -42.84 6.52
CA GLU F 273 35.85 -43.65 5.30
C GLU F 273 35.45 -42.83 4.09
N GLN F 274 34.52 -41.90 4.28
CA GLN F 274 34.11 -41.01 3.20
C GLN F 274 35.28 -40.19 2.68
N ILE F 275 35.99 -39.51 3.60
CA ILE F 275 37.13 -38.71 3.20
C ILE F 275 38.22 -39.60 2.61
N GLN F 276 38.32 -40.85 3.08
CA GLN F 276 39.34 -41.76 2.56
C GLN F 276 39.09 -42.07 1.09
N ARG F 277 37.85 -42.41 0.74
CA ARG F 277 37.53 -42.68 -0.67
C ARG F 277 37.60 -41.41 -1.51
N TYR F 278 37.44 -40.24 -0.90
CA TYR F 278 37.62 -38.99 -1.63
C TYR F 278 39.09 -38.80 -1.99
N GLU F 279 40.00 -38.92 -1.01
CA GLU F 279 41.41 -38.72 -1.29
C GLU F 279 41.97 -39.81 -2.21
N ASP F 280 41.44 -41.05 -2.11
CA ASP F 280 41.81 -42.11 -3.05
C ASP F 280 41.34 -41.76 -4.46
N LEU F 281 40.07 -41.35 -4.59
CA LEU F 281 39.52 -41.05 -5.91
C LEU F 281 40.34 -39.98 -6.60
N LEU F 282 40.78 -38.97 -5.85
CA LEU F 282 41.54 -37.88 -6.44
C LEU F 282 43.02 -38.21 -6.59
N ASP F 283 43.50 -39.23 -5.88
CA ASP F 283 44.81 -39.80 -6.18
C ASP F 283 44.78 -40.53 -7.51
N LYS F 284 43.72 -41.32 -7.74
CA LYS F 284 43.51 -41.96 -9.04
C LYS F 284 43.50 -40.93 -10.16
N HIS F 285 42.71 -39.87 -10.00
CA HIS F 285 42.83 -38.75 -10.91
C HIS F 285 44.05 -37.91 -10.49
N GLY F 286 44.36 -36.84 -11.19
CA GLY F 286 45.56 -36.13 -10.75
C GLY F 286 45.27 -34.87 -9.95
N LEU F 287 44.28 -34.94 -9.06
CA LEU F 287 43.59 -33.76 -8.56
C LEU F 287 43.88 -33.52 -7.09
N GLU F 288 43.96 -32.25 -6.73
CA GLU F 288 44.22 -31.88 -5.34
C GLU F 288 42.91 -31.78 -4.56
N PRO F 289 42.82 -32.41 -3.39
CA PRO F 289 41.52 -32.45 -2.67
C PRO F 289 40.95 -31.08 -2.34
N GLY F 290 41.79 -30.14 -1.88
CA GLY F 290 41.30 -28.79 -1.61
C GLY F 290 40.72 -28.11 -2.84
N GLU F 291 41.36 -28.30 -4.00
CA GLU F 291 40.90 -27.59 -5.19
C GLU F 291 39.62 -28.21 -5.75
N VAL F 292 39.45 -29.52 -5.63
CA VAL F 292 38.23 -30.15 -6.12
C VAL F 292 37.03 -29.70 -5.28
N ALA F 293 37.20 -29.59 -3.96
CA ALA F 293 36.08 -29.19 -3.10
C ALA F 293 35.58 -27.79 -3.48
N LEU F 294 36.51 -26.83 -3.59
CA LEU F 294 36.19 -25.50 -4.09
C LEU F 294 35.50 -25.56 -5.46
N ALA F 295 36.15 -26.19 -6.44
CA ALA F 295 35.60 -26.28 -7.80
C ALA F 295 34.21 -26.93 -7.80
N TRP F 296 33.97 -27.88 -6.89
CA TRP F 296 32.68 -28.54 -6.85
C TRP F 296 31.57 -27.57 -6.42
N LEU F 297 31.85 -26.72 -5.43
CA LEU F 297 30.83 -25.73 -5.06
C LEU F 297 30.53 -24.80 -6.23
N LEU F 298 31.56 -24.44 -7.00
CA LEU F 298 31.32 -23.57 -8.15
C LEU F 298 30.43 -24.23 -9.20
N THR F 299 30.20 -25.54 -9.15
CA THR F 299 29.27 -26.15 -10.09
C THR F 299 27.82 -26.16 -9.60
N ARG F 300 27.59 -25.83 -8.34
CA ARG F 300 26.28 -26.09 -7.75
C ARG F 300 25.30 -24.96 -8.09
N PRO F 301 24.08 -25.28 -8.52
CA PRO F 301 23.16 -24.22 -8.92
C PRO F 301 22.93 -23.20 -7.80
N GLY F 302 22.93 -21.92 -8.17
CA GLY F 302 22.67 -20.85 -7.23
C GLY F 302 23.84 -20.45 -6.36
N VAL F 303 24.95 -21.18 -6.40
CA VAL F 303 26.07 -20.87 -5.53
C VAL F 303 26.89 -19.74 -6.15
N THR F 304 26.97 -18.62 -5.44
CA THR F 304 27.83 -17.53 -5.88
C THR F 304 29.27 -17.99 -5.86
N GLY F 305 29.71 -18.54 -4.72
CA GLY F 305 31.05 -19.02 -4.62
C GLY F 305 31.37 -19.52 -3.24
N PRO F 306 32.51 -20.19 -3.10
CA PRO F 306 33.01 -20.56 -1.76
C PRO F 306 33.72 -19.39 -1.12
N ILE F 307 33.63 -19.31 0.21
CA ILE F 307 34.47 -18.38 0.94
C ILE F 307 35.72 -19.15 1.34
N VAL F 308 36.77 -19.02 0.54
CA VAL F 308 38.00 -19.74 0.81
C VAL F 308 38.60 -19.22 2.12
N GLY F 309 39.26 -20.12 2.85
CA GLY F 309 39.90 -19.77 4.09
C GLY F 309 41.36 -20.18 4.09
N PRO F 310 42.17 -19.49 3.27
CA PRO F 310 43.60 -19.82 3.22
C PRO F 310 44.28 -19.50 4.54
N ARG F 311 45.17 -20.41 4.95
CA ARG F 311 46.11 -20.11 6.03
C ARG F 311 47.38 -19.48 5.51
N THR F 312 47.72 -19.73 4.25
CA THR F 312 48.97 -19.27 3.65
C THR F 312 48.71 -18.70 2.27
N ALA F 313 49.67 -17.89 1.80
CA ALA F 313 49.66 -17.42 0.42
C ALA F 313 49.57 -18.58 -0.56
N ASP F 314 50.23 -19.70 -0.25
CA ASP F 314 50.20 -20.82 -1.20
C ASP F 314 48.82 -21.43 -1.30
N GLN F 315 48.09 -21.50 -0.18
CA GLN F 315 46.73 -21.99 -0.22
C GLN F 315 45.82 -21.07 -1.03
N LEU F 316 46.06 -19.75 -0.98
CA LEU F 316 45.30 -18.84 -1.83
C LEU F 316 45.59 -19.10 -3.30
N ALA F 317 46.87 -19.19 -3.67
CA ALA F 317 47.24 -19.58 -5.04
C ALA F 317 46.52 -20.86 -5.46
N SER F 318 46.47 -21.83 -4.55
CA SER F 318 45.76 -23.09 -4.80
C SER F 318 44.28 -22.85 -5.09
N ALA F 319 43.62 -21.99 -4.30
CA ALA F 319 42.21 -21.73 -4.56
C ALA F 319 42.00 -21.07 -5.91
N VAL F 320 42.97 -20.23 -6.33
CA VAL F 320 42.85 -19.57 -7.63
C VAL F 320 42.93 -20.60 -8.76
N ARG F 321 43.81 -21.59 -8.62
CA ARG F 321 43.81 -22.66 -9.62
C ARG F 321 42.49 -23.45 -9.57
N ALA F 322 41.90 -23.60 -8.37
CA ALA F 322 40.62 -24.32 -8.26
C ALA F 322 39.51 -23.65 -9.07
N ALA F 323 39.55 -22.34 -9.22
CA ALA F 323 38.49 -21.64 -9.93
C ALA F 323 38.61 -21.74 -11.45
N GLU F 324 39.76 -22.18 -11.97
CA GLU F 324 39.95 -22.46 -13.38
C GLU F 324 39.71 -23.92 -13.72
N LEU F 325 39.64 -24.77 -12.70
CA LEU F 325 39.52 -26.21 -12.89
C LEU F 325 38.14 -26.56 -13.44
N THR F 326 38.11 -27.45 -14.44
CA THR F 326 36.87 -28.09 -14.87
C THR F 326 36.83 -29.53 -14.37
N LEU F 327 35.70 -29.93 -13.81
CA LEU F 327 35.49 -31.28 -13.31
C LEU F 327 34.76 -32.05 -14.38
N THR F 328 35.21 -33.28 -14.67
CA THR F 328 34.50 -34.08 -15.65
C THR F 328 33.21 -34.62 -15.07
N ASP F 329 32.32 -35.06 -15.96
CA ASP F 329 31.11 -35.73 -15.49
C ASP F 329 31.43 -36.98 -14.69
N GLU F 330 32.52 -37.66 -15.03
CA GLU F 330 32.93 -38.85 -14.27
C GLU F 330 33.25 -38.49 -12.82
N VAL F 331 34.04 -37.45 -12.63
CA VAL F 331 34.41 -37.05 -11.27
C VAL F 331 33.19 -36.54 -10.51
N LEU F 332 32.31 -35.78 -11.17
CA LEU F 332 31.14 -35.24 -10.50
C LEU F 332 30.19 -36.35 -10.04
N THR F 333 30.09 -37.42 -10.84
CA THR F 333 29.23 -38.52 -10.45
C THR F 333 29.85 -39.36 -9.33
N ALA F 334 31.16 -39.54 -9.37
CA ALA F 334 31.84 -40.30 -8.32
C ALA F 334 31.78 -39.57 -6.98
N LEU F 335 31.93 -38.24 -7.02
CA LEU F 335 31.74 -37.41 -5.83
C LEU F 335 30.31 -37.54 -5.29
N ASP F 336 29.32 -37.58 -6.19
CA ASP F 336 27.93 -37.68 -5.78
C ASP F 336 27.67 -38.99 -5.06
N GLU F 337 28.33 -40.07 -5.47
CA GLU F 337 28.14 -41.36 -4.81
C GLU F 337 28.81 -41.38 -3.44
N ILE F 338 29.99 -40.76 -3.32
CA ILE F 338 30.63 -40.70 -2.00
C ILE F 338 29.88 -39.74 -1.09
N PHE F 339 29.38 -38.62 -1.62
CA PHE F 339 28.83 -37.51 -0.84
C PHE F 339 27.45 -37.13 -1.33
N PRO F 340 26.44 -38.00 -1.17
CA PRO F 340 25.13 -37.69 -1.77
C PRO F 340 24.40 -36.56 -1.02
N GLY F 341 23.55 -35.86 -1.76
CA GLY F 341 22.75 -34.78 -1.22
C GLY F 341 21.27 -35.10 -1.16
N PRO F 342 20.51 -34.36 -0.35
CA PRO F 342 19.11 -34.75 -0.12
C PRO F 342 18.14 -34.28 -1.18
N GLY F 343 18.51 -33.31 -2.01
CA GLY F 343 17.53 -32.71 -2.89
C GLY F 343 16.70 -31.69 -2.14
N PRO F 344 15.78 -31.02 -2.85
CA PRO F 344 14.93 -30.03 -2.19
C PRO F 344 13.76 -30.66 -1.44
N SER F 345 13.34 -29.96 -0.39
CA SER F 345 12.07 -30.27 0.26
C SER F 345 10.91 -29.76 -0.60
N PRO F 346 9.74 -30.42 -0.56
CA PRO F 346 9.36 -31.58 0.25
C PRO F 346 9.78 -32.94 -0.33
N GLU F 347 10.30 -32.96 -1.55
CA GLU F 347 10.64 -34.24 -2.16
C GLU F 347 11.65 -35.00 -1.32
N ALA F 348 12.49 -34.29 -0.56
CA ALA F 348 13.57 -34.93 0.17
C ALA F 348 13.07 -35.88 1.25
N PHE F 349 11.89 -35.63 1.81
CA PHE F 349 11.36 -36.50 2.85
C PHE F 349 9.94 -36.97 2.60
N ALA F 350 9.21 -36.33 1.68
CA ALA F 350 7.84 -36.72 1.37
C ALA F 350 7.77 -37.29 -0.04
N TRP F 351 7.17 -36.55 -0.98
CA TRP F 351 7.16 -36.93 -2.41
C TRP F 351 7.14 -35.71 -3.33
N MET G 21 -21.01 15.27 -36.70
CA MET G 21 -20.99 15.32 -35.23
C MET G 21 -19.57 15.09 -34.67
N GLU G 22 -19.13 15.96 -33.77
CA GLU G 22 -17.81 15.82 -33.17
C GLU G 22 -17.89 14.90 -31.95
N TYR G 23 -16.93 13.99 -31.84
CA TYR G 23 -16.78 13.11 -30.69
C TYR G 23 -15.49 13.47 -29.93
N THR G 24 -15.46 13.11 -28.65
CA THR G 24 -14.28 13.30 -27.83
C THR G 24 -14.24 12.20 -26.76
N GLN G 25 -13.08 12.04 -26.14
CA GLN G 25 -12.99 11.17 -24.98
C GLN G 25 -13.67 11.86 -23.80
N LEU G 26 -14.37 11.07 -22.98
CA LEU G 26 -14.95 11.60 -21.75
C LEU G 26 -13.80 11.71 -20.77
N GLY G 27 -13.26 12.92 -20.62
CA GLY G 27 -12.02 13.10 -19.88
C GLY G 27 -10.95 12.06 -20.21
N ARG G 28 -10.42 11.41 -19.18
CA ARG G 28 -9.29 10.50 -19.33
C ARG G 28 -9.69 9.08 -19.68
N ILE G 29 -10.97 8.74 -19.72
CA ILE G 29 -11.28 7.33 -19.88
C ILE G 29 -11.45 6.99 -21.35
N GLY G 30 -11.56 5.69 -21.64
CA GLY G 30 -11.62 5.19 -23.00
C GLY G 30 -12.95 5.33 -23.69
N LEU G 31 -13.95 5.84 -22.98
CA LEU G 31 -15.29 6.02 -23.53
C LEU G 31 -15.34 7.24 -24.47
N LYS G 32 -15.89 7.05 -25.67
CA LYS G 32 -16.03 8.12 -26.65
C LYS G 32 -17.48 8.62 -26.64
N VAL G 33 -17.66 9.95 -26.61
CA VAL G 33 -19.00 10.51 -26.56
C VAL G 33 -19.12 11.67 -27.54
N SER G 34 -20.32 11.83 -28.07
CA SER G 34 -20.66 13.02 -28.84
C SER G 34 -20.50 14.26 -27.96
N ARG G 35 -19.99 15.35 -28.56
CA ARG G 35 -19.81 16.57 -27.79
C ARG G 35 -21.15 17.22 -27.43
N LEU G 36 -22.25 16.74 -27.99
CA LEU G 36 -23.58 17.11 -27.54
C LEU G 36 -24.13 15.96 -26.71
N VAL G 37 -24.51 16.25 -25.47
CA VAL G 37 -25.17 15.27 -24.62
C VAL G 37 -26.66 15.57 -24.61
N LEU G 38 -27.47 14.55 -24.87
CA LEU G 38 -28.92 14.74 -24.88
C LEU G 38 -29.46 14.71 -23.46
N GLY G 39 -29.96 15.84 -22.98
CA GLY G 39 -30.64 15.88 -21.71
C GLY G 39 -32.11 15.54 -21.90
N THR G 40 -32.69 14.88 -20.89
CA THR G 40 -34.04 14.36 -20.99
C THR G 40 -35.01 14.96 -19.97
N MET G 41 -34.58 15.94 -19.18
CA MET G 41 -35.39 16.38 -18.04
C MET G 41 -36.75 16.92 -18.50
N ASN G 42 -36.82 17.46 -19.71
CA ASN G 42 -38.09 17.94 -20.25
C ASN G 42 -39.06 16.78 -20.52
N PHE G 43 -38.54 15.57 -20.75
CA PHE G 43 -39.35 14.45 -21.24
C PHE G 43 -40.30 14.01 -20.13
N GLY G 44 -41.58 14.37 -20.25
CA GLY G 44 -42.54 14.06 -19.23
C GLY G 44 -43.35 15.27 -18.83
N PRO G 45 -42.72 16.20 -18.09
CA PRO G 45 -43.45 17.38 -17.60
C PRO G 45 -43.61 18.51 -18.62
N THR G 46 -42.87 18.47 -19.72
CA THR G 46 -42.77 19.63 -20.60
C THR G 46 -42.96 19.19 -22.04
N THR G 47 -42.34 18.07 -22.40
CA THR G 47 -42.44 17.47 -23.72
C THR G 47 -43.17 16.14 -23.56
N ASP G 48 -44.15 15.87 -24.44
CA ASP G 48 -44.93 14.66 -24.23
C ASP G 48 -44.14 13.44 -24.74
N GLU G 49 -44.69 12.26 -24.46
CA GLU G 49 -43.93 11.04 -24.69
C GLU G 49 -43.64 10.84 -26.17
N ALA G 50 -44.61 11.16 -27.04
CA ALA G 50 -44.41 10.97 -28.47
C ALA G 50 -43.26 11.83 -29.01
N GLU G 51 -43.27 13.12 -28.70
CA GLU G 51 -42.20 13.98 -29.18
C GLU G 51 -40.88 13.67 -28.47
N SER G 52 -40.94 13.27 -27.19
CA SER G 52 -39.73 12.80 -26.51
C SER G 52 -39.09 11.66 -27.30
N HIS G 53 -39.89 10.63 -27.62
CA HIS G 53 -39.41 9.57 -28.49
C HIS G 53 -38.88 10.12 -29.80
N ALA G 54 -39.52 11.16 -30.34
CA ALA G 54 -39.10 11.72 -31.63
C ALA G 54 -37.76 12.44 -31.50
N ILE G 55 -37.59 13.21 -30.44
CA ILE G 55 -36.31 13.87 -30.18
C ILE G 55 -35.19 12.85 -30.05
N MET G 56 -35.44 11.74 -29.34
CA MET G 56 -34.41 10.72 -29.18
C MET G 56 -34.04 10.07 -30.50
N ASP G 57 -35.03 9.80 -31.36
CA ASP G 57 -34.73 9.27 -32.70
C ASP G 57 -33.84 10.23 -33.47
N ALA G 58 -34.19 11.52 -33.46
CA ALA G 58 -33.41 12.52 -34.17
C ALA G 58 -32.00 12.62 -33.62
N ALA G 59 -31.85 12.59 -32.28
CA ALA G 59 -30.53 12.64 -31.65
C ALA G 59 -29.65 11.50 -32.12
N LEU G 60 -30.18 10.27 -32.10
CA LEU G 60 -29.41 9.13 -32.57
C LEU G 60 -29.08 9.23 -34.06
N ASP G 61 -29.99 9.78 -34.87
CA ASP G 61 -29.70 9.94 -36.29
C ASP G 61 -28.56 10.91 -36.53
N ALA G 62 -28.49 11.97 -35.73
CA ALA G 62 -27.40 12.94 -35.81
C ALA G 62 -26.10 12.46 -35.14
N GLY G 63 -26.05 11.21 -34.66
CA GLY G 63 -24.82 10.68 -34.10
C GLY G 63 -24.62 10.89 -32.61
N ILE G 64 -25.60 11.43 -31.90
CA ILE G 64 -25.51 11.61 -30.45
C ILE G 64 -25.72 10.28 -29.77
N ASN G 65 -24.77 9.89 -28.92
CA ASN G 65 -24.73 8.55 -28.33
C ASN G 65 -24.67 8.59 -26.81
N PHE G 66 -25.01 9.72 -26.22
CA PHE G 66 -24.79 9.98 -24.81
C PHE G 66 -26.05 10.67 -24.29
N PHE G 67 -26.86 9.98 -23.50
CA PHE G 67 -28.09 10.55 -22.96
C PHE G 67 -27.99 10.65 -21.46
N ASP G 68 -28.50 11.77 -20.93
CA ASP G 68 -28.53 11.99 -19.49
C ASP G 68 -29.97 12.00 -19.01
N THR G 69 -30.23 11.24 -17.94
CA THR G 69 -31.53 11.30 -17.28
C THR G 69 -31.30 11.19 -15.78
N ALA G 70 -32.39 11.07 -15.02
CA ALA G 70 -32.32 10.92 -13.58
C ALA G 70 -33.55 10.17 -13.09
N ASN G 71 -33.41 9.50 -11.95
CA ASN G 71 -34.57 8.80 -11.41
C ASN G 71 -35.68 9.79 -11.08
N VAL G 72 -35.32 11.01 -10.62
CA VAL G 72 -36.35 11.96 -10.22
C VAL G 72 -37.03 12.65 -11.37
N TYR G 73 -36.52 12.53 -12.58
CA TYR G 73 -37.12 13.26 -13.69
C TYR G 73 -38.52 12.74 -14.00
N GLY G 74 -39.43 13.67 -14.31
CA GLY G 74 -40.85 13.40 -14.38
C GLY G 74 -41.58 14.40 -13.48
N TRP G 75 -40.94 14.70 -12.35
CA TRP G 75 -41.37 15.71 -11.38
C TRP G 75 -42.61 15.28 -10.58
N GLY G 76 -42.59 15.55 -9.28
CA GLY G 76 -43.76 15.39 -8.44
C GLY G 76 -44.29 13.97 -8.40
N GLU G 77 -45.60 13.85 -8.63
CA GLU G 77 -46.26 12.53 -8.69
C GLU G 77 -45.63 11.64 -9.73
N ASN G 78 -45.01 12.21 -10.76
CA ASN G 78 -44.53 11.46 -11.92
C ASN G 78 -43.02 11.26 -11.90
N LYS G 79 -42.35 11.42 -10.77
CA LYS G 79 -40.93 11.04 -10.69
C LYS G 79 -40.74 9.61 -11.16
N GLY G 80 -39.81 9.43 -12.09
CA GLY G 80 -39.58 8.16 -12.75
C GLY G 80 -40.13 8.08 -14.17
N ARG G 81 -41.03 9.01 -14.54
CA ARG G 81 -41.64 8.95 -15.87
C ARG G 81 -40.59 9.09 -16.98
N THR G 82 -39.60 9.96 -16.79
CA THR G 82 -38.57 10.14 -17.81
C THR G 82 -37.81 8.85 -18.07
N GLU G 83 -37.36 8.19 -17.00
CA GLU G 83 -36.69 6.91 -17.18
C GLU G 83 -37.61 5.90 -17.88
N GLU G 84 -38.91 5.94 -17.55
CA GLU G 84 -39.88 5.06 -18.21
C GLU G 84 -40.00 5.41 -19.70
N ILE G 85 -39.96 6.70 -20.01
CA ILE G 85 -40.03 7.11 -21.42
C ILE G 85 -38.79 6.62 -22.16
N LEU G 86 -37.63 6.63 -21.50
CA LEU G 86 -36.44 6.06 -22.14
C LEU G 86 -36.56 4.55 -22.20
N GLY G 87 -37.15 3.94 -21.17
CA GLY G 87 -37.34 2.50 -21.16
C GLY G 87 -38.18 2.02 -22.34
N SER G 88 -39.27 2.73 -22.63
CA SER G 88 -40.09 2.30 -23.76
C SER G 88 -39.43 2.65 -25.08
N TRP G 89 -38.58 3.68 -25.11
CA TRP G 89 -37.83 3.95 -26.34
C TRP G 89 -36.83 2.82 -26.65
N PHE G 90 -36.13 2.32 -25.62
CA PHE G 90 -35.21 1.20 -25.88
C PHE G 90 -35.96 -0.04 -26.34
N ALA G 91 -37.15 -0.29 -25.78
CA ALA G 91 -37.95 -1.44 -26.14
C ALA G 91 -38.38 -1.46 -27.62
N GLN G 92 -38.36 -0.32 -28.33
CA GLN G 92 -38.52 -0.34 -29.79
C GLN G 92 -37.25 -0.74 -30.54
N GLY G 93 -36.50 -1.70 -30.02
CA GLY G 93 -35.36 -2.33 -30.69
C GLY G 93 -34.39 -1.36 -31.32
N GLY G 94 -34.00 -1.64 -32.56
CA GLY G 94 -33.21 -0.72 -33.36
C GLY G 94 -31.76 -0.57 -32.95
N ASP G 95 -31.22 -1.54 -32.17
CA ASP G 95 -29.87 -1.46 -31.65
C ASP G 95 -29.71 -0.28 -30.70
N ARG G 96 -30.80 0.16 -30.07
CA ARG G 96 -30.81 1.45 -29.40
C ARG G 96 -30.01 1.43 -28.11
N ARG G 97 -30.38 0.55 -27.18
CA ARG G 97 -29.59 0.37 -25.96
C ARG G 97 -28.11 0.12 -26.27
N ASP G 98 -27.81 -0.75 -27.26
CA ASP G 98 -26.41 -1.01 -27.61
C ASP G 98 -25.68 0.24 -28.09
N LYS G 99 -26.41 1.19 -28.68
CA LYS G 99 -25.78 2.34 -29.32
C LYS G 99 -25.62 3.53 -28.38
N VAL G 100 -26.39 3.60 -27.30
CA VAL G 100 -26.46 4.79 -26.47
C VAL G 100 -25.65 4.59 -25.20
N VAL G 101 -24.82 5.57 -24.85
CA VAL G 101 -24.21 5.61 -23.52
C VAL G 101 -25.28 6.15 -22.59
N LEU G 102 -25.78 5.33 -21.67
CA LEU G 102 -26.96 5.63 -20.88
C LEU G 102 -26.56 6.09 -19.49
N ALA G 103 -26.99 7.30 -19.12
CA ALA G 103 -26.56 7.92 -17.86
C ALA G 103 -27.77 8.33 -17.05
N THR G 104 -27.79 7.91 -15.78
CA THR G 104 -28.82 8.42 -14.89
C THR G 104 -28.19 8.75 -13.53
N LYS G 105 -29.01 8.97 -12.51
CA LYS G 105 -28.55 9.61 -11.29
C LYS G 105 -29.19 8.97 -10.06
N VAL G 106 -28.50 9.11 -8.93
CA VAL G 106 -29.02 8.72 -7.63
C VAL G 106 -28.69 9.84 -6.63
N TYR G 107 -29.61 10.06 -5.67
CA TYR G 107 -29.56 11.06 -4.60
C TYR G 107 -30.97 11.58 -4.28
N GLY G 108 -31.74 11.92 -5.31
CA GLY G 108 -33.02 12.54 -5.07
C GLY G 108 -34.04 11.61 -4.42
N ASN G 109 -34.97 12.22 -3.68
CA ASN G 109 -36.08 11.48 -3.05
C ASN G 109 -37.11 11.06 -4.11
N MET G 110 -37.42 9.77 -4.14
CA MET G 110 -38.33 9.25 -5.14
C MET G 110 -39.76 9.09 -4.62
N GLY G 111 -40.02 9.48 -3.37
CA GLY G 111 -41.36 9.45 -2.79
C GLY G 111 -42.13 10.77 -2.79
N ASP G 113 -43.15 14.20 -2.56
CA ASP G 113 -42.33 15.41 -2.42
C ASP G 113 -42.48 16.06 -1.04
N GLY G 114 -41.38 16.62 -0.55
CA GLY G 114 -41.29 17.11 0.81
C GLY G 114 -40.21 16.37 1.59
N PRO G 115 -40.37 16.29 2.91
CA PRO G 115 -39.39 15.57 3.73
C PRO G 115 -39.33 14.10 3.36
N ALA G 116 -38.12 13.62 3.06
CA ALA G 116 -37.93 12.24 2.63
C ALA G 116 -37.80 11.30 3.83
N TRP G 117 -38.28 10.08 3.65
CA TRP G 117 -38.02 9.07 4.64
C TRP G 117 -36.51 8.90 4.75
N PRO G 118 -35.97 8.75 5.96
CA PRO G 118 -34.51 8.61 6.11
C PRO G 118 -33.97 7.47 5.27
N ASN G 119 -32.93 7.77 4.48
CA ASN G 119 -32.21 6.84 3.59
C ASN G 119 -33.00 6.53 2.33
N HIS G 120 -34.04 7.32 2.03
CA HIS G 120 -34.72 7.27 0.74
C HIS G 120 -34.33 8.46 -0.14
N ASP G 121 -33.40 9.28 0.33
CA ASP G 121 -32.62 10.25 -0.45
C ASP G 121 -31.15 10.10 -0.04
N LYS G 122 -30.27 10.92 -0.65
CA LYS G 122 -28.83 10.99 -0.36
C LYS G 122 -28.08 9.74 -0.83
N LEU G 123 -26.83 9.56 -0.33
CA LEU G 123 -25.91 8.62 -0.95
C LEU G 123 -25.47 7.47 -0.04
N SER G 124 -26.24 7.15 1.00
CA SER G 124 -25.95 5.95 1.80
C SER G 124 -25.88 4.73 0.89
N ALA G 125 -25.08 3.75 1.33
CA ALA G 125 -25.10 2.49 0.60
C ALA G 125 -26.51 1.95 0.52
N LEU G 126 -27.36 2.28 1.49
CA LEU G 126 -28.72 1.76 1.51
C LEU G 126 -29.55 2.36 0.39
N ASN G 127 -29.51 3.70 0.24
CA ASN G 127 -30.28 4.33 -0.82
C ASN G 127 -29.70 4.04 -2.19
N ILE G 128 -28.39 3.82 -2.28
CA ILE G 128 -27.80 3.49 -3.56
C ILE G 128 -28.33 2.15 -4.05
N ARG G 129 -28.40 1.16 -3.14
CA ARG G 129 -28.86 -0.18 -3.55
C ARG G 129 -30.27 -0.11 -4.12
N ARG G 130 -31.20 0.49 -3.37
CA ARG G 130 -32.60 0.53 -3.78
C ARG G 130 -32.80 1.43 -5.00
N SER G 131 -32.06 2.54 -5.09
CA SER G 131 -32.29 3.46 -6.20
C SER G 131 -31.88 2.85 -7.54
N VAL G 132 -30.74 2.16 -7.57
CA VAL G 132 -30.27 1.65 -8.85
C VAL G 132 -31.22 0.55 -9.37
N ASP G 133 -31.78 -0.28 -8.48
CA ASP G 133 -32.69 -1.33 -8.93
C ASP G 133 -33.95 -0.74 -9.52
N ALA G 134 -34.54 0.27 -8.84
CA ALA G 134 -35.71 0.95 -9.35
C ALA G 134 -35.41 1.64 -10.67
N SER G 135 -34.19 2.16 -10.83
CA SER G 135 -33.85 2.81 -12.10
C SER G 135 -33.71 1.77 -13.20
N LEU G 136 -33.08 0.64 -12.91
CA LEU G 136 -32.88 -0.38 -13.94
C LEU G 136 -34.21 -0.94 -14.43
N LYS G 137 -35.20 -1.07 -13.52
CA LYS G 137 -36.51 -1.55 -13.91
C LYS G 137 -37.23 -0.54 -14.80
N ARG G 138 -37.23 0.74 -14.42
CA ARG G 138 -37.95 1.72 -15.23
C ARG G 138 -37.32 1.82 -16.62
N LEU G 139 -35.99 1.80 -16.68
CA LEU G 139 -35.27 1.87 -17.94
C LEU G 139 -35.34 0.58 -18.74
N GLY G 140 -35.79 -0.52 -18.13
CA GLY G 140 -35.82 -1.82 -18.78
C GLY G 140 -34.48 -2.26 -19.36
N THR G 141 -33.41 -2.18 -18.58
CA THR G 141 -32.08 -2.57 -19.03
C THR G 141 -31.35 -3.25 -17.87
N ASP G 142 -30.38 -4.09 -18.19
CA ASP G 142 -29.63 -4.73 -17.12
C ASP G 142 -28.44 -3.91 -16.64
N HIS G 143 -28.09 -2.82 -17.31
CA HIS G 143 -26.93 -2.06 -16.85
C HIS G 143 -27.07 -0.59 -17.20
N ILE G 144 -26.51 0.24 -16.32
CA ILE G 144 -26.37 1.69 -16.53
C ILE G 144 -24.92 1.95 -16.88
N ASP G 145 -24.68 2.69 -17.95
CA ASP G 145 -23.28 2.93 -18.33
C ASP G 145 -22.61 3.97 -17.44
N LEU G 146 -23.30 5.07 -17.11
CA LEU G 146 -22.74 6.14 -16.29
C LEU G 146 -23.73 6.44 -15.19
N TYR G 147 -23.44 5.99 -13.98
CA TYR G 147 -24.31 6.18 -12.84
C TYR G 147 -23.75 7.32 -12.01
N GLN G 148 -24.51 8.40 -11.88
CA GLN G 148 -24.01 9.66 -11.38
C GLN G 148 -24.64 10.02 -10.05
N PHE G 149 -23.82 10.48 -9.11
CA PHE G 149 -24.35 11.15 -7.93
C PHE G 149 -24.96 12.49 -8.35
N HIS G 150 -26.24 12.70 -7.99
CA HIS G 150 -26.92 13.93 -8.38
C HIS G 150 -26.38 15.14 -7.64
N HIS G 151 -25.73 14.93 -6.51
CA HIS G 151 -25.35 16.03 -5.64
C HIS G 151 -24.33 15.49 -4.63
N VAL G 152 -23.42 16.34 -4.19
CA VAL G 152 -22.54 15.95 -3.09
C VAL G 152 -23.40 15.62 -1.86
N ASP G 153 -23.03 14.55 -1.15
CA ASP G 153 -23.62 14.24 0.15
C ASP G 153 -22.50 14.28 1.20
N ARG G 154 -22.43 15.38 1.94
CA ARG G 154 -21.41 15.59 2.94
C ARG G 154 -21.47 14.59 4.09
N ASP G 155 -22.59 13.84 4.24
CA ASP G 155 -22.73 12.93 5.38
C ASP G 155 -22.37 11.48 5.07
N THR G 156 -22.07 11.14 3.81
CA THR G 156 -21.62 9.80 3.49
C THR G 156 -20.14 9.82 3.11
N PRO G 157 -19.30 9.01 3.75
CA PRO G 157 -17.88 9.01 3.43
C PRO G 157 -17.58 8.17 2.21
N TRP G 158 -16.45 8.49 1.57
CA TRP G 158 -16.14 7.88 0.29
C TRP G 158 -15.83 6.39 0.38
N ASP G 159 -15.36 5.88 1.52
CA ASP G 159 -15.18 4.44 1.55
C ASP G 159 -16.53 3.71 1.53
N GLU G 160 -17.58 4.32 2.07
CA GLU G 160 -18.92 3.74 1.99
C GLU G 160 -19.48 3.86 0.57
N ILE G 161 -19.36 5.04 -0.04
CA ILE G 161 -19.84 5.22 -1.41
C ILE G 161 -19.14 4.26 -2.36
N TRP G 162 -17.80 4.21 -2.30
CA TRP G 162 -17.11 3.35 -3.26
C TRP G 162 -17.39 1.87 -3.01
N GLN G 163 -17.61 1.47 -1.74
CA GLN G 163 -18.09 0.11 -1.49
C GLN G 163 -19.39 -0.15 -2.26
N ALA G 164 -20.38 0.72 -2.11
CA ALA G 164 -21.65 0.49 -2.78
C ALA G 164 -21.47 0.46 -4.29
N MET G 165 -20.72 1.44 -4.83
CA MET G 165 -20.54 1.45 -6.27
C MET G 165 -19.74 0.25 -6.76
N ASP G 166 -18.79 -0.24 -5.95
CA ASP G 166 -18.00 -1.36 -6.43
C ASP G 166 -18.83 -2.64 -6.48
N VAL G 167 -19.80 -2.78 -5.58
CA VAL G 167 -20.70 -3.92 -5.66
C VAL G 167 -21.44 -3.92 -7.00
N LEU G 168 -21.88 -2.74 -7.44
CA LEU G 168 -22.57 -2.64 -8.72
C LEU G 168 -21.64 -2.91 -9.88
N VAL G 169 -20.41 -2.40 -9.82
CA VAL G 169 -19.48 -2.64 -10.92
C VAL G 169 -19.22 -4.14 -11.07
N ARG G 170 -19.00 -4.83 -9.95
CA ARG G 170 -18.67 -6.24 -9.98
C ARG G 170 -19.86 -7.10 -10.39
N GLN G 171 -21.07 -6.70 -10.01
CA GLN G 171 -22.25 -7.40 -10.52
C GLN G 171 -22.55 -7.05 -11.97
N GLY G 172 -21.80 -6.11 -12.57
CA GLY G 172 -22.11 -5.65 -13.91
C GLY G 172 -23.37 -4.83 -14.04
N LYS G 173 -23.86 -4.25 -12.94
CA LYS G 173 -25.03 -3.38 -13.06
C LYS G 173 -24.68 -1.97 -13.51
N ILE G 174 -23.44 -1.52 -13.30
CA ILE G 174 -22.96 -0.24 -13.84
C ILE G 174 -21.52 -0.41 -14.34
N LEU G 175 -21.14 0.48 -15.27
CA LEU G 175 -19.77 0.53 -15.78
C LEU G 175 -18.95 1.67 -15.17
N TYR G 176 -19.46 2.91 -15.22
CA TYR G 176 -18.73 4.09 -14.84
C TYR G 176 -19.50 4.85 -13.77
N VAL G 177 -18.76 5.55 -12.91
CA VAL G 177 -19.35 6.42 -11.90
C VAL G 177 -19.02 7.85 -12.26
N GLY G 178 -19.99 8.73 -12.07
CA GLY G 178 -19.79 10.14 -12.33
C GLY G 178 -20.41 10.92 -11.20
N SER G 179 -20.07 12.19 -11.17
CA SER G 179 -20.60 13.08 -10.14
C SER G 179 -21.39 14.19 -10.81
N SER G 180 -22.13 14.91 -9.97
CA SER G 180 -22.87 16.07 -10.39
C SER G 180 -23.07 16.95 -9.17
N ASN G 181 -22.99 18.27 -9.38
CA ASN G 181 -23.07 19.26 -8.31
C ASN G 181 -22.13 18.92 -7.15
N PHE G 182 -20.87 18.65 -7.50
CA PHE G 182 -19.79 18.55 -6.53
C PHE G 182 -19.00 19.86 -6.43
N ALA G 183 -18.36 20.06 -5.29
CA ALA G 183 -17.24 21.00 -5.28
C ALA G 183 -16.01 20.33 -5.86
N GLY G 184 -15.04 21.14 -6.31
CA GLY G 184 -13.79 20.59 -6.82
C GLY G 184 -13.07 19.74 -5.81
N TRP G 185 -13.14 20.11 -4.53
CA TRP G 185 -12.45 19.32 -3.53
C TRP G 185 -13.15 18.00 -3.27
N ASN G 186 -14.47 17.92 -3.48
CA ASN G 186 -15.14 16.62 -3.40
C ASN G 186 -14.63 15.69 -4.50
N ILE G 187 -14.36 16.25 -5.69
CA ILE G 187 -13.83 15.44 -6.79
C ILE G 187 -12.47 14.87 -6.40
N ALA G 188 -11.58 15.73 -5.89
CA ALA G 188 -10.24 15.26 -5.53
C ALA G 188 -10.33 14.17 -4.47
N GLN G 189 -11.10 14.40 -3.41
CA GLN G 189 -11.22 13.40 -2.36
C GLN G 189 -11.83 12.11 -2.89
N ALA G 190 -12.85 12.21 -3.75
CA ALA G 190 -13.44 10.99 -4.26
C ALA G 190 -12.43 10.19 -5.07
N ASN G 191 -11.72 10.85 -5.97
CA ASN G 191 -10.85 10.07 -6.84
C ASN G 191 -9.57 9.64 -6.15
N GLU G 192 -9.06 10.44 -5.20
CA GLU G 192 -7.93 9.96 -4.43
C GLU G 192 -8.32 8.70 -3.65
N THR G 193 -9.53 8.70 -3.06
CA THR G 193 -9.94 7.54 -2.28
C THR G 193 -10.12 6.30 -3.15
N ALA G 194 -10.69 6.47 -4.34
CA ALA G 194 -10.83 5.34 -5.24
C ALA G 194 -9.47 4.79 -5.67
N ALA G 195 -8.54 5.69 -6.04
CA ALA G 195 -7.26 5.26 -6.56
C ALA G 195 -6.44 4.52 -5.52
N ARG G 196 -6.61 4.87 -4.25
CA ARG G 196 -5.86 4.20 -3.19
C ARG G 196 -6.04 2.70 -3.23
N HIS G 197 -7.17 2.21 -3.76
CA HIS G 197 -7.49 0.80 -3.65
C HIS G 197 -7.88 0.20 -4.99
N GLY G 198 -7.32 0.74 -6.08
CA GLY G 198 -7.48 0.17 -7.40
C GLY G 198 -8.73 0.57 -8.16
N ARG G 199 -9.71 1.19 -7.51
CA ARG G 199 -10.96 1.52 -8.17
C ARG G 199 -10.81 2.67 -9.16
N LEU G 200 -11.50 2.57 -10.30
CA LEU G 200 -11.65 3.69 -11.21
C LEU G 200 -12.54 4.74 -10.57
N GLY G 201 -12.05 5.96 -10.47
CA GLY G 201 -12.81 6.99 -9.79
C GLY G 201 -13.87 7.59 -10.69
N LEU G 202 -14.39 8.75 -10.26
CA LEU G 202 -15.30 9.54 -11.07
C LEU G 202 -14.73 9.74 -12.48
N VAL G 203 -15.59 9.59 -13.51
CA VAL G 203 -15.14 9.79 -14.88
C VAL G 203 -15.62 11.12 -15.45
N SER G 204 -16.56 11.79 -14.80
CA SER G 204 -17.16 13.00 -15.35
C SER G 204 -17.80 13.75 -14.19
N GLU G 205 -17.88 15.07 -14.32
CA GLU G 205 -18.66 15.87 -13.41
C GLU G 205 -19.66 16.68 -14.22
N GLN G 206 -20.92 16.70 -13.76
CA GLN G 206 -22.00 17.39 -14.43
C GLN G 206 -22.27 18.64 -13.60
N CYS G 207 -21.91 19.82 -14.11
CA CYS G 207 -22.07 21.01 -13.30
C CYS G 207 -22.86 22.08 -14.05
N LEU G 208 -23.50 22.95 -13.28
CA LEU G 208 -24.06 24.15 -13.86
C LEU G 208 -22.95 25.05 -14.41
N TYR G 209 -22.98 25.29 -15.72
CA TYR G 209 -21.95 26.09 -16.40
C TYR G 209 -22.56 26.66 -17.68
N ASN G 210 -22.61 27.99 -17.78
CA ASN G 210 -23.07 28.67 -19.00
C ASN G 210 -22.67 30.14 -18.91
N LEU G 211 -23.03 30.91 -19.95
CA LEU G 211 -22.63 32.30 -20.02
C LEU G 211 -23.07 33.09 -18.77
N CYS G 212 -24.25 32.80 -18.25
CA CYS G 212 -24.76 33.52 -17.08
C CYS G 212 -24.14 33.04 -15.77
N GLU G 213 -23.70 31.78 -15.69
CA GLU G 213 -23.20 31.23 -14.43
C GLU G 213 -21.87 30.56 -14.73
N ARG G 214 -20.79 31.25 -14.40
CA ARG G 214 -19.44 30.81 -14.76
C ARG G 214 -18.59 30.46 -13.54
N ARG G 215 -19.18 30.38 -12.34
CA ARG G 215 -18.38 30.18 -11.15
C ARG G 215 -17.87 28.74 -10.99
N ALA G 216 -18.35 27.80 -11.83
CA ALA G 216 -17.69 26.50 -11.96
C ALA G 216 -16.23 26.64 -12.38
N GLU G 217 -15.85 27.79 -12.95
CA GLU G 217 -14.47 28.03 -13.36
C GLU G 217 -13.52 28.23 -12.17
N MET G 218 -14.04 28.60 -10.99
CA MET G 218 -13.17 28.85 -9.84
C MET G 218 -12.42 27.58 -9.43
N GLU G 219 -13.17 26.49 -9.23
CA GLU G 219 -12.58 25.28 -8.64
C GLU G 219 -13.15 23.99 -9.20
N VAL G 220 -14.46 23.93 -9.55
CA VAL G 220 -15.04 22.67 -10.01
C VAL G 220 -14.33 22.19 -11.26
N VAL G 221 -14.31 23.03 -12.29
CA VAL G 221 -13.73 22.62 -13.58
C VAL G 221 -12.22 22.43 -13.49
N PRO G 222 -11.45 23.34 -12.85
CA PRO G 222 -10.02 23.05 -12.67
C PRO G 222 -9.75 21.74 -11.94
N ALA G 223 -10.51 21.40 -10.89
CA ALA G 223 -10.30 20.10 -10.25
C ALA G 223 -10.64 18.95 -11.18
N ALA G 224 -11.73 19.06 -11.95
CA ALA G 224 -12.09 18.02 -12.91
C ALA G 224 -10.98 17.80 -13.93
N ARG G 225 -10.39 18.89 -14.43
CA ARG G 225 -9.34 18.77 -15.42
C ARG G 225 -8.10 18.11 -14.82
N GLU G 226 -7.72 18.50 -13.59
CA GLU G 226 -6.59 17.86 -12.92
C GLU G 226 -6.80 16.35 -12.79
N TYR G 227 -8.00 15.94 -12.36
CA TYR G 227 -8.26 14.52 -12.18
C TYR G 227 -8.72 13.82 -13.46
N GLY G 228 -8.72 14.52 -14.59
CA GLY G 228 -9.04 13.85 -15.84
C GLY G 228 -10.51 13.45 -15.95
N LEU G 229 -11.39 14.26 -15.39
CA LEU G 229 -12.83 14.05 -15.49
C LEU G 229 -13.38 14.75 -16.71
N GLY G 230 -14.38 14.13 -17.34
CA GLY G 230 -15.20 14.86 -18.26
C GLY G 230 -16.01 15.94 -17.54
N VAL G 231 -16.37 16.95 -18.31
CA VAL G 231 -17.19 18.05 -17.83
C VAL G 231 -18.33 18.23 -18.81
N ILE G 232 -19.54 17.98 -18.34
CA ILE G 232 -20.73 18.16 -19.15
C ILE G 232 -21.61 19.16 -18.40
N ALA G 233 -22.03 20.21 -19.08
CA ALA G 233 -22.67 21.33 -18.41
C ALA G 233 -24.18 21.16 -18.47
N TRP G 234 -24.85 21.24 -17.33
CA TRP G 234 -26.29 21.20 -17.36
C TRP G 234 -26.88 22.61 -17.41
N SER G 235 -28.17 22.69 -17.78
CA SER G 235 -28.85 23.91 -18.20
C SER G 235 -27.87 24.81 -18.95
N PRO G 236 -27.37 24.40 -20.12
CA PRO G 236 -26.39 25.21 -20.83
C PRO G 236 -26.96 26.48 -21.42
N LEU G 237 -28.28 26.62 -21.46
CA LEU G 237 -28.89 27.90 -21.77
C LEU G 237 -29.49 28.56 -20.54
N HIS G 238 -29.04 28.14 -19.36
CA HIS G 238 -29.55 28.70 -18.12
C HIS G 238 -31.07 28.62 -18.07
N GLY G 239 -31.59 27.45 -18.46
CA GLY G 239 -33.02 27.22 -18.37
C GLY G 239 -33.82 27.98 -19.41
N GLY G 240 -33.26 28.18 -20.60
CA GLY G 240 -33.92 28.94 -21.64
C GLY G 240 -33.61 30.42 -21.65
N LEU G 241 -33.06 30.95 -20.56
CA LEU G 241 -32.73 32.38 -20.51
C LEU G 241 -31.90 32.83 -21.71
N LEU G 242 -31.00 31.98 -22.19
CA LEU G 242 -30.11 32.32 -23.30
C LEU G 242 -30.64 31.85 -24.65
N GLY G 243 -31.91 31.46 -24.72
CA GLY G 243 -32.44 30.91 -25.97
C GLY G 243 -33.29 31.89 -26.77
N GLY G 244 -33.17 33.18 -26.48
CA GLY G 244 -34.06 34.17 -27.04
C GLY G 244 -35.21 34.59 -26.12
N ALA G 245 -35.04 34.47 -24.80
CA ALA G 245 -36.16 34.59 -23.88
C ALA G 245 -36.82 35.98 -23.91
N ILE G 246 -36.09 37.04 -24.22
CA ILE G 246 -36.75 38.35 -24.29
C ILE G 246 -37.57 38.49 -25.58
N ARG G 247 -36.94 38.24 -26.74
CA ARG G 247 -37.65 38.20 -28.01
C ARG G 247 -38.91 37.37 -27.89
N LYS G 248 -38.90 36.36 -27.04
CA LYS G 248 -40.04 35.47 -26.89
C LYS G 248 -40.82 35.70 -25.59
N GLU G 249 -40.52 36.76 -24.83
CA GLU G 249 -41.12 36.92 -23.49
C GLU G 249 -42.64 37.07 -23.54
N GLN G 250 -43.19 37.64 -24.60
CA GLN G 250 -44.63 37.87 -24.66
C GLN G 250 -45.40 36.67 -25.18
N GLU G 251 -44.76 35.75 -25.90
CA GLU G 251 -45.49 34.63 -26.48
C GLU G 251 -45.77 33.57 -25.42
N GLY G 252 -46.94 32.94 -25.53
CA GLY G 252 -47.37 31.95 -24.57
C GLY G 252 -46.76 30.59 -24.83
N GLY G 253 -47.53 29.56 -24.52
CA GLY G 253 -47.04 28.22 -24.68
C GLY G 253 -46.36 27.70 -23.42
N ASN G 254 -45.81 26.50 -23.58
CA ASN G 254 -45.28 25.66 -22.50
C ASN G 254 -43.77 25.88 -22.31
N ARG G 255 -43.34 27.13 -22.28
CA ARG G 255 -41.92 27.44 -22.41
C ARG G 255 -41.17 27.35 -21.08
N ARG G 256 -40.06 26.61 -21.08
CA ARG G 256 -39.20 26.59 -19.90
C ARG G 256 -38.76 28.00 -19.52
N ALA G 257 -38.50 28.86 -20.52
CA ALA G 257 -38.03 30.23 -20.25
C ALA G 257 -39.09 31.12 -19.60
N ALA G 258 -40.36 30.71 -19.57
CA ALA G 258 -41.38 31.50 -18.89
C ALA G 258 -41.46 31.20 -17.39
N SER G 259 -40.60 30.33 -16.87
CA SER G 259 -40.72 29.82 -15.52
C SER G 259 -39.31 29.64 -14.94
N GLY G 260 -39.24 29.14 -13.70
CA GLY G 260 -37.97 28.74 -13.11
C GLY G 260 -36.93 29.86 -13.09
N ARG G 261 -35.66 29.47 -13.28
CA ARG G 261 -34.57 30.43 -13.10
C ARG G 261 -34.55 31.47 -14.22
N ALA G 262 -35.05 31.14 -15.41
CA ALA G 262 -35.09 32.13 -16.49
C ALA G 262 -36.01 33.28 -16.14
N ALA G 263 -37.19 32.98 -15.60
CA ALA G 263 -38.13 34.03 -15.27
C ALA G 263 -37.62 34.89 -14.11
N ASP G 264 -36.98 34.27 -13.11
CA ASP G 264 -36.45 35.03 -11.99
C ASP G 264 -35.36 36.00 -12.46
N ALA G 265 -34.54 35.59 -13.41
CA ALA G 265 -33.45 36.44 -13.86
C ALA G 265 -33.99 37.64 -14.66
N LEU G 266 -35.03 37.41 -15.46
CA LEU G 266 -35.63 38.51 -16.22
C LEU G 266 -36.28 39.54 -15.32
N LYS G 267 -36.68 39.16 -14.10
CA LYS G 267 -37.24 40.13 -13.17
C LYS G 267 -36.15 40.91 -12.44
N ASP G 268 -34.86 40.51 -12.57
CA ASP G 268 -33.78 41.33 -12.06
C ASP G 268 -33.27 42.26 -13.15
N PRO G 269 -33.23 43.57 -12.90
CA PRO G 269 -32.83 44.49 -13.98
C PRO G 269 -31.43 44.24 -14.51
N GLN G 270 -30.48 43.93 -13.63
CA GLN G 270 -29.10 43.78 -14.09
C GLN G 270 -28.96 42.53 -14.97
N GLN G 271 -29.71 41.47 -14.66
CA GLN G 271 -29.61 40.28 -15.49
C GLN G 271 -30.41 40.40 -16.78
N ARG G 272 -31.56 41.09 -16.75
CA ARG G 272 -32.28 41.37 -17.99
C ARG G 272 -31.41 42.17 -18.96
N GLU G 273 -30.78 43.24 -18.47
CA GLU G 273 -29.96 44.07 -19.35
C GLU G 273 -28.88 43.24 -20.03
N GLN G 274 -28.24 42.33 -19.27
CA GLN G 274 -27.27 41.40 -19.83
C GLN G 274 -27.87 40.58 -20.98
N ILE G 275 -29.07 40.04 -20.77
CA ILE G 275 -29.69 39.25 -21.84
C ILE G 275 -30.06 40.15 -23.02
N GLN G 276 -30.52 41.37 -22.74
CA GLN G 276 -30.82 42.31 -23.82
C GLN G 276 -29.58 42.57 -24.66
N ARG G 277 -28.46 42.89 -24.02
CA ARG G 277 -27.24 43.15 -24.79
C ARG G 277 -26.84 41.92 -25.59
N TYR G 278 -27.02 40.74 -24.99
CA TYR G 278 -26.70 39.49 -25.68
C TYR G 278 -27.57 39.29 -26.91
N GLU G 279 -28.89 39.39 -26.73
CA GLU G 279 -29.78 39.17 -27.88
C GLU G 279 -29.54 40.23 -28.96
N ASP G 280 -29.30 41.47 -28.56
CA ASP G 280 -29.01 42.53 -29.53
C ASP G 280 -27.71 42.24 -30.26
N LEU G 281 -26.66 41.88 -29.51
CA LEU G 281 -25.37 41.59 -30.13
C LEU G 281 -25.51 40.51 -31.20
N LEU G 282 -26.33 39.50 -30.92
CA LEU G 282 -26.49 38.41 -31.87
C LEU G 282 -27.38 38.80 -33.03
N ASP G 283 -28.31 39.75 -32.82
CA ASP G 283 -29.07 40.30 -33.93
C ASP G 283 -28.14 40.96 -34.96
N LYS G 284 -27.12 41.69 -34.50
CA LYS G 284 -26.19 42.37 -35.41
C LYS G 284 -25.34 41.36 -36.18
N HIS G 285 -24.95 40.27 -35.54
CA HIS G 285 -24.12 39.27 -36.20
C HIS G 285 -24.94 38.21 -36.92
N GLY G 286 -26.27 38.29 -36.84
CA GLY G 286 -27.14 37.33 -37.50
C GLY G 286 -26.98 35.91 -36.95
N LEU G 287 -27.00 35.79 -35.63
CA LEU G 287 -26.77 34.51 -34.97
C LEU G 287 -27.96 34.16 -34.11
N GLU G 288 -28.14 32.87 -33.86
CA GLU G 288 -29.24 32.47 -32.98
C GLU G 288 -28.74 32.34 -31.54
N PRO G 289 -29.47 32.87 -30.57
CA PRO G 289 -28.96 32.88 -29.17
C PRO G 289 -28.79 31.50 -28.54
N GLY G 290 -29.73 30.58 -28.75
CA GLY G 290 -29.56 29.24 -28.22
C GLY G 290 -28.30 28.57 -28.75
N GLU G 291 -28.04 28.72 -30.05
CA GLU G 291 -26.89 28.07 -30.65
C GLU G 291 -25.59 28.69 -30.20
N VAL G 292 -25.55 30.02 -30.06
CA VAL G 292 -24.34 30.70 -29.63
C VAL G 292 -23.93 30.23 -28.23
N ALA G 293 -24.88 30.11 -27.30
CA ALA G 293 -24.54 29.67 -25.95
C ALA G 293 -24.01 28.24 -25.95
N LEU G 294 -24.64 27.36 -26.73
CA LEU G 294 -24.12 26.01 -26.86
C LEU G 294 -22.73 26.01 -27.46
N ALA G 295 -22.54 26.74 -28.57
CA ALA G 295 -21.24 26.83 -29.20
C ALA G 295 -20.21 27.43 -28.25
N TRP G 296 -20.63 28.36 -27.39
CA TRP G 296 -19.70 28.98 -26.45
C TRP G 296 -19.13 27.94 -25.48
N LEU G 297 -20.01 27.15 -24.85
CA LEU G 297 -19.54 26.11 -23.96
C LEU G 297 -18.56 25.17 -24.65
N LEU G 298 -18.74 24.93 -25.95
CA LEU G 298 -17.84 24.05 -26.69
C LEU G 298 -16.43 24.63 -26.87
N THR G 299 -16.24 25.92 -26.64
CA THR G 299 -14.91 26.50 -26.68
C THR G 299 -14.20 26.46 -25.34
N ARG G 300 -14.91 26.14 -24.25
CA ARG G 300 -14.32 26.30 -22.93
C ARG G 300 -13.39 25.14 -22.61
N PRO G 301 -12.18 25.40 -22.13
CA PRO G 301 -11.24 24.31 -21.92
C PRO G 301 -11.69 23.38 -20.80
N GLY G 302 -11.53 22.08 -21.03
CA GLY G 302 -12.01 21.05 -20.12
C GLY G 302 -13.43 20.58 -20.37
N VAL G 303 -14.21 21.29 -21.16
CA VAL G 303 -15.64 21.01 -21.27
C VAL G 303 -15.85 19.93 -22.31
N THR G 304 -16.37 18.77 -21.88
CA THR G 304 -16.76 17.75 -22.84
C THR G 304 -17.82 18.30 -23.78
N GLY G 305 -18.93 18.75 -23.23
CA GLY G 305 -19.97 19.36 -24.00
C GLY G 305 -21.10 19.82 -23.14
N PRO G 306 -22.03 20.55 -23.74
CA PRO G 306 -23.28 20.88 -23.04
C PRO G 306 -24.24 19.70 -23.06
N ILE G 307 -25.11 19.65 -22.06
CA ILE G 307 -26.21 18.71 -22.04
C ILE G 307 -27.43 19.47 -22.57
N VAL G 308 -27.67 19.34 -23.88
CA VAL G 308 -28.75 20.11 -24.50
C VAL G 308 -30.10 19.74 -23.87
N GLY G 309 -30.97 20.72 -23.76
CA GLY G 309 -32.29 20.46 -23.26
C GLY G 309 -33.38 20.85 -24.24
N PRO G 310 -33.45 20.16 -25.38
CA PRO G 310 -34.53 20.46 -26.34
C PRO G 310 -35.91 20.19 -25.75
N ARG G 311 -36.84 21.12 -26.00
CA ARG G 311 -38.25 20.84 -25.78
C ARG G 311 -38.92 20.29 -27.04
N THR G 312 -38.33 20.50 -28.20
CA THR G 312 -38.88 20.03 -29.47
C THR G 312 -37.78 19.45 -30.34
N ALA G 313 -38.20 18.75 -31.39
CA ALA G 313 -37.26 18.19 -32.36
C ALA G 313 -36.49 19.26 -33.10
N ASP G 314 -37.09 20.44 -33.29
CA ASP G 314 -36.38 21.49 -34.01
C ASP G 314 -35.35 22.17 -33.12
N GLN G 315 -35.64 22.27 -31.82
CA GLN G 315 -34.62 22.73 -30.88
C GLN G 315 -33.44 21.77 -30.83
N LEU G 316 -33.66 20.49 -31.10
CA LEU G 316 -32.55 19.56 -31.22
C LEU G 316 -31.75 19.85 -32.49
N ALA G 317 -32.44 20.03 -33.61
CA ALA G 317 -31.73 20.35 -34.86
C ALA G 317 -30.92 21.63 -34.70
N SER G 318 -31.46 22.58 -33.93
CA SER G 318 -30.76 23.82 -33.63
C SER G 318 -29.48 23.55 -32.83
N ALA G 319 -29.57 22.72 -31.79
CA ALA G 319 -28.38 22.29 -31.05
C ALA G 319 -27.36 21.60 -31.96
N VAL G 320 -27.83 20.82 -32.94
CA VAL G 320 -26.91 20.15 -33.85
C VAL G 320 -26.17 21.18 -34.72
N ARG G 321 -26.87 22.23 -35.15
CA ARG G 321 -26.19 23.28 -35.91
C ARG G 321 -25.18 24.02 -35.04
N ALA G 322 -25.53 24.20 -33.76
CA ALA G 322 -24.64 24.89 -32.83
C ALA G 322 -23.30 24.20 -32.71
N ALA G 323 -23.29 22.87 -32.78
CA ALA G 323 -22.05 22.12 -32.68
C ALA G 323 -21.17 22.28 -33.90
N GLU G 324 -21.70 22.87 -34.98
CA GLU G 324 -20.94 23.13 -36.19
C GLU G 324 -20.62 24.61 -36.36
N LEU G 325 -21.24 25.47 -35.56
CA LEU G 325 -20.94 26.90 -35.56
C LEU G 325 -19.49 27.13 -35.21
N THR G 326 -18.91 28.22 -35.73
CA THR G 326 -17.57 28.66 -35.35
C THR G 326 -17.67 30.11 -34.91
N LEU G 327 -17.54 30.35 -33.61
CA LEU G 327 -17.59 31.71 -33.09
C LEU G 327 -16.28 32.43 -33.36
N THR G 328 -16.37 33.71 -33.72
CA THR G 328 -15.19 34.53 -34.00
C THR G 328 -14.66 35.19 -32.74
N ASP G 329 -13.39 35.60 -32.79
CA ASP G 329 -12.80 36.23 -31.63
C ASP G 329 -13.55 37.50 -31.24
N GLU G 330 -14.10 38.23 -32.21
CA GLU G 330 -14.88 39.41 -31.90
C GLU G 330 -16.10 39.05 -31.05
N VAL G 331 -16.83 38.00 -31.46
CA VAL G 331 -18.00 37.56 -30.71
C VAL G 331 -17.58 37.04 -29.33
N LEU G 332 -16.51 36.25 -29.27
CA LEU G 332 -16.04 35.73 -27.99
C LEU G 332 -15.70 36.87 -27.04
N THR G 333 -14.96 37.87 -27.53
CA THR G 333 -14.62 39.02 -26.71
C THR G 333 -15.87 39.78 -26.28
N ALA G 334 -16.83 39.93 -27.19
CA ALA G 334 -18.06 40.63 -26.81
C ALA G 334 -18.84 39.85 -25.76
N LEU G 335 -18.89 38.52 -25.89
CA LEU G 335 -19.56 37.69 -24.88
C LEU G 335 -18.88 37.81 -23.54
N ASP G 336 -17.55 37.79 -23.53
CA ASP G 336 -16.79 37.96 -22.29
C ASP G 336 -17.07 39.31 -21.64
N GLU G 337 -17.32 40.34 -22.44
CA GLU G 337 -17.62 41.68 -21.94
C GLU G 337 -18.97 41.72 -21.22
N ILE G 338 -19.97 41.02 -21.76
CA ILE G 338 -21.29 40.99 -21.15
C ILE G 338 -21.32 39.99 -19.98
N PHE G 339 -20.68 38.84 -20.15
CA PHE G 339 -20.76 37.72 -19.21
C PHE G 339 -19.37 37.43 -18.67
N PRO G 340 -18.78 38.33 -17.88
CA PRO G 340 -17.44 38.06 -17.36
C PRO G 340 -17.44 36.84 -16.44
N GLY G 341 -16.38 36.04 -16.56
CA GLY G 341 -16.15 34.92 -15.66
C GLY G 341 -15.12 35.25 -14.58
N PRO G 342 -15.10 34.45 -13.51
CA PRO G 342 -14.18 34.75 -12.40
C PRO G 342 -12.75 34.23 -12.60
N GLY G 343 -12.55 33.20 -13.40
CA GLY G 343 -11.26 32.56 -13.49
C GLY G 343 -11.04 31.62 -12.31
N PRO G 344 -9.88 30.99 -12.24
CA PRO G 344 -9.63 30.03 -11.16
C PRO G 344 -9.32 30.68 -9.81
N SER G 345 -9.72 29.97 -8.74
CA SER G 345 -9.22 30.26 -7.40
C SER G 345 -7.80 29.73 -7.29
N PRO G 346 -6.93 30.38 -6.49
CA PRO G 346 -7.20 31.55 -5.64
C PRO G 346 -7.18 32.90 -6.36
N GLU G 347 -6.76 32.95 -7.62
CA GLU G 347 -6.64 34.24 -8.28
C GLU G 347 -7.99 34.98 -8.35
N ALA G 348 -9.09 34.23 -8.44
CA ALA G 348 -10.38 34.90 -8.63
C ALA G 348 -10.73 35.80 -7.45
N PHE G 349 -10.20 35.51 -6.26
CA PHE G 349 -10.50 36.36 -5.11
C PHE G 349 -9.29 36.86 -4.34
N ALA G 350 -8.09 36.30 -4.55
CA ALA G 350 -6.91 36.66 -3.78
C ALA G 350 -5.89 37.25 -4.73
N TRP G 351 -4.85 36.50 -5.13
CA TRP G 351 -3.88 36.98 -6.14
C TRP G 351 -3.17 35.84 -6.91
N MET H 21 5.37 -33.76 -29.08
CA MET H 21 5.22 -32.29 -29.02
C MET H 21 5.99 -31.66 -27.85
N GLU H 22 6.67 -30.54 -28.09
CA GLU H 22 7.38 -29.84 -27.04
C GLU H 22 6.45 -28.85 -26.34
N TYR H 23 6.53 -28.80 -25.02
CA TYR H 23 5.70 -27.97 -24.16
C TYR H 23 6.57 -26.97 -23.40
N THR H 24 5.96 -25.85 -22.99
CA THR H 24 6.68 -24.89 -22.17
C THR H 24 5.66 -24.13 -21.31
N GLN H 25 6.16 -23.49 -20.26
CA GLN H 25 5.30 -22.59 -19.51
C GLN H 25 5.08 -21.31 -20.34
N LEU H 26 3.88 -20.75 -20.23
CA LEU H 26 3.57 -19.48 -20.88
C LEU H 26 4.18 -18.39 -20.02
N GLY H 27 5.36 -17.93 -20.41
CA GLY H 27 6.14 -17.02 -19.59
C GLY H 27 6.24 -17.49 -18.15
N ARG H 28 5.89 -16.59 -17.22
CA ARG H 28 6.03 -16.85 -15.80
C ARG H 28 4.85 -17.64 -15.20
N ILE H 29 3.75 -17.85 -15.91
CA ILE H 29 2.59 -18.38 -15.20
C ILE H 29 2.49 -19.91 -15.22
N GLY H 30 1.50 -20.45 -14.50
CA GLY H 30 1.40 -21.89 -14.32
C GLY H 30 0.89 -22.65 -15.54
N LEU H 31 0.33 -21.93 -16.51
CA LEU H 31 -0.22 -22.54 -17.71
C LEU H 31 0.88 -23.16 -18.57
N LYS H 32 0.68 -24.40 -19.00
CA LYS H 32 1.63 -25.10 -19.87
C LYS H 32 1.05 -25.17 -21.27
N VAL H 33 1.83 -24.76 -22.28
CA VAL H 33 1.33 -24.73 -23.65
C VAL H 33 2.27 -25.45 -24.58
N SER H 34 1.71 -25.98 -25.66
CA SER H 34 2.54 -26.48 -26.74
C SER H 34 3.31 -25.31 -27.37
N ARG H 35 4.53 -25.59 -27.81
CA ARG H 35 5.36 -24.57 -28.45
C ARG H 35 4.86 -24.20 -29.84
N LEU H 36 3.87 -24.92 -30.37
CA LEU H 36 3.10 -24.49 -31.53
C LEU H 36 1.72 -24.06 -31.06
N VAL H 37 1.29 -22.87 -31.46
CA VAL H 37 -0.05 -22.37 -31.21
C VAL H 37 -0.82 -22.46 -32.52
N LEU H 38 -2.02 -23.04 -32.48
CA LEU H 38 -2.84 -23.16 -33.68
C LEU H 38 -3.52 -21.83 -33.94
N GLY H 39 -3.14 -21.17 -35.03
CA GLY H 39 -3.89 -20.03 -35.48
C GLY H 39 -5.10 -20.48 -36.27
N THR H 40 -6.18 -19.70 -36.19
CA THR H 40 -7.44 -20.07 -36.81
C THR H 40 -7.93 -19.00 -37.77
N MET H 41 -7.09 -18.03 -38.09
CA MET H 41 -7.55 -16.91 -38.91
C MET H 41 -8.03 -17.38 -40.29
N ASN H 42 -7.41 -18.44 -40.82
CA ASN H 42 -7.80 -18.98 -42.14
C ASN H 42 -9.17 -19.65 -42.10
N PHE H 43 -9.61 -20.10 -40.93
CA PHE H 43 -10.81 -20.93 -40.80
C PHE H 43 -12.03 -20.08 -41.10
N GLY H 44 -12.50 -20.12 -42.34
CA GLY H 44 -13.67 -19.35 -42.72
C GLY H 44 -13.46 -18.70 -44.07
N PRO H 45 -12.62 -17.68 -44.12
CA PRO H 45 -12.38 -17.00 -45.40
C PRO H 45 -11.47 -17.75 -46.35
N THR H 46 -10.67 -18.66 -45.84
CA THR H 46 -9.70 -19.37 -46.66
C THR H 46 -9.90 -20.87 -46.61
N THR H 47 -10.20 -21.40 -45.44
CA THR H 47 -10.39 -22.81 -45.20
C THR H 47 -11.82 -23.01 -44.73
N ASP H 48 -12.52 -23.99 -45.32
CA ASP H 48 -13.92 -24.16 -44.97
C ASP H 48 -14.08 -24.88 -43.63
N GLU H 49 -15.31 -24.87 -43.12
CA GLU H 49 -15.60 -25.43 -41.82
C GLU H 49 -15.10 -26.86 -41.68
N ALA H 50 -15.25 -27.67 -42.74
CA ALA H 50 -14.93 -29.08 -42.60
C ALA H 50 -13.43 -29.31 -42.54
N GLU H 51 -12.67 -28.63 -43.38
CA GLU H 51 -11.22 -28.76 -43.27
C GLU H 51 -10.70 -28.09 -42.00
N SER H 52 -11.32 -26.98 -41.59
CA SER H 52 -10.96 -26.31 -40.34
C SER H 52 -11.08 -27.25 -39.16
N HIS H 53 -12.19 -27.99 -39.10
CA HIS H 53 -12.43 -28.91 -38.00
C HIS H 53 -11.43 -30.06 -38.00
N ALA H 54 -10.98 -30.50 -39.19
CA ALA H 54 -10.05 -31.62 -39.24
C ALA H 54 -8.63 -31.17 -38.89
N ILE H 55 -8.28 -29.93 -39.26
CA ILE H 55 -7.01 -29.36 -38.81
C ILE H 55 -6.95 -29.35 -37.28
N MET H 56 -8.03 -28.85 -36.64
CA MET H 56 -8.04 -28.78 -35.17
C MET H 56 -7.95 -30.17 -34.55
N ASP H 57 -8.69 -31.14 -35.10
CA ASP H 57 -8.60 -32.52 -34.63
C ASP H 57 -7.16 -33.04 -34.77
N ALA H 58 -6.53 -32.77 -35.92
CA ALA H 58 -5.15 -33.22 -36.09
C ALA H 58 -4.23 -32.48 -35.14
N ALA H 59 -4.50 -31.19 -34.92
CA ALA H 59 -3.72 -30.41 -33.97
C ALA H 59 -3.79 -31.02 -32.57
N LEU H 60 -4.99 -31.39 -32.13
CA LEU H 60 -5.14 -32.02 -30.83
C LEU H 60 -4.39 -33.36 -30.78
N ASP H 61 -4.54 -34.18 -31.83
CA ASP H 61 -3.86 -35.47 -31.81
C ASP H 61 -2.34 -35.31 -31.84
N ALA H 62 -1.85 -34.21 -32.39
CA ALA H 62 -0.42 -33.90 -32.36
C ALA H 62 0.03 -33.36 -31.01
N GLY H 63 -0.90 -33.05 -30.10
CA GLY H 63 -0.53 -32.52 -28.81
C GLY H 63 -0.62 -31.01 -28.67
N ILE H 64 -1.07 -30.30 -29.69
CA ILE H 64 -1.25 -28.86 -29.61
C ILE H 64 -2.48 -28.58 -28.78
N ASN H 65 -2.29 -27.83 -27.68
CA ASN H 65 -3.37 -27.58 -26.73
C ASN H 65 -3.75 -26.10 -26.65
N PHE H 66 -3.28 -25.28 -27.58
CA PHE H 66 -3.32 -23.83 -27.46
C PHE H 66 -3.86 -23.27 -28.78
N PHE H 67 -5.05 -22.70 -28.76
CA PHE H 67 -5.71 -22.20 -29.96
C PHE H 67 -5.87 -20.69 -29.86
N ASP H 68 -5.50 -19.98 -30.92
CA ASP H 68 -5.68 -18.53 -31.02
C ASP H 68 -6.73 -18.18 -32.07
N THR H 69 -7.71 -17.37 -31.69
CA THR H 69 -8.69 -16.89 -32.64
C THR H 69 -8.97 -15.42 -32.30
N ALA H 70 -9.97 -14.84 -32.94
CA ALA H 70 -10.37 -13.47 -32.64
C ALA H 70 -11.85 -13.34 -32.98
N ASN H 71 -12.49 -12.34 -32.37
CA ASN H 71 -13.88 -12.09 -32.74
C ASN H 71 -14.02 -11.65 -34.20
N VAL H 72 -13.03 -10.94 -34.74
CA VAL H 72 -13.13 -10.40 -36.10
C VAL H 72 -12.78 -11.39 -37.20
N TYR H 73 -12.20 -12.53 -36.86
CA TYR H 73 -11.81 -13.50 -37.89
C TYR H 73 -13.05 -14.08 -38.58
N GLY H 74 -12.92 -14.31 -39.90
CA GLY H 74 -14.04 -14.48 -40.80
C GLY H 74 -14.14 -13.39 -41.86
N TRP H 75 -13.75 -12.17 -41.50
CA TRP H 75 -13.56 -11.02 -42.39
C TRP H 75 -14.84 -10.51 -43.06
N GLY H 76 -14.92 -9.19 -43.24
CA GLY H 76 -16.03 -8.62 -44.00
C GLY H 76 -17.36 -8.88 -43.31
N GLU H 77 -18.37 -9.23 -44.11
CA GLU H 77 -19.71 -9.50 -43.61
C GLU H 77 -19.78 -10.72 -42.71
N ASN H 78 -18.69 -11.51 -42.62
CA ASN H 78 -18.68 -12.75 -41.85
C ASN H 78 -17.78 -12.67 -40.62
N LYS H 79 -17.46 -11.48 -40.13
CA LYS H 79 -16.74 -11.39 -38.87
C LYS H 79 -17.49 -12.13 -37.79
N GLY H 80 -16.78 -12.98 -37.05
CA GLY H 80 -17.38 -13.88 -36.09
C GLY H 80 -17.46 -15.30 -36.58
N ARG H 81 -17.30 -15.51 -37.89
CA ARG H 81 -17.50 -16.83 -38.45
C ARG H 81 -16.47 -17.81 -37.87
N THR H 82 -15.23 -17.35 -37.67
CA THR H 82 -14.21 -18.24 -37.13
C THR H 82 -14.56 -18.72 -35.73
N GLU H 83 -15.04 -17.82 -34.87
CA GLU H 83 -15.37 -18.25 -33.52
C GLU H 83 -16.48 -19.29 -33.55
N GLU H 84 -17.38 -19.16 -34.51
CA GLU H 84 -18.49 -20.12 -34.61
C GLU H 84 -18.00 -21.48 -35.09
N ILE H 85 -17.00 -21.49 -35.97
CA ILE H 85 -16.43 -22.75 -36.42
C ILE H 85 -15.78 -23.47 -35.25
N LEU H 86 -15.07 -22.73 -34.40
CA LEU H 86 -14.53 -23.33 -33.18
C LEU H 86 -15.66 -23.80 -32.28
N GLY H 87 -16.79 -23.08 -32.25
CA GLY H 87 -17.89 -23.47 -31.38
C GLY H 87 -18.51 -24.79 -31.79
N SER H 88 -18.76 -24.97 -33.09
CA SER H 88 -19.31 -26.23 -33.57
C SER H 88 -18.28 -27.35 -33.46
N TRP H 89 -16.99 -27.03 -33.48
CA TRP H 89 -15.98 -28.03 -33.16
C TRP H 89 -16.13 -28.49 -31.71
N PHE H 90 -16.25 -27.54 -30.78
CA PHE H 90 -16.34 -27.88 -29.37
C PHE H 90 -17.60 -28.69 -29.10
N ALA H 91 -18.71 -28.30 -29.73
CA ALA H 91 -19.98 -28.97 -29.52
C ALA H 91 -19.96 -30.44 -29.94
N GLN H 92 -18.92 -30.90 -30.64
CA GLN H 92 -18.82 -32.32 -30.93
C GLN H 92 -18.50 -33.15 -29.69
N GLY H 93 -18.18 -32.52 -28.55
CA GLY H 93 -17.81 -33.28 -27.36
C GLY H 93 -16.39 -33.81 -27.47
N GLY H 94 -16.16 -35.00 -26.90
CA GLY H 94 -14.87 -35.64 -26.98
C GLY H 94 -13.76 -34.99 -26.18
N ASP H 95 -14.11 -34.23 -25.13
CA ASP H 95 -13.15 -33.51 -24.27
C ASP H 95 -12.41 -32.40 -25.00
N ARG H 96 -12.97 -31.90 -26.11
CA ARG H 96 -12.25 -30.88 -26.88
C ARG H 96 -12.10 -29.59 -26.08
N ARG H 97 -13.19 -29.06 -25.54
CA ARG H 97 -13.12 -27.81 -24.79
C ARG H 97 -12.20 -27.95 -23.59
N ASP H 98 -12.38 -29.02 -22.82
CA ASP H 98 -11.56 -29.24 -21.64
C ASP H 98 -10.08 -29.32 -21.97
N LYS H 99 -9.72 -29.79 -23.17
CA LYS H 99 -8.33 -30.03 -23.51
C LYS H 99 -7.64 -28.80 -24.12
N VAL H 100 -8.39 -27.82 -24.61
CA VAL H 100 -7.83 -26.72 -25.38
C VAL H 100 -7.73 -25.49 -24.50
N VAL H 101 -6.56 -24.86 -24.50
CA VAL H 101 -6.43 -23.50 -23.99
C VAL H 101 -6.96 -22.57 -25.08
N LEU H 102 -8.10 -21.95 -24.83
CA LEU H 102 -8.81 -21.19 -25.83
C LEU H 102 -8.53 -19.69 -25.67
N ALA H 103 -8.05 -19.05 -26.73
CA ALA H 103 -7.71 -17.64 -26.71
C ALA H 103 -8.48 -16.90 -27.80
N THR H 104 -9.14 -15.81 -27.42
CA THR H 104 -9.69 -14.93 -28.45
C THR H 104 -9.31 -13.49 -28.13
N LYS H 105 -9.92 -12.53 -28.81
CA LYS H 105 -9.44 -11.15 -28.76
C LYS H 105 -10.62 -10.19 -28.68
N VAL H 106 -10.33 -8.99 -28.16
CA VAL H 106 -11.24 -7.85 -28.15
C VAL H 106 -10.43 -6.63 -28.57
N TYR H 107 -11.08 -5.71 -29.31
CA TYR H 107 -10.58 -4.43 -29.80
C TYR H 107 -11.22 -4.14 -31.15
N GLY H 108 -11.27 -5.15 -32.03
CA GLY H 108 -11.68 -4.92 -33.41
C GLY H 108 -13.14 -4.49 -33.55
N ASN H 109 -13.43 -3.78 -34.63
CA ASN H 109 -14.81 -3.47 -34.99
C ASN H 109 -15.52 -4.71 -35.51
N MET H 110 -16.71 -4.99 -34.98
CA MET H 110 -17.51 -6.15 -35.36
C MET H 110 -18.68 -5.80 -36.28
N GLY H 111 -18.85 -4.54 -36.65
CA GLY H 111 -19.91 -4.12 -37.56
C GLY H 111 -19.43 -4.04 -39.00
N LEU H 112 -20.22 -3.33 -39.81
CA LEU H 112 -19.85 -3.02 -41.19
C LEU H 112 -18.42 -2.46 -41.26
N ASP H 113 -17.58 -3.09 -42.09
CA ASP H 113 -16.22 -2.60 -42.27
C ASP H 113 -16.24 -1.16 -42.77
N GLY H 114 -15.51 -0.30 -42.08
CA GLY H 114 -15.70 1.13 -42.18
C GLY H 114 -15.65 1.72 -40.79
N PRO H 115 -15.86 3.02 -40.65
CA PRO H 115 -15.68 3.68 -39.33
C PRO H 115 -16.70 3.18 -38.32
N ALA H 116 -16.22 2.82 -37.12
CA ALA H 116 -17.06 2.14 -36.15
C ALA H 116 -17.92 3.12 -35.36
N TRP H 117 -19.11 2.66 -35.00
CA TRP H 117 -19.92 3.40 -34.06
C TRP H 117 -19.14 3.52 -32.75
N PRO H 118 -19.19 4.68 -32.10
CA PRO H 118 -18.32 4.89 -30.93
C PRO H 118 -18.50 3.83 -29.86
N ASN H 119 -17.39 3.34 -29.32
CA ASN H 119 -17.37 2.37 -28.23
C ASN H 119 -17.83 0.99 -28.68
N HIS H 120 -17.92 0.76 -29.99
CA HIS H 120 -18.08 -0.58 -30.55
C HIS H 120 -16.77 -1.14 -31.07
N ASP H 121 -15.69 -0.37 -30.97
CA ASP H 121 -14.32 -0.83 -31.12
C ASP H 121 -13.52 -0.31 -29.93
N LYS H 122 -12.24 -0.71 -29.86
CA LYS H 122 -11.26 -0.30 -28.85
C LYS H 122 -11.51 -0.95 -27.49
N LEU H 123 -10.97 -0.35 -26.42
CA LEU H 123 -10.84 -1.07 -25.17
C LEU H 123 -11.53 -0.37 -23.98
N SER H 124 -12.51 0.48 -24.24
CA SER H 124 -13.39 0.94 -23.17
C SER H 124 -13.99 -0.24 -22.42
N ALA H 125 -14.27 -0.03 -21.14
CA ALA H 125 -15.01 -1.02 -20.36
C ALA H 125 -16.34 -1.36 -21.04
N LEU H 126 -16.97 -0.38 -21.68
CA LEU H 126 -18.20 -0.64 -22.43
C LEU H 126 -17.97 -1.69 -23.53
N ASN H 127 -16.97 -1.50 -24.38
CA ASN H 127 -16.80 -2.44 -25.48
C ASN H 127 -16.32 -3.79 -25.01
N ILE H 128 -15.46 -3.83 -23.98
CA ILE H 128 -15.04 -5.11 -23.42
C ILE H 128 -16.24 -5.92 -22.97
N ARG H 129 -17.22 -5.26 -22.35
CA ARG H 129 -18.37 -5.99 -21.85
C ARG H 129 -19.17 -6.63 -22.99
N ARG H 130 -19.49 -5.84 -24.02
CA ARG H 130 -20.32 -6.39 -25.09
C ARG H 130 -19.53 -7.39 -25.93
N SER H 131 -18.22 -7.15 -26.14
CA SER H 131 -17.44 -8.06 -26.99
C SER H 131 -17.26 -9.43 -26.36
N VAL H 132 -17.03 -9.50 -25.04
CA VAL H 132 -16.78 -10.83 -24.49
C VAL H 132 -18.05 -11.67 -24.48
N ASP H 133 -19.21 -11.04 -24.27
CA ASP H 133 -20.47 -11.78 -24.33
C ASP H 133 -20.71 -12.34 -25.73
N ALA H 134 -20.51 -11.52 -26.77
CA ALA H 134 -20.72 -12.01 -28.12
C ALA H 134 -19.73 -13.11 -28.50
N SER H 135 -18.49 -13.01 -28.02
CA SER H 135 -17.52 -14.08 -28.28
C SER H 135 -17.92 -15.37 -27.59
N LEU H 136 -18.38 -15.28 -26.33
CA LEU H 136 -18.79 -16.47 -25.60
C LEU H 136 -19.95 -17.17 -26.30
N LYS H 137 -20.93 -16.40 -26.80
CA LYS H 137 -22.08 -17.01 -27.47
C LYS H 137 -21.64 -17.71 -28.76
N ARG H 138 -20.84 -17.04 -29.59
CA ARG H 138 -20.37 -17.66 -30.83
C ARG H 138 -19.46 -18.85 -30.57
N LEU H 139 -18.62 -18.75 -29.54
CA LEU H 139 -17.78 -19.89 -29.22
C LEU H 139 -18.58 -21.02 -28.57
N GLY H 140 -19.79 -20.73 -28.10
CA GLY H 140 -20.56 -21.72 -27.37
C GLY H 140 -19.84 -22.30 -26.19
N THR H 141 -19.27 -21.44 -25.34
CA THR H 141 -18.57 -21.87 -24.13
C THR H 141 -18.87 -20.86 -23.04
N ASP H 142 -18.68 -21.27 -21.79
CA ASP H 142 -18.92 -20.33 -20.71
C ASP H 142 -17.65 -19.60 -20.25
N HIS H 143 -16.47 -19.95 -20.75
CA HIS H 143 -15.31 -19.15 -20.39
C HIS H 143 -14.29 -19.15 -21.52
N ILE H 144 -13.52 -18.04 -21.59
CA ILE H 144 -12.32 -17.94 -22.43
C ILE H 144 -11.10 -18.09 -21.56
N ASP H 145 -10.12 -18.86 -22.01
CA ASP H 145 -8.92 -19.05 -21.20
C ASP H 145 -8.01 -17.84 -21.26
N LEU H 146 -7.72 -17.34 -22.46
CA LEU H 146 -6.79 -16.23 -22.68
C LEU H 146 -7.52 -15.18 -23.51
N TYR H 147 -7.99 -14.13 -22.86
CA TYR H 147 -8.65 -13.00 -23.52
C TYR H 147 -7.62 -11.92 -23.80
N GLN H 148 -7.45 -11.58 -25.07
CA GLN H 148 -6.31 -10.78 -25.48
C GLN H 148 -6.76 -9.45 -26.02
N PHE H 149 -6.05 -8.39 -25.66
CA PHE H 149 -6.20 -7.10 -26.36
C PHE H 149 -5.58 -7.23 -27.74
N HIS H 150 -6.38 -6.99 -28.79
CA HIS H 150 -5.91 -7.17 -30.15
C HIS H 150 -4.87 -6.13 -30.54
N HIS H 151 -4.88 -4.97 -29.88
CA HIS H 151 -3.99 -3.85 -30.18
C HIS H 151 -3.99 -2.95 -28.96
N VAL H 152 -2.90 -2.18 -28.78
CA VAL H 152 -2.90 -1.17 -27.72
C VAL H 152 -3.96 -0.11 -28.04
N ASP H 153 -4.66 0.36 -27.02
CA ASP H 153 -5.59 1.49 -27.13
C ASP H 153 -5.06 2.61 -26.24
N ARG H 154 -4.43 3.60 -26.87
CA ARG H 154 -3.80 4.71 -26.15
C ARG H 154 -4.79 5.57 -25.38
N ASP H 155 -6.09 5.44 -25.66
CA ASP H 155 -7.09 6.29 -25.05
C ASP H 155 -7.80 5.67 -23.85
N THR H 156 -7.54 4.40 -23.54
CA THR H 156 -8.17 3.78 -22.37
C THR H 156 -7.09 3.58 -21.30
N PRO H 157 -7.29 4.11 -20.10
CA PRO H 157 -6.27 3.97 -19.06
C PRO H 157 -6.34 2.59 -18.43
N TRP H 158 -5.22 2.18 -17.82
CA TRP H 158 -5.13 0.81 -17.33
C TRP H 158 -6.00 0.53 -16.12
N ASP H 159 -6.39 1.55 -15.35
CA ASP H 159 -7.27 1.21 -14.23
C ASP H 159 -8.69 0.95 -14.75
N GLU H 160 -9.06 1.53 -15.88
CA GLU H 160 -10.34 1.16 -16.50
C GLU H 160 -10.25 -0.24 -17.09
N ILE H 161 -9.21 -0.53 -17.86
CA ILE H 161 -9.11 -1.86 -18.47
C ILE H 161 -9.12 -2.93 -17.39
N TRP H 162 -8.27 -2.78 -16.37
CA TRP H 162 -8.18 -3.83 -15.38
C TRP H 162 -9.45 -3.96 -14.57
N GLN H 163 -10.21 -2.87 -14.39
CA GLN H 163 -11.54 -3.02 -13.79
C GLN H 163 -12.39 -3.97 -14.65
N ALA H 164 -12.41 -3.74 -15.97
CA ALA H 164 -13.24 -4.54 -16.86
C ALA H 164 -12.77 -5.98 -16.89
N MET H 165 -11.44 -6.19 -16.90
CA MET H 165 -10.95 -7.57 -16.94
C MET H 165 -11.24 -8.28 -15.62
N ASP H 166 -11.10 -7.57 -14.50
CA ASP H 166 -11.26 -8.21 -13.20
C ASP H 166 -12.71 -8.59 -12.95
N VAL H 167 -13.66 -7.77 -13.40
CA VAL H 167 -15.07 -8.17 -13.35
C VAL H 167 -15.25 -9.53 -14.02
N LEU H 168 -14.63 -9.72 -15.19
CA LEU H 168 -14.75 -10.98 -15.92
C LEU H 168 -14.05 -12.12 -15.19
N VAL H 169 -12.88 -11.84 -14.61
CA VAL H 169 -12.17 -12.86 -13.87
C VAL H 169 -13.01 -13.35 -12.70
N ARG H 170 -13.59 -12.41 -11.93
CA ARG H 170 -14.36 -12.77 -10.74
C ARG H 170 -15.67 -13.45 -11.10
N GLN H 171 -16.22 -13.18 -12.29
CA GLN H 171 -17.40 -13.89 -12.75
C GLN H 171 -17.07 -15.25 -13.37
N GLY H 172 -15.78 -15.57 -13.53
CA GLY H 172 -15.39 -16.81 -14.15
C GLY H 172 -15.50 -16.85 -15.65
N LYS H 173 -15.74 -15.72 -16.30
CA LYS H 173 -15.85 -15.67 -17.75
C LYS H 173 -14.51 -15.74 -18.47
N ILE H 174 -13.42 -15.33 -17.80
CA ILE H 174 -12.06 -15.46 -18.33
C ILE H 174 -11.13 -15.92 -17.21
N LEU H 175 -9.98 -16.45 -17.62
CA LEU H 175 -8.94 -16.87 -16.71
C LEU H 175 -7.75 -15.92 -16.74
N TYR H 176 -7.19 -15.71 -17.93
CA TYR H 176 -5.95 -14.99 -18.12
C TYR H 176 -6.18 -13.87 -19.13
N VAL H 177 -5.39 -12.81 -18.98
CA VAL H 177 -5.40 -11.66 -19.90
C VAL H 177 -4.07 -11.65 -20.63
N GLY H 178 -4.08 -11.32 -21.93
CA GLY H 178 -2.85 -11.16 -22.68
C GLY H 178 -2.93 -9.96 -23.61
N SER H 179 -1.78 -9.59 -24.15
CA SER H 179 -1.71 -8.45 -25.05
C SER H 179 -1.33 -8.88 -26.47
N SER H 180 -1.66 -8.01 -27.43
CA SER H 180 -1.24 -8.18 -28.81
C SER H 180 -0.96 -6.82 -29.42
N ASN H 181 0.11 -6.71 -30.19
CA ASN H 181 0.46 -5.43 -30.83
C ASN H 181 0.59 -4.31 -29.80
N PHE H 182 1.35 -4.58 -28.75
CA PHE H 182 1.72 -3.58 -27.77
C PHE H 182 3.15 -3.11 -28.01
N ALA H 183 3.44 -1.88 -27.59
CA ALA H 183 4.82 -1.49 -27.35
C ALA H 183 5.31 -2.12 -26.05
N GLY H 184 6.62 -2.38 -25.99
CA GLY H 184 7.21 -2.87 -24.76
C GLY H 184 6.80 -2.07 -23.55
N TRP H 185 6.72 -0.74 -23.69
CA TRP H 185 6.40 0.08 -22.52
C TRP H 185 4.94 -0.04 -22.12
N ASN H 186 4.03 -0.40 -23.05
CA ASN H 186 2.66 -0.67 -22.65
C ASN H 186 2.61 -1.90 -21.78
N ILE H 187 3.44 -2.91 -22.10
CA ILE H 187 3.50 -4.12 -21.27
C ILE H 187 3.94 -3.76 -19.85
N ALA H 188 5.03 -3.01 -19.72
CA ALA H 188 5.49 -2.60 -18.40
C ALA H 188 4.39 -1.86 -17.64
N GLN H 189 3.75 -0.88 -18.29
CA GLN H 189 2.75 -0.07 -17.59
C GLN H 189 1.54 -0.91 -17.19
N ALA H 190 1.11 -1.83 -18.07
CA ALA H 190 -0.04 -2.67 -17.75
C ALA H 190 0.25 -3.55 -16.53
N ASN H 191 1.42 -4.19 -16.50
CA ASN H 191 1.67 -5.16 -15.44
C ASN H 191 2.08 -4.50 -14.14
N GLU H 192 2.78 -3.34 -14.19
CA GLU H 192 3.01 -2.58 -12.98
C GLU H 192 1.68 -2.10 -12.38
N THR H 193 0.74 -1.69 -13.24
CA THR H 193 -0.56 -1.24 -12.72
C THR H 193 -1.33 -2.40 -12.10
N ALA H 194 -1.37 -3.54 -12.79
CA ALA H 194 -2.00 -4.73 -12.23
C ALA H 194 -1.38 -5.12 -10.89
N ALA H 195 -0.04 -5.08 -10.79
CA ALA H 195 0.63 -5.60 -9.60
C ALA H 195 0.40 -4.72 -8.37
N ARG H 196 0.25 -3.40 -8.56
CA ARG H 196 -0.04 -2.51 -7.44
C ARG H 196 -1.27 -2.95 -6.64
N HIS H 197 -2.19 -3.65 -7.28
CA HIS H 197 -3.40 -4.04 -6.57
C HIS H 197 -3.62 -5.54 -6.59
N GLY H 198 -2.54 -6.31 -6.73
CA GLY H 198 -2.59 -7.75 -6.57
C GLY H 198 -3.24 -8.54 -7.68
N ARG H 199 -3.46 -7.93 -8.84
CA ARG H 199 -4.03 -8.65 -9.97
C ARG H 199 -2.94 -9.25 -10.82
N LEU H 200 -3.21 -10.44 -11.35
CA LEU H 200 -2.35 -11.04 -12.35
C LEU H 200 -2.36 -10.17 -13.60
N GLY H 201 -1.19 -9.71 -14.04
CA GLY H 201 -1.11 -8.87 -15.22
C GLY H 201 -1.21 -9.66 -16.53
N LEU H 202 -0.78 -9.01 -17.62
CA LEU H 202 -0.68 -9.69 -18.90
C LEU H 202 0.19 -10.94 -18.73
N VAL H 203 -0.23 -12.05 -19.34
CA VAL H 203 0.55 -13.29 -19.27
C VAL H 203 1.30 -13.57 -20.57
N SER H 204 1.01 -12.84 -21.64
CA SER H 204 1.62 -13.11 -22.92
C SER H 204 1.37 -11.93 -23.82
N GLU H 205 2.27 -11.75 -24.78
CA GLU H 205 2.13 -10.72 -25.79
C GLU H 205 2.19 -11.41 -27.14
N GLN H 206 1.26 -11.05 -28.03
CA GLN H 206 1.16 -11.64 -29.36
C GLN H 206 1.62 -10.59 -30.36
N CYS H 207 2.83 -10.77 -30.88
CA CYS H 207 3.46 -9.74 -31.69
C CYS H 207 3.93 -10.31 -33.02
N LEU H 208 3.98 -9.42 -34.01
CA LEU H 208 4.55 -9.80 -35.30
C LEU H 208 6.06 -10.00 -35.15
N TYR H 209 6.52 -11.21 -35.46
CA TYR H 209 7.92 -11.61 -35.30
C TYR H 209 8.15 -12.77 -36.25
N ASN H 210 9.06 -12.60 -37.19
CA ASN H 210 9.50 -13.66 -38.10
C ASN H 210 10.84 -13.23 -38.68
N LEU H 211 11.34 -13.99 -39.65
CA LEU H 211 12.66 -13.70 -40.19
C LEU H 211 12.71 -12.35 -40.89
N CYS H 212 11.64 -11.97 -41.61
CA CYS H 212 11.60 -10.71 -42.33
C CYS H 212 11.35 -9.49 -41.44
N GLU H 213 10.72 -9.67 -40.27
CA GLU H 213 10.37 -8.55 -39.42
C GLU H 213 10.85 -8.83 -38.00
N ARG H 214 11.98 -8.24 -37.64
CA ARG H 214 12.67 -8.59 -36.41
C ARG H 214 12.68 -7.45 -35.40
N ARG H 215 11.98 -6.35 -35.68
CA ARG H 215 12.07 -5.18 -34.81
C ARG H 215 11.38 -5.35 -33.45
N ALA H 216 10.52 -6.35 -33.28
CA ALA H 216 10.07 -6.72 -31.94
C ALA H 216 11.25 -6.99 -31.00
N GLU H 217 12.43 -7.29 -31.56
CA GLU H 217 13.61 -7.51 -30.74
C GLU H 217 14.07 -6.26 -30.01
N MET H 218 13.66 -5.08 -30.46
CA MET H 218 14.20 -3.85 -29.90
C MET H 218 13.71 -3.64 -28.48
N GLU H 219 12.40 -3.78 -28.27
CA GLU H 219 11.80 -3.44 -26.98
C GLU H 219 10.60 -4.30 -26.57
N VAL H 220 9.80 -4.82 -27.52
CA VAL H 220 8.63 -5.63 -27.15
C VAL H 220 9.06 -6.88 -26.39
N VAL H 221 9.89 -7.70 -27.01
CA VAL H 221 10.35 -8.96 -26.45
C VAL H 221 11.20 -8.73 -25.19
N PRO H 222 12.16 -7.78 -25.18
CA PRO H 222 12.86 -7.51 -23.90
C PRO H 222 11.91 -7.15 -22.77
N ALA H 223 10.92 -6.29 -23.03
CA ALA H 223 9.97 -5.97 -21.99
C ALA H 223 9.18 -7.21 -21.58
N ALA H 224 8.77 -8.02 -22.55
CA ALA H 224 8.00 -9.21 -22.23
C ALA H 224 8.81 -10.18 -21.38
N ARG H 225 10.09 -10.31 -21.69
CA ARG H 225 10.93 -11.20 -20.91
C ARG H 225 11.11 -10.67 -19.49
N GLU H 226 11.36 -9.36 -19.35
CA GLU H 226 11.47 -8.77 -18.02
C GLU H 226 10.20 -8.99 -17.19
N TYR H 227 9.01 -8.87 -17.81
CA TYR H 227 7.79 -9.05 -17.05
C TYR H 227 7.27 -10.48 -17.07
N GLY H 228 8.05 -11.42 -17.59
CA GLY H 228 7.59 -12.80 -17.56
C GLY H 228 6.33 -13.07 -18.36
N LEU H 229 6.16 -12.41 -19.50
CA LEU H 229 5.08 -12.76 -20.43
C LEU H 229 5.57 -13.82 -21.41
N GLY H 230 4.67 -14.72 -21.79
CA GLY H 230 4.91 -15.50 -22.99
C GLY H 230 5.03 -14.59 -24.20
N VAL H 231 5.71 -15.06 -25.23
CA VAL H 231 5.78 -14.35 -26.51
C VAL H 231 5.31 -15.31 -27.59
N ILE H 232 4.19 -15.00 -28.24
CA ILE H 232 3.68 -15.86 -29.29
C ILE H 232 3.61 -15.04 -30.58
N ALA H 233 4.24 -15.55 -31.64
CA ALA H 233 4.54 -14.76 -32.83
C ALA H 233 3.47 -14.98 -33.88
N TRP H 234 2.76 -13.92 -34.23
CA TRP H 234 1.77 -14.04 -35.29
C TRP H 234 2.39 -13.78 -36.65
N SER H 235 1.72 -14.28 -37.69
CA SER H 235 2.23 -14.37 -39.06
C SER H 235 3.71 -14.80 -39.02
N PRO H 236 4.02 -15.97 -38.45
CA PRO H 236 5.41 -16.41 -38.38
C PRO H 236 6.03 -16.73 -39.73
N LEU H 237 5.23 -16.87 -40.79
CA LEU H 237 5.75 -17.03 -42.14
C LEU H 237 5.57 -15.75 -42.96
N HIS H 238 5.29 -14.62 -42.28
CA HIS H 238 5.02 -13.35 -42.94
C HIS H 238 3.86 -13.49 -43.94
N GLY H 239 2.85 -14.27 -43.56
CA GLY H 239 1.67 -14.41 -44.38
C GLY H 239 1.88 -15.28 -45.60
N GLY H 240 2.79 -16.25 -45.53
CA GLY H 240 3.13 -17.10 -46.66
C GLY H 240 4.45 -16.79 -47.32
N LEU H 241 5.01 -15.60 -47.10
CA LEU H 241 6.21 -15.20 -47.84
C LEU H 241 7.37 -16.15 -47.61
N LEU H 242 7.49 -16.70 -46.41
CA LEU H 242 8.59 -17.60 -46.08
C LEU H 242 8.19 -19.07 -46.27
N GLY H 243 7.04 -19.32 -46.89
CA GLY H 243 6.58 -20.67 -47.12
C GLY H 243 6.97 -21.27 -48.45
N GLY H 244 7.89 -20.65 -49.19
CA GLY H 244 8.25 -21.06 -50.53
C GLY H 244 7.50 -20.26 -51.58
N ALA H 245 7.32 -18.97 -51.31
CA ALA H 245 6.37 -18.17 -52.09
C ALA H 245 6.89 -17.90 -53.50
N ILE H 246 8.20 -17.76 -53.66
CA ILE H 246 8.78 -17.57 -54.99
C ILE H 246 8.57 -18.83 -55.83
N ARG H 247 9.06 -19.97 -55.32
CA ARG H 247 8.92 -21.25 -56.03
C ARG H 247 7.48 -21.53 -56.42
N LYS H 248 6.52 -21.08 -55.61
CA LYS H 248 5.11 -21.30 -55.88
C LYS H 248 4.44 -20.08 -56.47
N GLU H 249 5.20 -19.13 -57.03
CA GLU H 249 4.59 -17.84 -57.37
C GLU H 249 3.52 -17.98 -58.46
N GLN H 250 3.82 -18.71 -59.54
CA GLN H 250 2.88 -18.80 -60.66
C GLN H 250 1.81 -19.86 -60.44
N GLU H 251 1.79 -20.48 -59.27
CA GLU H 251 0.72 -21.36 -58.83
C GLU H 251 -0.55 -20.55 -58.50
N GLY H 252 -1.67 -21.26 -58.37
CA GLY H 252 -2.92 -20.61 -58.08
C GLY H 252 -3.67 -21.25 -56.92
N GLY H 253 -4.95 -20.97 -56.83
CA GLY H 253 -5.75 -21.36 -55.69
C GLY H 253 -5.96 -20.20 -54.76
N ASN H 254 -6.47 -20.52 -53.57
CA ASN H 254 -6.70 -19.54 -52.52
C ASN H 254 -5.50 -19.39 -51.59
N ARG H 255 -4.30 -19.28 -52.19
CA ARG H 255 -3.07 -19.19 -51.41
C ARG H 255 -2.98 -17.86 -50.68
N ARG H 256 -2.75 -17.90 -49.37
CA ARG H 256 -2.53 -16.66 -48.63
C ARG H 256 -1.35 -15.87 -49.18
N ALA H 257 -0.32 -16.57 -49.71
CA ALA H 257 0.86 -15.90 -50.26
C ALA H 257 0.59 -15.14 -51.55
N ALA H 258 -0.52 -15.43 -52.23
CA ALA H 258 -0.84 -14.76 -53.49
C ALA H 258 -1.41 -13.36 -53.29
N SER H 259 -1.64 -12.94 -52.06
CA SER H 259 -2.11 -11.58 -51.81
C SER H 259 -1.56 -11.10 -50.47
N GLY H 260 -2.01 -9.92 -50.05
CA GLY H 260 -1.64 -9.32 -48.79
C GLY H 260 -0.15 -9.07 -48.65
N ARG H 261 0.31 -9.20 -47.40
CA ARG H 261 1.68 -8.88 -47.03
C ARG H 261 2.69 -9.60 -47.94
N ALA H 262 2.41 -10.85 -48.30
CA ALA H 262 3.38 -11.63 -49.07
C ALA H 262 3.50 -11.10 -50.50
N ALA H 263 2.36 -10.80 -51.14
CA ALA H 263 2.37 -10.27 -52.50
C ALA H 263 3.08 -8.91 -52.56
N ASP H 264 2.62 -7.97 -51.72
CA ASP H 264 3.26 -6.65 -51.69
C ASP H 264 4.76 -6.76 -51.50
N ALA H 265 5.20 -7.72 -50.68
CA ALA H 265 6.63 -7.86 -50.44
C ALA H 265 7.36 -8.33 -51.68
N LEU H 266 6.73 -9.20 -52.47
CA LEU H 266 7.41 -9.75 -53.64
C LEU H 266 7.54 -8.74 -54.78
N LYS H 267 6.81 -7.63 -54.71
CA LYS H 267 6.92 -6.57 -55.71
C LYS H 267 7.97 -5.53 -55.35
N ASP H 268 8.54 -5.59 -54.15
CA ASP H 268 9.71 -4.80 -53.84
C ASP H 268 10.94 -5.65 -54.15
N PRO H 269 11.87 -5.18 -54.99
CA PRO H 269 13.02 -6.02 -55.34
C PRO H 269 13.93 -6.33 -54.18
N GLN H 270 14.12 -5.41 -53.23
CA GLN H 270 15.02 -5.71 -52.13
C GLN H 270 14.48 -6.85 -51.28
N GLN H 271 13.21 -6.77 -50.89
CA GLN H 271 12.57 -7.85 -50.15
C GLN H 271 12.56 -9.14 -50.96
N ARG H 272 12.25 -9.04 -52.25
CA ARG H 272 12.22 -10.23 -53.10
C ARG H 272 13.59 -10.90 -53.15
N GLU H 273 14.65 -10.10 -53.22
CA GLU H 273 16.01 -10.65 -53.24
C GLU H 273 16.30 -11.46 -51.98
N GLN H 274 15.81 -10.99 -50.84
CA GLN H 274 16.04 -11.70 -49.58
C GLN H 274 15.40 -13.07 -49.62
N ILE H 275 14.18 -13.16 -50.13
CA ILE H 275 13.48 -14.43 -50.17
C ILE H 275 14.15 -15.38 -51.16
N GLN H 276 14.58 -14.84 -52.30
CA GLN H 276 15.33 -15.64 -53.27
C GLN H 276 16.57 -16.25 -52.63
N ARG H 277 17.38 -15.42 -51.97
CA ARG H 277 18.56 -15.94 -51.29
C ARG H 277 18.17 -17.02 -50.29
N TYR H 278 17.01 -16.87 -49.67
CA TYR H 278 16.58 -17.79 -48.62
C TYR H 278 16.12 -19.12 -49.20
N GLU H 279 15.26 -19.08 -50.22
CA GLU H 279 14.84 -20.32 -50.86
C GLU H 279 16.03 -21.05 -51.49
N ASP H 280 16.93 -20.30 -52.14
CA ASP H 280 18.14 -20.92 -52.69
C ASP H 280 18.98 -21.57 -51.59
N LEU H 281 19.13 -20.88 -50.45
CA LEU H 281 19.95 -21.43 -49.37
C LEU H 281 19.35 -22.74 -48.86
N LEU H 282 18.02 -22.84 -48.86
CA LEU H 282 17.37 -24.02 -48.31
C LEU H 282 17.33 -25.17 -49.31
N ASP H 283 17.36 -24.88 -50.62
CA ASP H 283 17.61 -25.93 -51.59
C ASP H 283 18.95 -26.59 -51.34
N LYS H 284 20.00 -25.78 -51.17
CA LYS H 284 21.35 -26.30 -50.93
C LYS H 284 21.41 -27.23 -49.73
N HIS H 285 20.50 -27.06 -48.77
CA HIS H 285 20.55 -27.81 -47.52
C HIS H 285 19.42 -28.83 -47.38
N GLY H 286 18.53 -28.92 -48.37
CA GLY H 286 17.44 -29.88 -48.34
C GLY H 286 16.40 -29.64 -47.25
N LEU H 287 16.05 -28.37 -47.02
CA LEU H 287 15.15 -27.99 -45.94
C LEU H 287 13.96 -27.24 -46.53
N GLU H 288 12.78 -27.44 -45.94
CA GLU H 288 11.61 -26.72 -46.48
C GLU H 288 11.55 -25.30 -45.91
N PRO H 289 11.17 -24.32 -46.71
CA PRO H 289 11.18 -22.93 -46.24
C PRO H 289 10.18 -22.65 -45.13
N GLY H 290 8.93 -23.08 -45.30
CA GLY H 290 7.96 -22.91 -44.23
C GLY H 290 8.43 -23.52 -42.92
N GLU H 291 9.09 -24.68 -42.99
CA GLU H 291 9.49 -25.38 -41.78
C GLU H 291 10.66 -24.67 -41.10
N VAL H 292 11.58 -24.11 -41.89
CA VAL H 292 12.73 -23.43 -41.31
C VAL H 292 12.30 -22.18 -40.56
N ALA H 293 11.34 -21.44 -41.14
CA ALA H 293 10.89 -20.20 -40.54
C ALA H 293 10.27 -20.46 -39.17
N LEU H 294 9.50 -21.55 -39.04
CA LEU H 294 8.92 -21.91 -37.75
C LEU H 294 10.01 -22.35 -36.78
N ALA H 295 10.90 -23.23 -37.22
CA ALA H 295 11.99 -23.68 -36.38
C ALA H 295 12.89 -22.53 -35.94
N TRP H 296 13.08 -21.52 -36.80
CA TRP H 296 13.94 -20.39 -36.44
C TRP H 296 13.36 -19.59 -35.29
N LEU H 297 12.05 -19.36 -35.31
CA LEU H 297 11.41 -18.66 -34.20
C LEU H 297 11.56 -19.42 -32.90
N LEU H 298 11.44 -20.76 -32.96
CA LEU H 298 11.58 -21.61 -31.78
C LEU H 298 12.97 -21.52 -31.15
N THR H 299 13.96 -20.99 -31.86
CA THR H 299 15.28 -20.79 -31.26
C THR H 299 15.42 -19.42 -30.60
N ARG H 300 14.44 -18.53 -30.76
CA ARG H 300 14.66 -17.15 -30.33
C ARG H 300 14.44 -17.02 -28.83
N PRO H 301 15.35 -16.37 -28.09
CA PRO H 301 15.18 -16.26 -26.64
C PRO H 301 13.87 -15.57 -26.28
N GLY H 302 13.14 -16.18 -25.35
CA GLY H 302 11.91 -15.60 -24.88
C GLY H 302 10.68 -15.94 -25.68
N VAL H 303 10.82 -16.55 -26.85
CA VAL H 303 9.66 -16.86 -27.68
C VAL H 303 9.01 -18.15 -27.19
N THR H 304 7.73 -18.06 -26.80
CA THR H 304 6.97 -19.27 -26.48
C THR H 304 6.86 -20.16 -27.71
N GLY H 305 6.32 -19.62 -28.78
CA GLY H 305 6.26 -20.35 -30.01
C GLY H 305 5.56 -19.53 -31.07
N PRO H 306 5.67 -19.96 -32.32
CA PRO H 306 4.90 -19.30 -33.39
C PRO H 306 3.43 -19.68 -33.32
N ILE H 307 2.58 -18.78 -33.82
CA ILE H 307 1.17 -19.11 -34.01
C ILE H 307 1.04 -19.57 -35.46
N VAL H 308 1.05 -20.88 -35.68
CA VAL H 308 1.09 -21.40 -37.04
C VAL H 308 -0.26 -21.17 -37.71
N GLY H 309 -0.22 -20.91 -39.01
CA GLY H 309 -1.44 -20.60 -39.72
C GLY H 309 -1.67 -21.53 -40.89
N PRO H 310 -1.86 -22.82 -40.63
CA PRO H 310 -2.09 -23.79 -41.71
C PRO H 310 -3.37 -23.48 -42.48
N ARG H 311 -3.27 -23.55 -43.80
CA ARG H 311 -4.46 -23.58 -44.66
C ARG H 311 -5.02 -25.00 -44.80
N THR H 312 -4.16 -26.01 -44.73
CA THR H 312 -4.54 -27.40 -44.99
C THR H 312 -4.03 -28.29 -43.87
N ALA H 313 -4.62 -29.49 -43.80
CA ALA H 313 -4.13 -30.47 -42.84
C ALA H 313 -2.66 -30.79 -43.07
N ASP H 314 -2.23 -30.78 -44.32
CA ASP H 314 -0.83 -31.12 -44.58
C ASP H 314 0.12 -29.99 -44.17
N GLN H 315 -0.35 -28.73 -44.18
CA GLN H 315 0.49 -27.66 -43.63
C GLN H 315 0.63 -27.78 -42.11
N LEU H 316 -0.41 -28.26 -41.42
CA LEU H 316 -0.30 -28.51 -39.98
C LEU H 316 0.72 -29.61 -39.69
N ALA H 317 0.59 -30.76 -40.36
CA ALA H 317 1.56 -31.85 -40.20
C ALA H 317 2.98 -31.36 -40.48
N SER H 318 3.12 -30.42 -41.42
CA SER H 318 4.42 -29.85 -41.72
C SER H 318 4.91 -28.96 -40.58
N ALA H 319 4.00 -28.17 -39.99
CA ALA H 319 4.35 -27.39 -38.80
C ALA H 319 4.86 -28.30 -37.68
N VAL H 320 4.18 -29.43 -37.46
CA VAL H 320 4.60 -30.38 -36.44
C VAL H 320 6.01 -30.89 -36.72
N ARG H 321 6.35 -31.11 -38.00
CA ARG H 321 7.73 -31.52 -38.34
C ARG H 321 8.73 -30.42 -38.02
N ALA H 322 8.36 -29.16 -38.29
CA ALA H 322 9.27 -28.04 -38.05
C ALA H 322 9.65 -27.92 -36.58
N ALA H 323 8.74 -28.28 -35.67
CA ALA H 323 9.03 -28.29 -34.24
C ALA H 323 9.99 -29.41 -33.83
N GLU H 324 10.24 -30.39 -34.70
CA GLU H 324 11.24 -31.40 -34.41
C GLU H 324 12.59 -31.11 -35.09
N LEU H 325 12.63 -30.11 -35.96
CA LEU H 325 13.83 -29.78 -36.70
C LEU H 325 14.88 -29.16 -35.77
N THR H 326 16.15 -29.40 -36.08
CA THR H 326 17.27 -28.78 -35.36
C THR H 326 18.16 -28.08 -36.38
N LEU H 327 18.01 -26.78 -36.51
CA LEU H 327 18.85 -26.01 -37.41
C LEU H 327 20.30 -25.97 -36.91
N THR H 328 21.25 -26.15 -37.85
CA THR H 328 22.67 -26.13 -37.59
C THR H 328 23.16 -24.70 -37.37
N ASP H 329 24.30 -24.57 -36.67
CA ASP H 329 24.94 -23.27 -36.55
C ASP H 329 25.12 -22.61 -37.91
N GLU H 330 25.49 -23.41 -38.93
CA GLU H 330 25.79 -22.85 -40.24
C GLU H 330 24.57 -22.18 -40.85
N VAL H 331 23.39 -22.81 -40.74
CA VAL H 331 22.19 -22.25 -41.33
C VAL H 331 21.72 -21.02 -40.53
N LEU H 332 21.84 -21.07 -39.21
CA LEU H 332 21.46 -19.91 -38.41
C LEU H 332 22.27 -18.68 -38.82
N THR H 333 23.59 -18.80 -38.90
CA THR H 333 24.38 -17.62 -39.25
C THR H 333 24.11 -17.15 -40.66
N ALA H 334 23.79 -18.09 -41.57
CA ALA H 334 23.40 -17.68 -42.92
C ALA H 334 22.04 -16.99 -42.92
N LEU H 335 21.11 -17.48 -42.09
CA LEU H 335 19.83 -16.80 -41.95
C LEU H 335 20.00 -15.39 -41.40
N ASP H 336 20.86 -15.25 -40.39
CA ASP H 336 21.20 -13.91 -39.89
C ASP H 336 21.73 -13.02 -41.00
N GLU H 337 22.60 -13.57 -41.86
CA GLU H 337 23.22 -12.76 -42.91
C GLU H 337 22.17 -12.25 -43.89
N ILE H 338 21.14 -13.06 -44.17
CA ILE H 338 20.07 -12.62 -45.04
C ILE H 338 19.12 -11.68 -44.32
N PHE H 339 18.76 -12.03 -43.08
CA PHE H 339 17.74 -11.31 -42.30
C PHE H 339 18.37 -10.84 -41.00
N PRO H 340 19.15 -9.76 -41.03
CA PRO H 340 19.73 -9.28 -39.77
C PRO H 340 18.65 -8.65 -38.90
N GLY H 341 18.82 -8.79 -37.59
CA GLY H 341 17.93 -8.17 -36.65
C GLY H 341 18.60 -7.01 -35.92
N PRO H 342 17.80 -6.13 -35.31
CA PRO H 342 18.39 -4.92 -34.71
C PRO H 342 19.02 -5.12 -33.34
N GLY H 343 18.67 -6.15 -32.60
CA GLY H 343 19.08 -6.26 -31.23
C GLY H 343 18.20 -5.38 -30.35
N PRO H 344 18.50 -5.34 -29.06
CA PRO H 344 17.69 -4.54 -28.13
C PRO H 344 18.01 -3.05 -28.18
N SER H 345 17.05 -2.27 -27.74
CA SER H 345 17.28 -0.86 -27.45
C SER H 345 17.89 -0.71 -26.06
N PRO H 346 18.72 0.33 -25.85
CA PRO H 346 19.14 1.42 -26.73
C PRO H 346 20.28 1.06 -27.66
N GLU H 347 20.92 -0.09 -27.43
CA GLU H 347 22.10 -0.44 -28.22
C GLU H 347 21.78 -0.47 -29.72
N ALA H 348 20.53 -0.73 -30.08
CA ALA H 348 20.17 -0.84 -31.49
C ALA H 348 20.38 0.47 -32.24
N PHE H 349 20.18 1.61 -31.58
CA PHE H 349 20.36 2.87 -32.27
C PHE H 349 21.32 3.83 -31.58
N ALA H 350 21.79 3.55 -30.36
CA ALA H 350 22.66 4.47 -29.64
C ALA H 350 23.96 3.77 -29.35
N TRP H 351 24.17 3.27 -28.12
CA TRP H 351 25.41 2.51 -27.79
C TRP H 351 25.22 1.59 -26.57
PA NDP I . 26.57 17.54 -31.85
O1A NDP I . 25.73 18.80 -32.13
O2A NDP I . 25.78 16.50 -32.58
O5B NDP I . 28.16 17.69 -32.33
C5B NDP I . 29.00 18.71 -31.78
C4B NDP I . 29.86 19.28 -32.92
O4B NDP I . 28.87 19.80 -34.08
C3B NDP I . 30.56 20.32 -32.56
O3B NDP I . 31.87 19.92 -32.03
C2B NDP I . 30.81 21.02 -33.93
O2B NDP I . 31.46 20.19 -34.77
C1B NDP I . 29.44 20.95 -34.53
N9A NDP I . 28.57 22.09 -34.25
C8A NDP I . 28.29 22.33 -32.95
N7A NDP I . 27.46 23.37 -32.96
C5A NDP I . 27.26 23.72 -34.25
C6A NDP I . 26.51 24.70 -34.84
N6A NDP I . 25.58 25.82 -34.60
N1A NDP I . 26.47 24.83 -36.17
C2A NDP I . 27.19 23.99 -36.96
N3A NDP I . 27.94 23.01 -36.42
C4A NDP I . 27.96 22.92 -35.06
O3 NDP I . 26.61 17.39 -30.22
PN NDP I . 27.62 16.47 -29.34
O1N NDP I . 28.85 17.20 -28.92
O2N NDP I . 27.89 15.17 -30.07
O5D NDP I . 26.77 16.18 -27.94
C5D NDP I . 26.16 17.36 -27.48
C4D NDP I . 26.16 17.27 -25.89
O4D NDP I . 25.16 16.12 -25.54
C3D NDP I . 27.29 16.86 -25.48
O3D NDP I . 28.14 18.00 -25.08
C2D NDP I . 26.92 15.93 -24.16
O2D NDP I . 26.63 16.83 -23.02
C1D NDP I . 25.83 15.29 -24.45
N1N NDP I . 26.03 13.90 -24.91
C2N NDP I . 25.63 12.83 -24.12
C3N NDP I . 25.70 11.42 -24.59
C7N NDP I . 24.97 10.38 -23.80
O7N NDP I . 25.20 9.22 -23.97
N7N NDP I . 23.97 10.83 -22.85
C4N NDP I . 26.59 11.05 -25.78
C5N NDP I . 27.20 12.26 -26.55
C6N NDP I . 26.68 13.67 -26.17
P2B NDP I . 33.07 20.44 -35.06
O1X NDP I . 33.31 21.90 -35.34
O2X NDP I . 33.89 20.15 -33.87
O3X NDP I . 33.55 19.61 -36.22
PA NDP J . 31.19 8.41 -31.46
O1A NDP J . 30.82 9.44 -32.55
O2A NDP J . 31.01 7.03 -32.04
O5B NDP J . 30.21 8.57 -30.11
C5B NDP J . 30.10 9.88 -29.55
C4B NDP J . 29.68 9.71 -28.11
O4B NDP J . 28.67 8.44 -28.04
C3B NDP J . 30.75 9.36 -27.46
O3B NDP J . 31.48 10.56 -27.01
C2B NDP J . 30.08 8.64 -26.27
O2B NDP J . 29.53 9.64 -25.57
C1B NDP J . 28.95 7.83 -26.88
N9A NDP J . 29.36 6.41 -26.98
C8A NDP J . 29.36 5.88 -28.21
N7A NDP J . 29.75 4.59 -28.07
C5A NDP J . 29.98 4.38 -26.76
C6A NDP J . 30.40 3.26 -26.07
N6A NDP J . 30.81 1.81 -26.14
N1A NDP J . 30.55 3.32 -24.75
C2A NDP J . 30.30 4.47 -24.07
N3A NDP J . 29.89 5.59 -24.72
C4A NDP J . 29.74 5.51 -26.06
O3 NDP J . 32.73 8.69 -30.94
PN NDP J . 33.68 7.52 -30.28
O1N NDP J . 34.27 6.78 -31.44
O2N NDP J . 34.80 8.20 -29.48
O5D NDP J . 32.77 6.45 -29.35
C5D NDP J . 32.70 5.08 -29.70
C4D NDP J . 33.87 4.31 -28.92
O4D NDP J . 34.59 5.35 -28.00
C3D NDP J . 33.40 3.44 -28.12
O3D NDP J . 33.77 2.12 -28.61
C2D NDP J . 34.08 3.65 -26.61
O2D NDP J . 34.90 2.47 -26.23
C1D NDP J . 34.81 4.69 -26.61
N1N NDP J . 34.36 5.66 -25.58
C2N NDP J . 34.56 5.39 -24.24
C3N NDP J . 34.23 6.38 -23.17
C7N NDP J . 34.55 5.99 -21.75
O7N NDP J . 34.29 6.74 -20.90
N7N NDP J . 35.17 4.71 -21.43
C4N NDP J . 33.45 7.67 -23.47
C5N NDP J . 33.21 7.95 -24.99
C6N NDP J . 33.69 6.86 -26.00
P2B NDP J . 29.30 9.47 -23.94
O1X NDP J . 28.31 10.53 -23.49
O2X NDP J . 30.62 9.60 -23.25
O3X NDP J . 28.76 8.07 -23.69
PA NDP K . -4.80 44.00 7.69
O1A NDP K . -5.23 44.00 9.14
O2A NDP K . -5.95 43.62 6.80
O5B NDP K . -4.07 45.47 7.32
C5B NDP K . -3.14 46.05 8.26
C4B NDP K . -3.38 47.55 8.37
O4B NDP K . -4.84 47.71 9.02
C3B NDP K . -2.56 48.13 9.23
O3B NDP K . -1.35 48.62 8.53
C2B NDP K . -3.38 49.32 9.79
O2B NDP K . -3.73 50.18 8.80
C1B NDP K . -4.73 48.68 9.96
N9A NDP K . -5.00 48.16 11.31
C8A NDP K . -4.23 47.13 11.71
N7A NDP K . -4.68 46.82 12.92
C5A NDP K . -5.69 47.64 13.20
C6A NDP K . -6.50 47.76 14.29
N6A NDP K . -6.83 47.23 15.64
N1A NDP K . -7.47 48.68 14.32
C2A NDP K . -7.66 49.52 13.27
N3A NDP K . -6.88 49.44 12.18
C4A NDP K . -5.89 48.49 12.19
O3 NDP K . -3.71 42.80 7.59
PN NDP K . -2.45 42.77 6.57
O1N NDP K . -1.37 43.58 7.19
O2N NDP K . -2.78 43.18 5.17
O5D NDP K . -1.96 41.20 6.68
C5D NDP K . -1.95 40.71 8.00
C4D NDP K . -0.72 39.70 8.05
O4D NDP K . -1.22 38.56 7.13
C3D NDP K . 0.29 40.17 7.37
O3D NDP K . 1.34 40.79 8.20
C2D NDP K . 0.98 38.83 6.71
O2D NDP K . 1.65 38.11 7.83
C1D NDP K . -0.02 38.13 6.28
N1N NDP K . -0.34 38.27 4.84
C2N NDP K . -0.08 37.23 3.97
C3N NDP K . -0.65 37.20 2.60
C7N NDP K . -0.56 35.95 1.79
O7N NDP K . -0.66 36.04 0.60
N7N NDP K . -0.34 34.68 2.46
C4N NDP K . -0.98 38.51 1.89
C5N NDP K . -1.07 39.74 2.85
C6N NDP K . -0.90 39.50 4.36
P2B NDP K . -2.88 51.57 8.55
O1X NDP K . -2.69 52.28 9.86
O2X NDP K . -1.52 51.27 8.04
O3X NDP K . -3.58 52.46 7.57
PA NDP L . -2.35 44.69 -2.40
O1A NDP L . -2.14 45.92 -1.48
O2A NDP L . -3.59 44.90 -3.24
O5B NDP L . -2.44 43.30 -1.45
C5B NDP L . -1.58 43.29 -0.30
C4B NDP L . -0.70 42.06 -0.30
O4B NDP L . -1.34 40.98 -1.32
C3B NDP L . 0.51 42.33 -0.77
O3B NDP L . 1.41 42.81 0.30
C2B NDP L . 0.94 40.89 -1.19
O2B NDP L . 1.18 40.19 -0.04
C1B NDP L . -0.31 40.28 -1.79
N9A NDP L . -0.20 40.26 -3.27
C8A NDP L . -1.17 40.92 -3.93
N7A NDP L . -0.89 40.77 -5.25
C5A NDP L . 0.22 40.02 -5.33
C6A NDP L . 0.93 39.56 -6.42
N6A NDP L . 1.03 39.53 -7.91
N1A NDP L . 2.02 38.81 -6.22
C2A NDP L . 2.44 38.50 -4.97
N3A NDP L . 1.75 38.93 -3.88
C4A NDP L . 0.65 39.69 -4.10
O3 NDP L . -1.04 44.52 -3.38
PN NDP L . 0.22 45.56 -3.65
O1N NDP L . -0.30 46.96 -3.73
O2N NDP L . 1.31 45.47 -2.57
O5D NDP L . 0.72 45.00 -5.15
C5D NDP L . -0.29 44.30 -5.83
C4D NDP L . 0.06 44.49 -7.38
O4D NDP L . 1.59 44.72 -7.41
C3D NDP L . -0.16 43.42 -7.99
O3D NDP L . -1.17 43.71 -9.01
C2D NDP L . 1.24 42.94 -8.75
O2D NDP L . 1.17 43.18 -10.22
C1D NDP L . 2.23 43.63 -8.31
N1N NDP L . 3.13 42.73 -7.53
C2N NDP L . 3.12 42.77 -6.14
C3N NDP L . 3.96 41.89 -5.26
C7N NDP L . 3.90 41.97 -3.74
O7N NDP L . 3.41 42.92 -3.22
N7N NDP L . 4.43 40.87 -2.94
C4N NDP L . 4.95 40.89 -5.90
C5N NDP L . 4.94 40.84 -7.46
C6N NDP L . 3.99 41.81 -8.23
P2B NDP L . 2.20 38.88 -0.06
O1X NDP L . 2.12 38.12 1.23
O2X NDP L . 3.58 39.32 -0.46
O3X NDP L . 1.75 37.92 -1.14
PA NDP M . -1.64 -44.22 8.52
O1A NDP M . -1.89 -44.06 10.01
O2A NDP M . -0.16 -44.26 8.37
O5B NDP M . -2.66 -45.50 8.14
C5B NDP M . -2.44 -46.65 7.38
C4B NDP M . -2.75 -47.87 8.26
O4B NDP M . -2.35 -47.60 9.79
C3B NDP M . -4.01 -48.20 8.36
O3B NDP M . -4.52 -48.87 7.16
C2B NDP M . -3.83 -49.33 9.41
O2B NDP M . -2.93 -50.24 8.94
C1B NDP M . -2.98 -48.62 10.44
N9A NDP M . -3.73 -48.11 11.57
C8A NDP M . -4.53 -47.04 11.31
N7A NDP M . -5.08 -46.71 12.49
C5A NDP M . -4.58 -47.55 13.41
C6A NDP M . -4.78 -47.68 14.75
N6A NDP M . -5.47 -47.14 15.95
N1A NDP M . -4.15 -48.61 15.44
C2A NDP M . -3.30 -49.49 14.83
N3A NDP M . -3.08 -49.41 13.51
C4A NDP M . -3.74 -48.43 12.84
O3 NDP M . -2.21 -42.96 7.70
PN NDP M . -2.52 -43.02 6.10
O1N NDP M . -3.78 -43.77 5.76
O2N NDP M . -1.31 -43.45 5.31
O5D NDP M . -2.91 -41.44 5.81
C5D NDP M . -3.84 -41.02 6.76
C4D NDP M . -4.72 -39.95 5.99
O4D NDP M . -3.76 -38.74 5.71
C3D NDP M . -5.03 -40.39 4.82
O3D NDP M . -6.37 -41.01 4.73
C2D NDP M . -5.12 -39.00 3.95
O2D NDP M . -6.38 -38.36 4.36
C1D NDP M . -4.13 -38.26 4.29
N1N NDP M . -2.94 -38.38 3.39
C2N NDP M . -2.50 -37.31 2.61
C3N NDP M . -1.20 -37.34 1.89
C7N NDP M . -0.71 -36.11 1.19
O7N NDP M . 0.17 -36.20 0.40
N7N NDP M . -1.36 -34.83 1.49
C4N NDP M . -0.54 -38.68 1.53
C5N NDP M . -1.16 -39.92 2.26
C6N NDP M . -2.27 -39.63 3.31
P2B NDP M . -3.34 -51.77 8.47
O1X NDP M . -4.08 -52.43 9.61
O2X NDP M . -4.26 -51.74 7.28
O3X NDP M . -2.11 -52.56 8.10
PA NDP N . 3.16 -45.46 -0.74
O1A NDP N . 2.82 -46.29 0.51
O2A NDP N . 4.63 -45.11 -0.66
O5B NDP N . 2.25 -44.04 -0.78
C5B NDP N . 1.58 -43.64 0.40
C4B NDP N . 0.80 -42.39 0.07
O4B NDP N . 1.94 -41.27 -0.16
C3B NDP N . 0.19 -42.54 -1.07
O3B NDP N . -1.21 -43.00 -0.92
C2B NDP N . 0.19 -41.10 -1.64
O2B NDP N . -0.80 -40.39 -1.04
C1B NDP N . 1.51 -40.52 -1.18
N9A NDP N . 2.47 -40.51 -2.30
C8A NDP N . 3.58 -41.24 -2.07
N7A NDP N . 4.34 -41.14 -3.17
C5A NDP N . 3.68 -40.33 -4.02
C6A NDP N . 4.01 -39.89 -5.26
N6A NDP N . 5.03 -39.94 -6.32
N1A NDP N . 3.17 -39.09 -5.92
C2A NDP N . 1.99 -38.70 -5.38
N3A NDP N . 1.63 -39.12 -4.15
C4A NDP N . 2.50 -39.93 -3.49
O3 NDP N . 2.79 -46.34 -2.09
PN NDP N . 1.26 -46.56 -2.67
O1N NDP N . 0.73 -45.29 -3.27
O2N NDP N . 1.33 -47.60 -3.78
O5D NDP N . 0.24 -47.07 -1.44
C5D NDP N . -0.65 -46.17 -0.79
C4D NDP N . -2.09 -46.22 -1.49
O4D NDP N . -2.01 -46.88 -2.91
C3D NDP N . -2.90 -46.96 -0.84
O3D NDP N . -4.05 -46.15 -0.44
C2D NDP N . -3.49 -48.13 -1.87
O2D NDP N . -4.93 -48.35 -1.61
C1D NDP N . -3.35 -47.64 -3.03
N1N NDP N . -3.20 -48.70 -4.06
C2N NDP N . -1.93 -48.91 -4.58
C3N NDP N . -1.60 -50.01 -5.57
C7N NDP N . -0.19 -50.20 -6.07
O7N NDP N . 0.44 -49.29 -6.50
N7N NDP N . 0.42 -51.52 -6.03
C4N NDP N . -2.74 -50.92 -6.09
C5N NDP N . -4.16 -50.63 -5.54
C6N NDP N . -4.33 -49.48 -4.49
P2B NDP N . -1.52 -39.07 -1.76
O1X NDP N . -2.38 -38.32 -0.74
O2X NDP N . -2.35 -39.44 -2.95
O3X NDP N . -0.44 -38.22 -2.37
PA NDP O . -34.65 -2.62 28.68
O1A NDP O . -35.10 -1.17 28.51
O2A NDP O . -33.55 -2.63 29.69
O5B NDP O . -36.12 -3.46 28.76
C5B NDP O . -36.63 -4.48 29.56
C4B NDP O . -37.94 -3.94 30.18
O4B NDP O . -37.88 -2.35 30.48
C3B NDP O . -39.06 -4.08 29.49
O3B NDP O . -39.53 -5.49 29.34
C2B NDP O . -40.00 -3.28 30.46
O2B NDP O . -40.00 -3.81 31.71
C1B NDP O . -39.18 -2.04 30.75
N9A NDP O . -39.53 -0.87 29.98
C8A NDP O . -39.28 -0.95 28.65
N7A NDP O . -39.63 0.24 28.14
C5A NDP O . -40.07 0.99 29.17
C6A NDP O . -40.54 2.27 29.25
N6A NDP O . -40.88 3.52 28.51
N1A NDP O . -40.90 2.77 30.43
C2A NDP O . -40.81 2.05 31.56
N3A NDP O . -40.35 0.79 31.52
C4A NDP O . -40.01 0.29 30.32
O3 NDP O . -34.09 -3.18 27.25
PN NDP O . -33.78 -4.76 26.93
O1N NDP O . -35.03 -5.41 26.46
O2N NDP O . -33.05 -5.53 28.01
O5D NDP O . -32.76 -4.62 25.63
C5D NDP O . -33.30 -3.68 24.74
C4D NDP O . -32.95 -4.27 23.31
O4D NDP O . -31.40 -4.19 23.18
C3D NDP O . -33.20 -5.54 23.28
O3D NDP O . -34.46 -5.80 22.58
C2D NDP O . -32.05 -6.16 22.27
O2D NDP O . -32.50 -5.81 20.91
C1D NDP O . -30.96 -5.52 22.52
N1N NDP O . -30.07 -6.25 23.43
C2N NDP O . -28.83 -6.70 22.98
C3N NDP O . -27.81 -7.32 23.89
C7N NDP O . -26.44 -7.58 23.36
O7N NDP O . -25.70 -8.31 23.94
N7N NDP O . -26.03 -6.92 22.13
C4N NDP O . -28.24 -7.88 25.24
C5N NDP O . -29.69 -7.50 25.66
C6N NDP O . -30.48 -6.52 24.76
P2B NDP O . -41.25 -4.74 32.32
O1X NDP O . -42.50 -3.89 32.37
O2X NDP O . -41.53 -5.92 31.43
O3X NDP O . -40.89 -5.27 33.68
PA NDP P . -30.12 -11.52 32.11
O1A NDP P . -31.38 -10.70 32.37
O2A NDP P . -29.07 -11.33 33.19
O5B NDP P . -29.45 -11.00 30.67
C5B NDP P . -30.19 -10.09 29.86
C4B NDP P . -29.66 -10.20 28.44
O4B NDP P . -28.06 -10.03 28.55
C3B NDP P . -29.87 -11.40 27.96
O3B NDP P . -31.16 -11.49 27.21
C2B NDP P . -28.69 -11.57 26.95
O2B NDP P . -29.02 -10.88 25.83
C1B NDP P . -27.52 -10.84 27.62
N9A NDP P . -26.65 -11.86 28.21
C8A NDP P . -26.50 -11.78 29.56
N7A NDP P . -25.68 -12.79 29.88
C5A NDP P . -25.36 -13.45 28.75
C6A NDP P . -24.57 -14.54 28.50
N6A NDP P . -23.69 -15.58 29.11
N1A NDP P . -24.40 -15.00 27.27
C2A NDP P . -25.02 -14.41 26.21
N3A NDP P . -25.80 -13.33 26.42
C4A NDP P . -25.95 -12.88 27.71
O3 NDP P . -30.55 -13.13 32.05
PN NDP P . -31.88 -13.64 31.22
O1N NDP P . -31.57 -14.93 30.50
O2N NDP P . -33.01 -13.86 32.23
O5D NDP P . -32.38 -12.48 30.11
C5D NDP P . -33.75 -12.18 29.94
C4D NDP P . -34.15 -12.51 28.41
O4D NDP P . -34.19 -14.06 28.17
C3D NDP P . -35.34 -12.12 28.16
O3D NDP P . -35.48 -11.83 26.74
C2D NDP P . -36.31 -13.41 28.54
O2D NDP P . -37.63 -13.26 27.88
C1D NDP P . -35.70 -14.43 28.08
N1N NDP P . -35.95 -15.59 28.96
C2N NDP P . -35.03 -15.83 29.96
C3N NDP P . -35.25 -16.83 31.06
C7N NDP P . -34.18 -16.99 32.12
O7N NDP P . -34.37 -16.54 33.20
N7N NDP P . -32.93 -17.67 31.81
C4N NDP P . -36.42 -17.83 30.96
C5N NDP P . -37.41 -17.58 29.78
C6N NDP P . -37.11 -16.41 28.80
P2B NDP P . -28.39 -11.29 24.37
O1X NDP P . -28.66 -10.17 23.40
O2X NDP P . -29.02 -12.53 23.81
O3X NDP P . -26.90 -11.54 24.51
PA NDP Q . 6.43 2.16 44.73
O1A NDP Q . 7.11 0.81 44.96
O2A NDP Q . 4.97 1.82 44.62
O5B NDP Q . 6.72 3.29 45.94
C5B NDP Q . 8.06 3.60 46.35
C4B NDP Q . 8.18 3.40 47.88
O4B NDP Q . 7.78 1.87 48.19
C3B NDP Q . 9.41 3.53 48.31
O3B NDP Q . 9.78 4.95 48.54
C2B NDP Q . 9.30 2.75 49.65
O2B NDP Q . 8.43 3.41 50.46
C1B NDP Q . 8.53 1.52 49.26
N9A NDP Q . 9.33 0.35 48.91
C8A NDP Q . 9.97 0.42 47.73
N7A NDP Q . 10.60 -0.76 47.59
C5A NDP Q . 10.31 -1.50 48.67
C6A NDP Q . 10.67 -2.77 49.04
N6A NDP Q . 11.44 -3.99 48.71
N1A NDP Q . 10.22 -3.26 50.19
C2A NDP Q . 9.40 -2.56 51.01
N3A NDP Q . 9.03 -1.31 50.67
C4A NDP Q . 9.52 -0.82 49.50
O3 NDP Q . 7.01 2.78 43.33
PN NDP Q . 7.00 4.36 42.84
O1N NDP Q . 8.24 5.05 43.33
O2N NDP Q . 5.75 5.12 43.25
O5D NDP Q . 7.14 4.19 41.22
C5D NDP Q . 8.20 3.31 40.95
C4D NDP Q . 8.89 3.83 39.61
O4D NDP Q . 7.75 3.79 38.54
C3D NDP Q . 9.14 5.09 39.73
O3D NDP Q . 10.54 5.35 40.13
C2D NDP Q . 8.95 5.68 38.22
O2D NDP Q . 10.17 5.28 37.49
C1D NDP Q . 7.95 5.07 37.70
N1N NDP Q . 6.68 5.85 37.76
C2N NDP Q . 6.11 6.30 36.58
C3N NDP Q . 4.77 6.95 36.54
C7N NDP Q . 4.11 7.15 35.22
O7N NDP Q . 3.14 7.84 35.20
N7N NDP Q . 4.66 6.49 34.05
C4N NDP Q . 4.14 7.54 37.79
C5N NDP Q . 4.89 7.14 39.10
C6N NDP Q . 6.07 6.14 39.00
P2B NDP Q . 8.98 4.22 51.82
O1X NDP Q . 9.92 3.33 52.59
O2X NDP Q . 9.75 5.43 51.41
O3X NDP Q . 7.82 4.62 52.68
PA NDP R . 0.79 11.01 44.34
O1A NDP R . 1.18 9.93 45.36
O2A NDP R . -0.69 10.94 44.05
O5B NDP R . 1.64 10.81 42.90
C5B NDP R . 2.24 9.57 42.53
C4B NDP R . 2.87 9.72 41.15
O4B NDP R . 1.66 9.55 40.09
C3B NDP R . 3.35 10.93 40.98
O3B NDP R . 4.78 11.03 41.38
C2B NDP R . 3.19 11.15 39.45
O2B NDP R . 4.21 10.47 38.86
C1B NDP R . 1.88 10.44 39.11
N9A NDP R . 0.80 11.43 39.03
C8A NDP R . -0.21 11.29 39.93
N7A NDP R . -1.08 12.28 39.68
C5A NDP R . -0.58 12.98 38.64
C6A NDP R . -1.07 14.07 37.98
N6A NDP R . -2.15 15.09 37.87
N1A NDP R . -0.39 14.58 36.95
C2A NDP R . 0.80 14.04 36.56
N3A NDP R . 1.30 12.95 37.17
C4A NDP R . 0.58 12.45 38.22
O3 NDP R . 1.17 12.50 44.96
PN NDP R . 2.65 13.25 44.88
O1N NDP R . 2.87 13.69 43.47
O2N NDP R . 2.61 14.52 45.73
O5D NDP R . 3.88 12.22 45.40
C5D NDP R . 4.61 11.38 44.53
C4D NDP R . 6.03 12.06 44.16
O4D NDP R . 5.96 13.59 44.47
C3D NDP R . 6.99 11.62 44.86
O3D NDP R . 8.12 11.25 44.00
C2D NDP R . 7.60 12.86 45.78
O2D NDP R . 9.06 12.68 45.91
C1D NDP R . 7.32 13.90 45.11
N1N NDP R . 7.14 15.07 46.00
C2N NDP R . 8.28 15.77 46.33
C3N NDP R . 8.23 16.97 47.20
C7N NDP R . 9.54 17.64 47.50
O7N NDP R . 10.55 17.11 47.17
N7N NDP R . 9.54 18.92 48.18
C4N NDP R . 6.91 17.44 47.86
C5N NDP R . 5.63 16.62 47.47
C6N NDP R . 5.84 15.42 46.50
P2B NDP R . 4.82 10.97 37.40
O1X NDP R . 5.69 9.90 36.78
O2X NDP R . 5.61 12.24 37.53
O3X NDP R . 3.66 11.28 36.48
PA NDP S . 37.94 -23.92 4.99
O1A NDP S . 38.02 -24.01 3.46
O2A NDP S . 37.19 -25.13 5.45
O5B NDP S . 39.52 -23.66 5.52
C5B NDP S . 40.11 -24.18 6.69
C4B NDP S . 41.43 -24.82 6.27
O4B NDP S . 41.26 -25.51 4.82
C3B NDP S . 42.45 -24.02 6.09
O3B NDP S . 43.07 -23.49 7.32
C2B NDP S . 43.41 -25.08 5.47
O2B NDP S . 43.56 -26.10 6.34
C1B NDP S . 42.54 -25.70 4.41
N9A NDP S . 42.71 -25.16 3.05
C8A NDP S . 42.24 -23.92 2.87
N7A NDP S . 42.46 -23.64 1.58
C5A NDP S . 43.04 -24.71 1.02
C6A NDP S . 43.46 -24.95 -0.24
N6A NDP S . 43.61 -24.43 -1.63
N1A NDP S . 44.01 -26.12 -0.54
C2A NDP S . 44.15 -27.08 0.41
N3A NDP S . 43.75 -26.86 1.66
C4A NDP S . 43.20 -25.66 1.94
O3 NDP S . 37.09 -22.59 5.41
PN NDP S . 37.02 -21.89 6.88
O1N NDP S . 38.33 -21.23 7.22
O2N NDP S . 36.58 -22.90 7.95
O5D NDP S . 35.87 -20.73 6.60
C5D NDP S . 36.19 -20.02 5.42
C4D NDP S . 35.76 -18.51 5.66
O4D NDP S . 34.19 -18.54 5.68
C3D NDP S . 36.12 -18.11 6.83
O3D NDP S . 37.34 -17.29 6.84
C2D NDP S . 34.90 -17.10 7.25
O2D NDP S . 35.10 -15.84 6.48
C1D NDP S . 33.79 -17.64 6.84
N1N NDP S . 33.08 -18.42 7.87
C2N NDP S . 31.83 -18.02 8.30
C3N NDP S . 31.04 -18.79 9.31
C7N NDP S . 29.63 -18.42 9.55
O7N NDP S . 29.02 -18.98 10.41
N7N NDP S . 29.05 -17.35 8.74
C4N NDP S . 31.65 -19.91 10.13
C5N NDP S . 33.05 -20.34 9.62
C6N NDP S . 33.70 -19.57 8.45
P2B NDP S . 44.98 -26.37 7.16
O1X NDP S . 46.11 -26.50 6.18
O2X NDP S . 45.34 -25.25 8.07
O3X NDP S . 44.87 -27.62 8.00
PA NDP T . 34.64 -25.68 14.83
O1A NDP T . 35.81 -26.05 13.89
O2A NDP T . 33.66 -26.82 14.91
O5B NDP T . 33.85 -24.32 14.24
C5B NDP T . 34.11 -23.79 12.94
C4B NDP T . 33.45 -22.41 12.86
O4B NDP T . 31.87 -22.68 12.90
C3B NDP T . 33.72 -21.78 13.96
O3B NDP T . 34.92 -20.92 13.85
C2B NDP T . 32.51 -20.82 14.09
O2B NDP T . 32.66 -19.91 13.11
C1B NDP T . 31.36 -21.71 13.67
N9A NDP T . 30.64 -22.17 14.88
C8A NDP T . 30.60 -23.51 15.04
N7A NDP T . 29.89 -23.70 16.17
C5A NDP T . 29.54 -22.48 16.64
C6A NDP T . 28.82 -22.12 17.74
N6A NDP T . 28.09 -22.65 18.94
N1A NDP T . 28.60 -20.82 17.99
C2A NDP T . 29.08 -19.84 17.17
N3A NDP T . 29.79 -20.18 16.07
C4A NDP T . 30.01 -21.51 15.84
O3 NDP T . 35.25 -25.35 16.33
PN NDP T . 36.33 -24.12 16.53
O1N NDP T . 35.78 -23.15 17.53
O2N NDP T . 37.64 -24.71 17.04
O5D NDP T . 36.59 -23.40 15.04
C5D NDP T . 37.90 -23.31 14.50
C4D NDP T . 38.24 -21.74 14.41
O4D NDP T . 38.27 -21.13 15.84
C3D NDP T . 39.38 -21.55 13.90
O3D NDP T . 39.32 -20.51 12.88
C2D NDP T . 40.39 -20.98 15.09
O2D NDP T . 41.29 -19.96 14.48
C1D NDP T . 39.65 -20.46 15.98
N1N NDP T . 40.21 -20.82 17.29
C2N NDP T . 41.37 -20.17 17.65
C3N NDP T . 42.09 -20.44 18.93
C7N NDP T . 43.32 -19.61 19.13
O7N NDP T . 44.27 -19.78 18.44
N7N NDP T . 43.31 -18.56 20.16
C4N NDP T . 41.56 -21.46 19.95
C5N NDP T . 40.23 -22.18 19.52
C6N NDP T . 39.62 -21.81 18.14
P2B NDP T . 31.93 -18.42 13.26
O1X NDP T . 32.06 -17.63 11.98
O2X NDP T . 32.53 -17.69 14.42
O3X NDP T . 30.46 -18.62 13.55
PA NDP U . -31.40 24.42 -21.11
O1A NDP U . -30.56 24.58 -22.39
O2A NDP U . -31.14 25.53 -20.16
O5B NDP U . -32.95 24.20 -21.74
C5B NDP U . -34.17 24.70 -21.27
C4B NDP U . -34.87 25.35 -22.48
O4B NDP U . -33.77 26.00 -23.48
C3B NDP U . -35.50 24.57 -23.30
O3B NDP U . -36.75 24.04 -22.72
C2B NDP U . -35.85 25.64 -24.37
O2B NDP U . -36.50 26.66 -23.77
C1B NDP U . -34.48 26.27 -24.58
N9A NDP U . -33.76 25.75 -25.74
C8A NDP U . -33.37 24.46 -25.62
N7A NDP U . -32.71 24.18 -26.76
C5A NDP U . -32.73 25.32 -27.49
C6A NDP U . -32.21 25.59 -28.70
N6A NDP U . -31.44 25.02 -29.82
N1A NDP U . -32.36 26.81 -29.24
C2A NDP U . -33.01 27.79 -28.58
N3A NDP U . -33.55 27.54 -27.37
C4A NDP U . -33.38 26.29 -26.87
O3 NDP U . -31.04 22.98 -20.41
PN NDP U . -31.96 22.29 -19.24
O1N NDP U . -33.19 21.67 -19.85
O2N NDP U . -32.33 23.20 -18.10
O5D NDP U . -31.03 21.04 -18.73
C5D NDP U . -30.43 20.38 -19.82
C4D NDP U . -30.27 18.88 -19.31
O4D NDP U . -29.20 18.91 -18.19
C3D NDP U . -31.33 18.49 -18.68
O3D NDP U . -32.19 17.71 -19.56
C2D NDP U . -30.74 17.43 -17.56
O2D NDP U . -30.37 16.24 -18.37
C1D NDP U . -29.67 17.94 -17.10
N1N NDP U . -29.83 18.70 -15.85
C2N NDP U . -29.27 18.22 -14.68
C3N NDP U . -29.19 19.08 -13.47
C7N NDP U . -28.35 18.60 -12.33
O7N NDP U . -28.49 19.06 -11.24
N7N NDP U . -27.36 17.59 -12.62
C4N NDP U . -30.18 20.23 -13.25
C5N NDP U . -30.83 20.75 -14.57
C6N NDP U . -30.56 19.93 -15.85
P2B NDP U . -38.07 27.11 -24.10
O1X NDP U . -38.18 27.26 -25.58
O2X NDP U . -39.02 26.08 -23.61
O3X NDP U . -38.49 28.38 -23.39
PA NDP V . -35.38 26.05 -11.36
O1A NDP V . -35.65 26.46 -12.81
O2A NDP V . -34.48 27.06 -10.67
O5B NDP V . -34.56 24.58 -11.42
C5B NDP V . -34.17 24.02 -12.69
C4B NDP V . -33.54 22.66 -12.42
O4B NDP V . -32.31 22.89 -11.39
C3B NDP V . -34.40 21.89 -11.80
O3B NDP V . -35.23 21.12 -12.77
C2B NDP V . -33.48 20.97 -10.95
O2B NDP V . -32.94 20.04 -11.77
C1B NDP V . -32.35 21.88 -10.51
N9A NDP V . -32.61 22.31 -9.15
C8A NDP V . -32.74 23.65 -9.00
N7A NDP V . -32.97 23.87 -7.69
C5A NDP V . -32.99 22.64 -7.09
C6A NDP V . -33.17 22.28 -5.80
N6A NDP V . -33.45 22.73 -4.41
N1A NDP V . -33.13 20.99 -5.46
C2A NDP V . -32.90 20.01 -6.39
N3A NDP V . -32.71 20.35 -7.68
C4A NDP V . -32.76 21.67 -8.00
O3 NDP V . -36.80 25.80 -10.55
PN NDP V . -37.75 24.48 -10.86
O1N NDP V . -37.41 23.37 -9.91
O2N NDP V . -39.23 24.83 -10.73
O5D NDP V . -37.41 24.01 -12.44
C5D NDP V . -38.43 23.77 -13.37
C4D NDP V . -38.29 22.21 -13.74
O4D NDP V . -39.31 21.39 -12.89
C3D NDP V . -38.62 22.02 -14.95
O3D NDP V . -37.87 20.87 -15.49
C2D NDP V . -40.20 21.58 -14.95
O2D NDP V . -40.43 20.66 -16.10
C1D NDP V . -40.42 20.94 -13.87
N1N NDP V . -41.72 21.33 -13.32
C2N NDP V . -41.75 22.35 -12.39
C3N NDP V . -43.03 22.97 -11.88
C7N NDP V . -42.94 24.09 -10.86
O7N NDP V . -43.63 25.05 -10.98
N7N NDP V . -42.03 24.01 -9.74
C4N NDP V . -44.37 22.28 -12.20
C5N NDP V . -44.31 21.08 -13.21
C6N NDP V . -42.92 20.67 -13.76
P2B NDP V . -32.51 18.58 -11.11
O1X NDP V . -31.66 17.81 -12.10
O2X NDP V . -33.72 17.79 -10.71
O3X NDP V . -31.77 18.82 -9.82
PA NDP W . 1.47 -17.54 -41.59
O1A NDP W . 2.50 -18.57 -41.10
O2A NDP W . 2.17 -16.32 -42.06
O5B NDP W . 0.52 -18.40 -42.66
C5B NDP W . -0.12 -17.90 -43.82
C4B NDP W . 0.16 -18.94 -44.89
O4B NDP W . 1.61 -19.60 -44.62
C3B NDP W . -0.63 -20.00 -44.88
O3B NDP W . -1.99 -19.81 -45.43
C2B NDP W . 0.19 -20.79 -45.94
O2B NDP W . 0.36 -20.00 -47.03
C1B NDP W . 1.59 -20.75 -45.37
N9A NDP W . 1.99 -21.90 -44.55
C8A NDP W . 1.35 -22.04 -43.38
N7A NDP W . 1.90 -23.12 -42.79
C5A NDP W . 2.86 -23.58 -43.62
C6A NDP W . 3.71 -24.64 -43.54
N6A NDP W . 4.19 -25.81 -42.74
N1A NDP W . 4.57 -24.88 -44.53
C2A NDP W . 4.62 -24.11 -45.63
N3A NDP W . 3.78 -23.06 -45.75
C4A NDP W . 2.91 -22.83 -44.72
O3 NDP W . 0.50 -17.07 -40.36
PN NDP W . -0.84 -16.14 -40.49
O1N NDP W . -1.98 -16.95 -41.00
O2N NDP W . -0.66 -14.87 -41.30
O5D NDP W . -1.17 -15.85 -38.89
C5D NDP W . -0.98 -17.03 -38.12
C4D NDP W . -2.04 -16.96 -36.93
O4D NDP W . -1.56 -15.78 -36.03
C3D NDP W . -3.17 -16.58 -37.38
O3D NDP W . -4.08 -17.70 -37.61
C2D NDP W . -3.80 -15.63 -36.18
O2D NDP W . -4.38 -16.54 -35.17
C1D NDP W . -2.82 -14.98 -35.65
N1N NDP W . -2.66 -13.60 -36.14
C2N NDP W . -2.85 -12.52 -35.27
C3N NDP W . -2.58 -11.09 -35.64
C7N NDP W . -2.59 -10.05 -34.58
O7N NDP W . -2.67 -8.91 -34.90
N7N NDP W . -2.48 -10.46 -33.18
C4N NDP W . -2.44 -10.68 -37.10
C5N NDP W . -2.29 -11.89 -38.07
C6N NDP W . -2.33 -13.34 -37.50
P2B NDP W . -0.33 -20.40 -48.50
O1X NDP W . 0.09 -21.80 -48.88
O2X NDP W . -1.82 -20.35 -48.44
O3X NDP W . 0.08 -19.39 -49.56
PA NDP X . -2.38 -8.27 -44.77
O1A NDP X . -1.16 -9.19 -45.00
O2A NDP X . -1.99 -6.84 -45.02
O5B NDP X . -2.92 -8.42 -43.20
C5B NDP X . -2.54 -9.59 -42.45
C4B NDP X . -3.18 -9.54 -41.08
O4B NDP X . -2.45 -8.35 -40.27
C3B NDP X . -4.42 -9.16 -41.22
O3B NDP X . -5.35 -10.30 -41.43
C2B NDP X . -4.69 -8.52 -39.82
O2B NDP X . -4.77 -9.54 -38.93
C1B NDP X . -3.41 -7.73 -39.56
N9A NDP X . -3.64 -6.33 -39.96
C8A NDP X . -2.80 -5.86 -40.90
N7A NDP X . -3.15 -4.58 -41.12
C5A NDP X . -4.18 -4.30 -40.28
C6A NDP X . -4.90 -3.15 -40.10
N6A NDP X . -5.10 -1.72 -40.50
N1A NDP X . -5.88 -3.14 -39.20
C2A NDP X . -6.18 -4.26 -38.47
N3A NDP X . -5.48 -5.41 -38.63
C4A NDP X . -4.49 -5.39 -39.56
O3 NDP X . -3.58 -8.70 -45.81
PN NDP X . -5.18 -8.49 -45.49
O1N NDP X . -5.39 -7.15 -44.85
O2N NDP X . -5.97 -8.57 -46.79
O5D NDP X . -5.68 -9.71 -44.47
C5D NDP X . -5.39 -11.04 -44.84
C4D NDP X . -6.57 -11.88 -44.16
O4D NDP X . -7.93 -11.28 -44.62
C3D NDP X . -6.56 -13.08 -44.55
O3D NDP X . -6.95 -13.93 -43.42
C2D NDP X . -7.77 -13.23 -45.68
O2D NDP X . -8.26 -14.62 -45.67
C1D NDP X . -8.69 -12.47 -45.27
N1N NDP X . -9.46 -11.97 -46.42
C2N NDP X . -9.12 -10.73 -46.97
C3N NDP X . -9.74 -10.20 -48.22
C7N NDP X . -9.32 -8.88 -48.80
O7N NDP X . -8.59 -8.19 -48.17
N7N NDP X . -9.79 -8.45 -50.11
C4N NDP X . -10.91 -10.96 -48.89
C5N NDP X . -11.31 -12.32 -48.23
C6N NDP X . -10.52 -12.76 -46.97
P2B NDP X . -5.79 -9.35 -37.63
O1X NDP X . -5.55 -10.42 -36.59
O2X NDP X . -7.22 -9.35 -38.09
O3X NDP X . -5.56 -7.97 -37.08
#